data_6LZ1
#
_entry.id   6LZ1
#
_cell.length_a   1.00
_cell.length_b   1.00
_cell.length_c   1.00
_cell.angle_alpha   90.00
_cell.angle_beta   90.00
_cell.angle_gamma   90.00
#
_symmetry.space_group_name_H-M   'P 1'
#
loop_
_entity.id
_entity.type
_entity.pdbx_description
1 polymer Ams1
2 non-polymer 'ZINC ION'
#
_entity_poly.entity_id   1
_entity_poly.type   'polypeptide(L)'
_entity_poly.pdbx_seq_one_letter_code
;MTLFPVLNNTPVGKQVDSIYESRLDQFLSEGQYRDFNLPSVYDHARIDNPSGDVNNDLSKGFVDLKVYRVPDLSRPSFNE
VVGHKKFDETASKGDTFGPSWATFWFEVHIRLPKSWAKYEQVIFQWNCDNEGLVYSQDGVPLQAFSGSERTDFILPDSWK
TTEDTFYIEMACNGMFGTGAGSQIAPPDPNRYFTLTKADLVAPNLPAMALAYDFLLMQQCVKQLPSNCWQKYKARQICND
IMNTFHPNDLSTINECRNLAKAFLGNDIDSEAVFEKNNDKANVFAIGHCHIDTAWLWPFAETRRKIVRSWATQMNIMDRY
PEYQFVCSQALQYLWLKEDHPDVFEKLKEYVNQNKFIPIGGSWVEHDTNIPNGESLIRQFLLGQHFFEKEFGVRCRTFWL
PDTFGYSSQIPQICRLCGMDRFLTQKLSWNNINSFPTSTFNWVALDGSQVICHMPPANTYTADTNVNDVLHSIDQHKNLV
NDQAGLLVFGIGDGGGGPTPEMLEKLRRCKGIANTVGYLPNVKLGNTVDEFFDGILKRTNAGQTLPSWNGELYFEFHRGT
YTTQAELKKLMRKVEIALHDAEYVSTLASIFSKDYSYPKESLQDLWRDTLLCQFHDVLPGSCIEMVYKDAIPIMSKVLKN
TEALLWQAIEQLGFKKASSSDNKEQLCLLNTLPWNVRGVITETEENKLVYFESCDGKGILTAAHTSLKHPAAAYQKDDNF
ILVNDHLRVTIAPNGLILSLFDLHKEREILDLKSGKNHAGANQYVLFEDTPLSWQAWDTEVFSLEKYEVLDKGKVSIKES
GPLRASVVVDIPISELSHMKATISLEGYNDCSEFTGVNFTCEVDWHESCKFLKVEFPVDIHSEFASYETQFGITKRPTHY
NTSWDVAKFEVCHQKFADYSDFTYGVSVLNDCKYGFSTHGNLMRLSLLRSPKQPDAHADMGKHTIRYAVYPHSKPLDSST
VRAAHKFNSNFRLLTRASDTANLDIFDAFQLVGEPNVILSHIKMAEKGKSIILRVYESLGGKSRARLVIKSLTVASVTKC
NGLEEDLEELCTLKSNDYYEVPIELRAFEIATFKVNLGSMSKGKVVDIMDYKDDDDKPMDYKDDDDKHHHHHHDELYKRS
GAPLLNKRISYDL
;
_entity_poly.pdbx_strand_id   A,B,C,D
#
# COMPACT_ATOMS: atom_id res chain seq x y z
N THR A 2 -19.01 34.47 29.03
CA THR A 2 -17.73 33.93 28.60
C THR A 2 -17.42 34.31 27.16
N LEU A 3 -16.35 33.75 26.62
CA LEU A 3 -15.99 33.98 25.22
C LEU A 3 -16.60 32.95 24.29
N PHE A 4 -17.03 31.81 24.81
CA PHE A 4 -17.66 30.78 23.99
C PHE A 4 -19.13 31.12 23.80
N PRO A 5 -19.59 31.37 22.58
CA PRO A 5 -20.99 31.78 22.39
C PRO A 5 -21.94 30.63 22.63
N VAL A 6 -23.09 30.96 23.23
CA VAL A 6 -24.07 29.93 23.54
C VAL A 6 -24.73 29.42 22.25
N LEU A 7 -25.08 30.32 21.34
CA LEU A 7 -25.78 29.97 20.13
C LEU A 7 -24.81 29.93 18.96
N ASN A 8 -24.87 28.85 18.17
CA ASN A 8 -24.06 28.68 16.98
C ASN A 8 -25.02 28.58 15.80
N ASN A 9 -25.36 29.73 15.21
CA ASN A 9 -26.26 29.78 14.08
C ASN A 9 -25.55 29.87 12.75
N THR A 10 -24.23 29.71 12.73
CA THR A 10 -23.47 29.70 11.48
C THR A 10 -22.65 28.41 11.41
N PRO A 11 -23.11 27.43 10.65
CA PRO A 11 -22.37 26.17 10.56
C PRO A 11 -21.05 26.34 9.83
N VAL A 12 -20.06 25.57 10.26
CA VAL A 12 -18.74 25.53 9.64
C VAL A 12 -18.49 24.11 9.16
N GLY A 13 -18.12 23.98 7.90
CA GLY A 13 -17.85 22.67 7.35
C GLY A 13 -16.41 22.25 7.53
N LYS A 14 -16.18 20.96 7.37
CA LYS A 14 -14.83 20.40 7.44
C LYS A 14 -14.16 20.56 6.09
N GLN A 15 -12.96 21.16 6.09
CA GLN A 15 -12.26 21.45 4.86
C GLN A 15 -11.92 20.17 4.11
N VAL A 16 -12.35 20.09 2.85
CA VAL A 16 -12.01 18.94 2.01
C VAL A 16 -10.52 18.99 1.69
N ASP A 17 -9.88 17.83 1.73
CA ASP A 17 -8.43 17.77 1.64
C ASP A 17 -7.93 18.26 0.28
N SER A 18 -8.42 17.65 -0.80
CA SER A 18 -7.88 17.92 -2.13
C SER A 18 -8.13 19.37 -2.54
N ILE A 19 -9.32 19.90 -2.25
CA ILE A 19 -9.67 21.24 -2.68
C ILE A 19 -8.77 22.27 -2.00
N TYR A 20 -8.75 22.25 -0.67
CA TYR A 20 -7.94 23.23 0.06
C TYR A 20 -6.45 22.96 -0.09
N GLU A 21 -6.06 21.77 -0.52
CA GLU A 21 -4.65 21.51 -0.80
C GLU A 21 -4.23 22.12 -2.12
N SER A 22 -5.03 21.90 -3.17
CA SER A 22 -4.73 22.48 -4.47
C SER A 22 -5.00 23.97 -4.53
N ARG A 23 -5.72 24.53 -3.57
CA ARG A 23 -5.90 25.98 -3.55
C ARG A 23 -4.57 26.70 -3.33
N LEU A 24 -3.69 26.11 -2.52
CA LEU A 24 -2.41 26.75 -2.23
C LEU A 24 -1.54 26.87 -3.48
N ASP A 25 -1.81 26.08 -4.51
CA ASP A 25 -1.01 26.13 -5.72
C ASP A 25 -1.13 27.46 -6.45
N GLN A 26 -2.22 28.19 -6.23
CA GLN A 26 -2.49 29.40 -6.99
C GLN A 26 -2.06 30.68 -6.27
N PHE A 27 -1.51 30.58 -5.07
CA PHE A 27 -1.03 31.79 -4.39
C PHE A 27 0.31 32.25 -4.94
N LEU A 28 1.16 31.32 -5.35
CA LEU A 28 2.46 31.66 -5.93
C LEU A 28 2.50 31.46 -7.43
N SER A 29 1.38 31.05 -8.03
CA SER A 29 1.35 30.82 -9.48
C SER A 29 1.20 32.14 -10.21
N GLU A 30 1.96 32.29 -11.30
CA GLU A 30 1.87 33.45 -12.18
C GLU A 30 0.94 33.21 -13.36
N GLY A 31 -0.08 32.37 -13.19
CA GLY A 31 -0.97 32.02 -14.28
C GLY A 31 -2.17 32.92 -14.42
N GLN A 32 -3.37 32.34 -14.36
CA GLN A 32 -4.58 33.09 -14.65
C GLN A 32 -4.93 34.08 -13.55
N TYR A 33 -4.66 33.73 -12.29
CA TYR A 33 -4.97 34.59 -11.15
C TYR A 33 -3.72 35.28 -10.63
N ARG A 34 -2.81 35.66 -11.52
CA ARG A 34 -1.57 36.30 -11.09
C ARG A 34 -1.84 37.63 -10.40
N ASP A 35 -2.86 38.36 -10.84
CA ASP A 35 -3.12 39.70 -10.33
C ASP A 35 -3.77 39.71 -8.97
N PHE A 36 -4.31 38.59 -8.50
CA PHE A 36 -4.92 38.52 -7.17
C PHE A 36 -4.01 37.89 -6.14
N ASN A 37 -2.87 37.35 -6.54
CA ASN A 37 -2.02 36.57 -5.65
C ASN A 37 -0.66 37.24 -5.51
N LEU A 38 0.27 36.51 -4.89
CA LEU A 38 1.57 37.09 -4.59
C LEU A 38 2.39 37.50 -5.81
N PRO A 39 2.38 36.80 -6.95
CA PRO A 39 3.24 37.22 -8.05
C PRO A 39 2.72 38.45 -8.77
N SER A 40 2.25 39.43 -8.00
CA SER A 40 1.87 40.73 -8.53
C SER A 40 2.43 41.88 -7.73
N VAL A 41 2.79 41.66 -6.46
CA VAL A 41 3.49 42.64 -5.66
C VAL A 41 4.99 42.37 -5.63
N TYR A 42 5.47 41.49 -6.51
CA TYR A 42 6.90 41.23 -6.58
C TYR A 42 7.67 42.45 -7.07
N ASP A 43 7.18 43.08 -8.13
CA ASP A 43 8.03 43.88 -9.00
C ASP A 43 8.51 45.15 -8.31
N HIS A 44 7.58 46.00 -7.88
CA HIS A 44 7.89 47.36 -7.41
C HIS A 44 8.57 48.17 -8.51
N ALA A 45 7.79 48.44 -9.56
CA ALA A 45 8.17 49.33 -10.66
C ALA A 45 9.40 48.79 -11.42
N ARG A 46 9.18 47.67 -12.10
CA ARG A 46 10.16 47.19 -13.06
C ARG A 46 10.33 48.18 -14.21
N ILE A 47 11.56 48.29 -14.73
CA ILE A 47 11.90 49.27 -15.76
C ILE A 47 12.72 48.56 -16.83
N ASP A 48 12.30 48.69 -18.10
CA ASP A 48 13.05 48.08 -19.19
C ASP A 48 13.08 48.93 -20.46
N ASN A 49 12.72 50.20 -20.39
CA ASN A 49 12.64 51.02 -21.60
C ASN A 49 14.03 51.34 -22.12
N PRO A 50 14.23 51.38 -23.44
CA PRO A 50 15.52 51.83 -23.97
C PRO A 50 15.70 53.33 -23.84
N SER A 51 16.83 53.85 -24.30
CA SER A 51 17.00 55.30 -24.33
C SER A 51 16.32 55.92 -25.54
N GLY A 52 16.24 55.19 -26.65
CA GLY A 52 15.50 55.65 -27.81
C GLY A 52 14.01 55.79 -27.61
N ASP A 53 13.50 55.45 -26.42
CA ASP A 53 12.10 55.66 -26.09
C ASP A 53 11.89 57.02 -25.43
N VAL A 54 12.65 57.31 -24.37
CA VAL A 54 12.47 58.54 -23.60
C VAL A 54 13.66 59.45 -23.84
N ASN A 55 13.38 60.71 -24.15
CA ASN A 55 14.41 61.74 -24.25
C ASN A 55 13.95 63.08 -23.70
N ASN A 56 12.74 63.15 -23.15
CA ASN A 56 12.19 64.39 -22.60
C ASN A 56 12.31 64.48 -21.09
N ASP A 57 12.33 63.35 -20.40
CA ASP A 57 12.43 63.31 -18.95
C ASP A 57 13.79 62.74 -18.56
N LEU A 58 14.46 63.41 -17.61
CA LEU A 58 15.77 63.00 -17.15
C LEU A 58 15.70 62.19 -15.87
N SER A 59 14.53 61.65 -15.55
CA SER A 59 14.37 60.79 -14.38
C SER A 59 13.49 59.59 -14.71
N LYS A 60 13.64 59.03 -15.91
CA LYS A 60 12.88 57.85 -16.30
C LYS A 60 13.69 56.57 -16.25
N GLY A 61 15.01 56.67 -16.38
CA GLY A 61 15.86 55.49 -16.36
C GLY A 61 15.70 54.66 -17.62
N PHE A 62 16.72 53.89 -17.97
CA PHE A 62 16.65 53.11 -19.20
C PHE A 62 17.69 52.00 -19.14
N VAL A 63 17.62 51.11 -20.14
CA VAL A 63 18.52 49.97 -20.26
C VAL A 63 18.87 49.84 -21.74
N ASP A 64 20.11 50.16 -22.10
CA ASP A 64 20.58 50.10 -23.47
C ASP A 64 21.52 48.92 -23.64
N LEU A 65 21.30 48.14 -24.69
CA LEU A 65 22.08 46.94 -24.97
C LEU A 65 22.76 47.10 -26.32
N LYS A 66 24.09 47.21 -26.30
CA LYS A 66 24.88 47.25 -27.53
C LYS A 66 25.61 45.92 -27.67
N VAL A 67 25.26 45.16 -28.70
CA VAL A 67 25.75 43.80 -28.85
C VAL A 67 26.86 43.76 -29.88
N TYR A 68 27.94 43.06 -29.57
CA TYR A 68 29.01 42.75 -30.50
C TYR A 68 28.97 41.26 -30.79
N ARG A 69 28.91 40.91 -32.07
CA ARG A 69 28.82 39.51 -32.49
C ARG A 69 30.22 39.00 -32.78
N VAL A 70 30.69 38.06 -31.96
CA VAL A 70 31.97 37.42 -32.25
C VAL A 70 31.88 36.71 -33.60
N PRO A 71 32.81 36.94 -34.53
CA PRO A 71 32.62 36.45 -35.90
C PRO A 71 32.51 34.93 -36.02
N ASP A 72 33.52 34.22 -35.55
CA ASP A 72 33.52 32.76 -35.60
C ASP A 72 32.95 32.21 -34.30
N LEU A 73 33.12 30.91 -34.08
CA LEU A 73 32.78 30.32 -32.80
C LEU A 73 33.86 30.54 -31.75
N SER A 74 34.83 31.39 -32.03
CA SER A 74 35.90 31.69 -31.09
C SER A 74 35.34 32.39 -29.86
N ARG A 75 36.17 32.50 -28.83
CA ARG A 75 35.77 33.06 -27.54
C ARG A 75 36.84 34.01 -27.03
N PRO A 76 36.80 35.27 -27.47
CA PRO A 76 37.70 36.27 -26.88
C PRO A 76 37.35 36.49 -25.42
N SER A 77 38.37 36.70 -24.59
CA SER A 77 38.13 36.56 -23.17
C SER A 77 37.50 37.80 -22.54
N PHE A 78 38.28 38.85 -22.33
CA PHE A 78 37.68 40.13 -22.00
C PHE A 78 38.44 41.30 -22.62
N ASN A 79 39.75 41.14 -22.75
CA ASN A 79 40.61 42.22 -23.20
C ASN A 79 40.80 42.20 -24.71
N GLU A 80 40.29 41.19 -25.39
CA GLU A 80 40.18 41.21 -26.83
C GLU A 80 38.86 41.82 -27.29
N VAL A 81 37.99 42.21 -26.37
CA VAL A 81 36.70 42.78 -26.73
C VAL A 81 36.56 44.18 -26.14
N VAL A 82 36.58 44.28 -24.81
CA VAL A 82 36.37 45.56 -24.16
C VAL A 82 37.61 46.42 -24.34
N GLY A 83 37.43 47.62 -24.90
CA GLY A 83 38.53 48.49 -25.23
C GLY A 83 39.12 48.27 -26.60
N HIS A 84 38.78 47.16 -27.27
CA HIS A 84 39.30 46.87 -28.60
C HIS A 84 38.19 46.79 -29.64
N LYS A 85 37.16 46.00 -29.40
CA LYS A 85 36.05 45.90 -30.33
C LYS A 85 35.04 47.01 -30.09
N LYS A 86 34.18 47.23 -31.08
CA LYS A 86 33.19 48.29 -31.04
C LYS A 86 31.79 47.68 -31.04
N PHE A 87 30.97 48.12 -30.09
CA PHE A 87 29.58 47.67 -29.98
C PHE A 87 28.72 48.65 -30.76
N ASP A 88 28.45 48.33 -32.01
CA ASP A 88 27.64 49.18 -32.87
C ASP A 88 26.24 48.65 -33.10
N GLU A 89 26.09 47.34 -33.29
CA GLU A 89 24.77 46.74 -33.39
C GLU A 89 24.03 46.91 -32.06
N THR A 90 22.74 47.20 -32.15
CA THR A 90 21.91 47.39 -30.97
C THR A 90 20.97 46.21 -30.80
N ALA A 91 20.94 45.65 -29.59
CA ALA A 91 20.06 44.54 -29.28
C ALA A 91 18.96 45.01 -28.32
N SER A 92 17.85 44.29 -28.33
CA SER A 92 16.71 44.64 -27.49
C SER A 92 16.01 43.36 -27.08
N LYS A 93 14.92 43.51 -26.34
CA LYS A 93 14.13 42.37 -25.93
C LYS A 93 13.39 41.79 -27.14
N GLY A 94 13.77 40.59 -27.55
CA GLY A 94 13.15 39.91 -28.68
C GLY A 94 14.12 39.55 -29.79
N ASP A 95 15.27 40.20 -29.86
CA ASP A 95 16.20 39.94 -30.95
C ASP A 95 16.76 38.53 -30.86
N THR A 96 16.66 37.79 -31.96
CA THR A 96 17.17 36.43 -32.04
C THR A 96 18.65 36.46 -32.37
N PHE A 97 19.43 35.66 -31.64
CA PHE A 97 20.88 35.68 -31.77
C PHE A 97 21.38 34.41 -32.44
N GLY A 98 22.67 34.43 -32.78
CA GLY A 98 23.24 33.53 -33.74
C GLY A 98 23.26 32.06 -33.36
N PRO A 99 24.01 31.27 -34.12
CA PRO A 99 23.95 29.81 -33.97
C PRO A 99 24.56 29.31 -32.68
N SER A 100 24.64 27.99 -32.54
CA SER A 100 25.13 27.39 -31.31
C SER A 100 26.59 27.74 -31.06
N TRP A 101 26.95 27.80 -29.78
CA TRP A 101 28.32 28.06 -29.32
C TRP A 101 28.81 29.44 -29.72
N ALA A 102 27.97 30.25 -30.36
CA ALA A 102 28.37 31.58 -30.76
C ALA A 102 28.32 32.52 -29.58
N THR A 103 29.34 33.36 -29.46
CA THR A 103 29.47 34.28 -28.35
C THR A 103 29.02 35.68 -28.76
N PHE A 104 28.31 36.34 -27.85
CA PHE A 104 27.89 37.71 -28.02
C PHE A 104 28.32 38.51 -26.81
N TRP A 105 28.60 39.79 -27.02
CA TRP A 105 29.04 40.66 -25.95
C TRP A 105 28.11 41.84 -25.84
N PHE A 106 27.28 41.86 -24.80
CA PHE A 106 26.31 42.93 -24.59
C PHE A 106 26.89 43.94 -23.63
N GLU A 107 27.25 45.11 -24.13
CA GLU A 107 27.52 46.25 -23.27
C GLU A 107 26.17 46.80 -22.82
N VAL A 108 25.89 46.70 -21.53
CA VAL A 108 24.62 47.13 -20.95
C VAL A 108 24.86 48.41 -20.19
N HIS A 109 24.18 49.47 -20.62
CA HIS A 109 24.26 50.79 -19.99
C HIS A 109 22.89 51.11 -19.40
N ILE A 110 22.83 51.19 -18.08
CA ILE A 110 21.57 51.39 -17.38
C ILE A 110 21.59 52.73 -16.68
N ARG A 111 20.41 53.30 -16.48
CA ARG A 111 20.24 54.48 -15.66
C ARG A 111 19.01 54.26 -14.79
N LEU A 112 19.22 54.14 -13.49
CA LEU A 112 18.11 54.00 -12.56
C LEU A 112 17.39 55.33 -12.41
N PRO A 113 16.06 55.33 -12.40
CA PRO A 113 15.34 56.58 -12.11
C PRO A 113 15.71 57.11 -10.73
N LYS A 114 15.67 58.44 -10.60
CA LYS A 114 16.06 59.06 -9.35
C LYS A 114 15.14 58.66 -8.21
N SER A 115 13.86 58.43 -8.51
CA SER A 115 12.87 58.06 -7.50
C SER A 115 13.29 56.80 -6.74
N TRP A 116 14.28 56.09 -7.25
CA TRP A 116 14.81 54.90 -6.61
C TRP A 116 15.91 55.20 -5.62
N ALA A 117 15.92 56.40 -5.05
CA ALA A 117 16.71 56.61 -3.83
C ALA A 117 16.24 55.69 -2.72
N LYS A 118 14.95 55.32 -2.74
CA LYS A 118 14.40 54.22 -1.96
C LYS A 118 14.76 52.92 -2.68
N TYR A 119 14.07 51.83 -2.36
CA TYR A 119 14.33 50.53 -3.00
C TYR A 119 15.76 50.08 -2.72
N GLU A 120 15.98 49.75 -1.44
CA GLU A 120 17.30 49.36 -0.95
C GLU A 120 18.01 48.36 -1.87
N GLN A 121 17.27 47.51 -2.56
CA GLN A 121 17.85 46.53 -3.47
C GLN A 121 17.30 46.73 -4.87
N VAL A 122 18.19 46.79 -5.85
CA VAL A 122 17.82 46.90 -7.25
C VAL A 122 18.42 45.73 -8.01
N ILE A 123 17.68 45.20 -8.96
CA ILE A 123 18.02 43.97 -9.66
C ILE A 123 18.07 44.23 -11.16
N PHE A 124 18.98 43.55 -11.84
CA PHE A 124 18.99 43.48 -13.29
C PHE A 124 18.63 42.06 -13.70
N GLN A 125 17.62 41.92 -14.54
CA GLN A 125 17.15 40.62 -14.98
C GLN A 125 17.50 40.38 -16.43
N TRP A 126 17.99 39.19 -16.73
CA TRP A 126 18.43 38.82 -18.08
C TRP A 126 18.06 37.37 -18.31
N ASN A 127 17.17 37.12 -19.27
CA ASN A 127 16.59 35.80 -19.43
C ASN A 127 16.62 35.36 -20.89
N CYS A 128 17.77 35.50 -21.53
CA CYS A 128 17.99 34.81 -22.79
C CYS A 128 18.29 33.35 -22.50
N ASP A 129 17.71 32.44 -23.27
CA ASP A 129 17.82 31.02 -22.97
C ASP A 129 19.24 30.54 -23.27
N ASN A 130 20.20 30.98 -22.46
CA ASN A 130 21.57 30.50 -22.60
C ASN A 130 22.37 31.01 -21.40
N GLU A 131 23.68 30.82 -21.46
CA GLU A 131 24.58 31.25 -20.41
C GLU A 131 25.07 32.67 -20.66
N GLY A 132 25.33 33.37 -19.57
CA GLY A 132 25.88 34.70 -19.65
C GLY A 132 26.64 34.99 -18.37
N LEU A 133 27.61 35.90 -18.47
CA LEU A 133 28.48 36.21 -17.34
C LEU A 133 28.74 37.69 -17.31
N VAL A 134 28.32 38.35 -16.23
CA VAL A 134 28.48 39.80 -16.11
C VAL A 134 29.93 40.13 -15.78
N TYR A 135 30.53 40.98 -16.59
CA TYR A 135 31.81 41.61 -16.27
C TYR A 135 31.56 43.07 -15.95
N SER A 136 32.32 43.60 -15.00
CA SER A 136 32.25 45.03 -14.71
C SER A 136 33.09 45.78 -15.74
N GLN A 137 33.29 47.07 -15.54
CA GLN A 137 34.14 47.85 -16.44
C GLN A 137 35.59 47.38 -16.39
N ASP A 138 36.00 46.75 -15.29
CA ASP A 138 37.38 46.32 -15.13
C ASP A 138 37.61 44.86 -15.51
N GLY A 139 36.55 44.10 -15.79
CA GLY A 139 36.68 42.72 -16.18
C GLY A 139 36.48 41.71 -15.08
N VAL A 140 36.13 42.15 -13.88
CA VAL A 140 35.89 41.25 -12.76
C VAL A 140 34.52 40.60 -12.93
N PRO A 141 34.44 39.28 -13.12
CA PRO A 141 33.13 38.64 -13.20
C PRO A 141 32.38 38.78 -11.88
N LEU A 142 31.07 38.94 -11.99
CA LEU A 142 30.26 39.22 -10.82
C LEU A 142 29.12 38.23 -10.63
N GLN A 143 28.47 37.80 -11.70
CA GLN A 143 27.32 36.92 -11.57
C GLN A 143 26.99 36.34 -12.93
N ALA A 144 26.46 35.12 -12.93
CA ALA A 144 26.10 34.45 -14.16
C ALA A 144 24.59 34.33 -14.29
N PHE A 145 24.15 34.20 -15.54
CA PHE A 145 22.76 33.90 -15.86
C PHE A 145 22.74 32.57 -16.61
N SER A 146 21.86 31.67 -16.18
CA SER A 146 21.74 30.35 -16.77
C SER A 146 20.26 30.06 -17.02
N GLY A 147 19.77 30.47 -18.18
CA GLY A 147 18.38 30.22 -18.51
C GLY A 147 17.45 30.95 -17.56
N SER A 148 16.38 30.26 -17.17
CA SER A 148 15.33 30.86 -16.34
C SER A 148 15.52 30.57 -14.86
N GLU A 149 16.46 29.73 -14.48
CA GLU A 149 16.68 29.42 -13.07
C GLU A 149 17.62 30.42 -12.38
N ARG A 150 18.34 31.23 -13.15
CA ARG A 150 19.24 32.24 -12.59
C ARG A 150 19.16 33.47 -13.47
N THR A 151 18.43 34.48 -13.03
CA THR A 151 18.25 35.72 -13.78
C THR A 151 18.66 36.96 -13.02
N ASP A 152 18.34 37.05 -11.73
CA ASP A 152 18.59 38.27 -10.98
C ASP A 152 20.08 38.51 -10.80
N PHE A 153 20.51 39.74 -11.01
CA PHE A 153 21.87 40.18 -10.71
C PHE A 153 21.73 41.46 -9.88
N ILE A 154 22.14 41.39 -8.62
CA ILE A 154 22.00 42.54 -7.74
C ILE A 154 23.02 43.59 -8.13
N LEU A 155 22.56 44.81 -8.37
CA LEU A 155 23.49 45.92 -8.59
C LEU A 155 24.18 46.24 -7.27
N PRO A 156 25.52 46.24 -7.24
CA PRO A 156 26.23 46.12 -5.97
C PRO A 156 26.31 47.40 -5.14
N ASP A 157 25.20 48.10 -4.99
CA ASP A 157 25.11 49.27 -4.09
C ASP A 157 26.18 50.31 -4.39
N SER A 158 26.82 50.22 -5.54
CA SER A 158 27.89 51.15 -5.88
C SER A 158 27.64 51.91 -7.16
N TRP A 159 27.05 51.26 -8.17
CA TRP A 159 26.73 51.95 -9.41
C TRP A 159 25.24 52.11 -9.63
N LYS A 160 24.46 52.12 -8.55
CA LYS A 160 23.09 52.61 -8.62
C LYS A 160 23.04 54.13 -8.51
N THR A 161 23.97 54.72 -7.75
CA THR A 161 24.01 56.16 -7.59
C THR A 161 24.42 56.85 -8.88
N THR A 162 25.45 56.34 -9.54
CA THR A 162 25.91 56.86 -10.82
C THR A 162 25.61 55.85 -11.92
N GLU A 163 25.13 56.34 -13.05
CA GLU A 163 24.75 55.48 -14.17
C GLU A 163 26.01 54.84 -14.76
N ASP A 164 26.14 53.54 -14.61
CA ASP A 164 27.33 52.82 -15.06
C ASP A 164 26.96 51.85 -16.18
N THR A 165 27.95 51.09 -16.60
CA THR A 165 27.76 50.07 -17.63
C THR A 165 28.52 48.82 -17.22
N PHE A 166 27.98 47.67 -17.62
CA PHE A 166 28.68 46.41 -17.46
C PHE A 166 28.60 45.65 -18.77
N TYR A 167 29.13 44.42 -18.76
CA TYR A 167 29.17 43.62 -19.97
C TYR A 167 28.65 42.23 -19.68
N ILE A 168 28.07 41.61 -20.69
CA ILE A 168 27.48 40.29 -20.59
C ILE A 168 28.06 39.44 -21.72
N GLU A 169 28.83 38.42 -21.36
CA GLU A 169 29.43 37.52 -22.33
C GLU A 169 28.48 36.33 -22.52
N MET A 170 27.49 36.54 -23.36
CA MET A 170 26.44 35.56 -23.56
C MET A 170 26.93 34.47 -24.52
N ALA A 171 26.91 33.23 -24.07
CA ALA A 171 27.31 32.09 -24.90
C ALA A 171 26.05 31.38 -25.37
N CYS A 172 25.90 31.27 -26.70
CA CYS A 172 24.69 30.68 -27.27
C CYS A 172 24.75 29.17 -27.13
N ASN A 173 24.35 28.69 -25.95
CA ASN A 173 24.16 27.27 -25.68
C ASN A 173 23.47 27.14 -24.34
N GLY A 174 22.74 26.04 -24.18
CA GLY A 174 22.10 25.77 -22.91
C GLY A 174 23.11 25.43 -21.84
N MET A 175 22.61 25.03 -20.68
CA MET A 175 23.49 24.55 -19.62
C MET A 175 24.14 23.23 -20.00
N PHE A 176 23.50 22.46 -20.87
CA PHE A 176 24.00 21.16 -21.30
C PHE A 176 24.19 21.14 -22.81
N GLY A 177 24.76 22.22 -23.35
CA GLY A 177 24.98 22.30 -24.78
C GLY A 177 23.74 22.72 -25.54
N THR A 178 23.53 22.12 -26.70
CA THR A 178 22.43 22.49 -27.59
C THR A 178 21.40 21.38 -27.75
N GLY A 179 21.84 20.13 -27.83
CA GLY A 179 20.93 19.01 -27.79
C GLY A 179 20.37 18.55 -29.12
N ALA A 180 19.56 19.39 -29.76
CA ALA A 180 18.82 19.03 -30.97
C ALA A 180 17.87 17.86 -30.72
N GLY A 181 16.91 18.10 -29.84
CA GLY A 181 15.87 17.13 -29.57
C GLY A 181 15.87 16.61 -28.15
N SER A 182 17.06 16.33 -27.61
CA SER A 182 17.19 15.86 -26.23
C SER A 182 18.60 16.18 -25.77
N GLN A 183 18.83 15.98 -24.48
CA GLN A 183 20.11 16.36 -23.90
C GLN A 183 21.26 15.53 -24.46
N ILE A 184 21.03 14.24 -24.69
CA ILE A 184 22.10 13.34 -25.14
C ILE A 184 22.05 13.17 -26.65
N ALA A 185 21.23 13.96 -27.32
CA ALA A 185 21.18 13.95 -28.78
C ALA A 185 22.34 14.78 -29.33
N PRO A 186 22.74 14.52 -30.58
CA PRO A 186 23.90 15.24 -31.13
C PRO A 186 23.61 16.71 -31.25
N PRO A 187 24.58 17.58 -30.96
CA PRO A 187 24.30 19.02 -30.86
C PRO A 187 23.68 19.58 -32.12
N ASP A 188 22.88 20.63 -31.94
CA ASP A 188 22.24 21.32 -33.05
C ASP A 188 23.20 22.34 -33.63
N PRO A 189 23.61 22.23 -34.89
CA PRO A 189 24.49 23.25 -35.48
C PRO A 189 23.82 24.60 -35.62
N ASN A 190 22.49 24.64 -35.64
CA ASN A 190 21.73 25.89 -35.78
C ASN A 190 20.62 25.91 -34.74
N ARG A 191 20.85 26.61 -33.63
CA ARG A 191 19.86 26.75 -32.57
C ARG A 191 19.86 28.23 -32.16
N TYR A 192 18.81 28.95 -32.56
CA TYR A 192 18.75 30.39 -32.40
C TYR A 192 18.01 30.73 -31.12
N PHE A 193 18.66 31.50 -30.26
CA PHE A 193 18.12 31.88 -28.97
C PHE A 193 17.51 33.28 -29.03
N THR A 194 16.52 33.51 -28.17
CA THR A 194 15.76 34.75 -28.15
C THR A 194 15.97 35.44 -26.81
N LEU A 195 16.26 36.74 -26.86
CA LEU A 195 16.34 37.54 -25.64
C LEU A 195 14.93 37.92 -25.21
N THR A 196 14.57 37.54 -23.98
CA THR A 196 13.22 37.77 -23.49
C THR A 196 13.12 38.74 -22.33
N LYS A 197 14.21 38.98 -21.59
CA LYS A 197 14.18 39.90 -20.47
C LYS A 197 15.49 40.66 -20.40
N ALA A 198 15.40 41.98 -20.27
CA ALA A 198 16.56 42.82 -20.00
C ALA A 198 16.20 43.90 -19.00
N ASP A 199 15.24 43.62 -18.12
CA ASP A 199 14.60 44.64 -17.31
C ASP A 199 15.51 45.09 -16.17
N LEU A 200 14.98 46.01 -15.36
CA LEU A 200 15.70 46.59 -14.23
C LEU A 200 14.70 46.66 -13.08
N VAL A 201 14.62 45.58 -12.31
CA VAL A 201 13.59 45.45 -11.29
C VAL A 201 14.13 45.96 -9.96
N ALA A 202 13.19 46.30 -9.07
CA ALA A 202 13.51 46.68 -7.69
C ALA A 202 12.60 45.86 -6.80
N PRO A 203 12.94 44.58 -6.59
CA PRO A 203 11.95 43.63 -6.08
C PRO A 203 11.50 43.97 -4.67
N ASN A 204 10.26 43.59 -4.39
CA ASN A 204 9.68 43.74 -3.06
C ASN A 204 10.26 42.68 -2.14
N LEU A 205 11.15 43.10 -1.23
CA LEU A 205 11.84 42.13 -0.39
C LEU A 205 10.89 41.38 0.55
N PRO A 206 9.96 42.03 1.27
CA PRO A 206 9.02 41.25 2.07
C PRO A 206 8.15 40.34 1.25
N ALA A 207 7.78 40.74 0.02
CA ALA A 207 7.00 39.85 -0.83
C ALA A 207 7.80 38.62 -1.20
N MET A 208 9.10 38.76 -1.47
CA MET A 208 9.92 37.60 -1.77
C MET A 208 10.10 36.71 -0.54
N ALA A 209 10.26 37.32 0.64
CA ALA A 209 10.36 36.53 1.86
C ALA A 209 9.09 35.72 2.08
N LEU A 210 7.93 36.36 1.93
CA LEU A 210 6.67 35.64 2.05
C LEU A 210 6.54 34.58 0.98
N ALA A 211 7.08 34.82 -0.21
CA ALA A 211 7.04 33.81 -1.26
C ALA A 211 7.81 32.57 -0.86
N TYR A 212 9.02 32.75 -0.31
CA TYR A 212 9.80 31.60 0.12
C TYR A 212 9.12 30.88 1.27
N ASP A 213 8.58 31.63 2.24
CA ASP A 213 7.86 31.02 3.34
C ASP A 213 6.70 30.17 2.85
N PHE A 214 5.85 30.75 2.00
CA PHE A 214 4.70 30.03 1.48
C PHE A 214 5.12 28.85 0.63
N LEU A 215 6.22 28.97 -0.10
CA LEU A 215 6.69 27.84 -0.91
C LEU A 215 7.10 26.67 -0.03
N LEU A 216 7.86 26.95 1.02
CA LEU A 216 8.25 25.89 1.95
C LEU A 216 7.02 25.24 2.57
N MET A 217 6.06 26.05 3.02
CA MET A 217 4.90 25.50 3.69
C MET A 217 4.03 24.69 2.72
N GLN A 218 3.89 25.15 1.49
CA GLN A 218 3.15 24.40 0.49
C GLN A 218 3.84 23.08 0.17
N GLN A 219 5.18 23.06 0.17
CA GLN A 219 5.88 21.79 0.03
C GLN A 219 5.60 20.87 1.21
N CYS A 220 5.61 21.42 2.43
CA CYS A 220 5.27 20.61 3.60
C CYS A 220 3.87 20.04 3.48
N VAL A 221 2.95 20.80 2.91
CA VAL A 221 1.59 20.32 2.72
C VAL A 221 1.55 19.19 1.69
N LYS A 222 2.29 19.35 0.59
CA LYS A 222 2.23 18.37 -0.48
C LYS A 222 2.99 17.08 -0.16
N GLN A 223 3.99 17.14 0.71
CA GLN A 223 4.91 16.02 0.90
C GLN A 223 4.66 15.23 2.17
N LEU A 224 4.40 15.89 3.30
CA LEU A 224 4.31 15.17 4.56
C LEU A 224 3.16 14.17 4.53
N PRO A 225 3.29 13.05 5.25
CA PRO A 225 2.26 12.01 5.19
C PRO A 225 0.90 12.52 5.66
N SER A 226 -0.14 11.78 5.28
CA SER A 226 -1.51 12.19 5.54
C SER A 226 -1.90 12.11 7.00
N ASN A 227 -0.99 11.73 7.91
CA ASN A 227 -1.32 11.59 9.31
C ASN A 227 -0.45 12.44 10.21
N CYS A 228 0.40 13.29 9.66
CA CYS A 228 1.28 14.14 10.43
C CYS A 228 0.63 15.51 10.62
N TRP A 229 0.54 15.94 11.88
CA TRP A 229 -0.13 17.20 12.18
C TRP A 229 0.63 18.41 11.63
N GLN A 230 1.91 18.27 11.32
CA GLN A 230 2.64 19.38 10.74
C GLN A 230 2.11 19.72 9.36
N LYS A 231 1.71 18.71 8.59
CA LYS A 231 1.11 18.95 7.29
C LYS A 231 -0.13 19.83 7.42
N TYR A 232 -1.00 19.51 8.38
CA TYR A 232 -2.23 20.25 8.52
C TYR A 232 -2.02 21.61 9.16
N LYS A 233 -1.05 21.75 10.07
CA LYS A 233 -0.72 23.08 10.57
C LYS A 233 -0.20 23.97 9.45
N ALA A 234 0.67 23.42 8.60
CA ALA A 234 1.15 24.18 7.46
C ALA A 234 0.01 24.56 6.53
N ARG A 235 -0.94 23.63 6.31
CA ARG A 235 -2.07 23.93 5.43
C ARG A 235 -2.94 25.03 6.02
N GLN A 236 -3.19 24.99 7.32
CA GLN A 236 -3.98 26.04 7.96
C GLN A 236 -3.28 27.39 7.87
N ILE A 237 -1.96 27.41 8.05
CA ILE A 237 -1.24 28.67 7.98
C ILE A 237 -1.22 29.21 6.55
N CYS A 238 -1.05 28.33 5.56
CA CYS A 238 -1.13 28.76 4.17
C CYS A 238 -2.50 29.31 3.84
N ASN A 239 -3.56 28.65 4.32
CA ASN A 239 -4.91 29.14 4.09
C ASN A 239 -5.10 30.52 4.70
N ASP A 240 -4.65 30.71 5.95
CA ASP A 240 -4.79 32.02 6.58
C ASP A 240 -3.98 33.07 5.83
N ILE A 241 -2.83 32.70 5.29
CA ILE A 241 -2.02 33.65 4.52
C ILE A 241 -2.75 34.04 3.25
N MET A 242 -3.36 33.08 2.56
CA MET A 242 -4.09 33.40 1.33
C MET A 242 -5.33 34.23 1.64
N ASN A 243 -5.97 33.99 2.78
CA ASN A 243 -7.11 34.79 3.19
C ASN A 243 -6.71 36.19 3.65
N THR A 244 -5.47 36.36 4.07
CA THR A 244 -4.99 37.62 4.61
C THR A 244 -4.42 38.54 3.53
N PHE A 245 -3.82 37.97 2.49
CA PHE A 245 -3.10 38.76 1.51
C PHE A 245 -4.06 39.46 0.56
N HIS A 246 -3.95 40.78 0.48
CA HIS A 246 -4.62 41.58 -0.53
C HIS A 246 -3.54 42.28 -1.36
N PRO A 247 -3.51 42.09 -2.68
CA PRO A 247 -2.44 42.73 -3.47
C PRO A 247 -2.51 44.24 -3.49
N ASN A 248 -3.61 44.84 -3.02
CA ASN A 248 -3.77 46.28 -2.99
C ASN A 248 -3.33 46.90 -1.67
N ASP A 249 -2.75 46.11 -0.76
CA ASP A 249 -2.29 46.61 0.52
C ASP A 249 -1.07 45.81 0.92
N LEU A 250 0.03 46.50 1.21
CA LEU A 250 1.32 45.85 1.45
C LEU A 250 1.65 45.67 2.91
N SER A 251 0.77 46.06 3.83
CA SER A 251 0.95 45.68 5.22
C SER A 251 0.47 44.25 5.46
N THR A 252 -0.52 43.82 4.68
CA THR A 252 -0.92 42.42 4.71
C THR A 252 0.25 41.50 4.47
N ILE A 253 1.22 41.92 3.65
CA ILE A 253 2.39 41.08 3.41
C ILE A 253 3.15 40.82 4.71
N ASN A 254 3.36 41.87 5.51
CA ASN A 254 4.10 41.70 6.75
C ASN A 254 3.29 40.91 7.78
N GLU A 255 1.98 41.13 7.84
CA GLU A 255 1.24 40.32 8.80
C GLU A 255 1.03 38.88 8.31
N CYS A 256 1.10 38.63 7.01
CA CYS A 256 1.18 37.26 6.51
C CYS A 256 2.51 36.62 6.91
N ARG A 257 3.60 37.38 6.83
CA ARG A 257 4.88 36.87 7.32
C ARG A 257 4.81 36.53 8.80
N ASN A 258 4.11 37.35 9.57
CA ASN A 258 3.96 37.06 11.00
C ASN A 258 3.11 35.81 11.22
N LEU A 259 2.04 35.65 10.43
CA LEU A 259 1.27 34.40 10.49
C LEU A 259 2.14 33.20 10.13
N ALA A 260 3.08 33.39 9.21
CA ALA A 260 3.97 32.30 8.84
C ALA A 260 4.97 31.99 9.95
N LYS A 261 5.37 33.00 10.71
CA LYS A 261 6.34 32.79 11.78
C LYS A 261 5.86 31.84 12.86
N ALA A 262 4.60 31.40 12.80
CA ALA A 262 4.11 30.37 13.70
C ALA A 262 4.51 28.97 13.27
N PHE A 263 5.11 28.84 12.10
CA PHE A 263 5.52 27.56 11.53
C PHE A 263 7.01 27.49 11.25
N LEU A 264 7.64 28.59 10.86
CA LEU A 264 9.06 28.62 10.54
C LEU A 264 9.91 29.19 11.66
N GLY A 265 9.33 29.94 12.59
CA GLY A 265 10.10 30.59 13.63
C GLY A 265 10.52 31.99 13.25
N ASN A 266 11.19 32.65 14.19
CA ASN A 266 11.51 34.07 14.03
C ASN A 266 12.88 34.33 13.44
N ASP A 267 13.74 33.31 13.32
CA ASP A 267 15.13 33.53 12.95
C ASP A 267 15.43 33.18 11.49
N ILE A 268 14.40 32.89 10.70
CA ILE A 268 14.65 32.48 9.31
C ILE A 268 15.23 33.60 8.47
N ASP A 269 15.05 34.86 8.89
CA ASP A 269 15.55 35.97 8.10
C ASP A 269 17.06 36.11 8.18
N SER A 270 17.69 35.54 9.20
CA SER A 270 19.13 35.66 9.41
C SER A 270 19.75 34.27 9.43
N GLU A 271 21.06 34.24 9.69
CA GLU A 271 21.82 33.00 9.76
C GLU A 271 21.81 32.40 11.16
N ALA A 272 20.86 32.80 12.00
CA ALA A 272 20.76 32.28 13.36
C ALA A 272 19.88 31.04 13.45
N VAL A 273 19.24 30.63 12.36
CA VAL A 273 18.48 29.38 12.38
C VAL A 273 19.42 28.20 12.60
N PHE A 274 20.63 28.29 12.07
CA PHE A 274 21.56 27.17 12.15
C PHE A 274 22.31 27.14 13.47
N GLU A 275 22.11 28.12 14.34
CA GLU A 275 22.74 28.11 15.64
C GLU A 275 21.85 27.51 16.72
N LYS A 276 20.57 27.28 16.42
CA LYS A 276 19.68 26.57 17.31
C LYS A 276 19.65 25.10 16.94
N ASN A 277 19.79 24.23 17.94
CA ASN A 277 19.68 22.78 17.74
C ASN A 277 20.75 22.27 16.78
N ASN A 278 21.96 22.81 16.90
CA ASN A 278 23.07 22.42 16.05
C ASN A 278 23.92 21.30 16.64
N ASP A 279 23.38 20.55 17.60
CA ASP A 279 24.10 19.46 18.24
C ASP A 279 23.72 18.10 17.67
N LYS A 280 22.42 17.80 17.60
CA LYS A 280 21.94 16.55 17.02
C LYS A 280 21.49 16.83 15.59
N ALA A 281 22.45 16.83 14.68
CA ALA A 281 22.20 17.11 13.27
C ALA A 281 22.23 15.81 12.48
N ASN A 282 21.20 15.60 11.66
CA ASN A 282 21.09 14.40 10.85
C ASN A 282 21.45 14.65 9.39
N VAL A 283 20.92 15.72 8.80
CA VAL A 283 21.24 16.09 7.43
C VAL A 283 22.31 17.17 7.46
N PHE A 284 23.42 16.93 6.78
CA PHE A 284 24.48 17.91 6.63
C PHE A 284 24.44 18.44 5.20
N ALA A 285 24.24 19.73 5.06
CA ALA A 285 24.10 20.36 3.76
C ALA A 285 25.42 20.99 3.34
N ILE A 286 25.80 20.78 2.08
CA ILE A 286 27.00 21.37 1.51
C ILE A 286 26.69 21.74 0.06
N GLY A 287 27.25 22.86 -0.40
CA GLY A 287 27.00 23.32 -1.75
C GLY A 287 28.03 22.76 -2.72
N HIS A 288 27.55 22.31 -3.87
CA HIS A 288 28.39 21.65 -4.84
C HIS A 288 28.02 22.08 -6.25
N CYS A 289 29.03 22.21 -7.11
CA CYS A 289 28.86 22.67 -8.48
C CYS A 289 29.66 21.74 -9.39
N HIS A 290 29.01 20.67 -9.84
CA HIS A 290 29.67 19.66 -10.67
C HIS A 290 29.69 20.14 -12.11
N ILE A 291 30.87 20.42 -12.63
CA ILE A 291 31.04 20.88 -14.00
C ILE A 291 31.78 19.77 -14.76
N ASP A 292 31.04 19.03 -15.58
CA ASP A 292 31.68 18.03 -16.42
C ASP A 292 32.65 18.70 -17.38
N THR A 293 33.92 18.33 -17.30
CA THR A 293 34.96 19.03 -18.05
C THR A 293 34.67 19.04 -19.53
N ALA A 294 34.21 17.91 -20.08
CA ALA A 294 33.79 17.87 -21.47
C ALA A 294 32.76 16.75 -21.61
N TRP A 295 31.48 17.11 -21.59
CA TRP A 295 30.40 16.14 -21.74
C TRP A 295 29.55 16.41 -22.97
N LEU A 296 29.02 17.63 -23.10
CA LEU A 296 28.26 18.02 -24.28
C LEU A 296 28.76 19.35 -24.82
N TRP A 297 29.97 19.75 -24.45
CA TRP A 297 30.57 21.01 -24.83
C TRP A 297 32.07 20.82 -24.82
N PRO A 298 32.80 21.59 -25.62
CA PRO A 298 34.27 21.42 -25.66
C PRO A 298 34.93 21.89 -24.38
N PHE A 299 36.25 21.72 -24.28
CA PHE A 299 36.99 22.22 -23.13
C PHE A 299 36.99 23.74 -23.10
N ALA A 300 36.95 24.39 -24.27
CA ALA A 300 36.95 25.84 -24.31
C ALA A 300 35.69 26.41 -23.69
N GLU A 301 34.59 25.65 -23.69
CA GLU A 301 33.38 26.10 -23.02
C GLU A 301 33.41 25.89 -21.51
N THR A 302 34.02 24.80 -21.04
CA THR A 302 34.17 24.62 -19.60
C THR A 302 35.11 25.64 -18.99
N ARG A 303 36.08 26.13 -19.77
CA ARG A 303 37.00 27.14 -19.27
C ARG A 303 36.19 28.36 -18.85
N ARG A 304 35.02 28.57 -19.48
CA ARG A 304 34.14 29.67 -19.12
C ARG A 304 33.08 29.28 -18.11
N LYS A 305 32.59 28.03 -18.20
CA LYS A 305 31.63 27.56 -17.20
C LYS A 305 32.23 27.59 -15.81
N ILE A 306 33.52 27.27 -15.70
CA ILE A 306 34.18 27.27 -14.40
C ILE A 306 34.09 28.65 -13.76
N VAL A 307 34.49 29.69 -14.50
CA VAL A 307 34.51 31.01 -13.90
C VAL A 307 33.10 31.53 -13.69
N ARG A 308 32.19 31.27 -14.63
CA ARG A 308 30.85 31.80 -14.49
C ARG A 308 30.08 31.13 -13.36
N SER A 309 30.46 29.91 -12.96
CA SER A 309 29.84 29.32 -11.79
C SER A 309 30.55 29.72 -10.50
N TRP A 310 31.89 29.75 -10.51
CA TRP A 310 32.59 30.02 -9.28
C TRP A 310 32.47 31.48 -8.85
N ALA A 311 32.40 32.42 -9.80
CA ALA A 311 32.20 33.81 -9.42
C ALA A 311 30.83 34.01 -8.78
N THR A 312 29.80 33.38 -9.34
CA THR A 312 28.50 33.37 -8.71
C THR A 312 28.60 32.84 -7.28
N GLN A 313 29.35 31.76 -7.10
CA GLN A 313 29.48 31.20 -5.75
C GLN A 313 30.23 32.16 -4.83
N MET A 314 31.22 32.89 -5.34
CA MET A 314 31.91 33.87 -4.50
C MET A 314 30.94 34.93 -4.02
N ASN A 315 30.12 35.47 -4.92
CA ASN A 315 29.19 36.51 -4.51
C ASN A 315 28.17 35.97 -3.52
N ILE A 316 27.69 34.73 -3.73
CA ILE A 316 26.71 34.16 -2.82
C ILE A 316 27.32 33.94 -1.44
N MET A 317 28.51 33.35 -1.39
CA MET A 317 29.21 33.19 -0.12
C MET A 317 29.52 34.53 0.53
N ASP A 318 29.57 35.60 -0.25
CA ASP A 318 29.68 36.93 0.32
C ASP A 318 28.36 37.35 0.96
N ARG A 319 27.23 36.99 0.35
CA ARG A 319 25.93 37.40 0.88
C ARG A 319 25.51 36.53 2.06
N TYR A 320 25.59 35.21 1.93
CA TYR A 320 25.16 34.31 2.98
C TYR A 320 26.37 33.81 3.75
N PRO A 321 26.53 34.18 5.02
CA PRO A 321 27.79 33.85 5.70
C PRO A 321 27.93 32.38 6.09
N GLU A 322 26.83 31.66 6.27
CA GLU A 322 26.89 30.27 6.71
C GLU A 322 27.06 29.30 5.56
N TYR A 323 27.08 29.76 4.33
CA TYR A 323 27.09 28.88 3.17
C TYR A 323 28.52 28.43 2.86
N GLN A 324 28.67 27.13 2.62
CA GLN A 324 29.96 26.54 2.29
C GLN A 324 29.85 25.78 0.98
N PHE A 325 30.95 25.74 0.23
CA PHE A 325 30.96 25.31 -1.16
C PHE A 325 32.13 24.36 -1.40
N VAL A 326 31.91 23.35 -2.24
CA VAL A 326 32.95 22.38 -2.56
C VAL A 326 33.03 22.20 -4.07
N CYS A 327 34.24 22.01 -4.57
CA CYS A 327 34.46 21.69 -5.98
C CYS A 327 35.69 20.80 -6.07
N SER A 328 35.65 19.83 -6.99
CA SER A 328 36.56 18.69 -6.92
C SER A 328 37.84 18.88 -7.74
N GLN A 329 37.70 19.05 -9.05
CA GLN A 329 38.85 18.94 -9.94
C GLN A 329 39.85 20.07 -9.70
N ALA A 330 41.13 19.70 -9.63
CA ALA A 330 42.18 20.70 -9.56
C ALA A 330 42.53 21.28 -10.92
N LEU A 331 42.26 20.53 -11.99
CA LEU A 331 42.44 21.07 -13.33
C LEU A 331 41.58 22.30 -13.53
N GLN A 332 40.38 22.32 -12.94
CA GLN A 332 39.52 23.49 -13.07
C GLN A 332 40.11 24.68 -12.33
N TYR A 333 40.74 24.44 -11.19
CA TYR A 333 41.46 25.52 -10.51
C TYR A 333 42.60 26.04 -11.38
N LEU A 334 43.32 25.13 -12.04
CA LEU A 334 44.39 25.56 -12.92
C LEU A 334 43.85 26.40 -14.07
N TRP A 335 42.73 25.98 -14.66
CA TRP A 335 42.14 26.74 -15.75
C TRP A 335 41.67 28.11 -15.28
N LEU A 336 41.08 28.18 -14.09
CA LEU A 336 40.63 29.46 -13.56
C LEU A 336 41.78 30.39 -13.29
N LYS A 337 42.91 29.85 -12.81
CA LYS A 337 44.09 30.68 -12.59
C LYS A 337 44.77 31.07 -13.89
N GLU A 338 44.61 30.27 -14.94
CA GLU A 338 45.15 30.65 -16.23
C GLU A 338 44.31 31.74 -16.88
N ASP A 339 42.99 31.68 -16.73
CA ASP A 339 42.12 32.68 -17.34
C ASP A 339 42.04 33.94 -16.50
N HIS A 340 41.57 33.82 -15.26
CA HIS A 340 41.33 34.97 -14.39
C HIS A 340 42.20 34.84 -13.14
N PRO A 341 43.40 35.42 -13.14
CA PRO A 341 44.26 35.31 -11.96
C PRO A 341 43.72 36.05 -10.74
N ASP A 342 43.08 37.20 -10.94
CA ASP A 342 42.54 37.95 -9.81
C ASP A 342 41.37 37.21 -9.17
N VAL A 343 40.52 36.60 -10.01
CA VAL A 343 39.44 35.77 -9.48
C VAL A 343 40.02 34.61 -8.69
N PHE A 344 41.13 34.06 -9.14
CA PHE A 344 41.76 32.98 -8.38
C PHE A 344 42.36 33.48 -7.07
N GLU A 345 42.88 34.70 -7.05
CA GLU A 345 43.38 35.25 -5.79
C GLU A 345 42.25 35.40 -4.78
N LYS A 346 41.13 35.98 -5.23
CA LYS A 346 39.96 36.07 -4.35
C LYS A 346 39.44 34.68 -3.96
N LEU A 347 39.57 33.71 -4.86
CA LEU A 347 39.14 32.36 -4.56
C LEU A 347 39.99 31.75 -3.46
N LYS A 348 41.30 31.92 -3.53
CA LYS A 348 42.16 31.39 -2.48
C LYS A 348 41.94 32.16 -1.17
N GLU A 349 41.54 33.42 -1.26
CA GLU A 349 41.14 34.15 -0.06
C GLU A 349 39.93 33.49 0.59
N TYR A 350 38.91 33.17 -0.23
CA TYR A 350 37.73 32.46 0.30
C TYR A 350 38.13 31.11 0.87
N VAL A 351 38.99 30.37 0.17
CA VAL A 351 39.45 29.07 0.65
C VAL A 351 40.09 29.20 2.02
N ASN A 352 40.91 30.22 2.21
CA ASN A 352 41.52 30.42 3.53
C ASN A 352 40.48 30.81 4.58
N GLN A 353 39.37 31.40 4.16
CA GLN A 353 38.31 31.81 5.08
C GLN A 353 37.35 30.69 5.42
N ASN A 354 37.74 29.44 5.18
CA ASN A 354 37.00 28.23 5.50
C ASN A 354 35.75 28.03 4.65
N LYS A 355 35.40 28.99 3.79
CA LYS A 355 34.39 28.75 2.78
C LYS A 355 35.05 28.29 1.50
N PHE A 356 34.25 27.82 0.56
CA PHE A 356 34.75 27.35 -0.72
C PHE A 356 35.80 26.26 -0.53
N ILE A 357 35.36 25.15 0.04
CA ILE A 357 36.25 24.05 0.39
C ILE A 357 36.74 23.34 -0.87
N PRO A 358 38.04 23.32 -1.15
CA PRO A 358 38.55 22.50 -2.26
C PRO A 358 38.66 21.05 -1.82
N ILE A 359 37.92 20.18 -2.49
CA ILE A 359 37.81 18.77 -2.11
C ILE A 359 38.21 17.92 -3.31
N GLY A 360 38.17 16.62 -3.12
CA GLY A 360 38.51 15.68 -4.18
C GLY A 360 39.94 15.22 -4.18
N GLY A 361 40.87 16.16 -4.12
CA GLY A 361 42.27 15.83 -4.04
C GLY A 361 42.83 15.16 -5.28
N SER A 362 42.10 15.23 -6.39
CA SER A 362 42.54 14.64 -7.64
C SER A 362 42.63 15.70 -8.72
N TRP A 363 43.23 15.32 -9.85
CA TRP A 363 43.34 16.24 -10.97
C TRP A 363 41.99 16.47 -11.62
N VAL A 364 41.35 15.40 -12.08
CA VAL A 364 40.00 15.45 -12.62
C VAL A 364 39.17 14.37 -11.94
N GLU A 365 37.86 14.46 -12.13
CA GLU A 365 36.96 13.41 -11.67
C GLU A 365 36.99 12.30 -12.71
N HIS A 366 38.02 11.49 -12.63
CA HIS A 366 38.34 10.50 -13.64
C HIS A 366 37.42 9.29 -13.52
N ASP A 367 37.41 8.48 -14.58
CA ASP A 367 36.85 7.15 -14.49
C ASP A 367 37.85 6.24 -13.79
N THR A 368 37.35 5.33 -12.96
CA THR A 368 38.22 4.48 -12.17
C THR A 368 38.30 3.07 -12.70
N ASN A 369 37.70 2.79 -13.86
CA ASN A 369 37.72 1.45 -14.44
C ASN A 369 38.77 1.30 -15.52
N ILE A 370 38.80 2.24 -16.47
CA ILE A 370 39.61 2.09 -17.68
C ILE A 370 41.07 2.45 -17.47
N PRO A 371 41.43 3.59 -16.87
CA PRO A 371 42.85 3.94 -16.78
C PRO A 371 43.62 2.98 -15.90
N ASN A 372 44.89 2.78 -16.25
CA ASN A 372 45.74 1.88 -15.49
C ASN A 372 46.03 2.47 -14.11
N GLY A 373 46.58 1.63 -13.23
CA GLY A 373 46.76 2.04 -11.85
C GLY A 373 47.67 3.24 -11.70
N GLU A 374 48.74 3.29 -12.50
CA GLU A 374 49.63 4.43 -12.42
C GLU A 374 48.91 5.72 -12.81
N SER A 375 47.92 5.63 -13.69
CA SER A 375 47.15 6.82 -14.02
C SER A 375 46.37 7.33 -12.81
N LEU A 376 45.77 6.43 -12.03
CA LEU A 376 45.07 6.86 -10.83
C LEU A 376 46.03 7.46 -9.81
N ILE A 377 47.19 6.83 -9.64
CA ILE A 377 48.17 7.38 -8.71
C ILE A 377 48.64 8.76 -9.18
N ARG A 378 48.77 8.94 -10.49
CA ARG A 378 49.15 10.25 -11.02
C ARG A 378 48.05 11.28 -10.80
N GLN A 379 46.79 10.88 -10.97
CA GLN A 379 45.68 11.76 -10.65
C GLN A 379 45.83 12.31 -9.25
N PHE A 380 45.97 11.41 -8.28
CA PHE A 380 46.05 11.87 -6.90
C PHE A 380 47.32 12.67 -6.65
N LEU A 381 48.45 12.25 -7.24
CA LEU A 381 49.70 12.97 -7.07
C LEU A 381 49.57 14.41 -7.55
N LEU A 382 49.10 14.58 -8.79
CA LEU A 382 48.99 15.92 -9.37
C LEU A 382 47.99 16.77 -8.61
N GLY A 383 46.81 16.21 -8.31
CA GLY A 383 45.80 16.98 -7.60
C GLY A 383 46.28 17.43 -6.23
N GLN A 384 46.84 16.51 -5.45
CA GLN A 384 47.28 16.85 -4.10
C GLN A 384 48.46 17.81 -4.13
N HIS A 385 49.36 17.68 -5.11
CA HIS A 385 50.46 18.62 -5.17
C HIS A 385 49.99 20.01 -5.57
N PHE A 386 49.03 20.09 -6.50
CA PHE A 386 48.46 21.38 -6.85
C PHE A 386 47.78 22.02 -5.66
N PHE A 387 47.06 21.22 -4.87
CA PHE A 387 46.34 21.79 -3.73
C PHE A 387 47.30 22.21 -2.62
N GLU A 388 48.35 21.43 -2.39
CA GLU A 388 49.34 21.82 -1.40
C GLU A 388 50.17 23.01 -1.84
N LYS A 389 50.30 23.22 -3.16
CA LYS A 389 51.06 24.36 -3.66
C LYS A 389 50.23 25.64 -3.62
N GLU A 390 49.08 25.64 -4.29
CA GLU A 390 48.28 26.85 -4.40
C GLU A 390 47.69 27.24 -3.05
N PHE A 391 46.82 26.39 -2.50
CA PHE A 391 46.32 26.58 -1.15
C PHE A 391 47.23 25.85 -0.18
N GLY A 392 46.81 25.72 1.07
CA GLY A 392 47.61 25.00 2.03
C GLY A 392 46.95 23.72 2.47
N VAL A 393 45.94 23.29 1.74
CA VAL A 393 45.11 22.15 2.13
C VAL A 393 45.58 20.91 1.40
N ARG A 394 45.48 19.77 2.08
CA ARG A 394 45.61 18.45 1.46
C ARG A 394 44.29 17.73 1.69
N CYS A 395 43.54 17.51 0.61
CA CYS A 395 42.21 16.95 0.74
C CYS A 395 42.25 15.55 1.34
N ARG A 396 41.43 15.34 2.36
CA ARG A 396 41.30 14.04 2.99
C ARG A 396 40.09 13.26 2.50
N THR A 397 39.34 13.80 1.54
CA THR A 397 38.10 13.18 1.09
C THR A 397 38.17 13.01 -0.42
N PHE A 398 38.21 11.76 -0.87
CA PHE A 398 38.12 11.47 -2.30
C PHE A 398 36.70 11.73 -2.76
N TRP A 399 36.51 12.77 -3.56
CA TRP A 399 35.20 13.16 -4.07
C TRP A 399 35.04 12.60 -5.48
N LEU A 400 34.07 11.72 -5.66
CA LEU A 400 33.87 11.04 -6.94
C LEU A 400 32.41 10.63 -7.07
N PRO A 401 31.51 11.59 -7.30
CA PRO A 401 30.08 11.29 -7.33
C PRO A 401 29.52 10.91 -8.68
N ASP A 402 30.31 10.98 -9.75
CA ASP A 402 29.78 10.81 -11.09
C ASP A 402 30.48 9.73 -11.90
N THR A 403 31.32 8.91 -11.27
CA THR A 403 32.09 7.90 -11.99
C THR A 403 31.23 6.68 -12.29
N PHE A 404 31.41 6.11 -13.47
CA PHE A 404 30.60 5.00 -13.95
C PHE A 404 31.17 3.64 -13.53
N GLY A 405 31.45 3.49 -12.24
CA GLY A 405 31.99 2.22 -11.76
C GLY A 405 33.33 2.33 -11.09
N TYR A 406 33.47 1.71 -9.92
CA TYR A 406 34.70 1.80 -9.14
C TYR A 406 35.51 0.52 -9.10
N SER A 407 36.82 0.65 -9.30
CA SER A 407 37.72 -0.49 -9.31
C SER A 407 37.88 -1.00 -7.88
N SER A 408 38.42 -2.20 -7.76
CA SER A 408 38.55 -2.87 -6.47
C SER A 408 39.76 -2.41 -5.68
N GLN A 409 40.64 -1.59 -6.27
CA GLN A 409 41.85 -1.16 -5.60
C GLN A 409 41.85 0.33 -5.29
N ILE A 410 40.72 1.01 -5.50
CA ILE A 410 40.67 2.45 -5.21
C ILE A 410 40.92 2.75 -3.75
N PRO A 411 40.36 2.03 -2.77
CA PRO A 411 40.64 2.39 -1.37
C PRO A 411 42.11 2.38 -1.02
N GLN A 412 42.88 1.44 -1.55
CA GLN A 412 44.30 1.42 -1.23
C GLN A 412 45.01 2.61 -1.84
N ILE A 413 44.69 2.95 -3.09
CA ILE A 413 45.31 4.11 -3.72
C ILE A 413 44.94 5.39 -2.96
N CYS A 414 43.72 5.45 -2.43
CA CYS A 414 43.34 6.59 -1.62
C CYS A 414 44.13 6.64 -0.32
N ARG A 415 44.30 5.48 0.33
CA ARG A 415 45.06 5.44 1.58
C ARG A 415 46.52 5.81 1.36
N LEU A 416 47.07 5.49 0.19
CA LEU A 416 48.44 5.88 -0.11
C LEU A 416 48.57 7.39 -0.20
N CYS A 417 47.65 8.04 -0.89
CA CYS A 417 47.72 9.46 -1.17
C CYS A 417 47.09 10.32 -0.08
N GLY A 418 46.98 9.80 1.14
CA GLY A 418 46.55 10.58 2.28
C GLY A 418 45.06 10.77 2.42
N MET A 419 44.25 10.19 1.56
CA MET A 419 42.80 10.38 1.57
C MET A 419 42.14 9.12 2.10
N ASP A 420 41.65 9.18 3.33
CA ASP A 420 41.01 8.04 3.97
C ASP A 420 39.50 8.17 4.02
N ARG A 421 38.92 9.06 3.22
CA ARG A 421 37.48 9.19 3.10
C ARG A 421 37.09 9.03 1.64
N PHE A 422 35.81 8.83 1.40
CA PHE A 422 35.32 8.65 0.05
C PHE A 422 33.85 9.04 0.01
N LEU A 423 33.49 9.79 -1.02
CA LEU A 423 32.12 10.23 -1.22
C LEU A 423 31.75 9.98 -2.69
N THR A 424 30.61 9.33 -2.92
CA THR A 424 30.16 9.07 -4.27
C THR A 424 28.64 8.99 -4.30
N GLN A 425 28.04 9.26 -5.45
CA GLN A 425 26.60 9.17 -5.56
C GLN A 425 26.10 8.25 -6.66
N LYS A 426 26.93 7.94 -7.65
CA LYS A 426 26.48 7.22 -8.84
C LYS A 426 25.92 5.84 -8.52
N LEU A 427 26.34 5.21 -7.44
CA LEU A 427 25.91 3.84 -7.17
C LEU A 427 24.46 3.77 -6.68
N SER A 428 23.73 4.87 -6.72
CA SER A 428 22.29 4.85 -6.48
C SER A 428 21.49 4.67 -7.76
N TRP A 429 22.16 4.58 -8.91
CA TRP A 429 21.51 4.40 -10.19
C TRP A 429 21.43 2.93 -10.60
N ASN A 430 21.66 2.02 -9.67
CA ASN A 430 21.59 0.59 -9.98
C ASN A 430 20.14 0.21 -10.26
N ASN A 431 19.85 -0.11 -11.53
CA ASN A 431 18.51 -0.49 -11.94
C ASN A 431 18.20 -1.96 -11.68
N ILE A 432 19.13 -2.71 -11.08
CA ILE A 432 18.94 -4.13 -10.80
C ILE A 432 19.02 -4.42 -9.30
N ASN A 433 20.00 -3.84 -8.61
CA ASN A 433 20.26 -4.17 -7.21
C ASN A 433 20.51 -2.88 -6.44
N SER A 434 19.57 -2.50 -5.58
CA SER A 434 19.82 -1.41 -4.66
C SER A 434 20.99 -1.76 -3.76
N PHE A 435 21.97 -0.86 -3.71
CA PHE A 435 23.15 -1.09 -2.90
C PHE A 435 22.75 -1.31 -1.45
N PRO A 436 23.44 -2.21 -0.71
CA PRO A 436 22.96 -2.54 0.63
C PRO A 436 23.12 -1.42 1.64
N THR A 437 24.14 -0.58 1.53
CA THR A 437 24.45 0.38 2.58
C THR A 437 24.58 1.79 2.00
N SER A 438 24.76 2.76 2.90
CA SER A 438 24.95 4.15 2.50
C SER A 438 26.20 4.72 3.15
N THR A 439 26.55 4.23 4.33
CA THR A 439 27.81 4.56 4.99
C THR A 439 28.48 3.25 5.38
N PHE A 440 29.56 2.91 4.70
CA PHE A 440 30.21 1.63 4.92
C PHE A 440 31.72 1.81 4.88
N ASN A 441 32.43 0.72 5.10
CA ASN A 441 33.88 0.67 5.01
C ASN A 441 34.24 -0.04 3.72
N TRP A 442 34.67 0.73 2.72
CA TRP A 442 35.06 0.13 1.46
C TRP A 442 36.48 -0.38 1.59
N VAL A 443 36.64 -1.70 1.55
CA VAL A 443 37.92 -2.35 1.77
C VAL A 443 38.47 -2.80 0.41
N ALA A 444 39.73 -2.47 0.16
CA ALA A 444 40.33 -2.73 -1.14
C ALA A 444 40.61 -4.21 -1.31
N LEU A 445 41.31 -4.55 -2.39
CA LEU A 445 41.66 -5.95 -2.63
C LEU A 445 42.54 -6.50 -1.52
N ASP A 446 43.42 -5.67 -0.97
CA ASP A 446 44.43 -6.14 -0.03
C ASP A 446 44.02 -5.96 1.42
N GLY A 447 43.10 -5.05 1.71
CA GLY A 447 42.69 -4.85 3.08
C GLY A 447 42.58 -3.40 3.48
N SER A 448 43.23 -2.52 2.71
CA SER A 448 43.13 -1.09 2.97
C SER A 448 41.68 -0.65 2.81
N GLN A 449 41.24 0.25 3.69
CA GLN A 449 39.85 0.64 3.77
C GLN A 449 39.71 2.15 3.79
N VAL A 450 38.62 2.62 3.20
CA VAL A 450 38.21 4.02 3.27
C VAL A 450 36.78 4.08 3.76
N ILE A 451 36.48 5.07 4.60
CA ILE A 451 35.12 5.24 5.06
C ILE A 451 34.31 5.88 3.93
N CYS A 452 33.52 5.08 3.24
CA CYS A 452 32.75 5.54 2.11
C CYS A 452 31.34 5.92 2.57
N HIS A 453 30.82 6.99 1.98
CA HIS A 453 29.46 7.42 2.25
C HIS A 453 28.82 7.85 0.93
N MET A 454 27.55 7.52 0.77
CA MET A 454 26.78 7.93 -0.40
C MET A 454 25.65 8.83 0.04
N PRO A 455 25.54 10.05 -0.47
CA PRO A 455 24.39 10.89 -0.16
C PRO A 455 23.09 10.15 -0.41
N PRO A 456 22.28 9.95 0.63
CA PRO A 456 21.07 9.12 0.46
C PRO A 456 20.15 9.62 -0.62
N ALA A 457 19.91 10.93 -0.67
CA ALA A 457 19.26 11.49 -1.85
C ALA A 457 20.13 11.20 -3.07
N ASN A 458 19.53 10.58 -4.08
CA ASN A 458 20.30 9.97 -5.16
C ASN A 458 20.88 10.99 -6.13
N THR A 459 20.91 12.27 -5.77
CA THR A 459 21.47 13.30 -6.62
C THR A 459 22.41 14.19 -5.82
N TYR A 460 23.54 14.52 -6.42
CA TYR A 460 24.41 15.59 -5.93
C TYR A 460 23.95 16.95 -6.42
N THR A 461 22.78 17.02 -7.04
CA THR A 461 22.21 18.28 -7.52
C THR A 461 20.85 18.49 -6.87
N ALA A 462 20.77 18.31 -5.56
CA ALA A 462 19.52 18.49 -4.85
C ALA A 462 19.10 19.96 -4.88
N ASP A 463 17.89 20.23 -4.38
CA ASP A 463 17.29 21.55 -4.48
C ASP A 463 16.92 22.12 -3.12
N THR A 464 17.41 21.53 -2.03
CA THR A 464 17.08 21.97 -0.68
C THR A 464 15.57 22.09 -0.47
N ASN A 465 14.80 21.29 -1.19
CA ASN A 465 13.37 21.25 -0.98
C ASN A 465 13.07 20.57 0.35
N VAL A 466 11.78 20.41 0.65
CA VAL A 466 11.43 19.64 1.83
C VAL A 466 11.68 18.16 1.59
N ASN A 467 11.37 17.66 0.39
CA ASN A 467 11.56 16.24 0.13
C ASN A 467 13.03 15.90 -0.01
N ASP A 468 13.87 16.83 -0.47
CA ASP A 468 15.31 16.60 -0.49
C ASP A 468 15.87 16.48 0.92
N VAL A 469 15.55 17.46 1.77
CA VAL A 469 15.99 17.43 3.17
C VAL A 469 15.48 16.18 3.87
N LEU A 470 14.29 15.72 3.52
CA LEU A 470 13.76 14.50 4.11
C LEU A 470 14.51 13.28 3.63
N HIS A 471 14.61 13.09 2.32
CA HIS A 471 15.27 11.93 1.75
C HIS A 471 16.73 11.84 2.15
N SER A 472 17.37 12.96 2.48
CA SER A 472 18.78 12.91 2.84
C SER A 472 19.03 12.10 4.10
N ILE A 473 18.02 11.88 4.94
CA ILE A 473 18.13 11.03 6.11
C ILE A 473 17.22 9.82 6.04
N ASP A 474 16.03 9.98 5.45
CA ASP A 474 15.04 8.91 5.44
C ASP A 474 15.33 7.84 4.39
N GLN A 475 16.14 8.15 3.38
CA GLN A 475 16.52 7.17 2.39
C GLN A 475 17.86 6.49 2.71
N HIS A 476 18.45 6.82 3.85
CA HIS A 476 19.67 6.16 4.31
C HIS A 476 19.46 4.66 4.40
N LYS A 477 20.25 3.91 3.62
CA LYS A 477 20.00 2.49 3.46
C LYS A 477 20.42 1.65 4.66
N ASN A 478 21.31 2.17 5.51
CA ASN A 478 21.68 1.50 6.76
C ASN A 478 21.66 2.56 7.86
N LEU A 479 20.49 2.76 8.47
CA LEU A 479 20.36 3.75 9.53
C LEU A 479 20.73 3.20 10.90
N VAL A 480 20.82 1.89 11.04
CA VAL A 480 21.18 1.32 12.33
C VAL A 480 22.62 1.64 12.68
N ASN A 481 23.48 1.79 11.67
CA ASN A 481 24.90 2.02 11.94
C ASN A 481 25.18 3.48 12.23
N ASP A 482 24.65 4.40 11.42
CA ASP A 482 24.84 5.82 11.66
C ASP A 482 23.68 6.60 11.08
N GLN A 483 23.12 7.48 11.90
CA GLN A 483 21.97 8.30 11.49
C GLN A 483 22.45 9.70 11.11
N ALA A 484 23.05 9.77 9.91
CA ALA A 484 23.54 11.03 9.38
C ALA A 484 23.70 10.90 7.87
N GLY A 485 23.01 11.75 7.12
CA GLY A 485 23.13 11.76 5.68
C GLY A 485 23.55 13.13 5.20
N LEU A 486 24.31 13.15 4.11
CA LEU A 486 24.81 14.39 3.54
C LEU A 486 23.85 14.87 2.46
N LEU A 487 23.52 16.16 2.50
CA LEU A 487 22.73 16.81 1.46
C LEU A 487 23.68 17.62 0.60
N VAL A 488 23.79 17.26 -0.66
CA VAL A 488 24.65 17.93 -1.62
C VAL A 488 23.73 18.65 -2.59
N PHE A 489 23.59 19.96 -2.44
CA PHE A 489 22.65 20.73 -3.22
C PHE A 489 23.38 21.63 -4.21
N GLY A 490 22.76 21.79 -5.38
CA GLY A 490 23.35 22.57 -6.45
C GLY A 490 22.68 22.21 -7.76
N ILE A 491 23.27 22.71 -8.84
CA ILE A 491 22.87 22.36 -10.20
C ILE A 491 24.13 21.97 -10.95
N GLY A 492 24.35 20.67 -11.13
CA GLY A 492 25.59 20.16 -11.64
C GLY A 492 25.50 19.70 -13.07
N ASP A 493 26.42 18.81 -13.45
CA ASP A 493 26.52 18.28 -14.81
C ASP A 493 26.79 19.37 -15.82
N GLY A 494 27.58 20.36 -15.42
CA GLY A 494 27.96 21.44 -16.32
C GLY A 494 27.14 22.69 -16.16
N GLY A 495 26.95 23.13 -14.92
CA GLY A 495 26.18 24.34 -14.68
C GLY A 495 26.54 24.95 -13.35
N GLY A 496 26.07 26.18 -13.15
CA GLY A 496 26.37 26.91 -11.94
C GLY A 496 25.85 26.22 -10.69
N GLY A 497 26.43 26.61 -9.56
CA GLY A 497 26.13 25.97 -8.30
C GLY A 497 24.73 26.27 -7.79
N PRO A 498 24.55 26.22 -6.48
CA PRO A 498 23.23 26.46 -5.91
C PRO A 498 22.85 27.94 -5.98
N THR A 499 21.64 28.20 -6.45
CA THR A 499 21.09 29.54 -6.44
C THR A 499 20.88 30.00 -5.00
N PRO A 500 20.79 31.32 -4.78
CA PRO A 500 20.58 31.81 -3.40
C PRO A 500 19.22 31.43 -2.83
N GLU A 501 18.19 31.29 -3.67
CA GLU A 501 16.91 30.87 -3.16
C GLU A 501 16.97 29.47 -2.57
N MET A 502 17.92 28.64 -3.00
CA MET A 502 18.13 27.37 -2.32
C MET A 502 18.65 27.57 -0.91
N LEU A 503 19.50 28.57 -0.69
CA LEU A 503 19.93 28.88 0.66
C LEU A 503 18.78 29.43 1.50
N GLU A 504 17.88 30.22 0.89
CA GLU A 504 16.72 30.68 1.64
C GLU A 504 15.80 29.53 2.01
N LYS A 505 15.59 28.59 1.08
CA LYS A 505 14.79 27.41 1.39
C LYS A 505 15.46 26.55 2.45
N LEU A 506 16.79 26.53 2.48
CA LEU A 506 17.49 25.79 3.54
C LEU A 506 17.31 26.46 4.89
N ARG A 507 17.39 27.79 4.92
CA ARG A 507 17.11 28.51 6.16
C ARG A 507 15.71 28.21 6.66
N ARG A 508 14.72 28.20 5.77
CA ARG A 508 13.35 27.94 6.19
C ARG A 508 13.14 26.47 6.57
N CYS A 509 13.86 25.55 5.94
CA CYS A 509 13.80 24.15 6.36
C CYS A 509 14.35 23.97 7.76
N LYS A 510 15.46 24.63 8.06
CA LYS A 510 16.00 24.57 9.42
C LYS A 510 15.05 25.22 10.40
N GLY A 511 14.38 26.31 9.98
CA GLY A 511 13.39 26.93 10.85
C GLY A 511 12.22 26.01 11.14
N ILE A 512 11.74 25.28 10.12
CA ILE A 512 10.67 24.31 10.33
C ILE A 512 11.12 23.24 11.30
N ALA A 513 12.33 22.70 11.09
CA ALA A 513 12.84 21.68 11.99
C ALA A 513 12.96 22.20 13.42
N ASN A 514 13.25 23.50 13.58
CA ASN A 514 13.35 24.06 14.91
C ASN A 514 11.98 24.23 15.54
N THR A 515 10.98 24.67 14.77
CA THR A 515 9.69 25.02 15.33
C THR A 515 8.74 23.82 15.38
N VAL A 516 8.47 23.19 14.25
CA VAL A 516 7.63 21.99 14.18
C VAL A 516 8.52 20.85 13.74
N GLY A 517 8.97 20.04 14.70
CA GLY A 517 10.06 19.14 14.45
C GLY A 517 9.75 17.89 13.66
N TYR A 518 9.44 18.04 12.38
CA TYR A 518 9.34 16.89 11.49
C TYR A 518 10.54 16.77 10.55
N LEU A 519 10.94 17.87 9.93
CA LEU A 519 12.11 17.84 9.06
C LEU A 519 13.35 17.59 9.91
N PRO A 520 14.34 16.90 9.37
CA PRO A 520 15.57 16.64 10.12
C PRO A 520 16.39 17.90 10.31
N ASN A 521 17.22 17.88 11.35
CA ASN A 521 18.01 19.04 11.75
C ASN A 521 19.14 19.26 10.75
N VAL A 522 18.93 20.14 9.78
CA VAL A 522 19.96 20.45 8.82
C VAL A 522 21.06 21.27 9.49
N LYS A 523 22.30 21.00 9.13
CA LYS A 523 23.45 21.74 9.64
C LYS A 523 24.28 22.21 8.45
N LEU A 524 24.32 23.51 8.23
CA LEU A 524 24.94 24.07 7.04
C LEU A 524 26.38 24.50 7.25
N GLY A 525 26.76 24.93 8.45
CA GLY A 525 28.10 25.43 8.67
C GLY A 525 29.13 24.35 8.94
N ASN A 526 29.01 23.21 8.27
CA ASN A 526 29.92 22.10 8.46
C ASN A 526 30.41 21.60 7.11
N THR A 527 31.70 21.31 7.02
CA THR A 527 32.31 20.85 5.79
C THR A 527 32.02 19.37 5.59
N VAL A 528 32.70 18.76 4.63
CA VAL A 528 32.60 17.31 4.47
C VAL A 528 33.57 16.58 5.38
N ASP A 529 34.72 17.19 5.68
CA ASP A 529 35.66 16.54 6.58
C ASP A 529 35.10 16.48 8.00
N GLU A 530 34.44 17.54 8.45
CA GLU A 530 33.80 17.50 9.76
C GLU A 530 32.68 16.48 9.78
N PHE A 531 31.97 16.34 8.67
CA PHE A 531 30.90 15.34 8.58
C PHE A 531 31.45 13.93 8.72
N PHE A 532 32.53 13.63 8.00
CA PHE A 532 33.12 12.31 8.10
C PHE A 532 33.78 12.09 9.46
N ASP A 533 34.31 13.15 10.07
CA ASP A 533 34.84 13.02 11.42
C ASP A 533 33.75 12.69 12.42
N GLY A 534 32.58 13.30 12.27
CA GLY A 534 31.46 12.92 13.10
C GLY A 534 31.04 11.48 12.88
N ILE A 535 30.99 11.05 11.62
CA ILE A 535 30.63 9.66 11.32
C ILE A 535 31.63 8.71 11.97
N LEU A 536 32.91 9.01 11.89
CA LEU A 536 33.92 8.14 12.50
C LEU A 536 33.87 8.19 14.02
N LYS A 537 33.47 9.32 14.59
CA LYS A 537 33.40 9.42 16.04
C LYS A 537 32.21 8.63 16.60
N ARG A 538 31.05 8.72 15.93
CA ARG A 538 29.85 8.06 16.44
C ARG A 538 29.86 6.55 16.22
N THR A 539 30.80 6.01 15.43
CA THR A 539 30.86 4.58 15.16
C THR A 539 32.16 3.96 15.64
N ASN A 540 32.87 4.61 16.56
CA ASN A 540 34.14 4.13 17.09
C ASN A 540 35.13 3.86 15.96
N ALA A 541 35.51 4.95 15.28
CA ALA A 541 36.50 4.90 14.20
C ALA A 541 36.06 3.95 13.10
N GLY A 542 34.77 3.94 12.80
CA GLY A 542 34.24 3.12 11.72
C GLY A 542 34.35 1.63 11.93
N GLN A 543 34.68 1.17 13.14
CA GLN A 543 34.81 -0.25 13.39
C GLN A 543 33.48 -0.98 13.37
N THR A 544 32.35 -0.26 13.36
CA THR A 544 31.05 -0.88 13.40
C THR A 544 30.29 -0.84 12.09
N LEU A 545 30.69 0.02 11.15
CA LEU A 545 29.96 0.15 9.91
C LEU A 545 30.13 -1.10 9.05
N PRO A 546 29.17 -1.40 8.18
CA PRO A 546 29.31 -2.55 7.30
C PRO A 546 30.52 -2.39 6.39
N SER A 547 31.01 -3.52 5.91
CA SER A 547 32.17 -3.54 5.04
C SER A 547 31.75 -3.98 3.65
N TRP A 548 32.44 -3.45 2.65
CA TRP A 548 32.31 -3.92 1.27
C TRP A 548 33.70 -4.25 0.77
N ASN A 549 33.98 -5.55 0.63
CA ASN A 549 35.30 -6.01 0.22
C ASN A 549 35.32 -6.18 -1.29
N GLY A 550 36.14 -5.39 -1.97
CA GLY A 550 36.41 -5.57 -3.38
C GLY A 550 35.82 -4.45 -4.22
N GLU A 551 35.24 -4.82 -5.35
CA GLU A 551 34.85 -3.88 -6.38
C GLU A 551 33.43 -3.41 -6.18
N LEU A 552 33.22 -2.09 -6.24
CA LEU A 552 31.89 -1.51 -6.24
C LEU A 552 31.37 -1.56 -7.67
N TYR A 553 30.63 -2.61 -8.01
CA TYR A 553 30.17 -2.77 -9.38
C TYR A 553 28.98 -1.85 -9.63
N PHE A 554 29.12 -0.99 -10.63
CA PHE A 554 28.04 -0.09 -11.04
C PHE A 554 27.23 -0.78 -12.13
N GLU A 555 26.03 -1.23 -11.78
CA GLU A 555 25.19 -2.03 -12.67
C GLU A 555 24.45 -1.12 -13.66
N PHE A 556 25.25 -0.36 -14.41
CA PHE A 556 24.73 0.61 -15.37
C PHE A 556 25.91 1.15 -16.17
N HIS A 557 25.61 1.62 -17.38
CA HIS A 557 26.62 2.18 -18.28
C HIS A 557 27.71 1.16 -18.60
N ARG A 558 27.27 0.02 -19.13
CA ARG A 558 28.19 -1.08 -19.41
C ARG A 558 28.76 -1.04 -20.82
N GLY A 559 28.09 -0.40 -21.76
CA GLY A 559 28.72 -0.17 -23.04
C GLY A 559 29.82 0.87 -23.00
N THR A 560 30.04 1.48 -21.83
CA THR A 560 31.10 2.48 -21.69
C THR A 560 32.49 1.86 -21.83
N TYR A 561 32.62 0.55 -21.67
CA TYR A 561 33.91 -0.10 -21.85
C TYR A 561 34.30 -0.20 -23.33
N THR A 562 33.31 -0.29 -24.22
CA THR A 562 33.58 -0.58 -25.62
C THR A 562 33.42 0.63 -26.54
N THR A 563 32.65 1.64 -26.16
CA THR A 563 32.42 2.76 -27.05
C THR A 563 33.64 3.68 -27.09
N GLN A 564 33.77 4.39 -28.20
CA GLN A 564 34.93 5.22 -28.49
C GLN A 564 36.22 4.40 -28.37
N ALA A 565 36.31 3.39 -29.22
CA ALA A 565 37.38 2.41 -29.11
C ALA A 565 38.74 3.04 -29.35
N GLU A 566 38.83 3.94 -30.34
CA GLU A 566 40.13 4.51 -30.68
C GLU A 566 40.68 5.37 -29.55
N LEU A 567 39.81 6.05 -28.82
CA LEU A 567 40.28 6.84 -27.69
C LEU A 567 40.87 5.95 -26.59
N LYS A 568 40.25 4.78 -26.35
CA LYS A 568 40.79 3.87 -25.34
C LYS A 568 42.10 3.25 -25.80
N LYS A 569 42.18 2.86 -27.07
CA LYS A 569 43.44 2.38 -27.62
C LYS A 569 44.54 3.42 -27.44
N LEU A 570 44.23 4.68 -27.79
CA LEU A 570 45.22 5.74 -27.64
C LEU A 570 45.57 5.97 -26.18
N MET A 571 44.59 5.85 -25.28
CA MET A 571 44.89 6.06 -23.87
C MET A 571 45.82 5.00 -23.33
N ARG A 572 45.61 3.73 -23.70
CA ARG A 572 46.52 2.70 -23.21
C ARG A 572 47.89 2.84 -23.84
N LYS A 573 47.96 3.11 -25.14
CA LYS A 573 49.25 3.34 -25.77
C LYS A 573 49.98 4.49 -25.12
N VAL A 574 49.25 5.55 -24.76
CA VAL A 574 49.87 6.72 -24.16
C VAL A 574 50.35 6.41 -22.75
N GLU A 575 49.59 5.64 -21.99
CA GLU A 575 50.02 5.27 -20.65
C GLU A 575 51.30 4.45 -20.71
N ILE A 576 51.35 3.47 -21.61
CA ILE A 576 52.55 2.65 -21.73
C ILE A 576 53.73 3.47 -22.24
N ALA A 577 53.47 4.37 -23.18
CA ALA A 577 54.54 5.23 -23.70
C ALA A 577 55.05 6.17 -22.64
N LEU A 578 54.18 6.66 -21.75
CA LEU A 578 54.63 7.50 -20.66
C LEU A 578 55.47 6.72 -19.67
N HIS A 579 55.06 5.48 -19.37
CA HIS A 579 55.87 4.61 -18.54
C HIS A 579 57.28 4.48 -19.12
N ASP A 580 57.36 4.10 -20.40
CA ASP A 580 58.66 3.94 -21.05
C ASP A 580 59.43 5.25 -21.07
N ALA A 581 58.74 6.36 -21.31
CA ALA A 581 59.39 7.66 -21.42
C ALA A 581 60.09 8.02 -20.13
N GLU A 582 59.36 8.01 -19.01
CA GLU A 582 60.04 8.38 -17.78
C GLU A 582 60.97 7.29 -17.27
N TYR A 583 60.80 6.03 -17.70
CA TYR A 583 61.79 5.02 -17.36
C TYR A 583 63.15 5.35 -17.99
N VAL A 584 63.16 5.49 -19.32
CA VAL A 584 64.44 5.77 -19.98
C VAL A 584 64.94 7.17 -19.61
N SER A 585 64.04 8.09 -19.26
CA SER A 585 64.48 9.41 -18.83
C SER A 585 65.11 9.35 -17.46
N THR A 586 64.57 8.54 -16.56
CA THR A 586 65.21 8.32 -15.27
C THR A 586 66.59 7.72 -15.46
N LEU A 587 66.71 6.74 -16.35
CA LEU A 587 68.02 6.14 -16.59
C LEU A 587 69.00 7.16 -17.14
N ALA A 588 68.55 7.98 -18.10
CA ALA A 588 69.45 8.97 -18.69
C ALA A 588 69.86 10.03 -17.68
N SER A 589 68.93 10.47 -16.84
CA SER A 589 69.28 11.47 -15.83
C SER A 589 70.17 10.88 -14.76
N ILE A 590 70.03 9.59 -14.48
CA ILE A 590 70.90 8.94 -13.50
C ILE A 590 72.31 8.83 -14.04
N PHE A 591 72.47 8.30 -15.24
CA PHE A 591 73.78 7.93 -15.74
C PHE A 591 74.50 9.08 -16.46
N SER A 592 73.85 9.69 -17.44
CA SER A 592 74.48 10.78 -18.16
C SER A 592 74.77 11.96 -17.23
N LYS A 593 75.63 12.85 -17.69
CA LYS A 593 76.14 13.93 -16.86
C LYS A 593 75.49 15.28 -17.12
N ASP A 594 75.11 15.57 -18.35
CA ASP A 594 74.55 16.86 -18.71
C ASP A 594 73.11 16.74 -19.21
N TYR A 595 72.35 15.83 -18.61
CA TYR A 595 70.97 15.59 -19.00
C TYR A 595 70.07 15.81 -17.79
N SER A 596 69.19 16.80 -17.87
CA SER A 596 68.25 17.09 -16.80
C SER A 596 66.95 16.35 -17.05
N TYR A 597 66.43 15.71 -16.02
CA TYR A 597 65.20 14.95 -16.14
C TYR A 597 64.07 15.88 -16.57
N PRO A 598 63.34 15.56 -17.64
CA PRO A 598 62.33 16.48 -18.15
C PRO A 598 61.11 16.55 -17.25
N LYS A 599 61.21 17.33 -16.17
CA LYS A 599 60.09 17.43 -15.24
C LYS A 599 58.93 18.21 -15.85
N GLU A 600 59.22 19.31 -16.54
CA GLU A 600 58.14 20.14 -17.09
C GLU A 600 57.46 19.43 -18.26
N SER A 601 58.23 18.82 -19.15
CA SER A 601 57.64 18.15 -20.30
C SER A 601 56.79 16.96 -19.85
N LEU A 602 57.33 16.14 -18.96
CA LEU A 602 56.58 14.99 -18.49
C LEU A 602 55.37 15.41 -17.66
N GLN A 603 55.50 16.50 -16.90
CA GLN A 603 54.36 16.99 -16.14
C GLN A 603 53.24 17.44 -17.05
N ASP A 604 53.58 18.19 -18.10
CA ASP A 604 52.54 18.63 -19.04
C ASP A 604 51.95 17.46 -19.80
N LEU A 605 52.77 16.47 -20.13
CA LEU A 605 52.25 15.28 -20.81
C LEU A 605 51.29 14.52 -19.92
N TRP A 606 51.62 14.38 -18.64
CA TRP A 606 50.73 13.70 -17.71
C TRP A 606 49.46 14.50 -17.50
N ARG A 607 49.55 15.83 -17.47
CA ARG A 607 48.36 16.64 -17.32
C ARG A 607 47.42 16.47 -18.51
N ASP A 608 47.97 16.51 -19.72
CA ASP A 608 47.15 16.35 -20.91
C ASP A 608 46.65 14.93 -21.09
N THR A 609 47.32 13.94 -20.47
CA THR A 609 46.77 12.58 -20.48
C THR A 609 45.65 12.43 -19.48
N LEU A 610 45.83 12.95 -18.26
CA LEU A 610 44.81 12.80 -17.23
C LEU A 610 43.57 13.63 -17.54
N LEU A 611 43.74 14.73 -18.29
CA LEU A 611 42.57 15.50 -18.69
C LEU A 611 41.63 14.67 -19.55
N CYS A 612 42.18 13.85 -20.44
CA CYS A 612 41.38 12.99 -21.29
C CYS A 612 41.02 11.67 -20.63
N GLN A 613 41.12 11.60 -19.29
CA GLN A 613 40.62 10.47 -18.53
C GLN A 613 39.40 10.83 -17.72
N PHE A 614 38.75 11.93 -18.08
CA PHE A 614 37.55 12.38 -17.37
C PHE A 614 36.48 11.30 -17.42
N HIS A 615 35.59 11.32 -16.43
CA HIS A 615 34.60 10.25 -16.34
C HIS A 615 33.56 10.33 -17.40
N ASP A 616 33.72 11.19 -18.38
CA ASP A 616 32.86 11.23 -19.55
C ASP A 616 33.66 11.16 -20.84
N VAL A 617 34.85 11.78 -20.89
CA VAL A 617 35.65 11.76 -22.12
C VAL A 617 36.17 10.36 -22.39
N LEU A 618 36.84 9.76 -21.40
CA LEU A 618 37.44 8.45 -21.63
C LEU A 618 36.40 7.35 -21.84
N PRO A 619 35.37 7.20 -21.00
CA PRO A 619 34.40 6.13 -21.24
C PRO A 619 33.56 6.31 -22.49
N GLY A 620 33.80 7.34 -23.30
CA GLY A 620 33.11 7.47 -24.57
C GLY A 620 31.68 7.92 -24.44
N SER A 621 31.45 9.08 -23.83
CA SER A 621 30.10 9.55 -23.57
C SER A 621 29.98 11.04 -23.84
N CYS A 622 30.55 11.51 -24.95
CA CYS A 622 30.54 12.92 -25.28
C CYS A 622 30.10 13.11 -26.73
N ILE A 623 30.02 14.38 -27.13
CA ILE A 623 29.61 14.75 -28.48
C ILE A 623 30.79 14.64 -29.43
N GLU A 624 30.53 14.76 -30.74
CA GLU A 624 31.59 14.60 -31.73
C GLU A 624 32.70 15.62 -31.55
N MET A 625 32.36 16.84 -31.14
CA MET A 625 33.38 17.88 -31.01
C MET A 625 34.36 17.57 -29.88
N VAL A 626 33.86 16.99 -28.79
CA VAL A 626 34.74 16.64 -27.68
C VAL A 626 35.79 15.63 -28.13
N TYR A 627 35.41 14.72 -29.02
CA TYR A 627 36.38 13.72 -29.47
C TYR A 627 37.26 14.23 -30.59
N LYS A 628 36.73 15.11 -31.46
CA LYS A 628 37.60 15.82 -32.39
C LYS A 628 38.56 16.74 -31.67
N ASP A 629 38.36 17.01 -30.38
CA ASP A 629 39.33 17.71 -29.55
C ASP A 629 40.23 16.76 -28.76
N ALA A 630 39.71 15.62 -28.33
CA ALA A 630 40.44 14.70 -27.46
C ALA A 630 41.37 13.76 -28.22
N ILE A 631 40.95 13.24 -29.37
CA ILE A 631 41.84 12.41 -30.18
C ILE A 631 43.08 13.18 -30.63
N PRO A 632 43.00 14.43 -31.09
CA PRO A 632 44.24 15.13 -31.45
C PRO A 632 45.15 15.41 -30.27
N ILE A 633 44.60 15.84 -29.13
CA ILE A 633 45.48 16.10 -27.99
C ILE A 633 46.08 14.80 -27.48
N MET A 634 45.35 13.69 -27.56
CA MET A 634 45.91 12.42 -27.12
C MET A 634 47.00 11.93 -28.08
N SER A 635 46.79 12.08 -29.38
CA SER A 635 47.82 11.71 -30.34
C SER A 635 49.05 12.59 -30.19
N LYS A 636 48.84 13.88 -29.88
CA LYS A 636 49.97 14.77 -29.64
C LYS A 636 50.72 14.36 -28.39
N VAL A 637 50.02 13.94 -27.35
CA VAL A 637 50.68 13.43 -26.15
C VAL A 637 51.50 12.20 -26.47
N LEU A 638 50.95 11.29 -27.27
CA LEU A 638 51.69 10.10 -27.65
C LEU A 638 52.95 10.46 -28.42
N LYS A 639 52.84 11.38 -29.39
CA LYS A 639 53.99 11.75 -30.19
C LYS A 639 55.05 12.44 -29.35
N ASN A 640 54.64 13.32 -28.43
CA ASN A 640 55.62 14.00 -27.59
C ASN A 640 56.27 13.04 -26.61
N THR A 641 55.53 12.03 -26.13
CA THR A 641 56.15 11.03 -25.27
C THR A 641 57.18 10.22 -26.02
N GLU A 642 56.86 9.85 -27.28
CA GLU A 642 57.86 9.17 -28.10
C GLU A 642 59.09 10.04 -28.31
N ALA A 643 58.88 11.34 -28.56
CA ALA A 643 60.02 12.23 -28.77
C ALA A 643 60.87 12.36 -27.51
N LEU A 644 60.23 12.43 -26.35
CA LEU A 644 60.96 12.49 -25.08
C LEU A 644 61.76 11.22 -24.85
N LEU A 645 61.12 10.07 -25.07
CA LEU A 645 61.82 8.79 -24.99
C LEU A 645 63.03 8.78 -25.88
N TRP A 646 62.90 9.28 -27.11
CA TRP A 646 64.01 9.21 -28.05
C TRP A 646 65.14 10.16 -27.65
N GLN A 647 64.79 11.34 -27.13
CA GLN A 647 65.81 12.23 -26.61
C GLN A 647 66.60 11.58 -25.48
N ALA A 648 65.90 10.95 -24.54
CA ALA A 648 66.57 10.27 -23.45
C ALA A 648 67.42 9.11 -23.94
N ILE A 649 66.89 8.31 -24.87
CA ILE A 649 67.62 7.16 -25.38
C ILE A 649 68.89 7.61 -26.08
N GLU A 650 68.78 8.62 -26.94
CA GLU A 650 69.95 9.15 -27.63
C GLU A 650 70.96 9.71 -26.65
N GLN A 651 70.49 10.27 -25.53
CA GLN A 651 71.42 10.65 -24.48
C GLN A 651 72.07 9.43 -23.85
N LEU A 652 71.41 8.28 -23.87
CA LEU A 652 72.02 7.06 -23.33
C LEU A 652 73.04 6.45 -24.27
N GLY A 653 72.91 6.67 -25.58
CA GLY A 653 73.88 6.16 -26.52
C GLY A 653 73.30 5.27 -27.61
N PHE A 654 72.02 5.44 -27.92
CA PHE A 654 71.36 4.68 -28.97
C PHE A 654 70.65 5.64 -29.91
N LYS A 655 70.06 5.09 -30.97
CA LYS A 655 69.28 5.88 -31.90
C LYS A 655 68.25 4.99 -32.55
N LYS A 656 67.38 5.60 -33.36
CA LYS A 656 66.29 4.87 -33.98
C LYS A 656 66.83 3.88 -35.01
N ALA A 657 65.95 2.98 -35.47
CA ALA A 657 66.37 1.93 -36.37
C ALA A 657 66.71 2.48 -37.76
N SER A 658 65.94 3.47 -38.22
CA SER A 658 66.14 4.19 -39.48
C SER A 658 65.95 3.31 -40.71
N SER A 659 65.65 2.02 -40.55
CA SER A 659 65.42 1.07 -41.64
C SER A 659 66.59 0.97 -42.61
N SER A 660 67.75 1.53 -42.26
CA SER A 660 68.94 1.44 -43.10
C SER A 660 70.07 0.69 -42.45
N ASP A 661 70.10 0.58 -41.12
CA ASP A 661 71.11 -0.22 -40.45
C ASP A 661 70.92 -1.69 -40.78
N ASN A 662 72.04 -2.41 -40.81
CA ASN A 662 72.00 -3.84 -41.10
C ASN A 662 71.24 -4.57 -39.99
N LYS A 663 70.70 -5.74 -40.35
CA LYS A 663 69.96 -6.54 -39.37
C LYS A 663 70.83 -7.00 -38.23
N GLU A 664 72.15 -7.08 -38.41
CA GLU A 664 73.05 -7.45 -37.33
C GLU A 664 73.18 -6.34 -36.29
N GLN A 665 72.96 -5.09 -36.68
CA GLN A 665 73.12 -3.96 -35.76
C GLN A 665 71.79 -3.48 -35.20
N LEU A 666 70.73 -4.26 -35.34
CA LEU A 666 69.43 -3.91 -34.77
C LEU A 666 69.33 -4.44 -33.35
N CYS A 667 68.83 -3.61 -32.46
CA CYS A 667 68.55 -4.00 -31.08
C CYS A 667 67.09 -3.70 -30.77
N LEU A 668 66.66 -4.06 -29.57
CA LEU A 668 65.26 -3.88 -29.19
C LEU A 668 65.21 -3.40 -27.75
N LEU A 669 64.51 -2.30 -27.52
CA LEU A 669 64.35 -1.77 -26.17
C LEU A 669 63.20 -2.48 -25.47
N ASN A 670 63.47 -2.99 -24.27
CA ASN A 670 62.52 -3.83 -23.56
C ASN A 670 61.64 -3.04 -22.59
N THR A 671 62.25 -2.38 -21.61
CA THR A 671 61.59 -1.60 -20.57
C THR A 671 60.59 -2.41 -19.75
N LEU A 672 60.56 -3.72 -19.91
CA LEU A 672 59.78 -4.48 -18.95
C LEU A 672 60.68 -4.98 -17.83
N PRO A 673 60.22 -5.00 -16.59
CA PRO A 673 61.13 -5.33 -15.48
C PRO A 673 61.41 -6.81 -15.36
N TRP A 674 61.67 -7.48 -16.48
CA TRP A 674 62.09 -8.87 -16.48
C TRP A 674 62.60 -9.19 -17.88
N ASN A 675 63.20 -10.37 -18.00
CA ASN A 675 63.86 -10.77 -19.24
C ASN A 675 62.84 -11.40 -20.17
N VAL A 676 62.39 -10.63 -21.17
CA VAL A 676 61.58 -11.18 -22.24
C VAL A 676 62.49 -12.05 -23.10
N ARG A 677 62.29 -13.36 -23.06
CA ARG A 677 63.22 -14.27 -23.73
C ARG A 677 63.37 -14.00 -25.21
N GLY A 678 62.26 -13.79 -25.90
CA GLY A 678 62.37 -13.48 -27.32
C GLY A 678 61.21 -12.65 -27.80
N VAL A 679 61.47 -11.78 -28.78
CA VAL A 679 60.39 -11.00 -29.36
C VAL A 679 60.51 -11.08 -30.87
N ILE A 680 59.40 -11.38 -31.54
CA ILE A 680 59.34 -11.41 -33.00
C ILE A 680 58.67 -10.13 -33.47
N THR A 681 59.33 -9.40 -34.36
CA THR A 681 58.78 -8.11 -34.78
C THR A 681 59.12 -7.84 -36.23
N GLU A 682 58.31 -6.97 -36.85
CA GLU A 682 58.59 -6.49 -38.20
C GLU A 682 59.46 -5.25 -38.13
N THR A 683 60.33 -5.10 -39.14
CA THR A 683 61.30 -4.01 -39.12
C THR A 683 61.08 -2.99 -40.23
N GLU A 684 61.10 -3.41 -41.49
CA GLU A 684 60.89 -2.45 -42.58
C GLU A 684 60.00 -2.96 -43.71
N GLU A 685 59.86 -4.26 -43.92
CA GLU A 685 59.11 -4.79 -45.05
C GLU A 685 58.26 -5.97 -44.61
N ASN A 686 57.60 -5.84 -43.45
CA ASN A 686 56.96 -6.95 -42.75
C ASN A 686 57.93 -8.09 -42.50
N LYS A 687 59.23 -7.80 -42.48
CA LYS A 687 60.27 -8.80 -42.31
C LYS A 687 60.30 -9.21 -40.84
N LEU A 688 59.94 -10.46 -40.57
CA LEU A 688 59.93 -10.95 -39.19
C LEU A 688 61.36 -11.18 -38.74
N VAL A 689 61.75 -10.53 -37.65
CA VAL A 689 63.06 -10.69 -37.04
C VAL A 689 62.80 -11.07 -35.60
N TYR A 690 63.63 -11.99 -35.11
CA TYR A 690 63.54 -12.49 -33.73
C TYR A 690 64.68 -11.88 -32.92
N PHE A 691 64.33 -11.35 -31.76
CA PHE A 691 65.29 -10.68 -30.89
C PHE A 691 65.35 -11.44 -29.58
N GLU A 692 66.51 -12.03 -29.30
CA GLU A 692 66.73 -12.77 -28.06
C GLU A 692 67.77 -12.05 -27.21
N SER A 693 67.59 -12.16 -25.90
CA SER A 693 68.56 -11.62 -24.95
C SER A 693 68.76 -12.63 -23.84
N CYS A 694 69.92 -13.28 -23.84
CA CYS A 694 70.24 -14.28 -22.83
C CYS A 694 70.85 -13.67 -21.57
N ASP A 695 71.38 -12.46 -21.66
CA ASP A 695 72.13 -11.84 -20.57
C ASP A 695 71.38 -10.68 -19.92
N GLY A 696 71.00 -9.68 -20.70
CA GLY A 696 70.39 -8.48 -20.17
C GLY A 696 68.89 -8.43 -20.41
N LYS A 697 68.19 -7.80 -19.47
CA LYS A 697 66.75 -7.63 -19.60
C LYS A 697 66.37 -6.34 -20.30
N GLY A 698 67.32 -5.47 -20.60
CA GLY A 698 67.02 -4.19 -21.18
C GLY A 698 67.07 -4.15 -22.69
N ILE A 699 68.18 -4.59 -23.27
CA ILE A 699 68.40 -4.53 -24.71
C ILE A 699 68.43 -5.95 -25.24
N LEU A 700 67.54 -6.26 -26.19
CA LEU A 700 67.52 -7.56 -26.84
C LEU A 700 68.23 -7.42 -28.18
N THR A 701 69.25 -8.25 -28.39
CA THR A 701 69.93 -8.24 -29.68
C THR A 701 69.17 -9.12 -30.66
N ALA A 702 69.45 -8.92 -31.95
CA ALA A 702 68.86 -9.76 -32.96
C ALA A 702 69.45 -11.18 -32.88
N ALA A 703 68.71 -12.13 -33.44
CA ALA A 703 69.12 -13.53 -33.42
C ALA A 703 69.40 -14.00 -34.83
N HIS A 704 70.66 -14.35 -35.10
CA HIS A 704 71.02 -14.87 -36.41
C HIS A 704 70.66 -16.35 -36.52
N THR A 705 70.82 -17.10 -35.43
CA THR A 705 70.49 -18.52 -35.44
C THR A 705 68.97 -18.71 -35.55
N SER A 706 68.58 -19.88 -36.03
CA SER A 706 67.18 -20.19 -36.21
C SER A 706 66.52 -20.46 -34.85
N LEU A 707 65.25 -20.81 -34.90
CA LEU A 707 64.47 -21.07 -33.69
C LEU A 707 64.50 -22.55 -33.33
N LYS A 708 64.48 -22.83 -32.03
CA LYS A 708 64.43 -24.20 -31.58
C LYS A 708 63.06 -24.83 -31.84
N HIS A 709 62.00 -24.04 -31.76
CA HIS A 709 60.63 -24.53 -31.90
C HIS A 709 59.89 -23.61 -32.86
N PRO A 710 59.93 -23.89 -34.15
CA PRO A 710 59.30 -23.01 -35.13
C PRO A 710 57.84 -23.35 -35.37
N ALA A 711 57.11 -22.36 -35.87
CA ALA A 711 55.72 -22.54 -36.25
C ALA A 711 55.62 -23.07 -37.67
N ALA A 712 54.43 -23.54 -38.04
CA ALA A 712 54.23 -24.08 -39.38
C ALA A 712 52.75 -24.05 -39.71
N ALA A 713 52.38 -23.30 -40.74
CA ALA A 713 51.01 -23.26 -41.22
C ALA A 713 50.90 -24.13 -42.46
N TYR A 714 50.24 -25.26 -42.34
CA TYR A 714 49.98 -26.09 -43.50
C TYR A 714 48.48 -26.33 -43.61
N GLN A 715 48.09 -27.20 -44.53
CA GLN A 715 46.67 -27.44 -44.79
C GLN A 715 46.41 -28.94 -44.80
N LYS A 716 45.68 -29.41 -43.80
CA LYS A 716 45.09 -30.74 -43.86
C LYS A 716 43.83 -30.66 -44.70
N ASP A 717 43.12 -31.78 -44.82
CA ASP A 717 41.95 -31.83 -45.68
C ASP A 717 41.00 -30.70 -45.34
N ASP A 718 40.83 -29.78 -46.30
CA ASP A 718 40.02 -28.57 -46.19
C ASP A 718 40.07 -27.92 -44.82
N ASN A 719 41.24 -27.94 -44.18
CA ASN A 719 41.42 -27.32 -42.88
C ASN A 719 42.82 -26.76 -42.80
N PHE A 720 42.97 -25.65 -42.07
CA PHE A 720 44.25 -24.97 -41.99
C PHE A 720 44.84 -25.17 -40.60
N ILE A 721 46.01 -25.76 -40.54
CA ILE A 721 46.64 -26.13 -39.27
C ILE A 721 47.80 -25.18 -39.03
N LEU A 722 47.67 -24.35 -38.00
CA LEU A 722 48.82 -23.61 -37.46
C LEU A 722 49.41 -24.49 -36.37
N VAL A 723 50.39 -25.25 -36.71
CA VAL A 723 51.02 -26.13 -35.73
C VAL A 723 52.23 -25.42 -35.16
N ASN A 724 52.57 -25.80 -33.94
CA ASN A 724 53.65 -25.19 -33.18
C ASN A 724 54.23 -26.32 -32.35
N ASP A 725 55.21 -25.98 -31.51
CA ASP A 725 55.68 -26.96 -30.54
C ASP A 725 54.68 -27.15 -29.41
N HIS A 726 54.03 -26.07 -28.99
CA HIS A 726 53.12 -26.09 -27.85
C HIS A 726 51.69 -26.32 -28.29
N LEU A 727 51.19 -25.53 -29.25
CA LEU A 727 49.80 -25.56 -29.64
C LEU A 727 49.64 -26.09 -31.06
N ARG A 728 48.41 -26.50 -31.37
CA ARG A 728 48.01 -26.83 -32.72
C ARG A 728 46.62 -26.26 -32.95
N VAL A 729 46.51 -25.32 -33.87
CA VAL A 729 45.26 -24.62 -34.14
C VAL A 729 44.69 -25.15 -35.45
N THR A 730 43.64 -25.96 -35.36
CA THR A 730 42.92 -26.45 -36.52
C THR A 730 41.79 -25.49 -36.83
N ILE A 731 41.83 -24.89 -38.01
CA ILE A 731 40.91 -23.82 -38.41
C ILE A 731 40.06 -24.33 -39.55
N ALA A 732 38.74 -24.17 -39.40
CA ALA A 732 37.80 -24.57 -40.43
C ALA A 732 38.01 -23.73 -41.69
N PRO A 733 37.46 -24.17 -42.83
CA PRO A 733 37.54 -23.35 -44.04
C PRO A 733 36.73 -22.07 -43.97
N ASN A 734 35.97 -21.84 -42.90
CA ASN A 734 35.13 -20.66 -42.79
C ASN A 734 35.60 -19.71 -41.69
N GLY A 735 36.73 -19.99 -41.04
CA GLY A 735 37.37 -19.07 -40.11
C GLY A 735 37.31 -19.49 -38.66
N LEU A 736 36.26 -20.21 -38.27
CA LEU A 736 36.12 -20.62 -36.89
C LEU A 736 37.15 -21.69 -36.54
N ILE A 737 37.88 -21.46 -35.44
CA ILE A 737 38.90 -22.41 -35.00
C ILE A 737 38.20 -23.69 -34.57
N LEU A 738 38.35 -24.76 -35.35
CA LEU A 738 37.71 -26.02 -35.00
C LEU A 738 38.36 -26.67 -33.80
N SER A 739 39.63 -26.43 -33.58
CA SER A 739 40.32 -27.11 -32.48
C SER A 739 41.52 -26.28 -32.05
N LEU A 740 41.76 -26.26 -30.74
CA LEU A 740 42.92 -25.60 -30.15
C LEU A 740 43.56 -26.63 -29.23
N PHE A 741 44.44 -27.46 -29.78
CA PHE A 741 45.02 -28.59 -29.08
C PHE A 741 46.32 -28.18 -28.40
N ASP A 742 46.52 -28.67 -27.18
CA ASP A 742 47.79 -28.48 -26.48
C ASP A 742 48.65 -29.72 -26.66
N LEU A 743 49.86 -29.54 -27.15
CA LEU A 743 50.70 -30.67 -27.51
C LEU A 743 51.48 -31.24 -26.33
N HIS A 744 51.78 -30.43 -25.32
CA HIS A 744 52.47 -30.96 -24.14
C HIS A 744 51.51 -31.74 -23.26
N LYS A 745 50.50 -31.06 -22.72
CA LYS A 745 49.39 -31.72 -22.04
C LYS A 745 48.37 -32.09 -23.11
N GLU A 746 48.30 -33.37 -23.44
CA GLU A 746 47.52 -33.79 -24.60
C GLU A 746 46.03 -33.65 -24.32
N ARG A 747 45.49 -32.46 -24.59
CA ARG A 747 44.09 -32.19 -24.28
C ARG A 747 43.57 -31.08 -25.18
N GLU A 748 42.28 -31.19 -25.51
CA GLU A 748 41.60 -30.15 -26.27
C GLU A 748 41.13 -29.05 -25.32
N ILE A 749 41.14 -27.81 -25.82
CA ILE A 749 40.82 -26.66 -25.00
C ILE A 749 39.63 -25.89 -25.56
N LEU A 750 38.69 -26.57 -26.19
CA LEU A 750 37.57 -25.88 -26.82
C LEU A 750 36.22 -26.26 -26.25
N ASP A 751 35.88 -27.55 -26.18
CA ASP A 751 34.55 -28.01 -25.78
C ASP A 751 33.47 -27.40 -26.68
N LEU A 752 33.52 -27.80 -27.95
CA LEU A 752 32.50 -27.39 -28.89
C LEU A 752 31.22 -28.20 -28.79
N LYS A 753 31.25 -29.36 -28.12
CA LYS A 753 30.08 -30.22 -28.05
C LYS A 753 29.01 -29.64 -27.13
N SER A 754 29.36 -29.43 -25.86
CA SER A 754 28.41 -28.89 -24.92
C SER A 754 28.23 -27.38 -25.15
N GLY A 755 27.40 -26.77 -24.31
CA GLY A 755 27.13 -25.35 -24.43
C GLY A 755 26.37 -25.01 -25.71
N LYS A 756 26.04 -23.72 -25.82
CA LYS A 756 25.30 -23.26 -26.99
C LYS A 756 26.22 -23.11 -28.20
N ASN A 757 27.43 -22.60 -28.00
CA ASN A 757 28.38 -22.43 -29.09
C ASN A 757 28.82 -23.80 -29.59
N HIS A 758 28.36 -24.18 -30.79
CA HIS A 758 28.60 -25.52 -31.32
C HIS A 758 29.53 -25.51 -32.53
N ALA A 759 29.96 -24.36 -33.01
CA ALA A 759 30.77 -24.26 -34.22
C ALA A 759 32.00 -23.39 -33.95
N GLY A 760 33.05 -24.01 -33.44
CA GLY A 760 34.36 -23.37 -33.39
C GLY A 760 34.51 -22.22 -32.41
N ALA A 761 35.74 -21.96 -32.00
CA ALA A 761 36.07 -20.80 -31.21
C ALA A 761 36.40 -19.63 -32.11
N ASN A 762 36.80 -18.50 -31.51
CA ASN A 762 37.06 -17.27 -32.24
C ASN A 762 35.90 -16.93 -33.17
N GLN A 763 34.69 -17.08 -32.64
CA GLN A 763 33.49 -16.86 -33.43
C GLN A 763 33.06 -15.41 -33.30
N TYR A 764 32.91 -14.74 -34.43
CA TYR A 764 32.50 -13.34 -34.43
C TYR A 764 30.98 -13.26 -34.48
N VAL A 765 30.40 -12.50 -33.56
CA VAL A 765 28.95 -12.37 -33.44
C VAL A 765 28.58 -10.89 -33.46
N LEU A 766 27.50 -10.58 -34.16
CA LEU A 766 26.94 -9.23 -34.22
C LEU A 766 25.65 -9.22 -33.41
N PHE A 767 25.66 -8.54 -32.27
CA PHE A 767 24.49 -8.42 -31.42
C PHE A 767 23.79 -7.10 -31.73
N GLU A 768 22.47 -7.15 -31.88
CA GLU A 768 21.71 -5.92 -32.01
C GLU A 768 21.78 -5.18 -30.68
N ASP A 769 22.45 -4.04 -30.67
CA ASP A 769 22.73 -3.36 -29.41
C ASP A 769 21.48 -2.74 -28.81
N THR A 770 20.92 -1.74 -29.50
CA THR A 770 19.67 -1.06 -29.16
C THR A 770 19.43 -0.94 -27.66
N PRO A 771 20.26 -0.19 -26.93
CA PRO A 771 20.04 -0.07 -25.49
C PRO A 771 18.75 0.66 -25.19
N LEU A 772 18.43 0.72 -23.90
CA LEU A 772 17.13 1.23 -23.49
C LEU A 772 17.06 2.75 -23.60
N SER A 773 17.89 3.46 -22.82
CA SER A 773 17.76 4.90 -22.70
C SER A 773 18.96 5.65 -23.26
N TRP A 774 20.16 5.39 -22.74
CA TRP A 774 21.36 6.14 -23.13
C TRP A 774 22.16 5.27 -24.09
N GLN A 775 22.30 5.74 -25.33
CA GLN A 775 22.78 4.86 -26.39
C GLN A 775 24.28 4.61 -26.30
N ALA A 776 25.08 5.66 -26.12
CA ALA A 776 26.52 5.45 -26.04
C ALA A 776 26.99 4.99 -24.67
N TRP A 777 26.15 5.12 -23.65
CA TRP A 777 26.50 4.63 -22.32
C TRP A 777 26.16 3.16 -22.16
N ASP A 778 24.88 2.82 -22.32
CA ASP A 778 24.37 1.55 -21.86
C ASP A 778 24.44 0.48 -22.93
N THR A 779 24.74 -0.74 -22.50
CA THR A 779 24.39 -1.94 -23.22
C THR A 779 23.60 -2.82 -22.26
N GLU A 780 22.54 -3.44 -22.76
CA GLU A 780 21.58 -4.10 -21.89
C GLU A 780 21.67 -5.61 -22.02
N VAL A 781 21.24 -6.28 -20.95
CA VAL A 781 21.36 -7.73 -20.89
C VAL A 781 20.50 -8.41 -21.93
N PHE A 782 19.48 -7.73 -22.46
CA PHE A 782 18.64 -8.35 -23.47
C PHE A 782 19.21 -8.23 -24.87
N SER A 783 20.42 -7.68 -25.03
CA SER A 783 21.00 -7.53 -26.35
C SER A 783 21.57 -8.83 -26.90
N LEU A 784 21.72 -9.86 -26.07
CA LEU A 784 22.31 -11.11 -26.52
C LEU A 784 21.31 -12.04 -27.20
N GLU A 785 20.00 -11.75 -27.10
CA GLU A 785 19.02 -12.67 -27.67
C GLU A 785 18.90 -12.49 -29.18
N LYS A 786 19.11 -11.27 -29.67
CA LYS A 786 19.15 -10.98 -31.09
C LYS A 786 20.62 -10.92 -31.51
N TYR A 787 21.02 -11.82 -32.41
CA TYR A 787 22.41 -11.87 -32.84
C TYR A 787 22.50 -12.52 -34.21
N GLU A 788 23.65 -12.33 -34.84
CA GLU A 788 23.95 -12.94 -36.12
C GLU A 788 25.40 -13.42 -36.09
N VAL A 789 25.60 -14.70 -36.35
CA VAL A 789 26.95 -15.26 -36.40
C VAL A 789 27.52 -15.07 -37.80
N LEU A 790 28.76 -14.62 -37.87
CA LEU A 790 29.43 -14.38 -39.14
C LEU A 790 30.19 -15.64 -39.51
N ASP A 791 29.58 -16.49 -40.35
CA ASP A 791 30.20 -17.74 -40.76
C ASP A 791 30.43 -17.81 -42.26
N LYS A 792 30.45 -16.67 -42.94
CA LYS A 792 30.66 -16.61 -44.39
C LYS A 792 32.07 -16.20 -44.75
N GLY A 793 33.04 -16.48 -43.88
CA GLY A 793 34.41 -16.13 -44.15
C GLY A 793 35.06 -17.09 -45.13
N LYS A 794 36.30 -16.78 -45.48
CA LYS A 794 37.12 -17.66 -46.30
C LYS A 794 38.56 -17.53 -45.82
N VAL A 795 39.19 -18.66 -45.54
CA VAL A 795 40.51 -18.69 -44.93
C VAL A 795 41.57 -18.84 -46.02
N SER A 796 42.69 -18.18 -45.83
CA SER A 796 43.84 -18.27 -46.72
C SER A 796 45.10 -18.26 -45.88
N ILE A 797 46.10 -19.04 -46.28
CA ILE A 797 47.36 -19.10 -45.55
C ILE A 797 48.16 -17.86 -45.89
N LYS A 798 48.29 -16.95 -44.92
CA LYS A 798 49.04 -15.73 -45.16
C LYS A 798 50.54 -16.00 -45.15
N GLU A 799 51.05 -16.59 -44.08
CA GLU A 799 52.47 -16.89 -43.98
C GLU A 799 52.65 -18.23 -43.28
N SER A 800 53.69 -18.96 -43.69
CA SER A 800 54.00 -20.24 -43.08
C SER A 800 55.43 -20.29 -42.56
N GLY A 801 56.10 -19.16 -42.45
CA GLY A 801 57.49 -19.10 -42.08
C GLY A 801 57.75 -19.68 -40.71
N PRO A 802 59.02 -19.89 -40.39
CA PRO A 802 59.34 -20.51 -39.09
C PRO A 802 59.06 -19.59 -37.91
N LEU A 803 59.10 -18.28 -38.10
CA LEU A 803 58.92 -17.36 -36.98
C LEU A 803 57.45 -17.20 -36.61
N ARG A 804 56.57 -17.06 -37.59
CA ARG A 804 55.16 -16.80 -37.30
C ARG A 804 54.31 -17.38 -38.41
N ALA A 805 53.63 -18.48 -38.12
CA ALA A 805 52.62 -18.99 -39.02
C ALA A 805 51.34 -18.19 -38.84
N SER A 806 50.56 -18.07 -39.91
CA SER A 806 49.37 -17.23 -39.82
C SER A 806 48.49 -17.43 -41.04
N VAL A 807 47.20 -17.54 -40.79
CA VAL A 807 46.18 -17.53 -41.82
C VAL A 807 45.42 -16.22 -41.74
N VAL A 808 44.68 -15.92 -42.80
CA VAL A 808 43.90 -14.70 -42.93
C VAL A 808 42.48 -15.08 -43.35
N VAL A 809 41.49 -14.53 -42.65
CA VAL A 809 40.09 -14.80 -42.91
C VAL A 809 39.43 -13.49 -43.29
N ASP A 810 38.77 -13.46 -44.44
CA ASP A 810 38.02 -12.29 -44.89
C ASP A 810 36.55 -12.54 -44.57
N ILE A 811 36.07 -11.91 -43.51
CA ILE A 811 34.73 -12.15 -42.98
C ILE A 811 33.85 -10.97 -43.38
N PRO A 812 32.80 -11.20 -44.17
CA PRO A 812 31.86 -10.13 -44.49
C PRO A 812 30.89 -9.90 -43.34
N ILE A 813 31.09 -8.80 -42.63
CA ILE A 813 30.18 -8.46 -41.53
C ILE A 813 28.78 -8.22 -42.08
N SER A 814 28.65 -7.27 -42.98
CA SER A 814 27.41 -6.97 -43.68
C SER A 814 27.75 -6.12 -44.89
N GLU A 815 26.75 -5.52 -45.49
CA GLU A 815 27.03 -4.45 -46.44
C GLU A 815 27.61 -3.26 -45.69
N LEU A 816 28.58 -2.59 -46.33
CA LEU A 816 29.25 -1.40 -45.81
C LEU A 816 30.23 -1.72 -44.68
N SER A 817 30.26 -2.96 -44.22
CA SER A 817 31.15 -3.35 -43.12
C SER A 817 31.86 -4.64 -43.50
N HIS A 818 33.13 -4.74 -43.11
CA HIS A 818 33.95 -5.87 -43.49
C HIS A 818 34.98 -6.11 -42.41
N MET A 819 35.57 -7.30 -42.39
CA MET A 819 36.68 -7.49 -41.47
C MET A 819 37.62 -8.55 -42.00
N LYS A 820 38.86 -8.47 -41.51
CA LYS A 820 39.93 -9.37 -41.92
C LYS A 820 40.66 -9.81 -40.65
N ALA A 821 40.46 -11.05 -40.26
CA ALA A 821 41.04 -11.58 -39.04
C ALA A 821 42.28 -12.40 -39.38
N THR A 822 43.42 -11.98 -38.87
CA THR A 822 44.68 -12.70 -39.00
C THR A 822 44.88 -13.55 -37.75
N ILE A 823 44.94 -14.86 -37.94
CA ILE A 823 45.15 -15.80 -36.85
C ILE A 823 46.59 -16.31 -36.96
N SER A 824 47.40 -16.05 -35.93
CA SER A 824 48.82 -16.30 -36.02
C SER A 824 49.32 -17.07 -34.80
N LEU A 825 50.37 -17.84 -35.02
CA LEU A 825 51.05 -18.61 -34.00
C LEU A 825 52.55 -18.42 -34.19
N GLU A 826 53.23 -17.93 -33.18
CA GLU A 826 54.65 -17.62 -33.32
C GLU A 826 55.51 -18.80 -32.87
N GLY A 827 56.72 -18.84 -33.40
CA GLY A 827 57.72 -19.76 -32.89
C GLY A 827 58.48 -19.16 -31.72
N TYR A 828 59.30 -19.98 -31.08
CA TYR A 828 59.91 -19.55 -29.85
C TYR A 828 61.05 -20.49 -29.48
N ASN A 829 61.92 -20.01 -28.59
CA ASN A 829 62.97 -20.82 -27.97
C ASN A 829 62.54 -21.36 -26.62
N ASP A 830 62.10 -20.49 -25.73
CA ASP A 830 61.64 -20.86 -24.40
C ASP A 830 60.13 -20.73 -24.30
N CYS A 831 59.51 -21.62 -23.51
CA CYS A 831 58.08 -21.56 -23.32
C CYS A 831 57.62 -20.23 -22.75
N SER A 832 58.52 -19.54 -22.05
CA SER A 832 58.24 -18.23 -21.46
C SER A 832 57.91 -17.21 -22.55
N GLU A 833 58.60 -17.31 -23.67
CA GLU A 833 58.41 -16.36 -24.76
C GLU A 833 57.00 -16.41 -25.34
N PHE A 834 56.43 -17.61 -25.42
CA PHE A 834 55.12 -17.78 -26.02
C PHE A 834 54.03 -16.89 -25.40
N THR A 835 53.19 -16.34 -26.28
CA THR A 835 52.08 -15.48 -25.96
C THR A 835 50.73 -16.02 -26.39
N GLY A 836 50.68 -17.20 -27.00
CA GLY A 836 49.44 -17.82 -27.39
C GLY A 836 49.10 -17.55 -28.84
N VAL A 837 47.85 -17.89 -29.19
CA VAL A 837 47.34 -17.67 -30.53
C VAL A 837 46.93 -16.21 -30.64
N ASN A 838 47.63 -15.46 -31.48
CA ASN A 838 47.29 -14.06 -31.67
C ASN A 838 46.22 -13.91 -32.75
N PHE A 839 45.36 -12.92 -32.58
CA PHE A 839 44.35 -12.58 -33.55
C PHE A 839 44.39 -11.07 -33.77
N THR A 840 44.29 -10.65 -35.02
CA THR A 840 44.32 -9.25 -35.39
C THR A 840 43.19 -8.98 -36.37
N CYS A 841 42.20 -8.21 -35.95
CA CYS A 841 41.05 -7.89 -36.78
C CYS A 841 41.24 -6.51 -37.39
N GLU A 842 41.26 -6.46 -38.72
CA GLU A 842 41.14 -5.21 -39.47
C GLU A 842 39.66 -5.06 -39.79
N VAL A 843 38.98 -4.18 -39.07
CA VAL A 843 37.53 -4.03 -39.20
C VAL A 843 37.23 -2.71 -39.88
N ASP A 844 36.62 -2.78 -41.06
CA ASP A 844 35.96 -1.63 -41.66
C ASP A 844 34.57 -1.59 -41.06
N TRP A 845 34.39 -0.74 -40.05
CA TRP A 845 33.21 -0.73 -39.19
C TRP A 845 32.29 0.39 -39.63
N HIS A 846 31.10 0.03 -40.11
CA HIS A 846 30.10 1.01 -40.49
C HIS A 846 28.69 0.60 -40.07
N GLU A 847 28.53 -0.46 -39.28
CA GLU A 847 27.21 -0.90 -38.86
C GLU A 847 26.59 0.14 -37.93
N SER A 848 25.27 0.05 -37.79
CA SER A 848 24.50 0.97 -36.97
C SER A 848 23.81 0.20 -35.86
N CYS A 849 24.12 0.56 -34.62
CA CYS A 849 23.57 -0.09 -33.43
C CYS A 849 23.84 -1.60 -33.48
N LYS A 850 25.11 -1.95 -33.66
CA LYS A 850 25.55 -3.34 -33.61
C LYS A 850 26.72 -3.45 -32.65
N PHE A 851 26.89 -4.64 -32.10
CA PHE A 851 27.92 -4.94 -31.12
C PHE A 851 28.67 -6.15 -31.64
N LEU A 852 29.86 -5.94 -32.18
CA LEU A 852 30.70 -7.02 -32.65
C LEU A 852 31.51 -7.55 -31.47
N LYS A 853 31.31 -8.82 -31.17
CA LYS A 853 32.03 -9.52 -30.11
C LYS A 853 32.63 -10.79 -30.68
N VAL A 854 33.56 -11.37 -29.93
CA VAL A 854 34.22 -12.61 -30.33
C VAL A 854 34.17 -13.59 -29.17
N GLU A 855 33.78 -14.83 -29.46
CA GLU A 855 33.55 -15.83 -28.43
C GLU A 855 34.51 -17.00 -28.58
N PHE A 856 34.95 -17.54 -27.46
CA PHE A 856 35.75 -18.77 -27.41
C PHE A 856 35.20 -19.67 -26.31
N PRO A 857 34.60 -20.81 -26.65
CA PRO A 857 34.38 -21.84 -25.63
C PRO A 857 35.70 -22.51 -25.28
N VAL A 858 35.94 -22.72 -23.99
CA VAL A 858 37.30 -22.98 -23.52
C VAL A 858 37.45 -24.27 -22.72
N ASP A 859 36.39 -25.06 -22.56
CA ASP A 859 36.49 -26.35 -21.87
C ASP A 859 37.05 -26.21 -20.46
N ILE A 860 36.87 -25.04 -19.85
CA ILE A 860 37.25 -24.81 -18.47
C ILE A 860 35.98 -24.69 -17.65
N HIS A 861 35.89 -25.45 -16.57
CA HIS A 861 34.72 -25.41 -15.70
C HIS A 861 35.15 -24.94 -14.33
N SER A 862 35.14 -23.63 -14.14
CA SER A 862 35.36 -23.00 -12.85
C SER A 862 34.14 -22.16 -12.52
N GLU A 863 34.05 -21.77 -11.25
CA GLU A 863 32.93 -20.97 -10.79
C GLU A 863 33.20 -19.48 -10.85
N PHE A 864 34.42 -19.07 -11.19
CA PHE A 864 34.76 -17.66 -11.25
C PHE A 864 35.84 -17.45 -12.31
N ALA A 865 35.96 -16.21 -12.75
CA ALA A 865 36.97 -15.81 -13.71
C ALA A 865 37.76 -14.64 -13.16
N SER A 866 39.08 -14.69 -13.32
CA SER A 866 39.98 -13.67 -12.80
C SER A 866 40.28 -12.68 -13.92
N TYR A 867 39.78 -11.48 -13.79
CA TYR A 867 40.13 -10.37 -14.68
C TYR A 867 41.19 -9.52 -14.00
N GLU A 868 41.95 -8.79 -14.81
CA GLU A 868 42.98 -7.92 -14.26
C GLU A 868 42.45 -6.50 -14.16
N THR A 869 42.64 -5.90 -12.99
CA THR A 869 42.29 -4.51 -12.76
C THR A 869 43.52 -3.79 -12.24
N GLN A 870 43.36 -2.49 -11.98
CA GLN A 870 44.47 -1.66 -11.55
C GLN A 870 45.17 -2.29 -10.36
N PHE A 871 46.41 -2.73 -10.57
CA PHE A 871 47.25 -3.26 -9.51
C PHE A 871 46.68 -4.52 -8.87
N GLY A 872 45.97 -5.35 -9.61
CA GLY A 872 45.53 -6.60 -9.01
C GLY A 872 44.59 -7.39 -9.88
N ILE A 873 43.93 -8.35 -9.24
CA ILE A 873 43.09 -9.34 -9.90
C ILE A 873 41.74 -9.37 -9.21
N THR A 874 40.67 -9.21 -9.99
CA THR A 874 39.31 -9.24 -9.48
C THR A 874 38.62 -10.50 -10.01
N LYS A 875 38.01 -11.25 -9.11
CA LYS A 875 37.39 -12.53 -9.45
C LYS A 875 35.89 -12.34 -9.54
N ARG A 876 35.36 -12.39 -10.74
CA ARG A 876 33.93 -12.25 -10.95
C ARG A 876 33.28 -13.62 -11.06
N PRO A 877 31.98 -13.72 -10.79
CA PRO A 877 31.29 -15.01 -10.97
C PRO A 877 31.13 -15.34 -12.44
N THR A 878 30.66 -16.56 -12.69
CA THR A 878 30.39 -17.01 -14.05
C THR A 878 29.10 -17.81 -14.12
N HIS A 879 28.12 -17.51 -13.26
CA HIS A 879 27.02 -18.44 -13.10
C HIS A 879 25.63 -17.82 -13.05
N TYR A 880 25.48 -16.50 -12.99
CA TYR A 880 24.16 -15.85 -13.03
C TYR A 880 23.26 -16.34 -11.89
N ASN A 881 23.84 -16.66 -10.74
CA ASN A 881 23.05 -17.24 -9.65
C ASN A 881 22.07 -16.23 -9.08
N THR A 882 22.59 -15.14 -8.53
CA THR A 882 21.79 -14.12 -7.88
C THR A 882 21.71 -12.88 -8.77
N SER A 883 20.91 -11.91 -8.33
CA SER A 883 20.80 -10.66 -9.08
C SER A 883 22.10 -9.90 -9.12
N TRP A 884 22.99 -10.12 -8.15
CA TRP A 884 24.30 -9.47 -8.17
C TRP A 884 25.20 -10.07 -9.24
N ASP A 885 24.85 -11.24 -9.77
CA ASP A 885 25.61 -11.85 -10.85
C ASP A 885 24.99 -11.63 -12.22
N VAL A 886 23.66 -11.47 -12.28
CA VAL A 886 23.03 -11.09 -13.54
C VAL A 886 23.43 -9.68 -13.96
N ALA A 887 23.81 -8.84 -12.99
CA ALA A 887 24.27 -7.50 -13.33
C ALA A 887 25.66 -7.52 -13.93
N LYS A 888 26.46 -8.53 -13.62
CA LYS A 888 27.82 -8.63 -14.14
C LYS A 888 27.88 -9.46 -15.41
N PHE A 889 27.03 -9.14 -16.39
CA PHE A 889 27.08 -9.84 -17.66
C PHE A 889 28.14 -9.28 -18.61
N GLU A 890 28.81 -8.20 -18.21
CA GLU A 890 29.94 -7.67 -18.95
C GLU A 890 30.76 -6.82 -18.00
N VAL A 891 32.04 -7.15 -17.87
CA VAL A 891 32.87 -6.57 -16.82
C VAL A 891 34.07 -5.88 -17.47
N CYS A 892 34.75 -5.06 -16.66
CA CYS A 892 35.92 -4.32 -17.09
C CYS A 892 37.18 -5.06 -16.70
N HIS A 893 38.15 -5.09 -17.60
CA HIS A 893 39.43 -5.75 -17.33
C HIS A 893 40.52 -5.00 -18.07
N GLN A 894 41.69 -4.91 -17.44
CA GLN A 894 42.75 -4.06 -18.01
C GLN A 894 43.42 -4.74 -19.19
N LYS A 895 44.12 -5.84 -18.96
CA LYS A 895 44.96 -6.43 -19.99
C LYS A 895 44.62 -7.87 -20.30
N PHE A 896 44.16 -8.66 -19.33
CA PHE A 896 43.87 -10.05 -19.60
C PHE A 896 42.69 -10.50 -18.78
N ALA A 897 41.89 -11.38 -19.36
CA ALA A 897 40.79 -12.05 -18.67
C ALA A 897 41.12 -13.53 -18.58
N ASP A 898 41.30 -14.02 -17.36
CA ASP A 898 41.69 -15.41 -17.14
C ASP A 898 40.47 -16.25 -16.79
N TYR A 899 40.55 -17.53 -17.13
CA TYR A 899 39.50 -18.49 -16.79
C TYR A 899 40.19 -19.83 -16.62
N SER A 900 40.39 -20.26 -15.37
CA SER A 900 41.20 -21.43 -15.11
C SER A 900 40.54 -22.30 -14.05
N ASP A 901 40.53 -23.60 -14.28
CA ASP A 901 40.18 -24.57 -13.25
C ASP A 901 41.45 -24.97 -12.52
N PHE A 902 41.38 -26.04 -11.74
CA PHE A 902 42.52 -26.41 -10.90
C PHE A 902 43.72 -26.85 -11.73
N THR A 903 43.51 -27.42 -12.90
CA THR A 903 44.60 -28.02 -13.67
C THR A 903 45.09 -27.24 -14.88
N TYR A 904 44.14 -26.65 -15.62
CA TYR A 904 44.40 -25.91 -16.86
C TYR A 904 43.63 -24.58 -16.91
N GLY A 905 44.03 -23.67 -17.81
CA GLY A 905 43.39 -22.38 -17.87
C GLY A 905 43.59 -21.69 -19.20
N VAL A 906 42.70 -20.76 -19.54
CA VAL A 906 42.81 -19.98 -20.76
C VAL A 906 42.73 -18.51 -20.38
N SER A 907 43.68 -17.72 -20.86
CA SER A 907 43.63 -16.28 -20.70
C SER A 907 43.37 -15.65 -22.06
N VAL A 908 42.77 -14.47 -22.04
CA VAL A 908 42.57 -13.67 -23.24
C VAL A 908 43.19 -12.32 -22.96
N LEU A 909 44.30 -12.03 -23.63
CA LEU A 909 45.01 -10.77 -23.48
C LEU A 909 44.65 -9.84 -24.63
N ASN A 910 44.82 -8.55 -24.39
CA ASN A 910 44.49 -7.54 -25.38
C ASN A 910 45.28 -6.28 -25.07
N ASP A 911 45.18 -5.30 -25.97
CA ASP A 911 45.84 -4.02 -25.76
C ASP A 911 44.97 -2.81 -26.08
N CYS A 912 43.73 -3.00 -26.52
CA CYS A 912 42.82 -1.90 -26.72
C CYS A 912 41.44 -2.11 -26.13
N LYS A 913 41.02 -3.34 -25.91
CA LYS A 913 39.67 -3.62 -25.44
C LYS A 913 39.64 -3.70 -23.92
N TYR A 914 38.48 -3.37 -23.36
CA TYR A 914 38.32 -3.29 -21.92
C TYR A 914 37.12 -4.05 -21.37
N GLY A 915 36.23 -4.55 -22.23
CA GLY A 915 35.03 -5.25 -21.78
C GLY A 915 35.12 -6.73 -22.11
N PHE A 916 34.89 -7.55 -21.09
CA PHE A 916 34.93 -9.00 -21.23
C PHE A 916 33.71 -9.60 -20.56
N SER A 917 33.40 -10.84 -20.93
CA SER A 917 32.29 -11.55 -20.28
C SER A 917 32.61 -13.04 -20.30
N THR A 918 32.91 -13.60 -19.13
CA THR A 918 33.08 -15.04 -18.97
C THR A 918 31.86 -15.58 -18.24
N HIS A 919 31.16 -16.53 -18.84
CA HIS A 919 29.96 -17.08 -18.24
C HIS A 919 29.78 -18.51 -18.71
N GLY A 920 30.21 -19.47 -17.90
CA GLY A 920 29.93 -20.85 -18.21
C GLY A 920 30.62 -21.31 -19.48
N ASN A 921 31.94 -21.49 -19.41
CA ASN A 921 32.77 -22.08 -20.46
C ASN A 921 32.88 -21.24 -21.72
N LEU A 922 32.21 -20.09 -21.78
CA LEU A 922 32.18 -19.25 -22.96
C LEU A 922 32.76 -17.89 -22.62
N MET A 923 33.97 -17.62 -23.09
CA MET A 923 34.59 -16.30 -22.93
C MET A 923 34.25 -15.45 -24.14
N ARG A 924 33.83 -14.22 -23.91
CA ARG A 924 33.34 -13.35 -24.97
C ARG A 924 33.95 -11.97 -24.79
N LEU A 925 34.78 -11.57 -25.75
CA LEU A 925 35.45 -10.27 -25.72
C LEU A 925 34.67 -9.29 -26.58
N SER A 926 34.30 -8.16 -25.99
CA SER A 926 33.51 -7.15 -26.68
C SER A 926 34.44 -6.28 -27.52
N LEU A 927 34.32 -6.38 -28.85
CA LEU A 927 35.22 -5.67 -29.74
C LEU A 927 34.73 -4.26 -30.05
N LEU A 928 33.56 -4.14 -30.67
CA LEU A 928 33.19 -2.86 -31.27
C LEU A 928 31.72 -2.56 -31.05
N ARG A 929 31.43 -1.36 -30.57
CA ARG A 929 30.08 -0.83 -30.48
C ARG A 929 29.90 0.26 -31.53
N SER A 930 28.65 0.49 -31.90
CA SER A 930 28.31 1.54 -32.87
C SER A 930 27.15 2.38 -32.37
N PRO A 931 27.34 3.13 -31.28
CA PRO A 931 26.27 3.98 -30.77
C PRO A 931 26.06 5.19 -31.68
N LYS A 932 24.94 5.88 -31.44
CA LYS A 932 24.57 7.00 -32.31
C LYS A 932 24.07 8.24 -31.60
N GLN A 933 23.72 8.18 -30.32
CA GLN A 933 22.94 9.27 -29.74
C GLN A 933 23.79 10.50 -29.41
N PRO A 934 24.88 10.40 -28.64
CA PRO A 934 25.72 11.59 -28.45
C PRO A 934 26.74 11.78 -29.55
N ASP A 935 27.06 10.71 -30.29
CA ASP A 935 28.02 10.76 -31.38
C ASP A 935 27.36 10.15 -32.60
N ALA A 936 27.12 10.96 -33.63
CA ALA A 936 26.48 10.45 -34.83
C ALA A 936 27.35 9.40 -35.51
N HIS A 937 28.66 9.57 -35.48
CA HIS A 937 29.61 8.60 -36.03
C HIS A 937 30.61 8.28 -34.94
N ALA A 938 30.25 7.32 -34.08
CA ALA A 938 31.07 7.04 -32.90
C ALA A 938 32.33 6.28 -33.27
N ASP A 939 32.18 5.08 -33.83
CA ASP A 939 33.32 4.22 -34.14
C ASP A 939 33.35 3.83 -35.61
N MET A 940 32.75 4.64 -36.49
CA MET A 940 32.80 4.36 -37.91
C MET A 940 34.23 4.58 -38.41
N GLY A 941 34.72 3.64 -39.21
CA GLY A 941 36.06 3.78 -39.74
C GLY A 941 36.83 2.48 -39.84
N LYS A 942 38.13 2.53 -39.57
CA LYS A 942 39.00 1.36 -39.64
C LYS A 942 39.59 1.09 -38.26
N HIS A 943 39.50 -0.14 -37.81
CA HIS A 943 39.93 -0.51 -36.47
C HIS A 943 40.89 -1.69 -36.52
N THR A 944 41.92 -1.62 -35.70
CA THR A 944 42.95 -2.65 -35.55
C THR A 944 42.82 -3.24 -34.16
N ILE A 945 42.20 -4.41 -34.07
CA ILE A 945 41.91 -5.03 -32.77
C ILE A 945 42.81 -6.24 -32.60
N ARG A 946 43.70 -6.18 -31.62
CA ARG A 946 44.61 -7.29 -31.34
C ARG A 946 44.20 -7.97 -30.04
N TYR A 947 44.23 -9.30 -30.04
CA TYR A 947 43.93 -10.05 -28.83
C TYR A 947 44.47 -11.47 -28.97
N ALA A 948 44.98 -12.01 -27.88
CA ALA A 948 45.63 -13.31 -27.89
C ALA A 948 44.92 -14.27 -26.94
N VAL A 949 44.65 -15.48 -27.42
CA VAL A 949 44.18 -16.57 -26.58
C VAL A 949 45.41 -17.33 -26.11
N TYR A 950 45.76 -17.17 -24.84
CA TYR A 950 46.95 -17.78 -24.26
C TYR A 950 46.55 -18.91 -23.33
N PRO A 951 46.65 -20.16 -23.75
CA PRO A 951 46.30 -21.26 -22.85
C PRO A 951 47.50 -21.72 -22.03
N HIS A 952 47.31 -21.85 -20.72
CA HIS A 952 48.35 -22.29 -19.82
C HIS A 952 47.85 -23.47 -19.00
N SER A 953 48.79 -24.19 -18.41
CA SER A 953 48.52 -25.50 -17.80
C SER A 953 48.52 -25.46 -16.28
N LYS A 954 47.98 -24.39 -15.70
CA LYS A 954 47.85 -24.26 -14.26
C LYS A 954 46.88 -23.14 -13.97
N PRO A 955 46.46 -22.98 -12.72
CA PRO A 955 45.70 -21.77 -12.36
C PRO A 955 46.49 -20.52 -12.68
N LEU A 956 45.81 -19.38 -12.59
CA LEU A 956 46.40 -18.11 -12.98
C LEU A 956 47.73 -17.89 -12.28
N ASP A 957 48.81 -17.88 -13.05
CA ASP A 957 50.16 -17.77 -12.54
C ASP A 957 50.78 -16.46 -13.03
N SER A 958 52.02 -16.21 -12.62
CA SER A 958 52.71 -15.01 -13.06
C SER A 958 53.05 -15.06 -14.54
N SER A 959 53.10 -16.25 -15.13
CA SER A 959 53.38 -16.36 -16.56
C SER A 959 52.33 -15.63 -17.38
N THR A 960 51.07 -15.72 -16.97
CA THR A 960 50.01 -15.02 -17.70
C THR A 960 50.15 -13.51 -17.55
N VAL A 961 50.49 -13.03 -16.35
CA VAL A 961 50.66 -11.60 -16.16
C VAL A 961 51.81 -11.09 -17.01
N ARG A 962 52.91 -11.84 -17.07
CA ARG A 962 54.04 -11.41 -17.87
C ARG A 962 53.71 -11.46 -19.35
N ALA A 963 52.96 -12.47 -19.78
CA ALA A 963 52.55 -12.54 -21.18
C ALA A 963 51.61 -11.40 -21.55
N ALA A 964 50.76 -10.98 -20.63
CA ALA A 964 49.89 -9.84 -20.89
C ALA A 964 50.70 -8.56 -21.02
N HIS A 965 51.62 -8.33 -20.08
CA HIS A 965 52.44 -7.13 -20.15
C HIS A 965 53.31 -7.13 -21.40
N LYS A 966 53.76 -8.31 -21.84
CA LYS A 966 54.55 -8.39 -23.07
C LYS A 966 53.68 -8.14 -24.30
N PHE A 967 52.45 -8.66 -24.28
CA PHE A 967 51.53 -8.44 -25.40
C PHE A 967 51.20 -6.96 -25.54
N ASN A 968 51.07 -6.25 -24.42
CA ASN A 968 50.72 -4.85 -24.47
C ASN A 968 51.91 -3.92 -24.70
N SER A 969 53.12 -4.36 -24.37
CA SER A 969 54.27 -3.47 -24.42
C SER A 969 54.66 -3.17 -25.87
N ASN A 970 55.36 -2.04 -26.04
CA ASN A 970 55.86 -1.61 -27.34
C ASN A 970 57.37 -1.79 -27.35
N PHE A 971 57.87 -2.54 -28.32
CA PHE A 971 59.29 -2.84 -28.44
C PHE A 971 59.87 -2.01 -29.57
N ARG A 972 60.63 -0.98 -29.21
CA ARG A 972 61.20 -0.05 -30.18
C ARG A 972 62.53 -0.58 -30.68
N LEU A 973 62.73 -0.54 -31.99
CA LEU A 973 63.96 -1.01 -32.61
C LEU A 973 65.04 0.06 -32.45
N LEU A 974 66.12 -0.29 -31.75
CA LEU A 974 67.23 0.60 -31.50
C LEU A 974 68.41 0.25 -32.39
N THR A 975 69.41 1.15 -32.38
CA THR A 975 70.68 0.91 -33.03
C THR A 975 71.75 1.63 -32.24
N ARG A 976 72.84 0.92 -31.91
CA ARG A 976 73.91 1.53 -31.14
C ARG A 976 74.52 2.69 -31.92
N ALA A 977 74.74 3.81 -31.21
CA ALA A 977 75.34 4.99 -31.81
C ALA A 977 76.84 5.08 -31.54
N SER A 978 77.27 4.76 -30.33
CA SER A 978 78.68 4.81 -29.96
C SER A 978 79.05 3.53 -29.23
N ASP A 979 80.19 2.95 -29.61
CA ASP A 979 80.65 1.71 -28.99
C ASP A 979 81.32 1.94 -27.64
N THR A 980 81.33 3.18 -27.13
CA THR A 980 81.87 3.46 -25.81
C THR A 980 80.80 3.75 -24.77
N ALA A 981 79.57 4.03 -25.20
CA ALA A 981 78.46 4.28 -24.29
C ALA A 981 77.27 3.37 -24.57
N ASN A 982 77.43 2.37 -25.41
CA ASN A 982 76.36 1.41 -25.70
C ASN A 982 76.19 0.39 -24.59
N LEU A 983 76.77 0.63 -23.41
CA LEU A 983 76.64 -0.28 -22.30
C LEU A 983 75.18 -0.48 -21.93
N ASP A 984 74.86 -1.70 -21.48
CA ASP A 984 73.49 -2.06 -21.14
C ASP A 984 73.28 -1.76 -19.66
N ILE A 985 72.95 -0.51 -19.37
CA ILE A 985 72.60 -0.09 -18.01
C ILE A 985 71.12 -0.25 -17.72
N PHE A 986 70.34 -0.71 -18.70
CA PHE A 986 68.91 -0.87 -18.47
C PHE A 986 68.60 -1.95 -17.45
N ASP A 987 69.60 -2.70 -16.99
CA ASP A 987 69.46 -3.63 -15.89
C ASP A 987 69.83 -3.02 -14.55
N ALA A 988 69.79 -1.69 -14.44
CA ALA A 988 70.22 -1.05 -13.20
C ALA A 988 69.23 -1.30 -12.07
N PHE A 989 67.94 -1.24 -12.36
CA PHE A 989 66.90 -1.48 -11.36
C PHE A 989 66.18 -2.77 -11.72
N GLN A 990 66.40 -3.81 -10.92
CA GLN A 990 65.73 -5.08 -11.11
C GLN A 990 64.98 -5.45 -9.84
N LEU A 991 64.08 -6.42 -9.96
CA LEU A 991 63.30 -6.93 -8.85
C LEU A 991 63.41 -8.45 -8.88
N VAL A 992 64.37 -8.99 -8.13
CA VAL A 992 64.62 -10.42 -8.12
C VAL A 992 63.88 -11.02 -6.93
N GLY A 993 63.05 -12.02 -7.20
CA GLY A 993 62.28 -12.66 -6.15
C GLY A 993 61.15 -13.46 -6.71
N GLU A 994 59.98 -13.35 -6.10
CA GLU A 994 58.84 -14.10 -6.62
C GLU A 994 58.29 -13.41 -7.86
N PRO A 995 57.92 -14.18 -8.89
CA PRO A 995 57.51 -13.57 -10.16
C PRO A 995 56.19 -12.83 -10.11
N ASN A 996 55.41 -12.97 -9.04
CA ASN A 996 54.16 -12.24 -8.94
C ASN A 996 54.34 -10.80 -8.49
N VAL A 997 55.55 -10.43 -8.06
CA VAL A 997 55.85 -9.07 -7.64
C VAL A 997 56.36 -8.31 -8.86
N ILE A 998 55.53 -7.40 -9.38
CA ILE A 998 55.84 -6.66 -10.59
C ILE A 998 56.45 -5.32 -10.21
N LEU A 999 57.61 -5.00 -10.77
CA LEU A 999 58.18 -3.66 -10.64
C LEU A 999 57.46 -2.79 -11.65
N SER A 1000 56.33 -2.24 -11.24
CA SER A 1000 55.44 -1.57 -12.19
C SER A 1000 56.09 -0.35 -12.80
N HIS A 1001 56.53 0.60 -11.98
CA HIS A 1001 56.91 1.90 -12.51
C HIS A 1001 58.22 2.38 -11.91
N ILE A 1002 58.99 3.10 -12.72
CA ILE A 1002 60.17 3.82 -12.26
C ILE A 1002 60.02 5.27 -12.67
N LYS A 1003 60.35 6.18 -11.76
CA LYS A 1003 60.08 7.59 -11.95
C LYS A 1003 61.15 8.38 -11.18
N MET A 1004 61.26 9.66 -11.47
CA MET A 1004 62.05 10.55 -10.65
C MET A 1004 61.15 11.24 -9.63
N ALA A 1005 61.73 11.65 -8.51
CA ALA A 1005 60.95 12.24 -7.45
C ALA A 1005 60.27 13.52 -7.93
N GLU A 1006 59.10 13.80 -7.36
CA GLU A 1006 58.38 15.02 -7.72
C GLU A 1006 59.13 16.27 -7.28
N LYS A 1007 59.90 16.17 -6.19
CA LYS A 1007 60.63 17.31 -5.66
C LYS A 1007 62.14 17.12 -5.68
N GLY A 1008 62.62 15.98 -5.19
CA GLY A 1008 64.05 15.73 -5.09
C GLY A 1008 64.60 15.01 -6.31
N LYS A 1009 65.81 14.49 -6.14
CA LYS A 1009 66.51 13.75 -7.19
C LYS A 1009 66.64 12.28 -6.83
N SER A 1010 65.62 11.74 -6.19
CA SER A 1010 65.58 10.32 -5.83
C SER A 1010 64.68 9.57 -6.80
N ILE A 1011 64.87 8.27 -6.86
CA ILE A 1011 64.16 7.42 -7.83
C ILE A 1011 62.99 6.77 -7.12
N ILE A 1012 61.79 6.98 -7.64
CA ILE A 1012 60.58 6.40 -7.08
C ILE A 1012 60.27 5.12 -7.84
N LEU A 1013 60.18 4.01 -7.11
CA LEU A 1013 59.86 2.71 -7.69
C LEU A 1013 58.50 2.27 -7.17
N ARG A 1014 57.53 2.15 -8.07
CA ARG A 1014 56.21 1.64 -7.74
C ARG A 1014 56.21 0.13 -7.99
N VAL A 1015 56.23 -0.64 -6.91
CA VAL A 1015 56.18 -2.09 -6.95
C VAL A 1015 54.79 -2.52 -6.48
N TYR A 1016 54.34 -3.67 -6.96
CA TYR A 1016 53.06 -4.17 -6.48
C TYR A 1016 53.07 -5.65 -6.84
N GLU A 1017 52.63 -6.46 -5.87
CA GLU A 1017 52.37 -7.88 -6.09
C GLU A 1017 51.09 -7.89 -6.94
N SER A 1018 50.99 -8.81 -7.89
CA SER A 1018 49.85 -8.74 -8.77
C SER A 1018 48.84 -9.88 -8.67
N LEU A 1019 49.17 -10.97 -7.98
CA LEU A 1019 48.33 -12.15 -8.00
C LEU A 1019 47.60 -12.42 -6.69
N GLY A 1020 48.13 -11.98 -5.56
CA GLY A 1020 47.35 -12.06 -4.34
C GLY A 1020 47.97 -12.78 -3.17
N GLY A 1021 49.28 -12.92 -3.14
CA GLY A 1021 49.96 -13.61 -2.06
C GLY A 1021 51.04 -12.76 -1.44
N LYS A 1022 51.11 -12.76 -0.12
CA LYS A 1022 52.16 -12.04 0.59
C LYS A 1022 53.51 -12.58 0.16
N SER A 1023 54.28 -11.76 -0.54
CA SER A 1023 55.51 -12.21 -1.15
C SER A 1023 56.69 -11.38 -0.63
N ARG A 1024 57.89 -11.83 -0.96
CA ARG A 1024 59.10 -11.10 -0.64
C ARG A 1024 59.98 -11.06 -1.87
N ALA A 1025 60.76 -9.99 -1.99
CA ALA A 1025 61.60 -9.80 -3.16
C ALA A 1025 62.78 -8.94 -2.77
N ARG A 1026 63.63 -8.62 -3.76
CA ARG A 1026 64.82 -7.83 -3.53
C ARG A 1026 64.99 -6.87 -4.70
N LEU A 1027 64.98 -5.58 -4.40
CA LEU A 1027 65.32 -4.56 -5.38
C LEU A 1027 66.83 -4.56 -5.59
N VAL A 1028 67.27 -4.93 -6.78
CA VAL A 1028 68.67 -4.96 -7.13
C VAL A 1028 69.01 -3.67 -7.85
N ILE A 1029 69.93 -2.90 -7.28
CA ILE A 1029 70.34 -1.62 -7.83
C ILE A 1029 71.81 -1.76 -8.18
N LYS A 1030 72.10 -2.15 -9.43
CA LYS A 1030 73.44 -2.61 -9.77
C LYS A 1030 74.44 -1.48 -9.96
N SER A 1031 74.24 -0.67 -10.98
CA SER A 1031 75.27 0.29 -11.39
C SER A 1031 75.06 1.65 -10.73
N LEU A 1032 74.98 1.65 -9.41
CA LEU A 1032 74.72 2.88 -8.68
C LEU A 1032 75.31 2.76 -7.28
N THR A 1033 75.48 3.91 -6.64
CA THR A 1033 75.80 3.96 -5.22
C THR A 1033 74.60 4.55 -4.50
N VAL A 1034 73.97 3.74 -3.67
CA VAL A 1034 72.69 4.08 -3.05
C VAL A 1034 72.94 4.63 -1.67
N ALA A 1035 72.55 5.88 -1.44
CA ALA A 1035 72.71 6.47 -0.12
C ALA A 1035 71.67 5.92 0.85
N SER A 1036 70.44 5.72 0.39
CA SER A 1036 69.40 5.15 1.24
C SER A 1036 68.27 4.65 0.36
N VAL A 1037 67.40 3.83 0.96
CA VAL A 1037 66.19 3.36 0.31
C VAL A 1037 65.09 3.39 1.36
N THR A 1038 64.18 4.34 1.22
CA THR A 1038 63.05 4.46 2.15
C THR A 1038 61.79 3.95 1.48
N LYS A 1039 60.79 3.64 2.30
CA LYS A 1039 59.49 3.24 1.81
C LYS A 1039 58.55 4.42 1.97
N CYS A 1040 58.10 4.99 0.86
CA CYS A 1040 57.22 6.15 0.88
C CYS A 1040 55.82 5.76 0.46
N ASN A 1041 54.88 6.69 0.63
CA ASN A 1041 53.51 6.46 0.22
C ASN A 1041 53.34 6.92 -1.23
N GLY A 1042 52.09 7.00 -1.70
CA GLY A 1042 51.84 7.34 -3.08
C GLY A 1042 52.32 8.72 -3.46
N LEU A 1043 52.28 9.67 -2.52
CA LEU A 1043 52.75 11.02 -2.77
C LEU A 1043 54.23 11.21 -2.45
N GLU A 1044 54.92 10.12 -2.09
CA GLU A 1044 56.38 10.10 -1.95
C GLU A 1044 56.86 10.82 -0.69
N GLU A 1045 56.12 10.69 0.41
CA GLU A 1045 56.63 11.01 1.74
C GLU A 1045 57.12 9.72 2.39
N ASP A 1046 58.34 9.77 2.94
CA ASP A 1046 58.89 8.58 3.58
C ASP A 1046 58.10 8.21 4.83
N LEU A 1047 57.92 6.91 5.04
CA LEU A 1047 57.31 6.38 6.25
C LEU A 1047 58.31 5.57 7.06
N GLU A 1048 58.94 4.58 6.45
CA GLU A 1048 59.96 3.77 7.10
C GLU A 1048 61.20 3.71 6.22
N GLU A 1049 62.36 3.56 6.85
CA GLU A 1049 63.63 3.46 6.15
C GLU A 1049 64.00 1.99 6.05
N LEU A 1050 64.11 1.47 4.83
CA LEU A 1050 64.46 0.08 4.62
C LEU A 1050 65.94 -0.14 4.85
N CYS A 1051 66.28 -1.36 5.28
CA CYS A 1051 67.66 -1.75 5.51
C CYS A 1051 68.20 -2.32 4.20
N THR A 1052 69.02 -1.55 3.51
CA THR A 1052 69.56 -1.94 2.22
C THR A 1052 70.86 -2.72 2.42
N LEU A 1053 70.93 -3.92 1.86
CA LEU A 1053 72.15 -4.70 1.91
C LEU A 1053 73.22 -4.07 1.02
N LYS A 1054 74.40 -4.68 0.98
CA LYS A 1054 75.49 -4.21 0.13
C LYS A 1054 76.26 -5.43 -0.35
N SER A 1055 75.96 -5.86 -1.57
CA SER A 1055 76.65 -6.98 -2.20
C SER A 1055 77.90 -6.46 -2.90
N ASN A 1056 78.47 -7.30 -3.77
CA ASN A 1056 79.68 -6.94 -4.50
C ASN A 1056 79.54 -5.58 -5.17
N ASP A 1057 78.59 -5.45 -6.08
CA ASP A 1057 78.35 -4.18 -6.77
C ASP A 1057 76.92 -3.65 -6.64
N TYR A 1058 75.93 -4.50 -6.46
CA TYR A 1058 74.56 -4.04 -6.29
C TYR A 1058 74.24 -3.91 -4.81
N TYR A 1059 72.96 -3.72 -4.50
CA TYR A 1059 72.58 -3.45 -3.11
C TYR A 1059 71.53 -4.41 -2.56
N GLU A 1060 70.55 -4.82 -3.36
CA GLU A 1060 69.58 -5.86 -2.97
C GLU A 1060 68.82 -5.46 -1.70
N VAL A 1061 68.03 -4.40 -1.83
CA VAL A 1061 67.11 -4.00 -0.77
C VAL A 1061 66.05 -5.08 -0.60
N PRO A 1062 65.94 -5.71 0.56
CA PRO A 1062 64.92 -6.74 0.75
C PRO A 1062 63.56 -6.15 1.11
N ILE A 1063 62.53 -6.45 0.32
CA ILE A 1063 61.20 -5.91 0.52
C ILE A 1063 60.22 -7.05 0.74
N GLU A 1064 59.12 -6.73 1.40
CA GLU A 1064 58.07 -7.70 1.71
C GLU A 1064 56.72 -7.05 1.44
N LEU A 1065 55.97 -7.59 0.49
CA LEU A 1065 54.70 -7.02 0.08
C LEU A 1065 53.55 -7.91 0.56
N ARG A 1066 52.44 -7.27 0.91
CA ARG A 1066 51.25 -7.95 1.41
C ARG A 1066 50.44 -8.54 0.26
N ALA A 1067 49.20 -8.92 0.55
CA ALA A 1067 48.37 -9.66 -0.39
C ALA A 1067 48.29 -8.98 -1.76
N PHE A 1068 47.91 -7.71 -1.78
CA PHE A 1068 47.79 -6.97 -3.03
C PHE A 1068 48.38 -5.57 -2.87
N GLU A 1069 49.44 -5.47 -2.07
CA GLU A 1069 49.96 -4.17 -1.69
C GLU A 1069 50.56 -3.43 -2.90
N ILE A 1070 50.45 -2.10 -2.86
CA ILE A 1070 51.11 -1.23 -3.82
C ILE A 1070 52.17 -0.43 -3.08
N ALA A 1071 53.40 -0.94 -3.06
CA ALA A 1071 54.46 -0.27 -2.33
C ALA A 1071 55.21 0.69 -3.23
N THR A 1072 55.84 1.67 -2.60
CA THR A 1072 56.57 2.71 -3.31
C THR A 1072 57.87 2.97 -2.57
N PHE A 1073 58.98 2.92 -3.28
CA PHE A 1073 60.30 3.00 -2.67
C PHE A 1073 61.06 4.19 -3.24
N LYS A 1074 61.58 5.04 -2.34
CA LYS A 1074 62.36 6.19 -2.71
C LYS A 1074 63.83 5.83 -2.53
N VAL A 1075 64.55 5.73 -3.64
CA VAL A 1075 65.96 5.39 -3.66
C VAL A 1075 66.75 6.70 -3.74
N ASN A 1076 67.38 7.07 -2.63
CA ASN A 1076 68.24 8.25 -2.58
C ASN A 1076 69.65 7.84 -2.96
N LEU A 1077 70.14 8.39 -4.07
CA LEU A 1077 71.48 8.07 -4.56
C LEU A 1077 72.52 8.98 -3.92
N THR B 2 -45.20 -3.47 -18.37
CA THR B 2 -43.92 -4.16 -18.36
C THR B 2 -43.65 -4.81 -17.02
N LEU B 3 -42.45 -5.36 -16.85
CA LEU B 3 -42.05 -5.96 -15.59
C LEU B 3 -41.38 -4.96 -14.66
N PHE B 4 -40.89 -3.84 -15.19
CA PHE B 4 -40.25 -2.82 -14.37
C PHE B 4 -41.32 -1.92 -13.76
N PRO B 5 -41.47 -1.89 -12.44
CA PRO B 5 -42.55 -1.10 -11.84
C PRO B 5 -42.29 0.38 -11.97
N VAL B 6 -43.37 1.13 -12.19
CA VAL B 6 -43.24 2.58 -12.36
C VAL B 6 -42.90 3.23 -11.02
N LEU B 7 -43.55 2.82 -9.95
CA LEU B 7 -43.37 3.42 -8.64
C LEU B 7 -42.47 2.56 -7.78
N ASN B 8 -41.48 3.19 -7.16
CA ASN B 8 -40.55 2.52 -6.25
C ASN B 8 -40.72 3.17 -4.88
N ASN B 9 -41.65 2.63 -4.09
CA ASN B 9 -41.92 3.15 -2.76
C ASN B 9 -41.21 2.37 -1.66
N THR B 10 -40.32 1.46 -2.01
CA THR B 10 -39.53 0.73 -1.02
C THR B 10 -38.05 0.90 -1.33
N PRO B 11 -37.36 1.78 -0.61
CA PRO B 11 -35.95 1.99 -0.87
C PRO B 11 -35.11 0.78 -0.49
N VAL B 12 -34.05 0.56 -1.27
CA VAL B 12 -33.09 -0.51 -1.03
C VAL B 12 -31.72 0.14 -0.82
N GLY B 13 -31.07 -0.22 0.27
CA GLY B 13 -29.77 0.33 0.56
C GLY B 13 -28.65 -0.49 -0.04
N LYS B 14 -27.48 0.12 -0.12
CA LYS B 14 -26.28 -0.55 -0.62
C LYS B 14 -25.65 -1.33 0.52
N GLN B 15 -25.41 -2.63 0.28
CA GLN B 15 -24.90 -3.50 1.31
C GLN B 15 -23.52 -3.06 1.78
N VAL B 16 -23.38 -2.83 3.08
CA VAL B 16 -22.08 -2.48 3.65
C VAL B 16 -21.17 -3.69 3.57
N ASP B 17 -19.90 -3.45 3.21
CA ASP B 17 -18.99 -4.54 2.92
C ASP B 17 -18.70 -5.40 4.15
N SER B 18 -18.24 -4.77 5.23
CA SER B 18 -17.79 -5.53 6.39
C SER B 18 -18.93 -6.30 7.03
N ILE B 19 -20.11 -5.69 7.14
CA ILE B 19 -21.23 -6.31 7.82
C ILE B 19 -21.67 -7.56 7.06
N TYR B 20 -22.00 -7.41 5.78
CA TYR B 20 -22.46 -8.54 4.99
C TYR B 20 -21.35 -9.54 4.70
N GLU B 21 -20.09 -9.15 4.86
CA GLU B 21 -18.99 -10.09 4.72
C GLU B 21 -18.87 -10.96 5.96
N SER B 22 -18.89 -10.35 7.14
CA SER B 22 -18.82 -11.11 8.38
C SER B 22 -20.10 -11.86 8.69
N ARG B 23 -21.21 -11.53 8.04
CA ARG B 23 -22.42 -12.30 8.25
C ARG B 23 -22.25 -13.74 7.78
N LEU B 24 -21.50 -13.95 6.70
CA LEU B 24 -21.32 -15.30 6.17
C LEU B 24 -20.57 -16.19 7.15
N ASP B 25 -19.85 -15.62 8.11
CA ASP B 25 -19.10 -16.42 9.06
C ASP B 25 -20.00 -17.26 9.96
N GLN B 26 -21.26 -16.86 10.13
CA GLN B 26 -22.14 -17.51 11.08
C GLN B 26 -23.05 -18.55 10.44
N PHE B 27 -22.98 -18.76 9.14
CA PHE B 27 -23.80 -19.80 8.52
C PHE B 27 -23.22 -21.19 8.74
N LEU B 28 -21.90 -21.31 8.80
CA LEU B 28 -21.25 -22.58 9.05
C LEU B 28 -20.68 -22.68 10.45
N SER B 29 -20.85 -21.64 11.27
CA SER B 29 -20.32 -21.66 12.63
C SER B 29 -21.23 -22.47 13.53
N GLU B 30 -20.61 -23.28 14.40
CA GLU B 30 -21.32 -24.06 15.41
C GLU B 30 -21.37 -23.34 16.75
N GLY B 31 -21.37 -22.01 16.75
CA GLY B 31 -21.33 -21.25 17.98
C GLY B 31 -22.69 -20.92 18.55
N GLN B 32 -22.96 -19.62 18.74
CA GLN B 32 -24.17 -19.21 19.43
C GLN B 32 -25.42 -19.42 18.59
N TYR B 33 -25.33 -19.24 17.27
CA TYR B 33 -26.47 -19.41 16.37
C TYR B 33 -26.40 -20.73 15.63
N ARG B 34 -25.92 -21.78 16.30
CA ARG B 34 -25.81 -23.08 15.63
C ARG B 34 -27.16 -23.63 15.22
N ASP B 35 -28.21 -23.36 16.00
CA ASP B 35 -29.52 -23.94 15.75
C ASP B 35 -30.27 -23.28 14.62
N PHE B 36 -29.85 -22.09 14.17
CA PHE B 36 -30.51 -21.42 13.06
C PHE B 36 -29.76 -21.58 11.75
N ASN B 37 -28.57 -22.17 11.76
CA ASN B 37 -27.71 -22.22 10.60
C ASN B 37 -27.46 -23.66 10.18
N LEU B 38 -26.52 -23.83 9.25
CA LEU B 38 -26.28 -25.16 8.69
C LEU B 38 -25.80 -26.20 9.69
N PRO B 39 -24.96 -25.89 10.70
CA PRO B 39 -24.50 -26.97 11.57
C PRO B 39 -25.55 -27.42 12.56
N SER B 40 -26.78 -27.59 12.08
CA SER B 40 -27.86 -28.18 12.85
C SER B 40 -28.62 -29.23 12.08
N VAL B 41 -28.58 -29.21 10.74
CA VAL B 41 -29.12 -30.26 9.91
C VAL B 41 -28.05 -31.24 9.46
N TYR B 42 -26.86 -31.16 10.06
CA TYR B 42 -25.80 -32.10 9.72
C TYR B 42 -26.16 -33.53 10.14
N ASP B 43 -26.65 -33.68 11.37
CA ASP B 43 -26.54 -34.95 12.07
C ASP B 43 -27.41 -36.03 11.45
N HIS B 44 -28.72 -35.80 11.39
CA HIS B 44 -29.70 -36.83 11.03
C HIS B 44 -29.63 -38.00 12.01
N ALA B 45 -30.02 -37.71 13.25
CA ALA B 45 -30.19 -38.70 14.31
C ALA B 45 -28.85 -39.40 14.65
N ARG B 46 -27.95 -38.61 15.22
CA ARG B 46 -26.75 -39.18 15.82
C ARG B 46 -27.11 -40.08 17.00
N ILE B 47 -26.34 -41.15 17.18
CA ILE B 47 -26.61 -42.16 18.21
C ILE B 47 -25.31 -42.48 18.93
N ASP B 48 -25.32 -42.41 20.26
CA ASP B 48 -24.13 -42.73 21.03
C ASP B 48 -24.42 -43.45 22.34
N ASN B 49 -25.63 -43.97 22.54
CA ASN B 49 -25.98 -44.58 23.82
C ASN B 49 -25.27 -45.92 23.99
N PRO B 50 -24.83 -46.26 25.20
CA PRO B 50 -24.29 -47.60 25.43
C PRO B 50 -25.37 -48.66 25.44
N SER B 51 -24.99 -49.92 25.65
CA SER B 51 -25.98 -50.97 25.82
C SER B 51 -26.54 -50.99 27.24
N GLY B 52 -25.74 -50.61 28.22
CA GLY B 52 -26.21 -50.48 29.59
C GLY B 52 -27.25 -49.40 29.80
N ASP B 53 -27.59 -48.64 28.76
CA ASP B 53 -28.67 -47.66 28.84
C ASP B 53 -30.01 -48.27 28.43
N VAL B 54 -30.07 -48.90 27.27
CA VAL B 54 -31.31 -49.44 26.73
C VAL B 54 -31.24 -50.96 26.76
N ASN B 55 -32.30 -51.58 27.29
CA ASN B 55 -32.46 -53.03 27.25
C ASN B 55 -33.90 -53.45 27.02
N ASN B 56 -34.81 -52.50 26.81
CA ASN B 56 -36.22 -52.79 26.60
C ASN B 56 -36.62 -52.74 25.13
N ASP B 57 -35.92 -51.96 24.31
CA ASP B 57 -36.21 -51.82 22.89
C ASP B 57 -35.09 -52.46 22.10
N LEU B 58 -35.46 -53.27 21.10
CA LEU B 58 -34.50 -53.96 20.26
C LEU B 58 -34.25 -53.23 18.95
N SER B 59 -34.61 -51.95 18.88
CA SER B 59 -34.35 -51.14 17.70
C SER B 59 -33.86 -49.75 18.09
N LYS B 60 -33.03 -49.67 19.13
CA LYS B 60 -32.47 -48.39 19.55
C LYS B 60 -31.03 -48.20 19.12
N GLY B 61 -30.29 -49.29 18.92
CA GLY B 61 -28.90 -49.19 18.53
C GLY B 61 -28.03 -48.71 19.66
N PHE B 62 -26.75 -49.05 19.64
CA PHE B 62 -25.86 -48.66 20.73
C PHE B 62 -24.42 -48.75 20.25
N VAL B 63 -23.52 -48.26 21.11
CA VAL B 63 -22.08 -48.25 20.86
C VAL B 63 -21.39 -48.63 22.15
N ASP B 64 -20.81 -49.83 22.22
CA ASP B 64 -20.13 -50.32 23.40
C ASP B 64 -18.63 -50.31 23.16
N LEU B 65 -17.88 -49.79 24.13
CA LEU B 65 -16.43 -49.67 24.03
C LEU B 65 -15.80 -50.46 25.16
N LYS B 66 -15.11 -51.55 24.81
CA LYS B 66 -14.35 -52.33 25.78
C LYS B 66 -12.87 -52.07 25.55
N VAL B 67 -12.22 -51.45 26.53
CA VAL B 67 -10.85 -50.99 26.38
C VAL B 67 -9.90 -51.95 27.07
N TYR B 68 -8.81 -52.29 26.38
CA TYR B 68 -7.70 -53.04 26.96
C TYR B 68 -6.51 -52.11 27.06
N ARG B 69 -5.94 -52.00 28.25
CA ARG B 69 -4.81 -51.10 28.50
C ARG B 69 -3.52 -51.89 28.35
N VAL B 70 -2.74 -51.55 27.32
CA VAL B 70 -1.42 -52.17 27.18
C VAL B 70 -0.58 -51.82 28.40
N PRO B 71 0.04 -52.79 29.07
CA PRO B 71 0.67 -52.52 30.37
C PRO B 71 1.79 -51.50 30.32
N ASP B 72 2.81 -51.76 29.52
CA ASP B 72 3.94 -50.85 29.38
C ASP B 72 3.68 -49.90 28.22
N LEU B 73 4.72 -49.18 27.80
CA LEU B 73 4.63 -48.39 26.58
C LEU B 73 4.83 -49.22 25.33
N SER B 74 4.82 -50.54 25.45
CA SER B 74 4.96 -51.42 24.30
C SER B 74 3.78 -51.27 23.36
N ARG B 75 3.91 -51.85 22.17
CA ARG B 75 2.91 -51.73 21.12
C ARG B 75 2.67 -53.08 20.47
N PRO B 76 1.80 -53.91 21.06
CA PRO B 76 1.40 -55.15 20.39
C PRO B 76 0.64 -54.84 19.11
N SER B 77 0.87 -55.65 18.08
CA SER B 77 0.45 -55.19 16.76
C SER B 77 -1.03 -55.41 16.48
N PHE B 78 -1.43 -56.65 16.21
CA PHE B 78 -2.86 -56.95 16.23
C PHE B 78 -3.14 -58.35 16.76
N ASN B 79 -2.22 -59.26 16.51
CA ASN B 79 -2.42 -60.66 16.86
C ASN B 79 -1.90 -61.00 18.24
N GLU B 80 -1.24 -60.05 18.90
CA GLU B 80 -0.94 -60.15 20.31
C GLU B 80 -2.06 -59.59 21.18
N VAL B 81 -3.11 -59.05 20.58
CA VAL B 81 -4.21 -58.47 21.33
C VAL B 81 -5.52 -59.17 20.98
N VAL B 82 -5.93 -59.08 19.72
CA VAL B 82 -7.21 -59.64 19.32
C VAL B 82 -7.09 -61.15 19.27
N GLY B 83 -7.97 -61.84 20.01
CA GLY B 83 -7.91 -63.27 20.14
C GLY B 83 -7.03 -63.77 21.27
N HIS B 84 -6.21 -62.90 21.86
CA HIS B 84 -5.33 -63.27 22.96
C HIS B 84 -5.64 -62.51 24.24
N LYS B 85 -5.70 -61.19 24.18
CA LYS B 85 -6.03 -60.39 25.35
C LYS B 85 -7.54 -60.29 25.52
N LYS B 86 -7.95 -59.90 26.72
CA LYS B 86 -9.35 -59.80 27.09
C LYS B 86 -9.71 -58.34 27.37
N PHE B 87 -10.78 -57.88 26.74
CA PHE B 87 -11.27 -56.51 26.94
C PHE B 87 -12.33 -56.56 28.04
N ASP B 88 -11.91 -56.32 29.27
CA ASP B 88 -12.80 -56.34 30.42
C ASP B 88 -13.16 -54.96 30.93
N GLU B 89 -12.19 -54.04 30.99
CA GLU B 89 -12.48 -52.68 31.35
C GLU B 89 -13.40 -52.05 30.31
N THR B 90 -14.35 -51.25 30.76
CA THR B 90 -15.30 -50.58 29.87
C THR B 90 -14.99 -49.10 29.81
N ALA B 91 -14.90 -48.57 28.59
CA ALA B 91 -14.64 -47.15 28.38
C ALA B 91 -15.90 -46.49 27.81
N SER B 92 -16.00 -45.18 28.02
CA SER B 92 -17.16 -44.43 27.57
C SER B 92 -16.69 -43.03 27.19
N LYS B 93 -17.64 -42.20 26.79
CA LYS B 93 -17.34 -40.82 26.47
C LYS B 93 -17.01 -40.04 27.74
N GLY B 94 -15.76 -39.63 27.88
CA GLY B 94 -15.31 -38.87 29.04
C GLY B 94 -14.17 -39.53 29.80
N ASP B 95 -13.97 -40.83 29.64
CA ASP B 95 -12.94 -41.51 30.41
C ASP B 95 -11.56 -41.04 29.99
N THR B 96 -10.76 -40.63 30.97
CA THR B 96 -9.40 -40.18 30.75
C THR B 96 -8.46 -41.38 30.67
N PHE B 97 -7.59 -41.39 29.68
CA PHE B 97 -6.72 -42.52 29.43
C PHE B 97 -5.28 -42.18 29.77
N GLY B 98 -4.45 -43.23 29.75
CA GLY B 98 -3.17 -43.22 30.41
C GLY B 98 -2.14 -42.26 29.85
N PRO B 99 -0.89 -42.43 30.28
CA PRO B 99 0.15 -41.45 29.97
C PRO B 99 0.56 -41.44 28.50
N SER B 100 1.58 -40.65 28.19
CA SER B 100 2.00 -40.49 26.81
C SER B 100 2.52 -41.80 26.23
N TRP B 101 2.35 -41.95 24.91
CA TRP B 101 2.84 -43.10 24.15
C TRP B 101 2.17 -44.40 24.58
N ALA B 102 1.23 -44.34 25.51
CA ALA B 102 0.54 -45.54 25.96
C ALA B 102 -0.52 -45.95 24.96
N THR B 103 -0.59 -47.25 24.69
CA THR B 103 -1.51 -47.78 23.70
C THR B 103 -2.74 -48.37 24.39
N PHE B 104 -3.90 -48.13 23.80
CA PHE B 104 -5.16 -48.69 24.25
C PHE B 104 -5.83 -49.37 23.08
N TRP B 105 -6.59 -50.42 23.36
CA TRP B 105 -7.28 -51.16 22.32
C TRP B 105 -8.76 -51.18 22.63
N PHE B 106 -9.54 -50.43 21.86
CA PHE B 106 -10.98 -50.33 22.04
C PHE B 106 -11.66 -51.29 21.10
N GLU B 107 -12.22 -52.37 21.63
CA GLU B 107 -13.16 -53.18 20.89
C GLU B 107 -14.48 -52.43 20.89
N VAL B 108 -14.92 -52.00 19.70
CA VAL B 108 -16.14 -51.22 19.55
C VAL B 108 -17.19 -52.12 18.92
N HIS B 109 -18.28 -52.32 19.64
CA HIS B 109 -19.41 -53.12 19.18
C HIS B 109 -20.61 -52.21 19.02
N ILE B 110 -21.06 -52.04 17.79
CA ILE B 110 -22.14 -51.11 17.48
C ILE B 110 -23.34 -51.89 16.96
N ARG B 111 -24.52 -51.31 17.17
CA ARG B 111 -25.74 -51.82 16.57
C ARG B 111 -26.52 -50.63 16.04
N LEU B 112 -26.65 -50.55 14.73
CA LEU B 112 -27.44 -49.50 14.11
C LEU B 112 -28.92 -49.77 14.33
N PRO B 113 -29.70 -48.74 14.66
CA PRO B 113 -31.16 -48.94 14.73
C PRO B 113 -31.71 -49.39 13.39
N LYS B 114 -32.79 -50.17 13.45
CA LYS B 114 -33.36 -50.71 12.22
C LYS B 114 -33.89 -49.60 11.33
N SER B 115 -34.39 -48.51 11.92
CA SER B 115 -34.95 -47.40 11.17
C SER B 115 -33.95 -46.83 10.18
N TRP B 116 -32.68 -47.21 10.32
CA TRP B 116 -31.63 -46.78 9.41
C TRP B 116 -31.48 -47.68 8.21
N ALA B 117 -32.54 -48.38 7.81
CA ALA B 117 -32.56 -48.96 6.47
C ALA B 117 -32.42 -47.88 5.41
N LYS B 118 -32.89 -46.66 5.72
CA LYS B 118 -32.57 -45.45 4.98
C LYS B 118 -31.18 -44.99 5.41
N TYR B 119 -30.83 -43.73 5.15
CA TYR B 119 -29.52 -43.20 5.52
C TYR B 119 -28.40 -43.97 4.82
N GLU B 120 -28.36 -43.77 3.50
CA GLU B 120 -27.42 -44.47 2.63
C GLU B 120 -25.99 -44.51 3.19
N GLN B 121 -25.59 -43.49 3.94
CA GLN B 121 -24.26 -43.44 4.53
C GLN B 121 -24.37 -43.31 6.04
N VAL B 122 -23.64 -44.16 6.76
CA VAL B 122 -23.57 -44.12 8.21
C VAL B 122 -22.12 -43.93 8.62
N ILE B 123 -21.90 -43.16 9.66
CA ILE B 123 -20.57 -42.74 10.08
C ILE B 123 -20.35 -43.12 11.54
N PHE B 124 -19.11 -43.49 11.86
CA PHE B 124 -18.67 -43.63 13.23
C PHE B 124 -17.69 -42.51 13.54
N GLN B 125 -17.95 -41.76 14.60
CA GLN B 125 -17.11 -40.63 14.98
C GLN B 125 -16.34 -40.94 16.24
N TRP B 126 -15.07 -40.60 16.25
CA TRP B 126 -14.17 -40.87 17.36
C TRP B 126 -13.21 -39.71 17.50
N ASN B 127 -13.29 -38.99 18.63
CA ASN B 127 -12.58 -37.73 18.77
C ASN B 127 -11.84 -37.67 20.10
N CYS B 128 -11.11 -38.72 20.43
CA CYS B 128 -10.11 -38.61 21.48
C CYS B 128 -8.89 -37.89 20.94
N ASP B 129 -8.34 -36.96 21.71
CA ASP B 129 -7.26 -36.12 21.22
C ASP B 129 -5.98 -36.94 21.07
N ASN B 130 -5.96 -37.84 20.11
CA ASN B 130 -4.76 -38.62 19.81
C ASN B 130 -5.00 -39.40 18.52
N GLU B 131 -4.07 -40.29 18.21
CA GLU B 131 -4.15 -41.11 17.02
C GLU B 131 -4.88 -42.41 17.31
N GLY B 132 -5.56 -42.92 16.28
CA GLY B 132 -6.23 -44.19 16.38
C GLY B 132 -6.35 -44.79 15.00
N LEU B 133 -6.45 -46.12 14.95
CA LEU B 133 -6.47 -46.84 13.69
C LEU B 133 -7.46 -47.97 13.77
N VAL B 134 -8.50 -47.93 12.94
CA VAL B 134 -9.54 -48.94 12.97
C VAL B 134 -9.03 -50.21 12.31
N TYR B 135 -9.12 -51.32 13.03
CA TYR B 135 -8.94 -52.65 12.47
C TYR B 135 -10.29 -53.34 12.41
N SER B 136 -10.50 -54.14 11.38
CA SER B 136 -11.71 -54.95 11.30
C SER B 136 -11.52 -56.19 12.16
N GLN B 137 -12.45 -57.14 12.08
CA GLN B 137 -12.30 -58.39 12.81
C GLN B 137 -11.11 -59.20 12.32
N ASP B 138 -10.68 -58.99 11.08
CA ASP B 138 -9.58 -59.75 10.51
C ASP B 138 -8.22 -59.05 10.63
N GLY B 139 -8.19 -57.80 11.08
CA GLY B 139 -6.95 -57.08 11.25
C GLY B 139 -6.59 -56.14 10.12
N VAL B 140 -7.45 -56.00 9.11
CA VAL B 140 -7.19 -55.10 7.99
C VAL B 140 -7.45 -53.67 8.44
N PRO B 141 -6.44 -52.80 8.47
CA PRO B 141 -6.70 -51.40 8.81
C PRO B 141 -7.59 -50.75 7.77
N LEU B 142 -8.45 -49.86 8.24
CA LEU B 142 -9.45 -49.26 7.36
C LEU B 142 -9.42 -47.74 7.35
N GLN B 143 -9.18 -47.11 8.50
CA GLN B 143 -9.22 -45.66 8.56
C GLN B 143 -8.61 -45.22 9.88
N ALA B 144 -7.99 -44.05 9.87
CA ALA B 144 -7.36 -43.50 11.04
C ALA B 144 -8.11 -42.28 11.55
N PHE B 145 -7.94 -42.02 12.84
CA PHE B 145 -8.44 -40.81 13.49
C PHE B 145 -7.24 -40.06 14.03
N SER B 146 -7.18 -38.76 13.75
CA SER B 146 -6.08 -37.90 14.18
C SER B 146 -6.67 -36.63 14.76
N GLY B 147 -6.96 -36.65 16.05
CA GLY B 147 -7.50 -35.48 16.70
C GLY B 147 -8.85 -35.10 16.13
N SER B 148 -9.06 -33.80 15.96
CA SER B 148 -10.34 -33.27 15.51
C SER B 148 -10.41 -33.04 14.01
N GLU B 149 -9.30 -33.18 13.29
CA GLU B 149 -9.31 -32.98 11.84
C GLU B 149 -9.71 -34.23 11.07
N ARG B 150 -9.70 -35.39 11.72
CA ARG B 150 -10.10 -36.65 11.07
C ARG B 150 -10.86 -37.48 12.09
N THR B 151 -12.18 -37.50 11.99
CA THR B 151 -13.03 -38.24 12.92
C THR B 151 -13.94 -39.24 12.23
N ASP B 152 -14.53 -38.89 11.10
CA ASP B 152 -15.52 -39.75 10.47
C ASP B 152 -14.88 -41.02 9.94
N PHE B 153 -15.52 -42.15 10.19
CA PHE B 153 -15.14 -43.43 9.59
C PHE B 153 -16.41 -44.03 9.00
N ILE B 154 -16.46 -44.14 7.68
CA ILE B 154 -17.65 -44.64 7.02
C ILE B 154 -17.75 -46.14 7.26
N LEU B 155 -18.89 -46.59 7.76
CA LEU B 155 -19.14 -48.01 7.86
C LEU B 155 -19.32 -48.58 6.46
N PRO B 156 -18.55 -49.60 6.08
CA PRO B 156 -18.37 -49.91 4.66
C PRO B 156 -19.53 -50.67 4.01
N ASP B 157 -20.76 -50.25 4.25
CA ASP B 157 -21.94 -50.80 3.56
C ASP B 157 -22.03 -52.32 3.70
N SER B 158 -21.28 -52.90 4.62
CA SER B 158 -21.28 -54.34 4.78
C SER B 158 -21.67 -54.79 6.17
N TRP B 159 -21.26 -54.06 7.21
CA TRP B 159 -21.64 -54.41 8.56
C TRP B 159 -22.58 -53.39 9.19
N LYS B 160 -23.33 -52.66 8.36
CA LYS B 160 -24.49 -51.93 8.86
C LYS B 160 -25.71 -52.84 8.96
N THR B 161 -25.82 -53.82 8.06
CA THR B 161 -26.94 -54.74 8.08
C THR B 161 -26.89 -55.66 9.30
N THR B 162 -25.72 -56.21 9.59
CA THR B 162 -25.52 -57.05 10.76
C THR B 162 -24.63 -56.32 11.75
N GLU B 163 -24.98 -56.40 13.03
CA GLU B 163 -24.25 -55.72 14.09
C GLU B 163 -22.87 -56.36 14.24
N ASP B 164 -21.83 -55.62 13.90
CA ASP B 164 -20.47 -56.13 13.93
C ASP B 164 -19.65 -55.38 14.96
N THR B 165 -18.37 -55.71 15.01
CA THR B 165 -17.43 -55.06 15.92
C THR B 165 -16.14 -54.80 15.16
N PHE B 166 -15.47 -53.71 15.54
CA PHE B 166 -14.13 -53.43 15.04
C PHE B 166 -13.25 -53.06 16.22
N TYR B 167 -12.01 -52.69 15.92
CA TYR B 167 -11.05 -52.37 16.96
C TYR B 167 -10.37 -51.06 16.64
N ILE B 168 -9.97 -50.35 17.69
CA ILE B 168 -9.33 -49.06 17.57
C ILE B 168 -8.04 -49.11 18.39
N GLU B 169 -6.90 -49.01 17.72
CA GLU B 169 -5.60 -49.02 18.37
C GLU B 169 -5.20 -47.57 18.65
N MET B 170 -5.72 -47.05 19.74
CA MET B 170 -5.53 -45.65 20.09
C MET B 170 -4.16 -45.47 20.74
N ALA B 171 -3.33 -44.62 20.15
CA ALA B 171 -2.01 -44.31 20.70
C ALA B 171 -2.08 -42.95 21.39
N CYS B 172 -1.73 -42.94 22.68
CA CYS B 172 -1.84 -41.72 23.48
C CYS B 172 -0.68 -40.78 23.14
N ASN B 173 -0.87 -40.03 22.05
CA ASN B 173 0.04 -38.96 21.66
C ASN B 173 -0.62 -38.18 20.55
N GLY B 174 -0.24 -36.90 20.44
CA GLY B 174 -0.74 -36.08 19.36
C GLY B 174 -0.17 -36.51 18.03
N MET B 175 -0.47 -35.72 17.00
CA MET B 175 0.13 -35.96 15.71
C MET B 175 1.63 -35.68 15.72
N PHE B 176 2.07 -34.81 16.62
CA PHE B 176 3.47 -34.43 16.74
C PHE B 176 3.99 -34.75 18.13
N GLY B 177 3.65 -35.93 18.64
CA GLY B 177 4.09 -36.34 19.95
C GLY B 177 3.24 -35.75 21.06
N THR B 178 3.88 -35.36 22.15
CA THR B 178 3.20 -34.86 23.33
C THR B 178 3.48 -33.40 23.63
N GLY B 179 4.72 -32.96 23.43
CA GLY B 179 5.03 -31.55 23.48
C GLY B 179 5.40 -31.00 24.84
N ALA B 180 4.45 -30.99 25.78
CA ALA B 180 4.62 -30.35 27.08
C ALA B 180 4.89 -28.85 26.94
N GLY B 181 3.91 -28.15 26.38
CA GLY B 181 3.98 -26.71 26.28
C GLY B 181 3.99 -26.20 24.85
N SER B 182 4.76 -26.87 23.98
CA SER B 182 4.85 -26.49 22.58
C SER B 182 5.30 -27.72 21.80
N GLN B 183 5.25 -27.61 20.48
CA GLN B 183 5.56 -28.75 19.63
C GLN B 183 7.01 -29.18 19.77
N ILE B 184 7.93 -28.22 19.88
CA ILE B 184 9.36 -28.53 19.92
C ILE B 184 9.86 -28.58 21.35
N ALA B 185 8.95 -28.54 22.31
CA ALA B 185 9.31 -28.68 23.71
C ALA B 185 9.51 -30.15 24.04
N PRO B 186 10.26 -30.46 25.09
CA PRO B 186 10.54 -31.87 25.41
C PRO B 186 9.27 -32.59 25.79
N PRO B 187 9.10 -33.84 25.37
CA PRO B 187 7.82 -34.52 25.53
C PRO B 187 7.35 -34.56 26.97
N ASP B 188 6.03 -34.59 27.14
CA ASP B 188 5.42 -34.68 28.46
C ASP B 188 5.35 -36.13 28.88
N PRO B 189 6.01 -36.53 29.98
CA PRO B 189 5.90 -37.92 30.43
C PRO B 189 4.50 -38.27 30.91
N ASN B 190 3.70 -37.28 31.29
CA ASN B 190 2.33 -37.51 31.78
C ASN B 190 1.40 -36.53 31.08
N ARG B 191 0.70 -37.02 30.05
CA ARG B 191 -0.27 -36.23 29.31
C ARG B 191 -1.50 -37.08 29.12
N TYR B 192 -2.57 -36.79 29.86
CA TYR B 192 -3.75 -37.63 29.91
C TYR B 192 -4.78 -37.12 28.92
N PHE B 193 -5.22 -37.99 28.02
CA PHE B 193 -6.17 -37.65 26.98
C PHE B 193 -7.57 -38.07 27.38
N THR B 194 -8.56 -37.36 26.84
CA THR B 194 -9.96 -37.55 27.18
C THR B 194 -10.72 -37.98 25.94
N LEU B 195 -11.54 -39.02 26.08
CA LEU B 195 -12.42 -39.43 24.99
C LEU B 195 -13.65 -38.54 25.00
N THR B 196 -13.90 -37.87 23.86
CA THR B 196 -14.99 -36.92 23.78
C THR B 196 -16.10 -37.30 22.82
N LYS B 197 -15.83 -38.18 21.86
CA LYS B 197 -16.86 -38.61 20.91
C LYS B 197 -16.69 -40.08 20.60
N ALA B 198 -17.79 -40.83 20.66
CA ALA B 198 -17.83 -42.21 20.21
C ALA B 198 -19.12 -42.49 19.49
N ASP B 199 -19.70 -41.47 18.86
CA ASP B 199 -21.07 -41.52 18.39
C ASP B 199 -21.19 -42.35 17.12
N LEU B 200 -22.41 -42.42 16.59
CA LEU B 200 -22.73 -43.19 15.39
C LEU B 200 -23.68 -42.32 14.57
N VAL B 201 -23.10 -41.49 13.72
CA VAL B 201 -23.87 -40.48 13.00
C VAL B 201 -24.29 -41.04 11.65
N ALA B 202 -25.34 -40.43 11.09
CA ALA B 202 -25.82 -40.75 9.74
C ALA B 202 -25.95 -39.41 9.01
N PRO B 203 -24.82 -38.84 8.56
CA PRO B 203 -24.81 -37.42 8.22
C PRO B 203 -25.71 -37.11 7.04
N ASN B 204 -26.22 -35.88 7.04
CA ASN B 204 -27.03 -35.37 5.94
C ASN B 204 -26.12 -35.03 4.77
N LEU B 205 -26.15 -35.86 3.73
CA LEU B 205 -25.23 -35.67 2.61
C LEU B 205 -25.46 -34.35 1.87
N PRO B 206 -26.69 -33.95 1.51
CA PRO B 206 -26.85 -32.64 0.89
C PRO B 206 -26.46 -31.50 1.79
N ALA B 207 -26.66 -31.63 3.11
CA ALA B 207 -26.20 -30.58 4.02
C ALA B 207 -24.69 -30.46 4.00
N MET B 208 -23.97 -31.58 3.94
CA MET B 208 -22.52 -31.52 3.86
C MET B 208 -22.06 -30.94 2.53
N ALA B 209 -22.74 -31.30 1.45
CA ALA B 209 -22.40 -30.72 0.14
C ALA B 209 -22.59 -29.20 0.16
N LEU B 210 -23.71 -28.74 0.69
CA LEU B 210 -23.93 -27.31 0.81
C LEU B 210 -22.91 -26.67 1.74
N ALA B 211 -22.47 -27.39 2.77
CA ALA B 211 -21.44 -26.86 3.65
C ALA B 211 -20.14 -26.62 2.91
N TYR B 212 -19.72 -27.58 2.09
CA TYR B 212 -18.49 -27.41 1.33
C TYR B 212 -18.65 -26.28 0.31
N ASP B 213 -19.78 -26.22 -0.37
CA ASP B 213 -20.04 -25.14 -1.32
C ASP B 213 -19.93 -23.78 -0.65
N PHE B 214 -20.65 -23.61 0.46
CA PHE B 214 -20.64 -22.33 1.17
C PHE B 214 -19.26 -22.02 1.72
N LEU B 215 -18.51 -23.03 2.14
CA LEU B 215 -17.17 -22.79 2.64
C LEU B 215 -16.26 -22.25 1.55
N LEU B 216 -16.31 -22.88 0.37
CA LEU B 216 -15.51 -22.38 -0.74
C LEU B 216 -15.89 -20.96 -1.10
N MET B 217 -17.20 -20.68 -1.17
CA MET B 217 -17.63 -19.35 -1.57
C MET B 217 -17.27 -18.30 -0.52
N GLN B 218 -17.38 -18.64 0.75
CA GLN B 218 -16.97 -17.72 1.81
C GLN B 218 -15.47 -17.46 1.76
N GLN B 219 -14.67 -18.48 1.40
CA GLN B 219 -13.25 -18.23 1.19
C GLN B 219 -13.02 -17.28 0.03
N CYS B 220 -13.75 -17.49 -1.07
CA CYS B 220 -13.65 -16.57 -2.21
C CYS B 220 -14.00 -15.15 -1.80
N VAL B 221 -14.97 -15.00 -0.91
CA VAL B 221 -15.35 -13.67 -0.44
C VAL B 221 -14.24 -13.07 0.42
N LYS B 222 -13.64 -13.87 1.29
CA LYS B 222 -12.63 -13.35 2.21
C LYS B 222 -11.29 -13.07 1.54
N GLN B 223 -10.98 -13.77 0.45
CA GLN B 223 -9.63 -13.74 -0.12
C GLN B 223 -9.51 -12.89 -1.37
N LEU B 224 -10.46 -12.96 -2.29
CA LEU B 224 -10.30 -12.28 -3.57
C LEU B 224 -10.20 -10.77 -3.37
N PRO B 225 -9.45 -10.08 -4.22
CA PRO B 225 -9.24 -8.64 -4.03
C PRO B 225 -10.55 -7.85 -4.06
N SER B 226 -10.50 -6.65 -3.51
CA SER B 226 -11.69 -5.83 -3.34
C SER B 226 -12.24 -5.28 -4.65
N ASN B 227 -11.65 -5.63 -5.80
CA ASN B 227 -12.11 -5.10 -7.08
C ASN B 227 -12.48 -6.20 -8.06
N CYS B 228 -12.49 -7.45 -7.64
CA CYS B 228 -12.83 -8.57 -8.51
C CYS B 228 -14.31 -8.90 -8.35
N TRP B 229 -15.02 -8.95 -9.47
CA TRP B 229 -16.46 -9.20 -9.41
C TRP B 229 -16.80 -10.60 -8.95
N GLN B 230 -15.85 -11.53 -9.00
CA GLN B 230 -16.13 -12.87 -8.50
C GLN B 230 -16.34 -12.85 -7.00
N LYS B 231 -15.59 -12.01 -6.29
CA LYS B 231 -15.79 -11.86 -4.86
C LYS B 231 -17.21 -11.44 -4.53
N TYR B 232 -17.74 -10.46 -5.27
CA TYR B 232 -19.07 -9.97 -4.98
C TYR B 232 -20.16 -10.91 -5.47
N LYS B 233 -19.93 -11.62 -6.58
CA LYS B 233 -20.89 -12.65 -6.98
C LYS B 233 -20.96 -13.75 -5.93
N ALA B 234 -19.82 -14.18 -5.42
CA ALA B 234 -19.82 -15.17 -4.36
C ALA B 234 -20.53 -14.65 -3.12
N ARG B 235 -20.31 -13.37 -2.78
CA ARG B 235 -20.98 -12.80 -1.61
C ARG B 235 -22.48 -12.76 -1.80
N GLN B 236 -22.94 -12.37 -2.98
CA GLN B 236 -24.38 -12.35 -3.25
C GLN B 236 -24.97 -13.75 -3.18
N ILE B 237 -24.26 -14.74 -3.70
CA ILE B 237 -24.79 -16.10 -3.66
C ILE B 237 -24.82 -16.63 -2.23
N CYS B 238 -23.78 -16.34 -1.44
CA CYS B 238 -23.79 -16.73 -0.03
C CYS B 238 -24.93 -16.07 0.71
N ASN B 239 -25.18 -14.78 0.44
CA ASN B 239 -26.28 -14.08 1.09
C ASN B 239 -27.60 -14.73 0.73
N ASP B 240 -27.82 -15.03 -0.55
CA ASP B 240 -29.07 -15.67 -0.95
C ASP B 240 -29.20 -17.05 -0.32
N ILE B 241 -28.10 -17.76 -0.15
CA ILE B 241 -28.15 -19.08 0.49
C ILE B 241 -28.55 -18.93 1.95
N MET B 242 -27.99 -17.94 2.64
CA MET B 242 -28.33 -17.75 4.05
C MET B 242 -29.78 -17.28 4.19
N ASN B 243 -30.27 -16.49 3.24
CA ASN B 243 -31.67 -16.07 3.24
C ASN B 243 -32.62 -17.19 2.88
N THR B 244 -32.13 -18.20 2.17
CA THR B 244 -32.95 -19.30 1.69
C THR B 244 -33.04 -20.45 2.69
N PHE B 245 -31.98 -20.68 3.45
CA PHE B 245 -31.90 -21.86 4.30
C PHE B 245 -32.75 -21.68 5.55
N HIS B 246 -33.69 -22.61 5.76
CA HIS B 246 -34.42 -22.73 7.02
C HIS B 246 -34.11 -24.10 7.61
N PRO B 247 -33.60 -24.18 8.84
CA PRO B 247 -33.25 -25.49 9.40
C PRO B 247 -34.45 -26.40 9.63
N ASN B 248 -35.67 -25.88 9.53
CA ASN B 248 -36.88 -26.65 9.74
C ASN B 248 -37.44 -27.21 8.44
N ASP B 249 -36.74 -27.04 7.32
CA ASP B 249 -37.18 -27.55 6.03
C ASP B 249 -35.96 -27.92 5.22
N LEU B 250 -35.92 -29.17 4.74
CA LEU B 250 -34.73 -29.72 4.10
C LEU B 250 -34.78 -29.67 2.59
N SER B 251 -35.84 -29.13 2.00
CA SER B 251 -35.81 -28.85 0.57
C SER B 251 -35.06 -27.55 0.28
N THR B 252 -35.10 -26.61 1.24
CA THR B 252 -34.28 -25.42 1.13
C THR B 252 -32.82 -25.77 0.94
N ILE B 253 -32.36 -26.88 1.52
CA ILE B 253 -30.96 -27.29 1.33
C ILE B 253 -30.67 -27.53 -0.14
N ASN B 254 -31.55 -28.25 -0.82
CA ASN B 254 -31.31 -28.55 -2.23
C ASN B 254 -31.46 -27.31 -3.10
N GLU B 255 -32.41 -26.44 -2.78
CA GLU B 255 -32.48 -25.23 -3.61
C GLU B 255 -31.37 -24.23 -3.28
N CYS B 256 -30.79 -24.29 -2.08
CA CYS B 256 -29.56 -23.55 -1.80
C CYS B 256 -28.40 -24.11 -2.61
N ARG B 257 -28.32 -25.44 -2.72
CA ARG B 257 -27.31 -26.04 -3.59
C ARG B 257 -27.48 -25.58 -5.03
N ASN B 258 -28.72 -25.47 -5.48
CA ASN B 258 -28.96 -24.98 -6.84
C ASN B 258 -28.56 -23.52 -6.98
N LEU B 259 -28.86 -22.70 -5.98
CA LEU B 259 -28.37 -21.32 -5.99
C LEU B 259 -26.84 -21.26 -6.03
N ALA B 260 -26.20 -22.23 -5.38
CA ALA B 260 -24.74 -22.28 -5.39
C ALA B 260 -24.21 -22.70 -6.75
N LYS B 261 -24.95 -23.55 -7.46
CA LYS B 261 -24.51 -24.03 -8.76
C LYS B 261 -24.34 -22.91 -9.79
N ALA B 262 -24.73 -21.68 -9.46
CA ALA B 262 -24.46 -20.54 -10.32
C ALA B 262 -23.04 -20.02 -10.19
N PHE B 263 -22.28 -20.55 -9.24
CA PHE B 263 -20.92 -20.14 -8.98
C PHE B 263 -19.91 -21.26 -9.11
N LEU B 264 -20.28 -22.49 -8.76
CA LEU B 264 -19.39 -23.63 -8.83
C LEU B 264 -19.62 -24.50 -10.05
N GLY B 265 -20.78 -24.41 -10.68
CA GLY B 265 -21.10 -25.27 -11.80
C GLY B 265 -21.83 -26.53 -11.37
N ASN B 266 -22.18 -27.34 -12.36
CA ASN B 266 -23.04 -28.49 -12.11
C ASN B 266 -22.28 -29.79 -11.88
N ASP B 267 -20.97 -29.82 -12.12
CA ASP B 267 -20.22 -31.07 -12.10
C ASP B 267 -19.40 -31.26 -10.83
N ILE B 268 -19.57 -30.39 -9.84
CA ILE B 268 -18.74 -30.50 -8.63
C ILE B 268 -19.04 -31.76 -7.83
N ASP B 269 -20.22 -32.36 -8.04
CA ASP B 269 -20.57 -33.55 -7.27
C ASP B 269 -19.81 -34.78 -7.72
N SER B 270 -19.28 -34.78 -8.93
CA SER B 270 -18.58 -35.92 -9.50
C SER B 270 -17.15 -35.53 -9.86
N GLU B 271 -16.43 -36.47 -10.46
CA GLU B 271 -15.06 -36.27 -10.89
C GLU B 271 -14.97 -35.70 -12.30
N ALA B 272 -16.05 -35.12 -12.80
CA ALA B 272 -16.07 -34.54 -14.14
C ALA B 272 -15.66 -33.08 -14.15
N VAL B 273 -15.44 -32.46 -12.99
CA VAL B 273 -14.93 -31.09 -12.97
C VAL B 273 -13.54 -31.04 -13.57
N PHE B 274 -12.75 -32.09 -13.37
CA PHE B 274 -11.37 -32.09 -13.84
C PHE B 274 -11.25 -32.48 -15.30
N GLU B 275 -12.35 -32.83 -15.96
CA GLU B 275 -12.32 -33.14 -17.37
C GLU B 275 -12.66 -31.95 -18.25
N LYS B 276 -13.16 -30.86 -17.65
CA LYS B 276 -13.38 -29.62 -18.36
C LYS B 276 -12.17 -28.72 -18.18
N ASN B 277 -11.68 -28.14 -19.28
CA ASN B 277 -10.58 -27.17 -19.26
C ASN B 277 -9.31 -27.79 -18.68
N ASN B 278 -9.05 -29.05 -19.05
CA ASN B 278 -7.88 -29.76 -18.57
C ASN B 278 -6.68 -29.63 -19.50
N ASP B 279 -6.67 -28.61 -20.38
CA ASP B 279 -5.58 -28.40 -21.32
C ASP B 279 -4.61 -27.32 -20.85
N LYS B 280 -5.12 -26.15 -20.48
CA LYS B 280 -4.29 -25.07 -19.95
C LYS B 280 -4.40 -25.08 -18.43
N ALA B 281 -3.60 -25.93 -17.81
CA ALA B 281 -3.58 -26.09 -16.36
C ALA B 281 -2.37 -25.40 -15.78
N ASN B 282 -2.59 -24.59 -14.75
CA ASN B 282 -1.53 -23.85 -14.10
C ASN B 282 -1.12 -24.47 -12.76
N VAL B 283 -2.09 -24.81 -11.92
CA VAL B 283 -1.83 -25.47 -10.66
C VAL B 283 -2.04 -26.96 -10.83
N PHE B 284 -1.03 -27.75 -10.49
CA PHE B 284 -1.11 -29.20 -10.51
C PHE B 284 -1.16 -29.68 -9.07
N ALA B 285 -2.24 -30.36 -8.71
CA ALA B 285 -2.46 -30.81 -7.35
C ALA B 285 -2.05 -32.27 -7.22
N ILE B 286 -1.34 -32.59 -6.14
CA ILE B 286 -0.94 -33.96 -5.84
C ILE B 286 -1.02 -34.13 -4.33
N GLY B 287 -1.42 -35.33 -3.89
CA GLY B 287 -1.57 -35.60 -2.47
C GLY B 287 -0.28 -36.16 -1.90
N HIS B 288 0.08 -35.65 -0.72
CA HIS B 288 1.34 -36.00 -0.09
C HIS B 288 1.16 -36.17 1.40
N CYS B 289 1.88 -37.13 1.98
CA CYS B 289 1.79 -37.47 3.39
C CYS B 289 3.21 -37.61 3.93
N HIS B 290 3.77 -36.50 4.40
CA HIS B 290 5.15 -36.48 4.88
C HIS B 290 5.17 -36.97 6.32
N ILE B 291 5.79 -38.12 6.55
CA ILE B 291 5.90 -38.72 7.87
C ILE B 291 7.38 -38.67 8.25
N ASP B 292 7.73 -37.75 9.14
CA ASP B 292 9.09 -37.72 9.65
C ASP B 292 9.39 -39.00 10.40
N THR B 293 10.41 -39.73 9.93
CA THR B 293 10.67 -41.07 10.47
C THR B 293 10.90 -41.03 11.97
N ALA B 294 11.62 -40.04 12.47
CA ALA B 294 11.78 -39.88 13.91
C ALA B 294 12.07 -38.40 14.17
N TRP B 295 11.04 -37.64 14.53
CA TRP B 295 11.19 -36.23 14.83
C TRP B 295 10.81 -35.90 16.27
N LEU B 296 9.60 -36.27 16.68
CA LEU B 296 9.16 -36.09 18.06
C LEU B 296 8.58 -37.38 18.62
N TRP B 297 8.88 -38.51 18.00
CA TRP B 297 8.37 -39.81 18.36
C TRP B 297 9.39 -40.85 17.94
N PRO B 298 9.45 -41.99 18.61
CA PRO B 298 10.44 -43.01 18.23
C PRO B 298 10.13 -43.65 16.89
N PHE B 299 11.02 -44.54 16.43
CA PHE B 299 10.76 -45.28 15.20
C PHE B 299 9.59 -46.23 15.37
N ALA B 300 9.38 -46.76 16.58
CA ALA B 300 8.28 -47.68 16.80
C ALA B 300 6.94 -47.00 16.62
N GLU B 301 6.88 -45.67 16.81
CA GLU B 301 5.64 -44.95 16.54
C GLU B 301 5.42 -44.64 15.06
N THR B 302 6.49 -44.36 14.31
CA THR B 302 6.34 -44.18 12.87
C THR B 302 5.95 -45.47 12.17
N ARG B 303 6.35 -46.61 12.72
CA ARG B 303 5.98 -47.90 12.13
C ARG B 303 4.46 -47.99 12.10
N ARG B 304 3.78 -47.30 13.03
CA ARG B 304 2.32 -47.28 13.07
C ARG B 304 1.74 -46.09 12.33
N LYS B 305 2.43 -44.94 12.38
CA LYS B 305 1.97 -43.78 11.63
C LYS B 305 1.93 -44.09 10.14
N ILE B 306 2.91 -44.85 9.65
CA ILE B 306 2.94 -45.19 8.23
C ILE B 306 1.66 -45.92 7.83
N VAL B 307 1.30 -46.97 8.55
CA VAL B 307 0.14 -47.75 8.16
C VAL B 307 -1.14 -46.97 8.39
N ARG B 308 -1.23 -46.22 9.49
CA ARG B 308 -2.45 -45.51 9.77
C ARG B 308 -2.69 -44.36 8.81
N SER B 309 -1.64 -43.83 8.18
CA SER B 309 -1.86 -42.83 7.14
C SER B 309 -2.09 -43.47 5.78
N TRP B 310 -1.32 -44.51 5.43
CA TRP B 310 -1.44 -45.06 4.10
C TRP B 310 -2.74 -45.83 3.92
N ALA B 311 -3.26 -46.49 4.96
CA ALA B 311 -4.54 -47.17 4.82
C ALA B 311 -5.66 -46.17 4.60
N THR B 312 -5.63 -45.05 5.33
CA THR B 312 -6.55 -43.96 5.06
C THR B 312 -6.47 -43.53 3.61
N GLN B 313 -5.25 -43.39 3.09
CA GLN B 313 -5.10 -42.98 1.70
C GLN B 313 -5.63 -44.03 0.74
N MET B 314 -5.48 -45.32 1.06
CA MET B 314 -6.05 -46.36 0.21
C MET B 314 -7.55 -46.22 0.14
N ASN B 315 -8.21 -46.05 1.29
CA ASN B 315 -9.66 -45.93 1.27
C ASN B 315 -10.11 -44.69 0.52
N ILE B 316 -9.38 -43.57 0.69
CA ILE B 316 -9.76 -42.34 0.01
C ILE B 316 -9.60 -42.50 -1.50
N MET B 317 -8.46 -43.03 -1.94
CA MET B 317 -8.26 -43.30 -3.36
C MET B 317 -9.28 -44.30 -3.89
N ASP B 318 -9.87 -45.12 -3.02
CA ASP B 318 -10.97 -45.96 -3.43
C ASP B 318 -12.24 -45.13 -3.64
N ARG B 319 -12.47 -44.13 -2.80
CA ARG B 319 -13.68 -43.32 -2.91
C ARG B 319 -13.58 -42.30 -4.05
N TYR B 320 -12.48 -41.54 -4.10
CA TYR B 320 -12.31 -40.51 -5.11
C TYR B 320 -11.42 -41.02 -6.23
N PRO B 321 -11.95 -41.22 -7.44
CA PRO B 321 -11.14 -41.89 -8.47
C PRO B 321 -10.03 -41.03 -9.06
N GLU B 322 -10.17 -39.71 -9.03
CA GLU B 322 -9.19 -38.82 -9.65
C GLU B 322 -8.04 -38.48 -8.73
N TYR B 323 -8.06 -38.95 -7.49
CA TYR B 323 -7.07 -38.55 -6.49
C TYR B 323 -5.81 -39.40 -6.63
N GLN B 324 -4.66 -38.72 -6.61
CA GLN B 324 -3.37 -39.39 -6.71
C GLN B 324 -2.50 -38.98 -5.52
N PHE B 325 -1.63 -39.90 -5.10
CA PHE B 325 -0.93 -39.81 -3.83
C PHE B 325 0.54 -40.14 -4.03
N VAL B 326 1.41 -39.45 -3.30
CA VAL B 326 2.85 -39.67 -3.39
C VAL B 326 3.43 -39.80 -1.99
N CYS B 327 4.43 -40.68 -1.85
CA CYS B 327 5.17 -40.83 -0.60
C CYS B 327 6.59 -41.22 -0.96
N SER B 328 7.56 -40.70 -0.19
CA SER B 328 8.95 -40.67 -0.64
C SER B 328 9.76 -41.87 -0.16
N GLN B 329 9.90 -42.03 1.15
CA GLN B 329 10.89 -42.96 1.69
C GLN B 329 10.54 -44.40 1.33
N ALA B 330 11.56 -45.14 0.88
CA ALA B 330 11.40 -46.57 0.66
C ALA B 330 11.51 -47.37 1.94
N LEU B 331 12.21 -46.83 2.94
CA LEU B 331 12.26 -47.48 4.24
C LEU B 331 10.86 -47.62 4.83
N GLN B 332 9.99 -46.64 4.58
CA GLN B 332 8.63 -46.73 5.08
C GLN B 332 7.86 -47.84 4.36
N TYR B 333 8.12 -48.03 3.07
CA TYR B 333 7.53 -49.17 2.37
C TYR B 333 8.02 -50.49 2.97
N LEU B 334 9.32 -50.55 3.29
CA LEU B 334 9.85 -51.75 3.91
C LEU B 334 9.20 -52.01 5.26
N TRP B 335 9.01 -50.97 6.06
CA TRP B 335 8.37 -51.14 7.36
C TRP B 335 6.92 -51.57 7.21
N LEU B 336 6.21 -51.02 6.23
CA LEU B 336 4.83 -51.41 6.01
C LEU B 336 4.72 -52.85 5.56
N LYS B 337 5.67 -53.31 4.74
CA LYS B 337 5.66 -54.70 4.32
C LYS B 337 6.12 -55.64 5.44
N GLU B 338 6.90 -55.15 6.38
CA GLU B 338 7.27 -55.97 7.53
C GLU B 338 6.11 -56.09 8.51
N ASP B 339 5.35 -55.02 8.71
CA ASP B 339 4.23 -55.06 9.64
C ASP B 339 3.00 -55.69 9.02
N HIS B 340 2.48 -55.09 7.95
CA HIS B 340 1.24 -55.52 7.32
C HIS B 340 1.51 -55.95 5.88
N PRO B 341 1.78 -57.23 5.64
CA PRO B 341 2.05 -57.67 4.26
C PRO B 341 0.85 -57.57 3.34
N ASP B 342 -0.35 -57.84 3.84
CA ASP B 342 -1.54 -57.74 2.99
C ASP B 342 -1.83 -56.30 2.60
N VAL B 343 -1.64 -55.38 3.55
CA VAL B 343 -1.78 -53.96 3.23
C VAL B 343 -0.76 -53.57 2.17
N PHE B 344 0.44 -54.13 2.23
CA PHE B 344 1.43 -53.83 1.21
C PHE B 344 1.06 -54.45 -0.14
N GLU B 345 0.42 -55.61 -0.14
CA GLU B 345 -0.04 -56.17 -1.41
C GLU B 345 -1.09 -55.28 -2.05
N LYS B 346 -2.07 -54.84 -1.26
CA LYS B 346 -3.05 -53.89 -1.78
C LYS B 346 -2.40 -52.57 -2.19
N LEU B 347 -1.34 -52.17 -1.48
CA LEU B 347 -0.63 -50.95 -1.83
C LEU B 347 0.03 -51.08 -3.19
N LYS B 348 0.70 -52.20 -3.44
CA LYS B 348 1.32 -52.39 -4.74
C LYS B 348 0.27 -52.54 -5.84
N GLU B 349 -0.91 -53.04 -5.49
CA GLU B 349 -2.02 -53.03 -6.44
C GLU B 349 -2.40 -51.61 -6.82
N TYR B 350 -2.53 -50.73 -5.81
CA TYR B 350 -2.82 -49.32 -6.09
C TYR B 350 -1.70 -48.70 -6.92
N VAL B 351 -0.45 -48.99 -6.57
CA VAL B 351 0.70 -48.45 -7.31
C VAL B 351 0.61 -48.85 -8.78
N ASN B 352 0.25 -50.10 -9.05
CA ASN B 352 0.11 -50.52 -10.44
C ASN B 352 -1.07 -49.84 -11.12
N GLN B 353 -2.07 -49.41 -10.35
CA GLN B 353 -3.24 -48.75 -10.90
C GLN B 353 -3.04 -47.26 -11.11
N ASN B 354 -1.79 -46.80 -11.15
CA ASN B 354 -1.38 -45.43 -11.41
C ASN B 354 -1.73 -44.46 -10.30
N LYS B 355 -2.45 -44.90 -9.26
CA LYS B 355 -2.59 -44.11 -8.06
C LYS B 355 -1.51 -44.48 -7.07
N PHE B 356 -1.38 -43.69 -6.02
CA PHE B 356 -0.39 -43.94 -4.98
C PHE B 356 1.02 -44.04 -5.58
N ILE B 357 1.46 -42.93 -6.16
CA ILE B 357 2.74 -42.87 -6.86
C ILE B 357 3.89 -42.96 -5.87
N PRO B 358 4.74 -43.98 -5.96
CA PRO B 358 5.96 -44.00 -5.14
C PRO B 358 7.03 -43.11 -5.77
N ILE B 359 7.43 -42.08 -5.04
CA ILE B 359 8.34 -41.07 -5.55
C ILE B 359 9.55 -40.98 -4.62
N GLY B 360 10.48 -40.10 -4.96
CA GLY B 360 11.67 -39.91 -4.15
C GLY B 360 12.86 -40.71 -4.58
N GLY B 361 12.67 -42.01 -4.78
CA GLY B 361 13.73 -42.87 -5.26
C GLY B 361 14.90 -43.03 -4.31
N SER B 362 14.70 -42.66 -3.04
CA SER B 362 15.74 -42.78 -2.04
C SER B 362 15.26 -43.65 -0.89
N TRP B 363 16.21 -44.03 -0.02
CA TRP B 363 15.86 -44.83 1.14
C TRP B 363 15.06 -44.02 2.14
N VAL B 364 15.63 -42.91 2.62
CA VAL B 364 14.95 -41.99 3.49
C VAL B 364 15.10 -40.58 2.93
N GLU B 365 14.31 -39.66 3.46
CA GLU B 365 14.47 -38.25 3.13
C GLU B 365 15.61 -37.70 3.98
N HIS B 366 16.82 -37.98 3.52
CA HIS B 366 18.03 -37.72 4.28
C HIS B 366 18.39 -36.24 4.25
N ASP B 367 19.28 -35.86 5.16
CA ASP B 367 19.95 -34.58 5.06
C ASP B 367 21.05 -34.68 4.01
N THR B 368 21.23 -33.62 3.23
CA THR B 368 22.18 -33.66 2.14
C THR B 368 23.45 -32.89 2.44
N ASN B 369 23.61 -32.40 3.67
CA ASN B 369 24.81 -31.64 4.06
C ASN B 369 25.82 -32.49 4.80
N ILE B 370 25.38 -33.23 5.81
CA ILE B 370 26.28 -33.91 6.74
C ILE B 370 26.81 -35.23 6.20
N PRO B 371 25.99 -36.15 5.67
CA PRO B 371 26.52 -37.45 5.26
C PRO B 371 27.48 -37.32 4.09
N ASN B 372 28.47 -38.21 4.06
CA ASN B 372 29.46 -38.19 3.00
C ASN B 372 28.82 -38.61 1.68
N GLY B 373 29.55 -38.39 0.59
CA GLY B 373 28.98 -38.61 -0.73
C GLY B 373 28.55 -40.04 -0.96
N GLU B 374 29.35 -40.99 -0.47
CA GLU B 374 28.98 -42.39 -0.63
C GLU B 374 27.68 -42.70 0.09
N SER B 375 27.39 -42.00 1.18
CA SER B 375 26.11 -42.20 1.86
C SER B 375 24.95 -41.77 0.97
N LEU B 376 25.08 -40.65 0.27
CA LEU B 376 24.02 -40.22 -0.65
C LEU B 376 23.86 -41.21 -1.79
N ILE B 377 24.97 -41.68 -2.35
CA ILE B 377 24.88 -42.66 -3.42
C ILE B 377 24.23 -43.94 -2.92
N ARG B 378 24.51 -44.32 -1.67
CA ARG B 378 23.87 -45.51 -1.11
C ARG B 378 22.38 -45.29 -0.89
N GLN B 379 22.00 -44.09 -0.45
CA GLN B 379 20.58 -43.76 -0.35
C GLN B 379 19.88 -44.04 -1.66
N PHE B 380 20.40 -43.46 -2.74
CA PHE B 380 19.73 -43.63 -4.03
C PHE B 380 19.79 -45.08 -4.49
N LEU B 381 20.93 -45.75 -4.28
CA LEU B 381 21.07 -47.14 -4.68
C LEU B 381 20.02 -48.01 -4.01
N LEU B 382 19.93 -47.93 -2.68
CA LEU B 382 19.00 -48.75 -1.92
C LEU B 382 17.56 -48.42 -2.28
N GLY B 383 17.22 -47.13 -2.33
CA GLY B 383 15.85 -46.75 -2.64
C GLY B 383 15.42 -47.23 -4.02
N GLN B 384 16.26 -46.96 -5.03
CA GLN B 384 15.90 -47.36 -6.39
C GLN B 384 15.86 -48.87 -6.55
N HIS B 385 16.74 -49.60 -5.87
CA HIS B 385 16.69 -51.05 -5.98
C HIS B 385 15.45 -51.61 -5.30
N PHE B 386 15.07 -51.05 -4.15
CA PHE B 386 13.84 -51.47 -3.49
C PHE B 386 12.64 -51.20 -4.38
N PHE B 387 12.61 -50.04 -5.04
CA PHE B 387 11.46 -49.70 -5.87
C PHE B 387 11.41 -50.55 -7.13
N GLU B 388 12.57 -50.84 -7.73
CA GLU B 388 12.58 -51.73 -8.89
C GLU B 388 12.28 -53.17 -8.53
N LYS B 389 12.54 -53.57 -7.28
CA LYS B 389 12.24 -54.93 -6.85
C LYS B 389 10.76 -55.08 -6.51
N GLU B 390 10.27 -54.30 -5.56
CA GLU B 390 8.90 -54.46 -5.10
C GLU B 390 7.90 -54.08 -6.19
N PHE B 391 7.90 -52.82 -6.58
CA PHE B 391 7.10 -52.37 -7.72
C PHE B 391 7.94 -52.49 -8.98
N GLY B 392 7.47 -51.92 -10.08
CA GLY B 392 8.23 -51.97 -11.30
C GLY B 392 8.71 -50.59 -11.72
N VAL B 393 8.64 -49.64 -10.80
CA VAL B 393 8.92 -48.24 -11.10
C VAL B 393 10.34 -47.90 -10.68
N ARG B 394 10.98 -47.03 -11.46
CA ARG B 394 12.22 -46.38 -11.06
C ARG B 394 11.94 -44.89 -11.03
N CYS B 395 11.96 -44.31 -9.83
CA CYS B 395 11.57 -42.92 -9.67
C CYS B 395 12.50 -41.99 -10.44
N ARG B 396 11.92 -41.10 -11.22
CA ARG B 396 12.67 -40.10 -11.95
C ARG B 396 12.69 -38.75 -11.27
N THR B 397 12.09 -38.63 -10.08
CA THR B 397 11.95 -37.35 -9.40
C THR B 397 12.53 -37.49 -7.99
N PHE B 398 13.62 -36.79 -7.74
CA PHE B 398 14.17 -36.73 -6.38
C PHE B 398 13.26 -35.86 -5.54
N TRP B 399 12.56 -36.47 -4.59
CA TRP B 399 11.63 -35.77 -3.71
C TRP B 399 12.33 -35.49 -2.40
N LEU B 400 12.49 -34.20 -2.07
CA LEU B 400 13.23 -33.79 -0.88
C LEU B 400 12.73 -32.42 -0.43
N PRO B 401 11.52 -32.37 0.15
CA PRO B 401 10.92 -31.09 0.52
C PRO B 401 11.24 -30.59 1.92
N ASP B 402 11.94 -31.38 2.74
CA ASP B 402 12.10 -31.03 4.14
C ASP B 402 13.55 -30.99 4.59
N THR B 403 14.51 -31.04 3.66
CA THR B 403 15.92 -31.08 4.01
C THR B 403 16.43 -29.69 4.37
N PHE B 404 17.29 -29.63 5.39
CA PHE B 404 17.78 -28.36 5.91
C PHE B 404 19.05 -27.89 5.19
N GLY B 405 18.99 -27.84 3.87
CA GLY B 405 20.15 -27.40 3.10
C GLY B 405 20.68 -28.41 2.12
N TYR B 406 20.93 -27.98 0.88
CA TYR B 406 21.37 -28.88 -0.17
C TYR B 406 22.82 -28.69 -0.59
N SER B 407 23.54 -29.80 -0.72
CA SER B 407 24.95 -29.77 -1.10
C SER B 407 25.05 -29.39 -2.58
N SER B 408 26.26 -29.03 -2.98
CA SER B 408 26.50 -28.54 -4.33
C SER B 408 26.66 -29.66 -5.35
N GLN B 409 26.69 -30.92 -4.91
CA GLN B 409 26.90 -32.04 -5.81
C GLN B 409 25.68 -32.94 -5.93
N ILE B 410 24.56 -32.53 -5.34
CA ILE B 410 23.35 -33.36 -5.42
C ILE B 410 22.88 -33.56 -6.85
N PRO B 411 22.84 -32.54 -7.72
CA PRO B 411 22.36 -32.81 -9.09
C PRO B 411 23.14 -33.88 -9.82
N GLN B 412 24.45 -33.95 -9.63
CA GLN B 412 25.22 -34.99 -10.31
C GLN B 412 24.88 -36.36 -9.77
N ILE B 413 24.76 -36.49 -8.45
CA ILE B 413 24.39 -37.77 -7.86
C ILE B 413 23.00 -38.19 -8.32
N CYS B 414 22.10 -37.23 -8.50
CA CYS B 414 20.79 -37.56 -9.03
C CYS B 414 20.88 -38.03 -10.48
N ARG B 415 21.69 -37.35 -11.29
CA ARG B 415 21.84 -37.74 -12.69
C ARG B 415 22.47 -39.12 -12.82
N LEU B 416 23.34 -39.49 -11.88
CA LEU B 416 23.93 -40.83 -11.91
C LEU B 416 22.87 -41.89 -11.67
N CYS B 417 22.01 -41.68 -10.68
CA CYS B 417 21.04 -42.67 -10.25
C CYS B 417 19.73 -42.58 -11.01
N GLY B 418 19.74 -42.02 -12.22
CA GLY B 418 18.59 -42.04 -13.10
C GLY B 418 17.53 -41.00 -12.82
N MET B 419 17.73 -40.12 -11.85
CA MET B 419 16.73 -39.13 -11.46
C MET B 419 17.17 -37.76 -11.95
N ASP B 420 16.51 -37.27 -12.99
CA ASP B 420 16.84 -35.98 -13.58
C ASP B 420 15.84 -34.89 -13.21
N ARG B 421 15.03 -35.11 -12.18
CA ARG B 421 14.12 -34.11 -11.67
C ARG B 421 14.40 -33.90 -10.19
N PHE B 422 13.87 -32.82 -9.65
CA PHE B 422 14.07 -32.50 -8.25
C PHE B 422 12.92 -31.63 -7.79
N LEU B 423 12.41 -31.96 -6.60
CA LEU B 423 11.33 -31.20 -5.98
C LEU B 423 11.68 -30.95 -4.53
N THR B 424 11.57 -29.70 -4.09
CA THR B 424 11.86 -29.36 -2.71
C THR B 424 11.04 -28.15 -2.29
N GLN B 425 10.79 -28.01 -1.00
CA GLN B 425 10.04 -26.86 -0.53
C GLN B 425 10.74 -26.04 0.55
N LYS B 426 11.72 -26.60 1.24
CA LYS B 426 12.33 -25.96 2.40
C LYS B 426 12.97 -24.61 2.07
N LEU B 427 13.42 -24.41 0.84
CA LEU B 427 14.13 -23.18 0.51
C LEU B 427 13.21 -21.96 0.43
N SER B 428 11.95 -22.10 0.80
CA SER B 428 11.06 -20.95 0.94
C SER B 428 11.07 -20.39 2.36
N TRP B 429 11.82 -21.00 3.26
CA TRP B 429 11.93 -20.54 4.64
C TRP B 429 13.11 -19.61 4.86
N ASN B 430 13.70 -19.09 3.80
CA ASN B 430 14.84 -18.18 3.93
C ASN B 430 14.36 -16.87 4.53
N ASN B 431 14.76 -16.60 5.78
CA ASN B 431 14.38 -15.38 6.48
C ASN B 431 15.25 -14.19 6.13
N ILE B 432 16.21 -14.35 5.21
CA ILE B 432 17.11 -13.28 4.81
C ILE B 432 16.99 -12.97 3.32
N ASN B 433 16.94 -14.00 2.48
CA ASN B 433 16.97 -13.81 1.03
C ASN B 433 15.93 -14.71 0.38
N SER B 434 14.86 -14.13 -0.13
CA SER B 434 13.93 -14.89 -0.94
C SER B 434 14.65 -15.45 -2.16
N PHE B 435 14.52 -16.76 -2.36
CA PHE B 435 15.18 -17.42 -3.46
C PHE B 435 14.73 -16.78 -4.78
N PRO B 436 15.62 -16.66 -5.77
CA PRO B 436 15.24 -15.91 -6.98
C PRO B 436 14.21 -16.60 -7.84
N THR B 437 14.19 -17.93 -7.90
CA THR B 437 13.37 -18.64 -8.86
C THR B 437 12.52 -19.70 -8.16
N SER B 438 11.65 -20.33 -8.94
CA SER B 438 10.80 -21.40 -8.45
C SER B 438 10.92 -22.65 -9.32
N THR B 439 11.19 -22.45 -10.60
CA THR B 439 11.50 -23.54 -11.52
C THR B 439 12.79 -23.18 -12.23
N PHE B 440 13.86 -23.88 -11.92
CA PHE B 440 15.17 -23.54 -12.46
C PHE B 440 15.93 -24.82 -12.79
N ASN B 441 17.12 -24.64 -13.33
CA ASN B 441 18.03 -25.74 -13.63
C ASN B 441 19.12 -25.73 -12.58
N TRP B 442 19.05 -26.67 -11.64
CA TRP B 442 20.07 -26.75 -10.61
C TRP B 442 21.27 -27.50 -11.18
N VAL B 443 22.38 -26.79 -11.35
CA VAL B 443 23.57 -27.34 -11.98
C VAL B 443 24.59 -27.65 -10.88
N ALA B 444 25.15 -28.85 -10.93
CA ALA B 444 26.04 -29.32 -9.88
C ALA B 444 27.38 -28.62 -9.98
N LEU B 445 28.33 -29.08 -9.19
CA LEU B 445 29.68 -28.49 -9.22
C LEU B 445 30.33 -28.68 -10.58
N ASP B 446 30.06 -29.81 -11.23
CA ASP B 446 30.76 -30.17 -12.46
C ASP B 446 30.00 -29.79 -13.72
N GLY B 447 28.69 -29.61 -13.63
CA GLY B 447 27.93 -29.26 -14.81
C GLY B 447 26.65 -30.04 -14.97
N SER B 448 26.56 -31.18 -14.30
CA SER B 448 25.34 -31.97 -14.34
C SER B 448 24.19 -31.17 -13.75
N GLN B 449 23.02 -31.28 -14.36
CA GLN B 449 21.88 -30.45 -14.02
C GLN B 449 20.64 -31.29 -13.81
N VAL B 450 19.79 -30.83 -12.90
CA VAL B 450 18.46 -31.39 -12.68
C VAL B 450 17.44 -30.27 -12.76
N ILE B 451 16.30 -30.55 -13.37
CA ILE B 451 15.24 -29.56 -13.42
C ILE B 451 14.58 -29.49 -12.05
N CYS B 452 14.91 -28.46 -11.28
CA CYS B 452 14.40 -28.31 -9.94
C CYS B 452 13.17 -27.41 -9.96
N HIS B 453 12.20 -27.76 -9.13
CA HIS B 453 10.99 -26.95 -8.97
C HIS B 453 10.64 -26.91 -7.48
N MET B 454 10.19 -25.74 -7.04
CA MET B 454 9.73 -25.57 -5.66
C MET B 454 8.26 -25.21 -5.68
N PRO B 455 7.40 -25.96 -5.00
CA PRO B 455 6.00 -25.57 -4.88
C PRO B 455 5.87 -24.14 -4.40
N PRO B 456 5.27 -23.26 -5.21
CA PRO B 456 5.25 -21.83 -4.84
C PRO B 456 4.61 -21.57 -3.49
N ALA B 457 3.48 -22.22 -3.21
CA ALA B 457 2.98 -22.23 -1.84
C ALA B 457 4.03 -22.86 -0.94
N ASN B 458 4.43 -22.15 0.10
CA ASN B 458 5.62 -22.49 0.85
C ASN B 458 5.44 -23.70 1.76
N THR B 459 4.38 -24.48 1.57
CA THR B 459 4.14 -25.67 2.37
C THR B 459 3.81 -26.85 1.46
N TYR B 460 4.37 -28.01 1.79
CA TYR B 460 3.93 -29.27 1.23
C TYR B 460 2.75 -29.85 1.99
N THR B 461 2.17 -29.07 2.90
CA THR B 461 1.00 -29.48 3.67
C THR B 461 -0.13 -28.50 3.43
N ALA B 462 -0.38 -28.16 2.17
CA ALA B 462 -1.44 -27.22 1.85
C ALA B 462 -2.81 -27.83 2.18
N ASP B 463 -3.85 -27.00 2.05
CA ASP B 463 -5.19 -27.39 2.47
C ASP B 463 -6.20 -27.30 1.34
N THR B 464 -5.75 -27.16 0.09
CA THR B 464 -6.64 -27.01 -1.06
C THR B 464 -7.66 -25.91 -0.84
N ASN B 465 -7.32 -24.90 -0.05
CA ASN B 465 -8.18 -23.75 0.12
C ASN B 465 -8.19 -22.93 -1.16
N VAL B 466 -8.90 -21.80 -1.13
CA VAL B 466 -8.83 -20.89 -2.26
C VAL B 466 -7.48 -20.19 -2.29
N ASN B 467 -6.97 -19.79 -1.12
CA ASN B 467 -5.70 -19.07 -1.11
C ASN B 467 -4.54 -20.00 -1.40
N ASP B 468 -4.64 -21.29 -1.06
CA ASP B 468 -3.61 -22.25 -1.45
C ASP B 468 -3.56 -22.42 -2.97
N VAL B 469 -4.72 -22.69 -3.57
CA VAL B 469 -4.81 -22.83 -5.02
C VAL B 469 -4.33 -21.57 -5.72
N LEU B 470 -4.60 -20.40 -5.13
CA LEU B 470 -4.13 -19.16 -5.72
C LEU B 470 -2.62 -19.02 -5.61
N HIS B 471 -2.07 -19.15 -4.40
CA HIS B 471 -0.64 -18.98 -4.19
C HIS B 471 0.18 -20.00 -4.96
N SER B 472 -0.40 -21.16 -5.29
CA SER B 472 0.37 -22.16 -6.02
C SER B 472 0.81 -21.68 -7.40
N ILE B 473 0.17 -20.66 -7.96
CA ILE B 473 0.57 -20.06 -9.22
C ILE B 473 0.98 -18.61 -9.06
N ASP B 474 0.32 -17.88 -8.16
CA ASP B 474 0.56 -16.45 -8.04
C ASP B 474 1.82 -16.12 -7.24
N GLN B 475 2.33 -17.07 -6.45
CA GLN B 475 3.57 -16.87 -5.72
C GLN B 475 4.78 -17.42 -6.47
N HIS B 476 4.58 -17.94 -7.68
CA HIS B 476 5.68 -18.40 -8.52
C HIS B 476 6.69 -17.28 -8.73
N LYS B 477 7.93 -17.52 -8.30
CA LYS B 477 8.91 -16.45 -8.26
C LYS B 477 9.48 -16.09 -9.63
N ASN B 478 9.38 -16.99 -10.61
CA ASN B 478 9.78 -16.69 -11.98
C ASN B 478 8.67 -17.20 -12.90
N LEU B 479 7.67 -16.36 -13.15
CA LEU B 479 6.56 -16.74 -14.00
C LEU B 479 6.83 -16.51 -15.48
N VAL B 480 7.86 -15.73 -15.80
CA VAL B 480 8.16 -15.48 -17.21
C VAL B 480 8.67 -16.74 -17.89
N ASN B 481 9.33 -17.62 -17.13
CA ASN B 481 9.91 -18.82 -17.72
C ASN B 481 8.88 -19.93 -17.88
N ASP B 482 8.07 -20.20 -16.85
CA ASP B 482 7.04 -21.21 -16.96
C ASP B 482 5.91 -20.88 -16.00
N GLN B 483 4.69 -20.91 -16.52
CA GLN B 483 3.50 -20.60 -15.72
C GLN B 483 2.81 -21.90 -15.30
N ALA B 484 3.42 -22.55 -14.31
CA ALA B 484 2.88 -23.79 -13.77
C ALA B 484 3.48 -24.02 -12.40
N GLY B 485 2.62 -24.13 -11.38
CA GLY B 485 3.06 -24.40 -10.03
C GLY B 485 2.38 -25.65 -9.50
N LEU B 486 3.10 -26.38 -8.66
CA LEU B 486 2.59 -27.62 -8.09
C LEU B 486 1.94 -27.33 -6.74
N LEU B 487 0.76 -27.88 -6.54
CA LEU B 487 0.07 -27.81 -5.25
C LEU B 487 0.23 -29.17 -4.57
N VAL B 488 0.90 -29.18 -3.44
CA VAL B 488 1.14 -30.39 -2.67
C VAL B 488 0.31 -30.26 -1.39
N PHE B 489 -0.82 -30.97 -1.35
CA PHE B 489 -1.75 -30.82 -0.25
C PHE B 489 -1.75 -32.07 0.62
N GLY B 490 -1.92 -31.85 1.91
CA GLY B 490 -1.90 -32.92 2.89
C GLY B 490 -1.67 -32.36 4.27
N ILE B 491 -1.42 -33.26 5.21
CA ILE B 491 -1.03 -32.91 6.57
C ILE B 491 0.20 -33.72 6.91
N GLY B 492 1.37 -33.09 6.86
CA GLY B 492 2.63 -33.78 6.95
C GLY B 492 3.30 -33.61 8.29
N ASP B 493 4.63 -33.80 8.29
CA ASP B 493 5.45 -33.72 9.50
C ASP B 493 5.04 -34.74 10.54
N GLY B 494 4.64 -35.92 10.07
CA GLY B 494 4.28 -37.00 10.97
C GLY B 494 2.79 -37.14 11.19
N GLY B 495 2.01 -37.12 10.11
CA GLY B 495 0.57 -37.26 10.23
C GLY B 495 -0.04 -37.75 8.94
N GLY B 496 -1.31 -38.14 9.04
CA GLY B 496 -2.01 -38.69 7.89
C GLY B 496 -2.11 -37.69 6.75
N GLY B 497 -2.36 -38.23 5.57
CA GLY B 497 -2.38 -37.43 4.36
C GLY B 497 -3.57 -36.49 4.28
N PRO B 498 -3.98 -36.15 3.06
CA PRO B 498 -5.10 -35.22 2.90
C PRO B 498 -6.43 -35.87 3.25
N THR B 499 -7.21 -35.17 4.05
CA THR B 499 -8.57 -35.59 4.36
C THR B 499 -9.42 -35.53 3.10
N PRO B 500 -10.55 -36.27 3.08
CA PRO B 500 -11.40 -36.24 1.88
C PRO B 500 -12.06 -34.89 1.64
N GLU B 501 -12.33 -34.12 2.70
CA GLU B 501 -12.90 -32.80 2.50
C GLU B 501 -11.95 -31.89 1.73
N MET B 502 -10.64 -32.16 1.79
CA MET B 502 -9.72 -31.43 0.92
C MET B 502 -9.94 -31.77 -0.54
N LEU B 503 -10.27 -33.03 -0.84
CA LEU B 503 -10.61 -33.38 -2.21
C LEU B 503 -11.93 -32.74 -2.64
N GLU B 504 -12.90 -32.62 -1.72
CA GLU B 504 -14.13 -31.93 -2.07
C GLU B 504 -13.88 -30.46 -2.33
N LYS B 505 -13.05 -29.82 -1.51
CA LYS B 505 -12.69 -28.43 -1.74
C LYS B 505 -11.92 -28.26 -3.03
N LEU B 506 -11.13 -29.27 -3.42
CA LEU B 506 -10.44 -29.20 -4.71
C LEU B 506 -11.41 -29.31 -5.87
N ARG B 507 -12.39 -30.21 -5.76
CA ARG B 507 -13.44 -30.29 -6.77
C ARG B 507 -14.16 -28.96 -6.92
N ARG B 508 -14.49 -28.31 -5.81
CA ARG B 508 -15.20 -27.04 -5.89
C ARG B 508 -14.30 -25.91 -6.38
N CYS B 509 -13.01 -25.96 -6.08
CA CYS B 509 -12.09 -24.98 -6.65
C CYS B 509 -12.00 -25.11 -8.15
N LYS B 510 -11.92 -26.34 -8.65
CA LYS B 510 -11.92 -26.54 -10.10
C LYS B 510 -13.24 -26.11 -10.71
N GLY B 511 -14.35 -26.32 -9.98
CA GLY B 511 -15.63 -25.84 -10.47
C GLY B 511 -15.69 -24.33 -10.56
N ILE B 512 -15.15 -23.64 -9.56
CA ILE B 512 -15.09 -22.18 -9.60
C ILE B 512 -14.25 -21.72 -10.78
N ALA B 513 -13.08 -22.34 -10.96
CA ALA B 513 -12.24 -21.97 -12.09
C ALA B 513 -12.94 -22.21 -13.42
N ASN B 514 -13.81 -23.23 -13.49
CA ASN B 514 -14.53 -23.50 -14.71
C ASN B 514 -15.63 -22.46 -14.95
N THR B 515 -16.35 -22.08 -13.88
CA THR B 515 -17.52 -21.23 -14.02
C THR B 515 -17.18 -19.75 -13.98
N VAL B 516 -16.55 -19.29 -12.90
CA VAL B 516 -16.11 -17.90 -12.78
C VAL B 516 -14.59 -17.92 -12.73
N GLY B 517 -13.97 -17.63 -13.86
CA GLY B 517 -12.57 -17.92 -14.03
C GLY B 517 -11.58 -17.00 -13.36
N TYR B 518 -11.54 -17.02 -12.03
CA TYR B 518 -10.48 -16.34 -11.31
C TYR B 518 -9.45 -17.29 -10.73
N LEU B 519 -9.89 -18.37 -10.10
CA LEU B 519 -8.95 -19.36 -9.59
C LEU B 519 -8.26 -20.05 -10.76
N PRO B 520 -7.00 -20.44 -10.58
CA PRO B 520 -6.29 -21.12 -11.67
C PRO B 520 -6.82 -22.52 -11.90
N ASN B 521 -6.59 -23.02 -13.11
CA ASN B 521 -7.12 -24.30 -13.55
C ASN B 521 -6.37 -25.43 -12.88
N VAL B 522 -6.90 -25.94 -11.78
CA VAL B 522 -6.28 -27.06 -11.09
C VAL B 522 -6.45 -28.33 -11.92
N LYS B 523 -5.41 -29.15 -11.93
CA LYS B 523 -5.44 -30.44 -12.63
C LYS B 523 -5.00 -31.51 -11.65
N LEU B 524 -5.92 -32.40 -11.29
CA LEU B 524 -5.67 -33.38 -10.24
C LEU B 524 -5.20 -34.72 -10.77
N GLY B 525 -5.63 -35.13 -11.96
CA GLY B 525 -5.29 -36.45 -12.46
C GLY B 525 -3.93 -36.52 -13.13
N ASN B 526 -2.95 -35.79 -12.60
CA ASN B 526 -1.61 -35.76 -13.16
C ASN B 526 -0.59 -36.00 -12.06
N THR B 527 0.41 -36.83 -12.36
CA THR B 527 1.44 -37.15 -11.39
C THR B 527 2.47 -36.02 -11.31
N VAL B 528 3.59 -36.27 -10.66
CA VAL B 528 4.68 -35.31 -10.66
C VAL B 528 5.56 -35.48 -11.88
N ASP B 529 5.70 -36.70 -12.39
CA ASP B 529 6.50 -36.90 -13.59
C ASP B 529 5.85 -36.25 -14.80
N GLU B 530 4.53 -36.36 -14.93
CA GLU B 530 3.84 -35.67 -16.01
C GLU B 530 3.96 -34.17 -15.86
N PHE B 531 3.94 -33.68 -14.64
CA PHE B 531 4.10 -32.24 -14.39
C PHE B 531 5.47 -31.76 -14.86
N PHE B 532 6.53 -32.49 -14.49
CA PHE B 532 7.86 -32.10 -14.91
C PHE B 532 8.06 -32.29 -16.41
N ASP B 533 7.39 -33.29 -17.00
CA ASP B 533 7.45 -33.44 -18.44
C ASP B 533 6.79 -32.27 -19.15
N GLY B 534 5.68 -31.78 -18.62
CA GLY B 534 5.09 -30.57 -19.17
C GLY B 534 6.01 -29.37 -19.03
N ILE B 535 6.65 -29.22 -17.87
CA ILE B 535 7.58 -28.11 -17.66
C ILE B 535 8.72 -28.18 -18.68
N LEU B 536 9.26 -29.38 -18.91
CA LEU B 536 10.36 -29.53 -19.85
C LEU B 536 9.89 -29.32 -21.29
N LYS B 537 8.64 -29.65 -21.59
CA LYS B 537 8.14 -29.48 -22.94
C LYS B 537 7.90 -28.00 -23.26
N ARG B 538 7.33 -27.25 -22.31
CA ARG B 538 7.00 -25.86 -22.56
C ARG B 538 8.22 -24.94 -22.54
N THR B 539 9.39 -25.42 -22.11
CA THR B 539 10.59 -24.60 -22.05
C THR B 539 11.70 -25.15 -22.92
N ASN B 540 11.38 -25.98 -23.90
CA ASN B 540 12.35 -26.58 -24.81
C ASN B 540 13.44 -27.31 -24.03
N ALA B 541 13.01 -28.37 -23.34
CA ALA B 541 13.91 -29.24 -22.57
C ALA B 541 14.67 -28.44 -21.52
N GLY B 542 14.00 -27.49 -20.89
CA GLY B 542 14.60 -26.71 -19.83
C GLY B 542 15.75 -25.82 -20.25
N GLN B 543 15.98 -25.63 -21.55
CA GLN B 543 17.08 -24.80 -22.01
C GLN B 543 16.86 -23.33 -21.73
N THR B 544 15.65 -22.93 -21.33
CA THR B 544 15.35 -21.53 -21.11
C THR B 544 15.22 -21.14 -19.65
N LEU B 545 15.05 -22.10 -18.75
CA LEU B 545 14.84 -21.78 -17.35
C LEU B 545 16.13 -21.24 -16.73
N PRO B 546 16.02 -20.42 -15.69
CA PRO B 546 17.21 -19.92 -15.02
C PRO B 546 18.04 -21.06 -14.46
N SER B 547 19.32 -20.79 -14.27
CA SER B 547 20.25 -21.77 -13.74
C SER B 547 20.71 -21.35 -12.36
N TRP B 548 20.96 -22.34 -11.51
CA TRP B 548 21.61 -22.11 -10.23
C TRP B 548 22.82 -23.04 -10.16
N ASN B 549 24.01 -22.46 -10.25
CA ASN B 549 25.24 -23.23 -10.27
C ASN B 549 25.79 -23.33 -8.86
N GLY B 550 25.84 -24.54 -8.32
CA GLY B 550 26.51 -24.81 -7.06
C GLY B 550 25.53 -25.17 -5.97
N GLU B 551 25.76 -24.64 -4.78
CA GLU B 551 25.09 -25.06 -3.57
C GLU B 551 23.84 -24.25 -3.33
N LEU B 552 22.73 -24.92 -3.05
CA LEU B 552 21.50 -24.27 -2.62
C LEU B 552 21.61 -24.02 -1.13
N TYR B 553 22.07 -22.84 -0.74
CA TYR B 553 22.29 -22.56 0.67
C TYR B 553 20.95 -22.26 1.34
N PHE B 554 20.63 -23.03 2.37
CA PHE B 554 19.41 -22.83 3.16
C PHE B 554 19.76 -21.91 4.33
N GLU B 555 19.30 -20.66 4.24
CA GLU B 555 19.66 -19.63 5.22
C GLU B 555 18.80 -19.76 6.48
N PHE B 556 18.88 -20.95 7.09
CA PHE B 556 18.08 -21.28 8.26
C PHE B 556 18.57 -22.62 8.79
N HIS B 557 18.35 -22.85 10.08
CA HIS B 557 18.75 -24.09 10.75
C HIS B 557 20.26 -24.32 10.64
N ARG B 558 21.02 -23.33 11.11
CA ARG B 558 22.47 -23.38 10.99
C ARG B 558 23.14 -24.02 12.20
N GLY B 559 22.51 -24.04 13.36
CA GLY B 559 23.03 -24.84 14.43
C GLY B 559 22.88 -26.32 14.24
N THR B 560 22.24 -26.72 13.15
CA THR B 560 22.05 -28.14 12.86
C THR B 560 23.37 -28.84 12.55
N TYR B 561 24.42 -28.09 12.20
CA TYR B 561 25.71 -28.69 11.95
C TYR B 561 26.41 -29.11 13.24
N THR B 562 26.13 -28.42 14.35
CA THR B 562 26.88 -28.62 15.58
C THR B 562 26.11 -29.37 16.66
N THR B 563 24.78 -29.37 16.62
CA THR B 563 24.02 -30.01 17.68
C THR B 563 24.04 -31.52 17.51
N GLN B 564 23.87 -32.22 18.63
CA GLN B 564 23.99 -33.67 18.70
C GLN B 564 25.34 -34.12 18.14
N ALA B 565 26.39 -33.66 18.81
CA ALA B 565 27.74 -33.85 18.29
C ALA B 565 28.12 -35.33 18.25
N GLU B 566 27.74 -36.09 19.28
CA GLU B 566 28.16 -37.49 19.34
C GLU B 566 27.53 -38.30 18.23
N LEU B 567 26.30 -37.96 17.83
CA LEU B 567 25.68 -38.69 16.73
C LEU B 567 26.41 -38.44 15.42
N LYS B 568 26.88 -37.20 15.21
CA LYS B 568 27.63 -36.91 13.98
C LYS B 568 28.99 -37.58 14.00
N LYS B 569 29.67 -37.56 15.14
CA LYS B 569 30.92 -38.29 15.27
C LYS B 569 30.72 -39.76 14.94
N LEU B 570 29.67 -40.36 15.51
CA LEU B 570 29.40 -41.77 15.25
C LEU B 570 29.04 -42.00 13.79
N MET B 571 28.33 -41.06 13.17
CA MET B 571 27.97 -41.24 11.77
C MET B 571 29.19 -41.22 10.88
N ARG B 572 30.13 -40.30 11.12
CA ARG B 572 31.32 -40.29 10.28
C ARG B 572 32.19 -41.51 10.54
N LYS B 573 32.36 -41.89 11.80
CA LYS B 573 33.11 -43.11 12.10
C LYS B 573 32.49 -44.32 11.43
N VAL B 574 31.15 -44.37 11.40
CA VAL B 574 30.46 -45.51 10.82
C VAL B 574 30.60 -45.51 9.31
N GLU B 575 30.55 -44.34 8.68
CA GLU B 575 30.74 -44.26 7.23
C GLU B 575 32.13 -44.74 6.85
N ILE B 576 33.15 -44.27 7.58
CA ILE B 576 34.51 -44.69 7.27
C ILE B 576 34.70 -46.18 7.56
N ALA B 577 34.11 -46.67 8.64
CA ALA B 577 34.22 -48.09 8.96
C ALA B 577 33.51 -48.94 7.93
N LEU B 578 32.40 -48.46 7.38
CA LEU B 578 31.72 -49.20 6.32
C LEU B 578 32.56 -49.23 5.05
N HIS B 579 33.18 -48.09 4.71
CA HIS B 579 34.11 -48.08 3.60
C HIS B 579 35.19 -49.13 3.77
N ASP B 580 35.87 -49.12 4.92
CA ASP B 580 36.92 -50.09 5.18
C ASP B 580 36.38 -51.52 5.16
N ALA B 581 35.18 -51.71 5.71
CA ALA B 581 34.60 -53.05 5.81
C ALA B 581 34.39 -53.64 4.44
N GLU B 582 33.67 -52.94 3.56
CA GLU B 582 33.47 -53.54 2.25
C GLU B 582 34.72 -53.50 1.38
N TYR B 583 35.69 -52.63 1.67
CA TYR B 583 36.96 -52.71 0.97
C TYR B 583 37.67 -54.03 1.25
N VAL B 584 37.92 -54.30 2.53
CA VAL B 584 38.63 -55.54 2.87
C VAL B 584 37.75 -56.75 2.55
N SER B 585 36.43 -56.59 2.58
CA SER B 585 35.56 -57.71 2.23
C SER B 585 35.61 -57.99 0.73
N THR B 586 35.68 -56.94 -0.09
CA THR B 586 35.89 -57.14 -1.51
C THR B 586 37.20 -57.84 -1.78
N LEU B 587 38.26 -57.43 -1.08
CA LEU B 587 39.55 -58.08 -1.27
C LEU B 587 39.49 -59.55 -0.87
N ALA B 588 38.85 -59.85 0.27
CA ALA B 588 38.78 -61.23 0.72
C ALA B 588 37.94 -62.08 -0.22
N SER B 589 36.84 -61.54 -0.73
CA SER B 589 36.01 -62.31 -1.65
C SER B 589 36.70 -62.48 -2.99
N ILE B 590 37.53 -61.53 -3.38
CA ILE B 590 38.28 -61.66 -4.63
C ILE B 590 39.33 -62.75 -4.50
N PHE B 591 40.15 -62.68 -3.46
CA PHE B 591 41.34 -63.52 -3.37
C PHE B 591 41.07 -64.88 -2.73
N SER B 592 40.47 -64.89 -1.55
CA SER B 592 40.20 -66.16 -0.88
C SER B 592 39.23 -67.00 -1.70
N LYS B 593 39.16 -68.29 -1.37
CA LYS B 593 38.41 -69.24 -2.17
C LYS B 593 37.07 -69.63 -1.58
N ASP B 594 36.95 -69.68 -0.26
CA ASP B 594 35.73 -70.11 0.40
C ASP B 594 35.11 -69.00 1.24
N TYR B 595 35.20 -67.76 0.75
CA TYR B 595 34.67 -66.60 1.46
C TYR B 595 33.67 -65.90 0.56
N SER B 596 32.41 -65.86 1.00
CA SER B 596 31.35 -65.19 0.26
C SER B 596 31.23 -63.76 0.75
N TYR B 597 31.14 -62.83 -0.18
CA TYR B 597 31.02 -61.42 0.16
C TYR B 597 29.77 -61.19 0.99
N PRO B 598 29.87 -60.57 2.16
CA PRO B 598 28.71 -60.44 3.03
C PRO B 598 27.70 -59.43 2.50
N LYS B 599 26.87 -59.87 1.54
CA LYS B 599 25.89 -58.95 0.96
C LYS B 599 24.78 -58.63 1.94
N GLU B 600 24.28 -59.64 2.67
CA GLU B 600 23.17 -59.40 3.58
C GLU B 600 23.62 -58.59 4.80
N SER B 601 24.77 -58.90 5.36
CA SER B 601 25.24 -58.17 6.54
C SER B 601 25.53 -56.72 6.18
N LEU B 602 26.25 -56.49 5.08
CA LEU B 602 26.57 -55.14 4.68
C LEU B 602 25.31 -54.38 4.26
N GLN B 603 24.35 -55.06 3.64
CA GLN B 603 23.11 -54.40 3.27
C GLN B 603 22.35 -53.95 4.50
N ASP B 604 22.25 -54.81 5.51
CA ASP B 604 21.55 -54.41 6.73
C ASP B 604 22.31 -53.32 7.47
N LEU B 605 23.63 -53.36 7.44
CA LEU B 605 24.42 -52.30 8.08
C LEU B 605 24.20 -50.97 7.38
N TRP B 606 24.17 -50.98 6.05
CA TRP B 606 23.92 -49.75 5.32
C TRP B 606 22.50 -49.25 5.55
N ARG B 607 21.53 -50.15 5.66
CA ARG B 607 20.17 -49.73 5.94
C ARG B 607 20.07 -49.06 7.30
N ASP B 608 20.67 -49.66 8.32
CA ASP B 608 20.63 -49.08 9.65
C ASP B 608 21.48 -47.83 9.77
N THR B 609 22.45 -47.63 8.88
CA THR B 609 23.18 -46.36 8.86
C THR B 609 22.38 -45.28 8.18
N LEU B 610 21.77 -45.59 7.03
CA LEU B 610 21.01 -44.59 6.30
C LEU B 610 19.73 -44.20 7.02
N LEU B 611 19.18 -45.11 7.83
CA LEU B 611 18.01 -44.75 8.63
C LEU B 611 18.32 -43.62 9.59
N CYS B 612 19.51 -43.63 10.19
CA CYS B 612 19.92 -42.59 11.11
C CYS B 612 20.55 -41.41 10.39
N GLN B 613 20.31 -41.26 9.09
CA GLN B 613 20.69 -40.07 8.35
C GLN B 613 19.47 -39.26 7.95
N PHE B 614 18.34 -39.50 8.60
CA PHE B 614 17.11 -38.78 8.29
C PHE B 614 17.33 -37.28 8.48
N HIS B 615 16.53 -36.49 7.78
CA HIS B 615 16.74 -35.04 7.81
C HIS B 615 16.35 -34.43 9.11
N ASP B 616 16.04 -35.22 10.11
CA ASP B 616 15.82 -34.74 11.47
C ASP B 616 16.68 -35.47 12.48
N VAL B 617 16.92 -36.77 12.30
CA VAL B 617 17.72 -37.52 13.25
C VAL B 617 19.17 -37.08 13.20
N LEU B 618 19.76 -37.10 12.00
CA LEU B 618 21.18 -36.76 11.89
C LEU B 618 21.47 -35.30 12.24
N PRO B 619 20.75 -34.31 11.68
CA PRO B 619 21.07 -32.91 12.03
C PRO B 619 20.77 -32.54 13.47
N GLY B 620 20.33 -33.48 14.31
CA GLY B 620 20.16 -33.21 15.71
C GLY B 620 18.94 -32.37 16.03
N SER B 621 17.77 -32.84 15.66
CA SER B 621 16.55 -32.08 15.82
C SER B 621 15.40 -32.96 16.30
N CYS B 622 15.67 -33.83 17.27
CA CYS B 622 14.67 -34.75 17.78
C CYS B 622 14.65 -34.72 19.30
N ILE B 623 13.74 -35.51 19.86
CA ILE B 623 13.56 -35.60 21.31
C ILE B 623 14.59 -36.56 21.90
N GLU B 624 14.69 -36.60 23.23
CA GLU B 624 15.70 -37.44 23.87
C GLU B 624 15.52 -38.90 23.55
N MET B 625 14.27 -39.36 23.40
CA MET B 625 14.04 -40.78 23.13
C MET B 625 14.56 -41.19 21.76
N VAL B 626 14.43 -40.31 20.77
CA VAL B 626 14.92 -40.62 19.43
C VAL B 626 16.42 -40.84 19.46
N TYR B 627 17.14 -40.09 20.30
CA TYR B 627 18.59 -40.26 20.34
C TYR B 627 19.00 -41.41 21.25
N LYS B 628 18.25 -41.66 22.32
CA LYS B 628 18.46 -42.88 23.07
C LYS B 628 18.13 -44.12 22.25
N ASP B 629 17.47 -43.96 21.11
CA ASP B 629 17.28 -45.04 20.15
C ASP B 629 18.32 -45.04 19.04
N ALA B 630 18.78 -43.86 18.62
CA ALA B 630 19.69 -43.74 17.48
C ALA B 630 21.15 -43.95 17.83
N ILE B 631 21.60 -43.46 18.99
CA ILE B 631 22.98 -43.71 19.41
C ILE B 631 23.24 -45.20 19.62
N PRO B 632 22.35 -45.98 20.24
CA PRO B 632 22.63 -47.42 20.35
C PRO B 632 22.64 -48.15 19.01
N ILE B 633 21.69 -47.85 18.12
CA ILE B 633 21.71 -48.54 16.83
C ILE B 633 22.92 -48.12 16.02
N MET B 634 23.36 -46.88 16.15
CA MET B 634 24.55 -46.44 15.42
C MET B 634 25.82 -47.09 15.98
N SER B 635 25.92 -47.19 17.31
CA SER B 635 27.06 -47.87 17.90
C SER B 635 27.06 -49.35 17.55
N LYS B 636 25.88 -49.96 17.47
CA LYS B 636 25.79 -51.35 17.06
C LYS B 636 26.22 -51.51 15.61
N VAL B 637 25.86 -50.58 14.75
CA VAL B 637 26.32 -50.62 13.36
C VAL B 637 27.83 -50.51 13.30
N LEU B 638 28.41 -49.61 14.10
CA LEU B 638 29.85 -49.48 14.11
C LEU B 638 30.52 -50.77 14.56
N LYS B 639 30.01 -51.38 15.63
CA LYS B 639 30.60 -52.60 16.14
C LYS B 639 30.48 -53.75 15.14
N ASN B 640 29.33 -53.87 14.49
CA ASN B 640 29.15 -54.94 13.51
C ASN B 640 30.01 -54.71 12.28
N THR B 641 30.23 -53.44 11.89
CA THR B 641 31.13 -53.18 10.77
C THR B 641 32.56 -53.55 11.12
N GLU B 642 32.98 -53.23 12.35
CA GLU B 642 34.30 -53.68 12.80
C GLU B 642 34.41 -55.19 12.79
N ALA B 643 33.37 -55.88 13.24
CA ALA B 643 33.40 -57.34 13.25
C ALA B 643 33.47 -57.91 11.85
N LEU B 644 32.74 -57.32 10.91
CA LEU B 644 32.78 -57.76 9.52
C LEU B 644 34.16 -57.54 8.92
N LEU B 645 34.73 -56.35 9.16
CA LEU B 645 36.10 -56.07 8.73
C LEU B 645 37.05 -57.11 9.26
N TRP B 646 36.92 -57.48 10.54
CA TRP B 646 37.86 -58.40 11.13
C TRP B 646 37.69 -59.82 10.57
N GLN B 647 36.45 -60.23 10.31
CA GLN B 647 36.23 -61.51 9.67
C GLN B 647 36.89 -61.56 8.30
N ALA B 648 36.72 -60.50 7.50
CA ALA B 648 37.34 -60.45 6.19
C ALA B 648 38.86 -60.43 6.29
N ILE B 649 39.41 -59.64 7.21
CA ILE B 649 40.85 -59.54 7.37
C ILE B 649 41.44 -60.88 7.76
N GLU B 650 40.82 -61.55 8.74
CA GLU B 650 41.29 -62.86 9.15
C GLU B 650 41.19 -63.86 8.03
N GLN B 651 40.19 -63.73 7.15
CA GLN B 651 40.17 -64.54 5.95
C GLN B 651 41.32 -64.19 5.01
N LEU B 652 41.82 -62.95 5.07
CA LEU B 652 42.96 -62.58 4.23
C LEU B 652 44.28 -63.10 4.79
N GLY B 653 44.38 -63.31 6.10
CA GLY B 653 45.59 -63.84 6.68
C GLY B 653 46.22 -62.98 7.76
N PHE B 654 45.41 -62.15 8.41
CA PHE B 654 45.89 -61.30 9.49
C PHE B 654 44.98 -61.48 10.70
N LYS B 655 45.34 -60.82 11.81
CA LYS B 655 44.52 -60.84 13.00
C LYS B 655 44.77 -59.56 13.79
N LYS B 656 44.00 -59.39 14.86
CA LYS B 656 44.09 -58.17 15.65
C LYS B 656 45.44 -58.09 16.37
N ALA B 657 45.73 -56.91 16.93
CA ALA B 657 47.02 -56.68 17.54
C ALA B 657 47.16 -57.46 18.85
N SER B 658 46.08 -57.56 19.62
CA SER B 658 45.97 -58.32 20.86
C SER B 658 46.86 -57.78 21.98
N SER B 659 47.63 -56.73 21.74
CA SER B 659 48.51 -56.08 22.72
C SER B 659 49.53 -57.04 23.33
N SER B 660 49.69 -58.24 22.76
CA SER B 660 50.67 -59.20 23.24
C SER B 660 51.74 -59.51 22.22
N ASP B 661 51.49 -59.29 20.93
CA ASP B 661 52.52 -59.48 19.92
C ASP B 661 53.62 -58.45 20.10
N ASN B 662 54.84 -58.85 19.74
CA ASN B 662 55.98 -57.96 19.84
C ASN B 662 55.81 -56.78 18.89
N LYS B 663 56.48 -55.67 19.23
CA LYS B 663 56.40 -54.47 18.40
C LYS B 663 56.97 -54.71 17.00
N GLU B 664 57.84 -55.69 16.83
CA GLU B 664 58.37 -56.01 15.51
C GLU B 664 57.33 -56.68 14.62
N GLN B 665 56.34 -57.34 15.21
CA GLN B 665 55.33 -58.06 14.43
C GLN B 665 54.03 -57.28 14.30
N LEU B 666 54.05 -55.99 14.62
CA LEU B 666 52.87 -55.14 14.46
C LEU B 666 52.84 -54.55 13.06
N CYS B 667 51.67 -54.58 12.45
CA CYS B 667 51.45 -53.95 11.15
C CYS B 667 50.27 -52.98 11.28
N LEU B 668 49.99 -52.27 10.20
CA LEU B 668 48.93 -51.26 10.22
C LEU B 668 48.15 -51.34 8.92
N LEU B 669 46.84 -51.47 9.03
CA LEU B 669 45.98 -51.51 7.85
C LEU B 669 45.67 -50.09 7.40
N ASN B 670 45.90 -49.82 6.11
CA ASN B 670 45.80 -48.48 5.57
C ASN B 670 44.43 -48.18 4.98
N THR B 671 44.02 -48.94 3.96
CA THR B 671 42.76 -48.79 3.25
C THR B 671 42.57 -47.41 2.62
N LEU B 672 43.60 -46.58 2.61
CA LEU B 672 43.48 -45.38 1.81
C LEU B 672 44.09 -45.61 0.43
N PRO B 673 43.52 -45.09 -0.63
CA PRO B 673 44.00 -45.44 -1.98
C PRO B 673 45.27 -44.70 -2.36
N TRP B 674 46.23 -44.62 -1.44
CA TRP B 674 47.54 -44.07 -1.73
C TRP B 674 48.46 -44.44 -0.57
N ASN B 675 49.75 -44.17 -0.75
CA ASN B 675 50.76 -44.58 0.20
C ASN B 675 50.89 -43.52 1.28
N VAL B 676 50.30 -43.79 2.45
CA VAL B 676 50.53 -42.96 3.62
C VAL B 676 51.95 -43.21 4.09
N ARG B 677 52.83 -42.23 3.95
CA ARG B 677 54.25 -42.46 4.22
C ARG B 677 54.52 -42.93 5.63
N GLY B 678 53.89 -42.30 6.61
CA GLY B 678 54.09 -42.75 7.97
C GLY B 678 52.90 -42.45 8.85
N VAL B 679 52.65 -43.32 9.83
CA VAL B 679 51.58 -43.06 10.77
C VAL B 679 52.10 -43.30 12.18
N ILE B 680 51.85 -42.35 13.07
CA ILE B 680 52.23 -42.47 14.47
C ILE B 680 50.98 -42.82 15.26
N THR B 681 51.04 -43.89 16.03
CA THR B 681 49.84 -44.34 16.74
C THR B 681 50.21 -44.96 18.08
N GLU B 682 49.24 -44.96 18.99
CA GLU B 682 49.39 -45.65 20.27
C GLU B 682 48.93 -47.09 20.13
N THR B 683 49.59 -47.98 20.88
CA THR B 683 49.33 -49.41 20.75
C THR B 683 48.70 -50.01 22.01
N GLU B 684 49.37 -49.93 23.15
CA GLU B 684 48.80 -50.51 24.37
C GLU B 684 48.96 -49.65 25.62
N GLU B 685 49.93 -48.76 25.69
CA GLU B 685 50.20 -47.99 26.90
C GLU B 685 50.48 -46.54 26.55
N ASN B 686 49.70 -45.97 25.63
CA ASN B 686 49.98 -44.69 24.99
C ASN B 686 51.36 -44.68 24.35
N LYS B 687 51.90 -45.86 24.03
CA LYS B 687 53.23 -46.00 23.46
C LYS B 687 53.18 -45.58 22.00
N LEU B 688 53.84 -44.48 21.67
CA LEU B 688 53.85 -44.00 20.30
C LEU B 688 54.75 -44.88 19.45
N VAL B 689 54.19 -45.46 18.39
CA VAL B 689 54.93 -46.28 17.45
C VAL B 689 54.69 -45.66 16.09
N TYR B 690 55.74 -45.65 15.28
CA TYR B 690 55.71 -45.10 13.93
C TYR B 690 55.70 -46.25 12.93
N PHE B 691 54.78 -46.17 11.98
CA PHE B 691 54.60 -47.22 10.98
C PHE B 691 54.88 -46.62 9.61
N GLU B 692 55.93 -47.09 8.97
CA GLU B 692 56.30 -46.64 7.63
C GLU B 692 56.14 -47.78 6.63
N SER B 693 55.77 -47.41 5.41
CA SER B 693 55.68 -48.37 4.32
C SER B 693 56.28 -47.75 3.07
N CYS B 694 57.45 -48.22 2.69
CA CYS B 694 58.14 -47.71 1.51
C CYS B 694 57.70 -48.40 0.23
N ASP B 695 57.10 -49.58 0.32
CA ASP B 695 56.78 -50.41 -0.84
C ASP B 695 55.28 -50.48 -1.11
N GLY B 696 54.50 -50.92 -0.14
CA GLY B 696 53.08 -51.15 -0.34
C GLY B 696 52.23 -50.06 0.29
N LYS B 697 51.08 -49.80 -0.33
CA LYS B 697 50.15 -48.82 0.18
C LYS B 697 49.12 -49.43 1.13
N GLY B 698 49.10 -50.74 1.26
CA GLY B 698 48.08 -51.40 2.07
C GLY B 698 48.48 -51.65 3.50
N ILE B 699 49.63 -52.30 3.71
CA ILE B 699 50.09 -52.68 5.04
C ILE B 699 51.34 -51.88 5.35
N LEU B 700 51.30 -51.13 6.45
CA LEU B 700 52.45 -50.37 6.92
C LEU B 700 53.12 -51.18 8.03
N THR B 701 54.40 -51.46 7.85
CA THR B 701 55.13 -52.15 8.91
C THR B 701 55.62 -51.14 9.95
N ALA B 702 55.97 -51.64 11.12
CA ALA B 702 56.54 -50.78 12.15
C ALA B 702 57.94 -50.34 11.72
N ALA B 703 58.39 -49.25 12.33
CA ALA B 703 59.70 -48.67 12.03
C ALA B 703 60.59 -48.77 13.24
N HIS B 704 61.67 -49.55 13.12
CA HIS B 704 62.63 -49.65 14.21
C HIS B 704 63.58 -48.47 14.22
N THR B 705 63.96 -47.98 13.05
CA THR B 705 64.85 -46.83 12.96
C THR B 705 64.14 -45.56 13.45
N SER B 706 64.94 -44.59 13.85
CA SER B 706 64.40 -43.35 14.36
C SER B 706 63.86 -42.50 13.20
N LEU B 707 63.39 -41.31 13.53
CA LEU B 707 62.82 -40.40 12.55
C LEU B 707 63.87 -39.44 12.01
N LYS B 708 63.73 -39.08 10.74
CA LYS B 708 64.64 -38.12 10.15
C LYS B 708 64.38 -36.71 10.68
N HIS B 709 63.13 -36.38 10.98
CA HIS B 709 62.75 -35.04 11.42
C HIS B 709 61.86 -35.18 12.64
N PRO B 710 62.44 -35.20 13.83
CA PRO B 710 61.65 -35.40 15.05
C PRO B 710 61.11 -34.09 15.61
N ALA B 711 60.06 -34.22 16.41
CA ALA B 711 59.49 -33.09 17.11
C ALA B 711 60.21 -32.86 18.44
N ALA B 712 59.96 -31.70 19.04
CA ALA B 712 60.62 -31.38 20.30
C ALA B 712 59.82 -30.31 21.02
N ALA B 713 59.30 -30.63 22.19
CA ALA B 713 58.59 -29.66 23.02
C ALA B 713 59.51 -29.19 24.12
N TYR B 714 59.96 -27.95 24.04
CA TYR B 714 60.75 -27.38 25.11
C TYR B 714 60.08 -26.09 25.58
N GLN B 715 60.76 -25.36 26.45
CA GLN B 715 60.19 -24.15 27.05
C GLN B 715 61.18 -23.02 26.94
N LYS B 716 60.85 -22.03 26.11
CA LYS B 716 61.55 -20.75 26.15
C LYS B 716 60.96 -19.94 27.30
N ASP B 717 61.44 -18.70 27.46
CA ASP B 717 61.02 -17.89 28.58
C ASP B 717 59.50 -17.83 28.65
N ASP B 718 58.95 -18.40 29.73
CA ASP B 718 57.52 -18.53 29.99
C ASP B 718 56.69 -18.80 28.75
N ASN B 719 57.23 -19.60 27.83
CA ASN B 719 56.51 -19.97 26.61
C ASN B 719 56.88 -21.39 26.24
N PHE B 720 55.93 -22.11 25.65
CA PHE B 720 56.14 -23.51 25.32
C PHE B 720 56.27 -23.65 23.81
N ILE B 721 57.39 -24.17 23.37
CA ILE B 721 57.71 -24.26 21.94
C ILE B 721 57.60 -25.71 21.53
N LEU B 722 56.62 -26.01 20.68
CA LEU B 722 56.58 -27.28 19.96
C LEU B 722 57.31 -27.04 18.65
N VAL B 723 58.56 -27.36 18.62
CA VAL B 723 59.35 -27.16 17.40
C VAL B 723 59.36 -28.47 16.63
N ASN B 724 59.52 -28.33 15.33
CA ASN B 724 59.49 -29.45 14.40
C ASN B 724 60.47 -29.08 13.29
N ASP B 725 60.57 -29.92 12.28
CA ASP B 725 61.35 -29.55 11.11
C ASP B 725 60.60 -28.52 10.27
N HIS B 726 59.29 -28.65 10.18
CA HIS B 726 58.47 -27.80 9.32
C HIS B 726 57.93 -26.61 10.09
N LEU B 727 57.28 -26.85 11.23
CA LEU B 727 56.59 -25.82 11.97
C LEU B 727 57.27 -25.54 13.30
N ARG B 728 56.95 -24.38 13.87
CA ARG B 728 57.33 -24.04 15.23
C ARG B 728 56.14 -23.36 15.89
N VAL B 729 55.59 -23.98 16.92
CA VAL B 729 54.39 -23.50 17.59
C VAL B 729 54.81 -22.90 18.93
N THR B 730 54.79 -21.57 19.01
CA THR B 730 55.05 -20.85 20.24
C THR B 730 53.73 -20.64 20.96
N ILE B 731 53.60 -21.20 22.16
CA ILE B 731 52.35 -21.22 22.92
C ILE B 731 52.55 -20.39 24.18
N ALA B 732 51.61 -19.46 24.40
CA ALA B 732 51.64 -18.62 25.58
C ALA B 732 51.45 -19.46 26.84
N PRO B 733 51.76 -18.91 28.01
CA PRO B 733 51.50 -19.65 29.25
C PRO B 733 50.03 -19.83 29.56
N ASN B 734 49.12 -19.25 28.77
CA ASN B 734 47.70 -19.34 29.03
C ASN B 734 46.96 -20.16 27.98
N GLY B 735 47.66 -20.76 27.02
CA GLY B 735 47.09 -21.71 26.09
C GLY B 735 46.99 -21.22 24.66
N LEU B 736 46.83 -19.91 24.47
CA LEU B 736 46.69 -19.36 23.13
C LEU B 736 48.02 -19.44 22.39
N ILE B 737 47.99 -20.00 21.18
CA ILE B 737 49.20 -20.13 20.37
C ILE B 737 49.65 -18.73 19.98
N LEU B 738 50.76 -18.27 20.55
CA LEU B 738 51.26 -16.95 20.23
C LEU B 738 51.83 -16.87 18.82
N SER B 739 52.33 -17.98 18.31
CA SER B 739 52.96 -17.94 16.99
C SER B 739 52.92 -19.32 16.37
N LEU B 740 52.70 -19.36 15.05
CA LEU B 740 52.73 -20.58 14.27
C LEU B 740 53.64 -20.31 13.08
N PHE B 741 54.93 -20.53 13.27
CA PHE B 741 55.96 -20.17 12.31
C PHE B 741 56.23 -21.34 11.37
N ASP B 742 56.40 -21.03 10.09
CA ASP B 742 56.81 -22.03 9.11
C ASP B 742 58.32 -21.93 8.89
N LEU B 743 59.01 -23.03 9.07
CA LEU B 743 60.47 -23.01 9.05
C LEU B 743 61.05 -23.11 7.65
N HIS B 744 60.34 -23.71 6.70
CA HIS B 744 60.84 -23.75 5.32
C HIS B 744 60.64 -22.41 4.64
N LYS B 745 59.39 -22.00 4.47
CA LYS B 745 59.07 -20.65 4.03
C LYS B 745 59.03 -19.77 5.27
N GLU B 746 60.06 -18.95 5.45
CA GLU B 746 60.23 -18.24 6.71
C GLU B 746 59.17 -17.15 6.85
N ARG B 747 58.02 -17.52 7.40
CA ARG B 747 56.91 -16.58 7.51
C ARG B 747 55.99 -16.99 8.65
N GLU B 748 55.40 -15.98 9.29
CA GLU B 748 54.41 -16.21 10.32
C GLU B 748 53.04 -16.42 9.68
N ILE B 749 52.23 -17.27 10.32
CA ILE B 749 50.94 -17.65 9.76
C ILE B 749 49.80 -17.30 10.71
N LEU B 750 49.94 -16.22 11.47
CA LEU B 750 48.92 -15.89 12.46
C LEU B 750 48.27 -14.54 12.22
N ASP B 751 49.05 -13.46 12.08
CA ASP B 751 48.51 -12.10 11.99
C ASP B 751 47.64 -11.77 13.21
N LEU B 752 48.31 -11.71 14.36
CA LEU B 752 47.65 -11.32 15.58
C LEU B 752 47.49 -9.81 15.72
N LYS B 753 48.22 -9.02 14.93
CA LYS B 753 48.18 -7.58 15.06
C LYS B 753 46.87 -7.00 14.53
N SER B 754 46.57 -7.24 13.25
CA SER B 754 45.35 -6.73 12.67
C SER B 754 44.16 -7.57 13.13
N GLY B 755 42.98 -7.21 12.63
CA GLY B 755 41.76 -7.92 12.99
C GLY B 755 41.39 -7.70 14.45
N LYS B 756 40.24 -8.28 14.82
CA LYS B 756 39.77 -8.16 16.19
C LYS B 756 40.50 -9.12 17.13
N ASN B 757 40.77 -10.33 16.68
CA ASN B 757 41.49 -11.31 17.49
C ASN B 757 42.93 -10.84 17.67
N HIS B 758 43.26 -10.41 18.89
CA HIS B 758 44.56 -9.82 19.16
C HIS B 758 45.43 -10.68 20.08
N ALA B 759 44.92 -11.80 20.57
CA ALA B 759 45.64 -12.64 21.53
C ALA B 759 45.63 -14.09 21.06
N GLY B 760 46.58 -14.44 20.21
CA GLY B 760 46.85 -15.84 19.90
C GLY B 760 45.79 -16.56 19.08
N ALA B 761 46.21 -17.62 18.39
CA ALA B 761 45.30 -18.49 17.70
C ALA B 761 44.84 -19.60 18.62
N ASN B 762 44.05 -20.54 18.09
CA ASN B 762 43.45 -21.61 18.87
C ASN B 762 42.76 -21.05 20.11
N GLN B 763 42.02 -19.97 19.90
CA GLN B 763 41.36 -19.28 21.00
C GLN B 763 39.97 -19.85 21.17
N TYR B 764 39.66 -20.30 22.38
CA TYR B 764 38.34 -20.87 22.67
C TYR B 764 37.41 -19.76 23.12
N VAL B 765 36.24 -19.68 22.50
CA VAL B 765 35.26 -18.64 22.78
C VAL B 765 33.92 -19.29 23.08
N LEU B 766 33.23 -18.74 24.08
CA LEU B 766 31.88 -19.17 24.46
C LEU B 766 30.90 -18.09 24.02
N PHE B 767 30.09 -18.38 23.01
CA PHE B 767 29.09 -17.45 22.53
C PHE B 767 27.75 -17.78 23.17
N GLU B 768 27.05 -16.76 23.66
CA GLU B 768 25.69 -16.97 24.13
C GLU B 768 24.82 -17.32 22.94
N ASP B 769 24.34 -18.56 22.90
CA ASP B 769 23.65 -19.04 21.70
C ASP B 769 22.28 -18.40 21.54
N THR B 770 21.37 -18.68 22.48
CA THR B 770 20.03 -18.11 22.57
C THR B 770 19.40 -17.81 21.21
N PRO B 771 19.12 -18.82 20.39
CA PRO B 771 18.52 -18.56 19.09
C PRO B 771 17.12 -17.98 19.23
N LEU B 772 16.55 -17.61 18.09
CA LEU B 772 15.29 -16.89 18.10
C LEU B 772 14.11 -17.80 18.42
N SER B 773 13.85 -18.79 17.55
CA SER B 773 12.64 -19.58 17.66
C SER B 773 12.92 -21.05 17.97
N TRP B 774 13.68 -21.74 17.12
CA TRP B 774 13.91 -23.17 17.27
C TRP B 774 15.30 -23.36 17.87
N GLN B 775 15.35 -23.93 19.08
CA GLN B 775 16.59 -23.86 19.85
C GLN B 775 17.63 -24.85 19.34
N ALA B 776 17.26 -26.10 19.09
CA ALA B 776 18.24 -27.07 18.61
C ALA B 776 18.50 -26.96 17.12
N TRP B 777 17.64 -26.26 16.38
CA TRP B 777 17.87 -26.05 14.95
C TRP B 777 18.76 -24.85 14.70
N ASP B 778 18.31 -23.68 15.15
CA ASP B 778 18.86 -22.42 14.68
C ASP B 778 20.00 -21.94 15.55
N THR B 779 21.00 -21.35 14.90
CA THR B 779 21.91 -20.41 15.54
C THR B 779 21.86 -19.13 14.72
N GLU B 780 21.85 -17.99 15.39
CA GLU B 780 21.56 -16.73 14.73
C GLU B 780 22.81 -15.87 14.64
N VAL B 781 22.79 -14.98 13.64
CA VAL B 781 23.95 -14.15 13.36
C VAL B 781 24.24 -13.20 14.51
N PHE B 782 23.26 -12.91 15.36
CA PHE B 782 23.51 -12.00 16.48
C PHE B 782 24.12 -12.70 17.68
N SER B 783 24.45 -13.99 17.57
CA SER B 783 25.03 -14.69 18.71
C SER B 783 26.50 -14.38 18.91
N LEU B 784 27.16 -13.74 17.95
CA LEU B 784 28.58 -13.46 18.07
C LEU B 784 28.88 -12.20 18.87
N GLU B 785 27.87 -11.37 19.15
CA GLU B 785 28.14 -10.11 19.84
C GLU B 785 28.34 -10.32 21.33
N LYS B 786 27.64 -11.32 21.90
CA LYS B 786 27.83 -11.71 23.29
C LYS B 786 28.76 -12.92 23.31
N TYR B 787 29.92 -12.78 23.95
CA TYR B 787 30.88 -13.86 23.99
C TYR B 787 31.79 -13.70 25.19
N GLU B 788 32.49 -14.78 25.51
CA GLU B 788 33.47 -14.79 26.59
C GLU B 788 34.68 -15.59 26.11
N VAL B 789 35.85 -14.97 26.15
CA VAL B 789 37.08 -15.66 25.76
C VAL B 789 37.64 -16.40 26.98
N LEU B 790 38.04 -17.63 26.78
CA LEU B 790 38.58 -18.46 27.85
C LEU B 790 40.09 -18.30 27.84
N ASP B 791 40.60 -17.40 28.70
CA ASP B 791 42.03 -17.14 28.76
C ASP B 791 42.62 -17.47 30.13
N LYS B 792 41.94 -18.29 30.92
CA LYS B 792 42.39 -18.66 32.25
C LYS B 792 43.00 -20.05 32.28
N GLY B 793 43.55 -20.51 31.16
CA GLY B 793 44.16 -21.81 31.11
C GLY B 793 45.54 -21.83 31.75
N LYS B 794 46.12 -23.02 31.79
CA LYS B 794 47.49 -23.20 32.25
C LYS B 794 48.11 -24.32 31.43
N VAL B 795 49.27 -24.05 30.85
CA VAL B 795 49.91 -24.97 29.92
C VAL B 795 50.93 -25.82 30.66
N SER B 796 51.03 -27.08 30.26
CA SER B 796 52.01 -28.01 30.80
C SER B 796 52.51 -28.88 29.67
N ILE B 797 53.81 -29.20 29.69
CA ILE B 797 54.40 -30.04 28.66
C ILE B 797 54.01 -31.47 28.92
N LYS B 798 53.13 -32.02 28.08
CA LYS B 798 52.70 -33.40 28.27
C LYS B 798 53.78 -34.38 27.83
N GLU B 799 54.25 -34.26 26.59
CA GLU B 799 55.29 -35.15 26.08
C GLU B 799 56.23 -34.35 25.20
N SER B 800 57.51 -34.74 25.22
CA SER B 800 58.52 -34.09 24.40
C SER B 800 59.26 -35.09 23.51
N GLY B 801 58.75 -36.31 23.39
CA GLY B 801 59.43 -37.36 22.66
C GLY B 801 59.66 -37.02 21.21
N PRO B 802 60.48 -37.82 20.53
CA PRO B 802 60.80 -37.51 19.13
C PRO B 802 59.63 -37.71 18.20
N LEU B 803 58.69 -38.60 18.54
CA LEU B 803 57.59 -38.89 17.64
C LEU B 803 56.51 -37.83 17.68
N ARG B 804 56.15 -37.36 18.87
CA ARG B 804 55.04 -36.42 18.99
C ARG B 804 55.27 -35.54 20.21
N ALA B 805 55.64 -34.29 19.98
CA ALA B 805 55.68 -33.31 21.04
C ALA B 805 54.27 -32.82 21.31
N SER B 806 54.00 -32.42 22.55
CA SER B 806 52.64 -32.03 22.88
C SER B 806 52.60 -31.38 24.25
N VAL B 807 51.86 -30.29 24.34
CA VAL B 807 51.52 -29.65 25.60
C VAL B 807 50.05 -29.89 25.89
N VAL B 808 49.67 -29.64 27.14
CA VAL B 808 48.31 -29.83 27.62
C VAL B 808 47.88 -28.56 28.34
N VAL B 809 46.69 -28.05 28.00
CA VAL B 809 46.15 -26.85 28.59
C VAL B 809 44.86 -27.21 29.29
N ASP B 810 44.75 -26.87 30.57
CA ASP B 810 43.54 -27.09 31.34
C ASP B 810 42.78 -25.77 31.39
N ILE B 811 41.73 -25.66 30.59
CA ILE B 811 40.99 -24.42 30.40
C ILE B 811 39.68 -24.54 31.17
N PRO B 812 39.45 -23.69 32.17
CA PRO B 812 38.16 -23.69 32.87
C PRO B 812 37.12 -22.94 32.05
N ILE B 813 36.20 -23.69 31.45
CA ILE B 813 35.12 -23.07 30.69
C ILE B 813 34.26 -22.22 31.61
N SER B 814 33.69 -22.84 32.62
CA SER B 814 32.92 -22.16 33.66
C SER B 814 32.79 -23.11 34.83
N GLU B 815 31.89 -22.80 35.76
CA GLU B 815 31.49 -23.81 36.73
C GLU B 815 30.72 -24.91 36.00
N LEU B 816 30.95 -26.16 36.45
CA LEU B 816 30.29 -27.35 35.92
C LEU B 816 30.81 -27.75 34.55
N SER B 817 31.66 -26.93 33.93
CA SER B 817 32.19 -27.23 32.61
C SER B 817 33.69 -27.02 32.61
N HIS B 818 34.42 -27.87 31.90
CA HIS B 818 35.86 -27.84 31.91
C HIS B 818 36.36 -28.34 30.56
N MET B 819 37.62 -28.04 30.24
CA MET B 819 38.17 -28.65 29.04
C MET B 819 39.67 -28.77 29.16
N LYS B 820 40.21 -29.71 28.38
CA LYS B 820 41.63 -30.02 28.37
C LYS B 820 42.06 -30.14 26.92
N ALA B 821 42.79 -29.15 26.43
CA ALA B 821 43.22 -29.11 25.04
C ALA B 821 44.66 -29.58 24.94
N THR B 822 44.87 -30.66 24.20
CA THR B 822 46.20 -31.18 23.91
C THR B 822 46.64 -30.65 22.55
N ILE B 823 47.73 -29.89 22.55
CA ILE B 823 48.29 -29.32 21.33
C ILE B 823 49.55 -30.11 20.99
N SER B 824 49.55 -30.77 19.83
CA SER B 824 50.60 -31.71 19.51
C SER B 824 51.16 -31.45 18.12
N LEU B 825 52.43 -31.79 17.95
CA LEU B 825 53.15 -31.71 16.69
C LEU B 825 53.93 -33.00 16.51
N GLU B 826 53.69 -33.70 15.42
CA GLU B 826 54.32 -35.00 15.22
C GLU B 826 55.60 -34.86 14.41
N GLY B 827 56.49 -35.83 14.60
CA GLY B 827 57.65 -35.95 13.73
C GLY B 827 57.32 -36.76 12.49
N TYR B 828 58.26 -36.79 11.56
CA TYR B 828 57.96 -37.38 10.26
C TYR B 828 59.26 -37.60 9.50
N ASN B 829 59.17 -38.46 8.48
CA ASN B 829 60.24 -38.67 7.51
C ASN B 829 60.05 -37.83 6.26
N ASP B 830 58.88 -37.93 5.63
CA ASP B 830 58.55 -37.18 4.44
C ASP B 830 57.54 -36.09 4.76
N CYS B 831 57.65 -34.96 4.05
CA CYS B 831 56.72 -33.87 4.26
C CYS B 831 55.28 -34.28 4.00
N SER B 832 55.09 -35.32 3.19
CA SER B 832 53.77 -35.85 2.87
C SER B 832 53.08 -36.38 4.11
N GLU B 833 53.85 -36.99 4.99
CA GLU B 833 53.31 -37.58 6.21
C GLU B 833 52.67 -36.55 7.13
N PHE B 834 53.27 -35.37 7.20
CA PHE B 834 52.79 -34.33 8.10
C PHE B 834 51.31 -33.98 7.91
N THR B 835 50.63 -33.79 9.04
CA THR B 835 49.23 -33.44 9.13
C THR B 835 48.97 -32.12 9.83
N GLY B 836 50.01 -31.42 10.28
CA GLY B 836 49.85 -30.13 10.90
C GLY B 836 49.83 -30.22 12.41
N VAL B 837 49.45 -29.09 13.03
CA VAL B 837 49.34 -29.01 14.47
C VAL B 837 48.01 -29.63 14.87
N ASN B 838 48.06 -30.75 15.59
CA ASN B 838 46.84 -31.40 16.04
C ASN B 838 46.39 -30.80 17.38
N PHE B 839 45.08 -30.74 17.56
CA PHE B 839 44.48 -30.32 18.80
C PHE B 839 43.41 -31.32 19.19
N THR B 840 43.36 -31.66 20.47
CA THR B 840 42.39 -32.62 20.99
C THR B 840 41.79 -32.05 22.26
N CYS B 841 40.51 -31.72 22.22
CA CYS B 841 39.80 -31.15 23.35
C CYS B 841 39.02 -32.25 24.06
N GLU B 842 39.34 -32.46 25.34
CA GLU B 842 38.52 -33.24 26.25
C GLU B 842 37.61 -32.25 26.96
N VAL B 843 36.35 -32.19 26.56
CA VAL B 843 35.42 -31.20 27.08
C VAL B 843 34.41 -31.88 27.98
N ASP B 844 34.42 -31.52 29.26
CA ASP B 844 33.31 -31.82 30.16
C ASP B 844 32.30 -30.70 29.95
N TRP B 845 31.28 -30.98 29.15
CA TRP B 845 30.36 -29.96 28.63
C TRP B 845 29.07 -30.03 29.44
N HIS B 846 28.78 -28.95 30.17
CA HIS B 846 27.55 -28.83 30.92
C HIS B 846 26.92 -27.45 30.83
N GLU B 847 27.43 -26.56 29.99
CA GLU B 847 26.88 -25.22 29.88
C GLU B 847 25.48 -25.28 29.29
N SER B 848 24.73 -24.19 29.49
CA SER B 848 23.36 -24.08 29.03
C SER B 848 23.25 -22.92 28.05
N CYS B 849 22.83 -23.24 26.82
CA CYS B 849 22.70 -22.25 25.75
C CYS B 849 24.02 -21.51 25.53
N LYS B 850 25.09 -22.28 25.32
CA LYS B 850 26.39 -21.74 24.99
C LYS B 850 26.91 -22.45 23.75
N PHE B 851 27.78 -21.75 23.03
CA PHE B 851 28.35 -22.23 21.77
C PHE B 851 29.86 -22.11 21.92
N LEU B 852 30.54 -23.23 22.15
CA LEU B 852 31.98 -23.25 22.25
C LEU B 852 32.55 -23.38 20.84
N LYS B 853 33.33 -22.39 20.44
CA LYS B 853 34.00 -22.37 19.14
C LYS B 853 35.48 -22.10 19.37
N VAL B 854 36.28 -22.34 18.34
CA VAL B 854 37.72 -22.13 18.39
C VAL B 854 38.13 -21.32 17.16
N GLU B 855 38.93 -20.28 17.38
CA GLU B 855 39.29 -19.34 16.33
C GLU B 855 40.78 -19.36 16.08
N PHE B 856 41.16 -19.22 14.82
CA PHE B 856 42.55 -19.05 14.40
C PHE B 856 42.64 -17.92 13.38
N PRO B 857 43.24 -16.78 13.72
CA PRO B 857 43.64 -15.83 12.67
C PRO B 857 44.83 -16.38 11.90
N VAL B 858 44.80 -16.27 10.58
CA VAL B 858 45.67 -17.09 9.74
C VAL B 858 46.53 -16.29 8.78
N ASP B 859 46.47 -14.96 8.80
CA ASP B 859 47.35 -14.13 7.95
C ASP B 859 47.19 -14.47 6.47
N ILE B 860 46.03 -14.99 6.08
CA ILE B 860 45.72 -15.25 4.69
C ILE B 860 44.66 -14.25 4.26
N HIS B 861 44.90 -13.57 3.15
CA HIS B 861 43.96 -12.58 2.64
C HIS B 861 43.49 -13.04 1.27
N SER B 862 42.43 -13.83 1.26
CA SER B 862 41.73 -14.23 0.05
C SER B 862 40.28 -13.78 0.16
N GLU B 863 39.61 -13.79 -0.98
CA GLU B 863 38.22 -13.38 -1.02
C GLU B 863 37.25 -14.54 -0.85
N PHE B 864 37.74 -15.77 -0.79
CA PHE B 864 36.88 -16.93 -0.64
C PHE B 864 37.63 -18.02 0.11
N ALA B 865 36.86 -18.95 0.65
CA ALA B 865 37.40 -20.10 1.36
C ALA B 865 36.82 -21.37 0.77
N SER B 866 37.68 -22.37 0.58
CA SER B 866 37.29 -23.64 -0.03
C SER B 866 37.00 -24.64 1.09
N TYR B 867 35.75 -24.99 1.25
CA TYR B 867 35.34 -26.07 2.14
C TYR B 867 35.14 -27.33 1.33
N GLU B 868 35.23 -28.48 1.99
CA GLU B 868 35.02 -29.75 1.31
C GLU B 868 33.60 -30.22 1.53
N THR B 869 32.94 -30.59 0.44
CA THR B 869 31.61 -31.18 0.49
C THR B 869 31.65 -32.50 -0.24
N GLN B 870 30.49 -33.17 -0.28
CA GLN B 870 30.39 -34.49 -0.88
C GLN B 870 30.97 -34.48 -2.29
N PHE B 871 32.09 -35.17 -2.47
CA PHE B 871 32.71 -35.35 -3.77
C PHE B 871 33.17 -34.04 -4.39
N GLY B 872 33.58 -33.06 -3.60
CA GLY B 872 34.12 -31.87 -4.22
C GLY B 872 34.41 -30.75 -3.23
N ILE B 873 34.59 -29.56 -3.80
CA ILE B 873 35.03 -28.38 -3.08
C ILE B 873 34.07 -27.25 -3.37
N THR B 874 33.53 -26.63 -2.33
CA THR B 874 32.63 -25.50 -2.46
C THR B 874 33.32 -24.24 -1.94
N LYS B 875 33.31 -23.19 -2.73
CA LYS B 875 34.01 -21.95 -2.40
C LYS B 875 33.01 -20.93 -1.90
N ARG B 876 33.05 -20.65 -0.62
CA ARG B 876 32.17 -19.66 -0.02
C ARG B 876 32.86 -18.32 0.08
N PRO B 877 32.11 -17.22 0.15
CA PRO B 877 32.73 -15.91 0.34
C PRO B 877 33.28 -15.76 1.74
N THR B 878 34.00 -14.67 1.95
CA THR B 878 34.55 -14.35 3.26
C THR B 878 34.42 -12.86 3.57
N HIS B 879 33.40 -12.20 3.04
CA HIS B 879 33.42 -10.75 3.06
C HIS B 879 32.12 -10.06 3.46
N TYR B 880 31.00 -10.78 3.61
CA TYR B 880 29.74 -10.18 4.07
C TYR B 880 29.29 -9.04 3.17
N ASN B 881 29.57 -9.13 1.87
CA ASN B 881 29.27 -8.02 0.96
C ASN B 881 27.77 -7.83 0.80
N THR B 882 27.09 -8.85 0.28
CA THR B 882 25.67 -8.79 0.00
C THR B 882 24.91 -9.62 1.02
N SER B 883 23.58 -9.57 0.94
CA SER B 883 22.76 -10.36 1.85
C SER B 883 22.94 -11.86 1.64
N TRP B 884 23.38 -12.27 0.45
CA TRP B 884 23.66 -13.68 0.22
C TRP B 884 24.92 -14.14 0.92
N ASP B 885 25.75 -13.20 1.37
CA ASP B 885 26.95 -13.53 2.12
C ASP B 885 26.78 -13.37 3.62
N VAL B 886 25.89 -12.46 4.05
CA VAL B 886 25.56 -12.38 5.48
C VAL B 886 24.83 -13.62 5.94
N ALA B 887 24.16 -14.32 5.02
CA ALA B 887 23.49 -15.56 5.39
C ALA B 887 24.48 -16.69 5.61
N LYS B 888 25.64 -16.63 4.97
CA LYS B 888 26.65 -17.67 5.09
C LYS B 888 27.66 -17.36 6.19
N PHE B 889 27.17 -17.04 7.39
CA PHE B 889 28.07 -16.79 8.50
C PHE B 889 28.51 -18.07 9.20
N GLU B 890 27.97 -19.22 8.78
CA GLU B 890 28.43 -20.51 9.26
C GLU B 890 28.00 -21.56 8.25
N VAL B 891 28.96 -22.31 7.72
CA VAL B 891 28.74 -23.19 6.59
C VAL B 891 29.08 -24.62 6.97
N CYS B 892 28.65 -25.54 6.14
CA CYS B 892 28.88 -26.96 6.34
C CYS B 892 30.08 -27.42 5.53
N HIS B 893 30.91 -28.25 6.13
CA HIS B 893 32.09 -28.78 5.45
C HIS B 893 32.35 -30.19 5.96
N GLN B 894 32.80 -31.06 5.07
CA GLN B 894 32.92 -32.47 5.44
C GLN B 894 34.15 -32.72 6.31
N LYS B 895 35.34 -32.53 5.76
CA LYS B 895 36.55 -32.93 6.45
C LYS B 895 37.54 -31.80 6.66
N PHE B 896 37.62 -30.83 5.75
CA PHE B 896 38.58 -29.77 5.91
C PHE B 896 38.02 -28.47 5.37
N ALA B 897 38.38 -27.38 6.03
CA ALA B 897 38.06 -26.03 5.57
C ALA B 897 39.37 -25.34 5.21
N ASP B 898 39.53 -25.01 3.94
CA ASP B 898 40.76 -24.41 3.45
C ASP B 898 40.61 -22.90 3.32
N TYR B 899 41.72 -22.19 3.46
CA TYR B 899 41.74 -20.74 3.30
C TYR B 899 43.14 -20.40 2.78
N SER B 900 43.25 -20.13 1.48
CA SER B 900 44.55 -19.98 0.87
C SER B 900 44.55 -18.79 -0.08
N ASP B 901 45.61 -18.00 -0.02
CA ASP B 901 45.87 -16.99 -1.04
C ASP B 901 46.73 -17.61 -2.13
N PHE B 902 47.30 -16.78 -2.99
CA PHE B 902 48.04 -17.32 -4.14
C PHE B 902 49.29 -18.06 -3.72
N THR B 903 49.92 -17.69 -2.61
CA THR B 903 51.21 -18.25 -2.24
C THR B 903 51.22 -19.27 -1.11
N TYR B 904 50.41 -19.01 -0.09
CA TYR B 904 50.32 -19.83 1.13
C TYR B 904 48.87 -20.09 1.55
N GLY B 905 48.64 -21.08 2.42
CA GLY B 905 47.29 -21.41 2.81
C GLY B 905 47.23 -22.16 4.12
N VAL B 906 46.09 -22.12 4.80
CA VAL B 906 45.88 -22.84 6.03
C VAL B 906 44.60 -23.66 5.88
N SER B 907 44.68 -24.95 6.18
CA SER B 907 43.51 -25.80 6.23
C SER B 907 43.23 -26.17 7.68
N VAL B 908 41.96 -26.45 7.97
CA VAL B 908 41.56 -26.95 9.27
C VAL B 908 40.81 -28.24 9.01
N LEU B 909 41.42 -29.35 9.39
CA LEU B 909 40.83 -30.68 9.22
C LEU B 909 40.21 -31.13 10.54
N ASN B 910 39.25 -32.05 10.43
CA ASN B 910 38.55 -32.56 11.59
C ASN B 910 37.96 -33.92 11.25
N ASP B 911 37.40 -34.57 12.26
CA ASP B 911 36.74 -35.86 12.05
C ASP B 911 35.40 -35.99 12.74
N CYS B 912 34.93 -34.98 13.45
CA CYS B 912 33.60 -35.00 14.03
C CYS B 912 32.79 -33.75 13.79
N LYS B 913 33.44 -32.61 13.54
CA LYS B 913 32.74 -31.34 13.42
C LYS B 913 32.38 -31.07 11.96
N TYR B 914 31.29 -30.33 11.78
CA TYR B 914 30.76 -30.07 10.45
C TYR B 914 30.50 -28.60 10.15
N GLY B 915 30.59 -27.71 11.13
CA GLY B 915 30.30 -26.30 10.93
C GLY B 915 31.57 -25.48 11.04
N PHE B 916 31.80 -24.66 10.02
CA PHE B 916 32.97 -23.79 9.96
C PHE B 916 32.54 -22.39 9.56
N SER B 917 33.40 -21.42 9.83
CA SER B 917 33.13 -20.04 9.41
C SER B 917 34.46 -19.34 9.16
N THR B 918 34.76 -19.07 7.89
CA THR B 918 35.91 -18.27 7.51
C THR B 918 35.42 -16.91 7.06
N HIS B 919 35.90 -15.85 7.70
CA HIS B 919 35.45 -14.51 7.37
C HIS B 919 36.57 -13.52 7.70
N GLY B 920 37.34 -13.15 6.68
CA GLY B 920 38.32 -12.11 6.87
C GLY B 920 39.41 -12.51 7.85
N ASN B 921 40.31 -13.39 7.42
CA ASN B 921 41.52 -13.80 8.12
C ASN B 921 41.27 -14.57 9.40
N LEU B 922 40.02 -14.78 9.78
CA LEU B 922 39.67 -15.44 11.03
C LEU B 922 38.87 -16.70 10.73
N MET B 923 39.50 -17.86 10.89
CA MET B 923 38.81 -19.13 10.73
C MET B 923 38.28 -19.57 12.10
N ARG B 924 37.03 -20.00 12.14
CA ARG B 924 36.35 -20.31 13.39
C ARG B 924 35.60 -21.62 13.24
N LEU B 925 36.04 -22.63 13.99
CA LEU B 925 35.43 -23.95 13.95
C LEU B 925 34.44 -24.08 15.10
N SER B 926 33.21 -24.44 14.78
CA SER B 926 32.15 -24.56 15.78
C SER B 926 32.25 -25.92 16.45
N LEU B 927 32.61 -25.94 17.73
CA LEU B 927 32.84 -27.19 18.44
C LEU B 927 31.54 -27.75 19.05
N LEU B 928 30.93 -27.00 19.96
CA LEU B 928 29.89 -27.60 20.79
C LEU B 928 28.74 -26.63 21.01
N ARG B 929 27.52 -27.11 20.78
CA ARG B 929 26.31 -26.40 21.12
C ARG B 929 25.64 -27.08 22.30
N SER B 930 24.82 -26.32 23.02
CA SER B 930 24.08 -26.84 24.17
C SER B 930 22.62 -26.41 24.10
N PRO B 931 21.87 -26.89 23.11
CA PRO B 931 20.46 -26.54 23.01
C PRO B 931 19.65 -27.26 24.09
N LYS B 932 18.40 -26.80 24.25
CA LYS B 932 17.56 -27.34 25.31
C LYS B 932 16.13 -27.65 24.92
N GLN B 933 15.63 -27.18 23.78
CA GLN B 933 14.18 -27.20 23.58
C GLN B 933 13.66 -28.58 23.20
N PRO B 934 14.17 -29.25 22.16
CA PRO B 934 13.70 -30.62 21.91
C PRO B 934 14.44 -31.67 22.71
N ASP B 935 15.64 -31.33 23.20
CA ASP B 935 16.46 -32.24 24.00
C ASP B 935 16.85 -31.50 25.26
N ALA B 936 16.36 -31.96 26.41
CA ALA B 936 16.70 -31.30 27.66
C ALA B 936 18.19 -31.39 27.95
N HIS B 937 18.82 -32.50 27.60
CA HIS B 937 20.26 -32.69 27.75
C HIS B 937 20.81 -33.11 26.40
N ALA B 938 21.10 -32.12 25.55
CA ALA B 938 21.50 -32.42 24.17
C ALA B 938 22.92 -32.96 24.10
N ASP B 939 23.89 -32.15 24.51
CA ASP B 939 25.30 -32.52 24.41
C ASP B 939 26.00 -32.49 25.76
N MET B 940 25.26 -32.65 26.85
CA MET B 940 25.89 -32.70 28.17
C MET B 940 26.69 -33.99 28.29
N GLY B 941 27.90 -33.88 28.81
CA GLY B 941 28.72 -35.06 28.98
C GLY B 941 30.19 -34.85 28.71
N LYS B 942 30.84 -35.84 28.11
CA LYS B 942 32.27 -35.77 27.80
C LYS B 942 32.45 -35.89 26.30
N HIS B 943 33.23 -34.97 25.73
CA HIS B 943 33.42 -34.91 24.29
C HIS B 943 34.90 -34.90 23.94
N THR B 944 35.23 -35.63 22.89
CA THR B 944 36.58 -35.76 22.35
C THR B 944 36.59 -35.10 20.98
N ILE B 945 37.10 -33.87 20.89
CA ILE B 945 37.06 -33.10 19.66
C ILE B 945 38.47 -33.01 19.11
N ARG B 946 38.69 -33.61 17.94
CA ARG B 946 40.00 -33.57 17.29
C ARG B 946 39.94 -32.66 16.06
N TYR B 947 40.97 -31.84 15.89
CA TYR B 947 41.05 -30.99 14.72
C TYR B 947 42.49 -30.53 14.53
N ALA B 948 42.92 -30.43 13.28
CA ALA B 948 44.30 -30.12 12.96
C ALA B 948 44.37 -28.85 12.11
N VAL B 949 45.26 -27.94 12.49
CA VAL B 949 45.60 -26.78 11.67
C VAL B 949 46.78 -27.19 10.80
N TYR B 950 46.53 -27.39 9.52
CA TYR B 950 47.54 -27.85 8.57
C TYR B 950 47.92 -26.71 7.64
N PRO B 951 49.06 -26.05 7.86
CA PRO B 951 49.45 -24.98 6.95
C PRO B 951 50.29 -25.50 5.79
N HIS B 952 49.93 -25.11 4.57
CA HIS B 952 50.65 -25.52 3.38
C HIS B 952 51.04 -24.29 2.58
N SER B 953 51.99 -24.47 1.67
CA SER B 953 52.67 -23.36 1.00
C SER B 953 52.24 -23.20 -0.45
N LYS B 954 50.95 -23.38 -0.73
CA LYS B 954 50.40 -23.18 -2.06
C LYS B 954 48.90 -23.11 -1.93
N PRO B 955 48.19 -22.73 -3.00
CA PRO B 955 46.73 -22.86 -2.99
C PRO B 955 46.31 -24.29 -2.73
N LEU B 956 45.02 -24.48 -2.49
CA LEU B 956 44.50 -25.78 -2.11
C LEU B 956 44.93 -26.85 -3.11
N ASP B 957 45.76 -27.78 -2.65
CA ASP B 957 46.33 -28.82 -3.49
C ASP B 957 45.81 -30.19 -3.01
N SER B 958 46.25 -31.24 -3.70
CA SER B 958 45.85 -32.58 -3.31
C SER B 958 46.48 -33.00 -1.99
N SER B 959 47.57 -32.36 -1.59
CA SER B 959 48.20 -32.69 -0.31
C SER B 959 47.24 -32.45 0.84
N THR B 960 46.46 -31.37 0.78
CA THR B 960 45.49 -31.10 1.84
C THR B 960 44.38 -32.14 1.86
N VAL B 961 43.90 -32.54 0.67
CA VAL B 961 42.85 -33.55 0.62
C VAL B 961 43.36 -34.86 1.21
N ARG B 962 44.59 -35.24 0.88
CA ARG B 962 45.13 -36.48 1.40
C ARG B 962 45.37 -36.39 2.90
N ALA B 963 45.82 -35.22 3.38
CA ALA B 963 46.00 -35.05 4.81
C ALA B 963 44.68 -35.09 5.56
N ALA B 964 43.61 -34.59 4.96
CA ALA B 964 42.29 -34.67 5.59
C ALA B 964 41.82 -36.12 5.65
N HIS B 965 41.93 -36.84 4.54
CA HIS B 965 41.52 -38.24 4.55
C HIS B 965 42.36 -39.06 5.52
N LYS B 966 43.64 -38.72 5.67
CA LYS B 966 44.49 -39.44 6.63
C LYS B 966 44.11 -39.08 8.06
N PHE B 967 43.79 -37.81 8.30
CA PHE B 967 43.37 -37.39 9.64
C PHE B 967 42.08 -38.08 10.05
N ASN B 968 41.16 -38.29 9.11
CA ASN B 968 39.89 -38.91 9.42
C ASN B 968 39.95 -40.44 9.44
N SER B 969 40.91 -41.04 8.75
CA SER B 969 40.92 -42.49 8.61
C SER B 969 41.30 -43.16 9.93
N ASN B 970 40.89 -44.42 10.06
CA ASN B 970 41.19 -45.25 11.22
C ASN B 970 42.21 -46.30 10.81
N PHE B 971 43.34 -46.33 11.52
CA PHE B 971 44.43 -47.25 11.21
C PHE B 971 44.43 -48.36 12.25
N ARG B 972 44.00 -49.54 11.84
CA ARG B 972 43.87 -50.69 12.73
C ARG B 972 45.20 -51.44 12.79
N LEU B 973 45.62 -51.78 14.00
CA LEU B 973 46.86 -52.51 14.19
C LEU B 973 46.64 -53.99 13.90
N LEU B 974 47.36 -54.51 12.91
CA LEU B 974 47.26 -55.88 12.49
C LEU B 974 48.45 -56.69 12.99
N THR B 975 48.35 -58.01 12.82
CA THR B 975 49.45 -58.91 13.08
C THR B 975 49.32 -60.08 12.13
N ARG B 976 50.41 -60.43 11.44
CA ARG B 976 50.37 -61.54 10.50
C ARG B 976 50.04 -62.84 11.23
N ALA B 977 49.13 -63.61 10.65
CA ALA B 977 48.74 -64.90 11.21
C ALA B 977 49.47 -66.07 10.56
N SER B 978 49.65 -66.05 9.25
CA SER B 978 50.35 -67.11 8.54
C SER B 978 51.35 -66.50 7.58
N ASP B 979 52.57 -67.05 7.57
CA ASP B 979 53.62 -66.54 6.69
C ASP B 979 53.48 -67.03 5.25
N THR B 980 52.40 -67.75 4.92
CA THR B 980 52.15 -68.17 3.56
C THR B 980 51.03 -67.41 2.88
N ALA B 981 50.21 -66.70 3.65
CA ALA B 981 49.13 -65.89 3.10
C ALA B 981 49.20 -64.44 3.57
N ASN B 982 50.28 -64.04 4.20
CA ASN B 982 50.46 -62.65 4.64
C ASN B 982 50.85 -61.74 3.49
N LEU B 983 50.70 -62.18 2.25
CA LEU B 983 51.03 -61.37 1.10
C LEU B 983 50.23 -60.08 1.10
N ASP B 984 50.85 -59.01 0.61
CA ASP B 984 50.23 -57.69 0.60
C ASP B 984 49.50 -57.52 -0.73
N ILE B 985 48.26 -58.02 -0.76
CA ILE B 985 47.38 -57.85 -1.91
C ILE B 985 46.56 -56.58 -1.83
N PHE B 986 46.71 -55.81 -0.74
CA PHE B 986 45.94 -54.59 -0.60
C PHE B 986 46.32 -53.54 -1.64
N ASP B 987 47.35 -53.77 -2.43
CA ASP B 987 47.70 -52.93 -3.57
C ASP B 987 47.09 -53.44 -4.87
N ALA B 988 46.02 -54.23 -4.79
CA ALA B 988 45.45 -54.81 -6.01
C ALA B 988 44.77 -53.75 -6.86
N PHE B 989 44.04 -52.83 -6.24
CA PHE B 989 43.36 -51.76 -6.95
C PHE B 989 44.01 -50.44 -6.58
N GLN B 990 44.73 -49.85 -7.53
CA GLN B 990 45.36 -48.57 -7.34
C GLN B 990 44.87 -47.60 -8.40
N LEU B 991 45.12 -46.31 -8.17
CA LEU B 991 44.75 -45.24 -9.10
C LEU B 991 45.99 -44.38 -9.29
N VAL B 992 46.77 -44.68 -10.33
CA VAL B 992 48.01 -43.97 -10.59
C VAL B 992 47.73 -42.87 -11.60
N GLY B 993 48.08 -41.64 -11.26
CA GLY B 993 47.83 -40.52 -12.14
C GLY B 993 47.93 -39.21 -11.41
N GLU B 994 47.00 -38.31 -11.67
CA GLU B 994 47.05 -37.03 -10.97
C GLU B 994 46.52 -37.20 -9.54
N PRO B 995 47.17 -36.57 -8.56
CA PRO B 995 46.79 -36.80 -7.16
C PRO B 995 45.44 -36.25 -6.78
N ASN B 996 44.81 -35.42 -7.60
CA ASN B 996 43.49 -34.91 -7.27
C ASN B 996 42.38 -35.90 -7.57
N VAL B 997 42.68 -37.01 -8.25
CA VAL B 997 41.71 -38.04 -8.56
C VAL B 997 41.75 -39.07 -7.43
N ILE B 998 40.71 -39.07 -6.60
CA ILE B 998 40.63 -39.92 -5.43
C ILE B 998 39.86 -41.19 -5.79
N LEU B 999 40.45 -42.34 -5.51
CA LEU B 999 39.72 -43.61 -5.62
C LEU B 999 38.90 -43.75 -4.35
N SER B 1000 37.70 -43.17 -4.37
CA SER B 1000 36.92 -43.03 -3.14
C SER B 1000 36.53 -44.38 -2.58
N HIS B 1001 35.84 -45.20 -3.36
CA HIS B 1001 35.21 -46.38 -2.79
C HIS B 1001 35.45 -47.61 -3.65
N ILE B 1002 35.56 -48.76 -2.98
CA ILE B 1002 35.59 -50.06 -3.64
C ILE B 1002 34.49 -50.91 -3.02
N LYS B 1003 33.75 -51.62 -3.87
CA LYS B 1003 32.56 -52.33 -3.44
C LYS B 1003 32.39 -53.54 -4.34
N MET B 1004 31.54 -54.47 -3.93
CA MET B 1004 31.11 -55.53 -4.82
C MET B 1004 29.78 -55.15 -5.47
N ALA B 1005 29.52 -55.71 -6.64
CA ALA B 1005 28.32 -55.35 -7.38
C ALA B 1005 27.08 -55.70 -6.57
N GLU B 1006 26.02 -54.91 -6.77
CA GLU B 1006 24.76 -55.17 -6.08
C GLU B 1006 24.13 -56.47 -6.54
N LYS B 1007 24.37 -56.87 -7.80
CA LYS B 1007 23.78 -58.07 -8.36
C LYS B 1007 24.82 -59.11 -8.76
N GLY B 1008 25.85 -58.70 -9.50
CA GLY B 1008 26.85 -59.62 -10.01
C GLY B 1008 28.04 -59.75 -9.07
N LYS B 1009 29.11 -60.33 -9.62
CA LYS B 1009 30.36 -60.53 -8.90
C LYS B 1009 31.47 -59.66 -9.47
N SER B 1010 31.12 -58.45 -9.88
CA SER B 1010 32.08 -57.48 -10.39
C SER B 1010 32.38 -56.44 -9.32
N ILE B 1011 33.51 -55.77 -9.47
CA ILE B 1011 34.00 -54.82 -8.47
C ILE B 1011 33.62 -53.42 -8.93
N ILE B 1012 32.90 -52.70 -8.08
CA ILE B 1012 32.49 -51.34 -8.37
C ILE B 1012 33.48 -50.39 -7.73
N LEU B 1013 34.09 -49.53 -8.54
CA LEU B 1013 35.05 -48.53 -8.07
C LEU B 1013 34.45 -47.15 -8.26
N ARG B 1014 34.22 -46.45 -7.16
CA ARG B 1014 33.74 -45.07 -7.20
C ARG B 1014 34.97 -44.16 -7.15
N VAL B 1015 35.29 -43.55 -8.28
CA VAL B 1015 36.37 -42.60 -8.42
C VAL B 1015 35.76 -41.21 -8.56
N TYR B 1016 36.50 -40.20 -8.13
CA TYR B 1016 36.02 -38.84 -8.32
C TYR B 1016 37.25 -37.97 -8.16
N GLU B 1017 37.36 -36.99 -9.07
CA GLU B 1017 38.35 -35.93 -8.98
C GLU B 1017 37.83 -35.05 -7.82
N SER B 1018 38.73 -34.52 -7.01
CA SER B 1018 38.23 -33.79 -5.85
C SER B 1018 38.49 -32.29 -5.83
N LEU B 1019 39.34 -31.77 -6.72
CA LEU B 1019 39.75 -30.38 -6.63
C LEU B 1019 39.18 -29.49 -7.72
N GLY B 1020 38.86 -30.03 -8.89
CA GLY B 1020 38.14 -29.23 -9.86
C GLY B 1020 38.76 -29.09 -11.24
N GLY B 1021 39.62 -30.01 -11.62
CA GLY B 1021 40.26 -29.95 -12.92
C GLY B 1021 40.08 -31.25 -13.69
N LYS B 1022 39.77 -31.12 -14.97
CA LYS B 1022 39.65 -32.29 -15.84
C LYS B 1022 40.97 -33.04 -15.85
N SER B 1023 40.98 -34.24 -15.28
CA SER B 1023 42.20 -34.98 -15.08
C SER B 1023 42.12 -36.33 -15.78
N ARG B 1024 43.25 -37.01 -15.84
CA ARG B 1024 43.32 -38.36 -16.37
C ARG B 1024 44.13 -39.21 -15.42
N ALA B 1025 43.80 -40.50 -15.37
CA ALA B 1025 44.46 -41.41 -14.45
C ALA B 1025 44.39 -42.81 -15.03
N ARG B 1026 44.90 -43.78 -14.26
CA ARG B 1026 44.94 -45.17 -14.70
C ARG B 1026 44.61 -46.05 -13.50
N LEU B 1027 43.53 -46.83 -13.63
CA LEU B 1027 43.21 -47.84 -12.64
C LEU B 1027 44.15 -49.03 -12.84
N VAL B 1028 45.00 -49.28 -11.87
CA VAL B 1028 45.95 -50.38 -11.90
C VAL B 1028 45.35 -51.55 -11.14
N ILE B 1029 45.14 -52.66 -11.83
CA ILE B 1029 44.55 -53.86 -11.25
C ILE B 1029 45.61 -54.94 -11.32
N LYS B 1030 46.40 -55.08 -10.25
CA LYS B 1030 47.63 -55.85 -10.34
C LYS B 1030 47.40 -57.36 -10.28
N SER B 1031 46.94 -57.84 -9.14
CA SER B 1031 46.91 -59.29 -8.90
C SER B 1031 45.58 -59.90 -9.30
N LEU B 1032 45.18 -59.67 -10.54
CA LEU B 1032 43.89 -60.16 -11.02
C LEU B 1032 43.96 -60.36 -12.52
N THR B 1033 43.01 -61.13 -13.04
CA THR B 1033 42.79 -61.23 -14.48
C THR B 1033 41.44 -60.59 -14.78
N VAL B 1034 41.47 -59.48 -15.50
CA VAL B 1034 40.31 -58.64 -15.71
C VAL B 1034 39.66 -59.00 -17.04
N ALA B 1035 38.41 -59.47 -16.99
CA ALA B 1035 37.71 -59.79 -18.22
C ALA B 1035 37.27 -58.53 -18.94
N SER B 1036 36.82 -57.52 -18.20
CA SER B 1036 36.42 -56.25 -18.82
C SER B 1036 36.37 -55.18 -17.74
N VAL B 1037 36.33 -53.93 -18.18
CA VAL B 1037 36.16 -52.78 -17.30
C VAL B 1037 35.21 -51.83 -18.02
N THR B 1038 33.98 -51.74 -17.52
CA THR B 1038 32.99 -50.84 -18.10
C THR B 1038 32.81 -49.63 -17.19
N LYS B 1039 32.25 -48.58 -17.74
CA LYS B 1039 31.93 -47.38 -16.99
C LYS B 1039 30.42 -47.39 -16.74
N CYS B 1040 30.02 -47.54 -15.50
CA CYS B 1040 28.61 -47.60 -15.13
C CYS B 1040 28.20 -46.33 -14.41
N ASN B 1041 26.89 -46.17 -14.21
CA ASN B 1041 26.36 -45.03 -13.48
C ASN B 1041 26.30 -45.38 -12.00
N GLY B 1042 25.62 -44.53 -11.21
CA GLY B 1042 25.59 -44.73 -9.78
C GLY B 1042 24.91 -46.02 -9.37
N LEU B 1043 23.92 -46.46 -10.13
CA LEU B 1043 23.22 -47.71 -9.84
C LEU B 1043 23.86 -48.91 -10.52
N GLU B 1044 25.00 -48.72 -11.18
CA GLU B 1044 25.84 -49.80 -11.71
C GLU B 1044 25.23 -50.46 -12.94
N GLU B 1045 24.61 -49.67 -13.81
CA GLU B 1045 24.31 -50.10 -15.18
C GLU B 1045 25.42 -49.58 -16.10
N ASP B 1046 25.95 -50.47 -16.94
CA ASP B 1046 27.01 -50.07 -17.85
C ASP B 1046 26.50 -49.07 -18.89
N LEU B 1047 27.34 -48.08 -19.20
CA LEU B 1047 27.07 -47.12 -20.26
C LEU B 1047 28.06 -47.28 -21.41
N GLU B 1048 29.35 -47.22 -21.12
CA GLU B 1048 30.40 -47.40 -22.11
C GLU B 1048 31.40 -48.43 -21.60
N GLU B 1049 32.03 -49.14 -22.52
CA GLU B 1049 33.04 -50.13 -22.20
C GLU B 1049 34.41 -49.51 -22.40
N LEU B 1050 35.19 -49.43 -21.32
CA LEU B 1050 36.52 -48.84 -21.39
C LEU B 1050 37.49 -49.81 -22.03
N CYS B 1051 38.51 -49.24 -22.68
CA CYS B 1051 39.56 -50.03 -23.31
C CYS B 1051 40.66 -50.25 -22.28
N THR B 1052 40.73 -51.45 -21.74
CA THR B 1052 41.69 -51.78 -20.69
C THR B 1052 42.99 -52.26 -21.33
N LEU B 1053 44.10 -51.64 -20.95
CA LEU B 1053 45.40 -52.07 -21.43
C LEU B 1053 45.78 -53.39 -20.78
N LYS B 1054 46.95 -53.92 -21.14
CA LYS B 1054 47.45 -55.16 -20.54
C LYS B 1054 48.96 -55.04 -20.44
N SER B 1055 49.44 -54.69 -19.25
CA SER B 1055 50.87 -54.60 -18.98
C SER B 1055 51.39 -55.97 -18.58
N ASN B 1056 52.59 -55.99 -18.00
CA ASN B 1056 53.22 -57.24 -17.57
C ASN B 1056 52.27 -58.07 -16.72
N ASP B 1057 51.85 -57.54 -15.58
CA ASP B 1057 50.93 -58.25 -14.69
C ASP B 1057 49.65 -57.47 -14.38
N TYR B 1058 49.67 -56.15 -14.40
CA TYR B 1058 48.47 -55.37 -14.14
C TYR B 1058 47.79 -55.01 -15.46
N TYR B 1059 46.81 -54.12 -15.40
CA TYR B 1059 46.02 -53.82 -16.58
C TYR B 1059 45.99 -52.34 -16.96
N GLU B 1060 45.94 -51.43 -15.99
CA GLU B 1060 46.07 -49.99 -16.24
C GLU B 1060 44.98 -49.50 -17.20
N VAL B 1061 43.74 -49.57 -16.74
CA VAL B 1061 42.62 -48.98 -17.45
C VAL B 1061 42.78 -47.47 -17.47
N PRO B 1062 42.89 -46.84 -18.64
CA PRO B 1062 43.04 -45.39 -18.68
C PRO B 1062 41.69 -44.67 -18.59
N ILE B 1063 41.53 -43.79 -17.60
CA ILE B 1063 40.27 -43.09 -17.37
C ILE B 1063 40.52 -41.60 -17.47
N GLU B 1064 39.45 -40.87 -17.77
CA GLU B 1064 39.50 -39.41 -17.91
C GLU B 1064 38.27 -38.82 -17.22
N LEU B 1065 38.50 -38.03 -16.18
CA LEU B 1065 37.43 -37.46 -15.38
C LEU B 1065 37.31 -35.97 -15.65
N ARG B 1066 36.07 -35.47 -15.61
CA ARG B 1066 35.78 -34.07 -15.86
C ARG B 1066 36.05 -33.23 -14.62
N ALA B 1067 35.53 -32.00 -14.62
CA ALA B 1067 35.87 -31.01 -13.60
C ALA B 1067 35.66 -31.56 -12.18
N PHE B 1068 34.47 -32.07 -11.90
CA PHE B 1068 34.16 -32.61 -10.58
C PHE B 1068 33.39 -33.91 -10.71
N GLU B 1069 33.72 -34.70 -11.73
CA GLU B 1069 32.93 -35.86 -12.07
C GLU B 1069 33.04 -36.93 -10.98
N ILE B 1070 31.95 -37.69 -10.83
CA ILE B 1070 31.92 -38.86 -9.97
C ILE B 1070 31.73 -40.08 -10.85
N ALA B 1071 32.83 -40.70 -11.26
CA ALA B 1071 32.75 -41.84 -12.15
C ALA B 1071 32.69 -43.14 -11.37
N THR B 1072 32.15 -44.16 -12.01
CA THR B 1072 31.97 -45.46 -11.39
C THR B 1072 32.33 -46.52 -12.41
N PHE B 1073 33.21 -47.44 -12.03
CA PHE B 1073 33.76 -48.42 -12.96
C PHE B 1073 33.45 -49.83 -12.46
N LYS B 1074 32.87 -50.63 -13.35
CA LYS B 1074 32.54 -52.02 -13.05
C LYS B 1074 33.63 -52.89 -13.65
N VAL B 1075 34.41 -53.52 -12.79
CA VAL B 1075 35.51 -54.39 -13.19
C VAL B 1075 34.99 -55.83 -13.16
N ASN B 1076 34.79 -56.41 -14.33
CA ASN B 1076 34.38 -57.80 -14.46
C ASN B 1076 35.61 -58.68 -14.53
N LEU B 1077 35.77 -59.53 -13.52
CA LEU B 1077 36.93 -60.42 -13.45
C LEU B 1077 36.67 -61.71 -14.22
N THR C 2 46.47 7.93 13.04
CA THR C 2 45.11 8.35 13.36
C THR C 2 44.35 7.27 14.09
N LEU C 3 43.06 7.49 14.30
CA LEU C 3 42.20 6.50 14.94
C LEU C 3 41.55 5.56 13.93
N PHE C 4 41.50 5.96 12.66
CA PHE C 4 40.91 5.11 11.63
C PHE C 4 41.95 4.11 11.15
N PRO C 5 41.73 2.81 11.34
CA PRO C 5 42.76 1.83 10.96
C PRO C 5 42.89 1.72 9.47
N VAL C 6 44.13 1.53 9.01
CA VAL C 6 44.39 1.43 7.58
C VAL C 6 43.85 0.10 7.04
N LEU C 7 44.07 -0.99 7.76
CA LEU C 7 43.69 -2.31 7.32
C LEU C 7 42.41 -2.75 8.01
N ASN C 8 41.46 -3.25 7.23
CA ASN C 8 40.19 -3.77 7.74
C ASN C 8 40.13 -5.24 7.35
N ASN C 9 40.66 -6.10 8.23
CA ASN C 9 40.67 -7.53 7.99
C ASN C 9 39.54 -8.26 8.69
N THR C 10 38.59 -7.54 9.27
CA THR C 10 37.42 -8.15 9.89
C THR C 10 36.15 -7.56 9.28
N PRO C 11 35.51 -8.27 8.36
CA PRO C 11 34.31 -7.74 7.73
C PRO C 11 33.15 -7.66 8.71
N VAL C 12 32.32 -6.64 8.53
CA VAL C 12 31.12 -6.43 9.31
C VAL C 12 29.93 -6.45 8.36
N GLY C 13 28.94 -7.27 8.67
CA GLY C 13 27.77 -7.36 7.84
C GLY C 13 26.70 -6.37 8.23
N LYS C 14 25.77 -6.15 7.32
CA LYS C 14 24.63 -5.27 7.57
C LYS C 14 23.55 -6.06 8.30
N GLN C 15 23.09 -5.51 9.43
CA GLN C 15 22.13 -6.20 10.27
C GLN C 15 20.83 -6.42 9.53
N VAL C 16 20.39 -7.68 9.46
CA VAL C 16 19.10 -7.99 8.85
C VAL C 16 17.99 -7.46 9.75
N ASP C 17 16.96 -6.89 9.12
CA ASP C 17 15.94 -6.18 9.87
C ASP C 17 15.14 -7.11 10.78
N SER C 18 14.56 -8.17 10.21
CA SER C 18 13.65 -9.01 10.97
C SER C 18 14.37 -9.73 12.10
N ILE C 19 15.58 -10.22 11.85
CA ILE C 19 16.30 -11.00 12.85
C ILE C 19 16.64 -10.12 14.06
N TYR C 20 17.33 -9.01 13.81
CA TYR C 20 17.72 -8.13 14.92
C TYR C 20 16.53 -7.41 15.52
N GLU C 21 15.40 -7.35 14.83
CA GLU C 21 14.19 -6.77 15.41
C GLU C 21 13.54 -7.75 16.38
N SER C 22 13.38 -9.00 15.97
CA SER C 22 12.80 -10.02 16.83
C SER C 22 13.75 -10.46 17.94
N ARG C 23 15.04 -10.15 17.84
CA ARG C 23 15.94 -10.48 18.94
C ARG C 23 15.58 -9.69 20.19
N LEU C 24 15.12 -8.45 20.04
CA LEU C 24 14.79 -7.64 21.20
C LEU C 24 13.62 -8.22 21.99
N ASP C 25 12.82 -9.08 21.38
CA ASP C 25 11.68 -9.66 22.07
C ASP C 25 12.08 -10.55 23.23
N GLN C 26 13.31 -11.08 23.21
CA GLN C 26 13.73 -12.06 24.21
C GLN C 26 14.52 -11.44 25.36
N PHE C 27 14.75 -10.14 25.35
CA PHE C 27 15.45 -9.53 26.49
C PHE C 27 14.53 -9.33 27.68
N LEU C 28 13.26 -9.05 27.44
CA LEU C 28 12.29 -8.89 28.52
C LEU C 28 11.36 -10.08 28.65
N SER C 29 11.53 -11.10 27.82
CA SER C 29 10.66 -12.27 27.88
C SER C 29 11.08 -13.18 29.02
N GLU C 30 10.08 -13.70 29.74
CA GLU C 30 10.30 -14.67 30.81
C GLU C 30 10.14 -16.10 30.33
N GLY C 31 10.44 -16.37 29.06
CA GLY C 31 10.25 -17.69 28.50
C GLY C 31 11.44 -18.60 28.63
N GLN C 32 11.94 -19.10 27.49
CA GLN C 32 12.97 -20.12 27.52
C GLN C 32 14.33 -19.57 27.95
N TYR C 33 14.64 -18.32 27.57
CA TYR C 33 15.91 -17.70 27.92
C TYR C 33 15.75 -16.70 29.06
N ARG C 34 14.88 -17.02 30.02
CA ARG C 34 14.65 -16.10 31.13
C ARG C 34 15.91 -15.90 31.97
N ASP C 35 16.74 -16.93 32.10
CA ASP C 35 17.90 -16.88 32.97
C ASP C 35 19.06 -16.11 32.39
N PHE C 36 19.06 -15.82 31.09
CA PHE C 36 20.13 -15.05 30.47
C PHE C 36 19.75 -13.60 30.24
N ASN C 37 18.49 -13.22 30.48
CA ASN C 37 17.99 -11.91 30.13
C ASN C 37 17.55 -11.17 31.38
N LEU C 38 16.88 -10.03 31.17
CA LEU C 38 16.51 -9.17 32.28
C LEU C 38 15.55 -9.81 33.29
N PRO C 39 14.57 -10.64 32.90
CA PRO C 39 13.64 -11.16 33.92
C PRO C 39 14.26 -12.24 34.78
N SER C 40 15.50 -12.02 35.20
CA SER C 40 16.17 -12.88 36.17
C SER C 40 16.85 -12.11 37.27
N VAL C 41 17.18 -10.83 37.05
CA VAL C 41 17.68 -9.95 38.09
C VAL C 41 16.58 -9.08 38.66
N TYR C 42 15.32 -9.40 38.35
CA TYR C 42 14.20 -8.64 38.91
C TYR C 42 14.10 -8.84 40.43
N ASP C 43 14.19 -10.09 40.87
CA ASP C 43 13.61 -10.47 42.15
C ASP C 43 14.35 -9.86 43.33
N HIS C 44 15.64 -10.16 43.45
CA HIS C 44 16.42 -9.82 44.65
C HIS C 44 15.82 -10.50 45.89
N ALA C 45 15.92 -11.83 45.88
CA ALA C 45 15.56 -12.68 47.02
C ALA C 45 14.06 -12.56 47.37
N ARG C 46 13.25 -13.05 46.45
CA ARG C 46 11.82 -13.24 46.75
C ARG C 46 11.64 -14.27 47.86
N ILE C 47 10.63 -14.05 48.71
CA ILE C 47 10.37 -14.88 49.88
C ILE C 47 8.89 -15.21 49.93
N ASP C 48 8.55 -16.50 50.05
CA ASP C 48 7.15 -16.89 50.14
C ASP C 48 6.91 -18.06 51.09
N ASN C 49 7.87 -18.42 51.93
CA ASN C 49 7.71 -19.60 52.78
C ASN C 49 6.70 -19.33 53.89
N PRO C 50 5.88 -20.31 54.26
CA PRO C 50 5.00 -20.14 55.42
C PRO C 50 5.77 -20.18 56.73
N SER C 51 5.07 -20.04 57.85
CA SER C 51 5.72 -20.22 59.14
C SER C 51 5.85 -21.69 59.51
N GLY C 52 4.92 -22.52 59.07
CA GLY C 52 5.02 -23.95 59.26
C GLY C 52 6.18 -24.61 58.54
N ASP C 53 6.96 -23.86 57.77
CA ASP C 53 8.16 -24.37 57.14
C ASP C 53 9.38 -24.16 58.03
N VAL C 54 9.62 -22.94 58.48
CA VAL C 54 10.81 -22.60 59.26
C VAL C 54 10.39 -22.31 60.69
N ASN C 55 11.09 -22.93 61.64
CA ASN C 55 10.92 -22.63 63.06
C ASN C 55 12.23 -22.65 63.82
N ASN C 56 13.36 -22.86 63.13
CA ASN C 56 14.67 -22.91 63.77
C ASN C 56 15.45 -21.62 63.62
N ASP C 57 15.19 -20.84 62.58
CA ASP C 57 15.89 -19.58 62.33
C ASP C 57 14.91 -18.44 62.52
N LEU C 58 15.34 -17.40 63.26
CA LEU C 58 14.51 -16.25 63.55
C LEU C 58 14.80 -15.09 62.60
N SER C 59 15.44 -15.36 61.47
CA SER C 59 15.71 -14.35 60.46
C SER C 59 15.46 -14.89 59.06
N LYS C 60 14.43 -15.70 58.90
CA LYS C 60 14.07 -16.24 57.59
C LYS C 60 12.88 -15.54 56.96
N GLY C 61 12.01 -14.96 57.77
CA GLY C 61 10.83 -14.29 57.24
C GLY C 61 9.81 -15.27 56.71
N PHE C 62 8.55 -14.88 56.67
CA PHE C 62 7.51 -15.80 56.21
C PHE C 62 6.27 -15.00 55.84
N VAL C 63 5.30 -15.72 55.26
CA VAL C 63 4.04 -15.15 54.82
C VAL C 63 2.95 -16.15 55.17
N ASP C 64 2.12 -15.84 56.16
CA ASP C 64 1.05 -16.71 56.61
C ASP C 64 -0.29 -16.14 56.16
N LEU C 65 -1.13 -17.00 55.59
CA LEU C 65 -2.43 -16.60 55.07
C LEU C 65 -3.51 -17.38 55.81
N LYS C 66 -4.31 -16.67 56.61
CA LYS C 66 -5.46 -17.26 57.29
C LYS C 66 -6.72 -16.76 56.61
N VAL C 67 -7.46 -17.67 55.97
CA VAL C 67 -8.59 -17.30 55.14
C VAL C 67 -9.88 -17.55 55.89
N TYR C 68 -10.80 -16.58 55.82
CA TYR C 68 -12.16 -16.73 56.32
C TYR C 68 -13.09 -16.74 55.12
N ARG C 69 -13.93 -17.77 55.03
CA ARG C 69 -14.84 -17.93 53.90
C ARG C 69 -16.19 -17.33 54.28
N VAL C 70 -16.56 -16.24 53.60
CA VAL C 70 -17.89 -15.69 53.82
C VAL C 70 -18.93 -16.73 53.43
N PRO C 71 -19.91 -17.03 54.27
CA PRO C 71 -20.79 -18.18 54.02
C PRO C 71 -21.60 -18.08 52.73
N ASP C 72 -22.40 -17.03 52.60
CA ASP C 72 -23.20 -16.83 51.41
C ASP C 72 -22.44 -15.97 50.42
N LEU C 73 -23.12 -15.48 49.39
CA LEU C 73 -22.53 -14.51 48.49
C LEU C 73 -22.57 -13.10 49.05
N SER C 74 -22.89 -12.95 50.33
CA SER C 74 -22.93 -11.64 50.98
C SER C 74 -21.52 -11.05 51.03
N ARG C 75 -21.46 -9.76 51.38
CA ARG C 75 -20.19 -9.01 51.39
C ARG C 75 -20.11 -8.18 52.66
N PRO C 76 -19.64 -8.77 53.76
CA PRO C 76 -19.37 -7.97 54.96
C PRO C 76 -18.24 -6.99 54.69
N SER C 77 -18.37 -5.79 55.26
CA SER C 77 -17.51 -4.72 54.75
C SER C 77 -16.10 -4.75 55.33
N PHE C 78 -15.93 -4.34 56.58
CA PHE C 78 -14.66 -4.62 57.26
C PHE C 78 -14.87 -4.90 58.74
N ASN C 79 -15.87 -4.28 59.33
CA ASN C 79 -16.09 -4.36 60.76
C ASN C 79 -17.03 -5.51 61.12
N GLU C 80 -17.61 -6.17 60.14
CA GLU C 80 -18.30 -7.42 60.34
C GLU C 80 -17.36 -8.62 60.24
N VAL C 81 -16.09 -8.40 59.92
CA VAL C 81 -15.13 -9.48 59.77
C VAL C 81 -13.97 -9.30 60.74
N VAL C 82 -13.23 -8.21 60.60
CA VAL C 82 -12.05 -8.01 61.42
C VAL C 82 -12.49 -7.63 62.83
N GLY C 83 -12.02 -8.39 63.82
CA GLY C 83 -12.44 -8.21 65.19
C GLY C 83 -13.68 -9.00 65.58
N HIS C 84 -14.41 -9.54 64.60
CA HIS C 84 -15.62 -10.31 64.87
C HIS C 84 -15.50 -11.76 64.41
N LYS C 85 -15.13 -11.98 63.15
CA LYS C 85 -14.95 -13.33 62.65
C LYS C 85 -13.57 -13.86 62.99
N LYS C 86 -13.42 -15.18 62.89
CA LYS C 86 -12.18 -15.87 63.23
C LYS C 86 -11.60 -16.50 61.97
N PHE C 87 -10.32 -16.24 61.73
CA PHE C 87 -9.60 -16.82 60.59
C PHE C 87 -8.92 -18.09 61.08
N ASP C 88 -9.60 -19.22 60.90
CA ASP C 88 -9.07 -20.51 61.33
C ASP C 88 -8.57 -21.36 60.17
N GLU C 89 -9.28 -21.38 59.05
CA GLU C 89 -8.79 -22.07 57.87
C GLU C 89 -7.51 -21.41 57.38
N THR C 90 -6.56 -22.22 56.94
CA THR C 90 -5.28 -21.72 56.44
C THR C 90 -5.22 -21.89 54.93
N ALA C 91 -4.85 -20.82 54.23
CA ALA C 91 -4.71 -20.84 52.79
C ALA C 91 -3.24 -20.72 52.42
N SER C 92 -2.90 -21.21 51.23
CA SER C 92 -1.53 -21.19 50.76
C SER C 92 -1.54 -21.01 49.25
N LYS C 93 -0.35 -21.02 48.66
CA LYS C 93 -0.24 -20.91 47.22
C LYS C 93 -0.71 -22.21 46.57
N GLY C 94 -1.82 -22.14 45.85
CA GLY C 94 -2.39 -23.29 45.16
C GLY C 94 -3.81 -23.63 45.59
N ASP C 95 -4.25 -23.18 46.76
CA ASP C 95 -5.57 -23.53 47.23
C ASP C 95 -6.65 -22.92 46.35
N THR C 96 -7.57 -23.75 45.88
CA THR C 96 -8.68 -23.32 45.05
C THR C 96 -9.80 -22.80 45.92
N PHE C 97 -10.35 -21.65 45.56
CA PHE C 97 -11.36 -20.98 46.37
C PHE C 97 -12.72 -21.04 45.70
N GLY C 98 -13.73 -20.63 46.47
CA GLY C 98 -15.10 -20.96 46.21
C GLY C 98 -15.70 -20.39 44.94
N PRO C 99 -17.02 -20.49 44.82
CA PRO C 99 -17.69 -20.15 43.55
C PRO C 99 -17.67 -18.67 43.23
N SER C 100 -18.36 -18.29 42.17
CA SER C 100 -18.34 -16.91 41.71
C SER C 100 -18.97 -15.98 42.74
N TRP C 101 -18.49 -14.73 42.74
CA TRP C 101 -18.99 -13.66 43.61
C TRP C 101 -18.78 -13.96 45.08
N ALA C 102 -18.14 -15.08 45.41
CA ALA C 102 -17.90 -15.42 46.80
C ALA C 102 -16.73 -14.62 47.34
N THR C 103 -16.88 -14.12 48.56
CA THR C 103 -15.87 -13.28 49.18
C THR C 103 -15.05 -14.09 50.17
N PHE C 104 -13.74 -13.85 50.17
CA PHE C 104 -12.81 -14.44 51.11
C PHE C 104 -12.03 -13.34 51.78
N TRP C 105 -11.63 -13.58 53.02
CA TRP C 105 -10.87 -12.59 53.78
C TRP C 105 -9.57 -13.22 54.24
N PHE C 106 -8.46 -12.81 53.62
CA PHE C 106 -7.15 -13.33 53.95
C PHE C 106 -6.47 -12.40 54.92
N GLU C 107 -6.34 -12.81 56.18
CA GLU C 107 -5.44 -12.15 57.10
C GLU C 107 -4.03 -12.60 56.75
N VAL C 108 -3.20 -11.67 56.29
CA VAL C 108 -1.84 -11.95 55.86
C VAL C 108 -0.90 -11.41 56.91
N HIS C 109 -0.11 -12.31 57.50
CA HIS C 109 0.89 -11.96 58.51
C HIS C 109 2.26 -12.27 57.94
N ILE C 110 3.05 -11.23 57.73
CA ILE C 110 4.35 -11.36 57.10
C ILE C 110 5.44 -10.99 58.09
N ARG C 111 6.62 -11.57 57.89
CA ARG C 111 7.81 -11.18 58.62
C ARG C 111 8.95 -11.09 57.63
N LEU C 112 9.44 -9.88 57.41
CA LEU C 112 10.60 -9.68 56.53
C LEU C 112 11.85 -10.18 57.23
N PRO C 113 12.73 -10.88 56.50
CA PRO C 113 14.03 -11.24 57.10
C PRO C 113 14.80 -9.99 57.49
N LYS C 114 15.62 -10.13 58.54
CA LYS C 114 16.37 -8.99 59.04
C LYS C 114 17.36 -8.48 58.00
N SER C 115 17.91 -9.38 57.18
CA SER C 115 18.90 -9.02 56.17
C SER C 115 18.35 -7.96 55.21
N TRP C 116 17.05 -7.72 55.26
CA TRP C 116 16.40 -6.70 54.43
C TRP C 116 16.38 -5.34 55.09
N ALA C 117 17.33 -5.06 55.99
CA ALA C 117 17.58 -3.68 56.36
C ALA C 117 17.98 -2.85 55.14
N LYS C 118 18.61 -3.50 54.15
CA LYS C 118 18.78 -2.97 52.81
C LYS C 118 17.47 -3.16 52.06
N TYR C 119 17.50 -3.08 50.73
CA TYR C 119 16.30 -3.25 49.92
C TYR C 119 15.27 -2.17 50.26
N GLU C 120 15.63 -0.94 49.87
CA GLU C 120 14.82 0.24 50.17
C GLU C 120 13.33 0.04 49.89
N GLN C 121 12.99 -0.79 48.92
CA GLN C 121 11.60 -1.06 48.58
C GLN C 121 11.31 -2.55 48.70
N VAL C 122 10.24 -2.89 49.41
CA VAL C 122 9.80 -4.27 49.55
C VAL C 122 8.37 -4.37 49.04
N ILE C 123 8.05 -5.47 48.38
CA ILE C 123 6.79 -5.65 47.68
C ILE C 123 6.10 -6.91 48.18
N PHE C 124 4.78 -6.86 48.24
CA PHE C 124 3.97 -8.05 48.45
C PHE C 124 3.21 -8.34 47.16
N GLN C 125 3.35 -9.56 46.66
CA GLN C 125 2.72 -9.96 45.41
C GLN C 125 1.58 -10.92 45.67
N TRP C 126 0.46 -10.71 44.99
CA TRP C 126 -0.74 -11.51 45.16
C TRP C 126 -1.41 -11.66 43.82
N ASN C 127 -1.48 -12.90 43.31
CA ASN C 127 -1.90 -13.12 41.93
C ASN C 127 -2.93 -14.23 41.86
N CYS C 128 -3.95 -14.17 42.70
CA CYS C 128 -5.14 -14.97 42.48
C CYS C 128 -5.97 -14.32 41.38
N ASP C 129 -6.49 -15.12 40.45
CA ASP C 129 -7.17 -14.57 39.29
C ASP C 129 -8.51 -13.98 39.71
N ASN C 130 -8.47 -12.87 40.43
CA ASN C 130 -9.69 -12.16 40.80
C ASN C 130 -9.30 -10.83 41.44
N GLU C 131 -10.29 -10.14 41.98
CA GLU C 131 -10.08 -8.86 42.63
C GLU C 131 -9.76 -9.04 44.10
N GLY C 132 -8.97 -8.11 44.63
CA GLY C 132 -8.65 -8.10 46.04
C GLY C 132 -8.31 -6.69 46.45
N LEU C 133 -8.50 -6.40 47.74
CA LEU C 133 -8.31 -5.05 48.25
C LEU C 133 -7.66 -5.13 49.61
N VAL C 134 -6.45 -4.58 49.74
CA VAL C 134 -5.72 -4.64 50.99
C VAL C 134 -6.30 -3.65 51.98
N TYR C 135 -6.66 -4.13 53.16
CA TYR C 135 -6.99 -3.28 54.29
C TYR C 135 -5.86 -3.40 55.32
N SER C 136 -5.57 -2.30 55.99
CA SER C 136 -4.60 -2.34 57.08
C SER C 136 -5.29 -2.86 58.33
N GLN C 137 -4.62 -2.80 59.47
CA GLN C 137 -5.23 -3.21 60.72
C GLN C 137 -6.40 -2.31 61.11
N ASP C 138 -6.43 -1.07 60.61
CA ASP C 138 -7.47 -0.13 60.96
C ASP C 138 -8.61 -0.08 59.95
N GLY C 139 -8.47 -0.75 58.81
CA GLY C 139 -9.51 -0.77 57.81
C GLY C 139 -9.34 0.20 56.66
N VAL C 140 -8.23 0.93 56.62
CA VAL C 140 -7.96 1.87 55.54
C VAL C 140 -7.52 1.10 54.31
N PRO C 141 -8.27 1.13 53.22
CA PRO C 141 -7.81 0.46 51.99
C PRO C 141 -6.54 1.12 51.47
N LEU C 142 -5.66 0.30 50.93
CA LEU C 142 -4.35 0.78 50.51
C LEU C 142 -4.04 0.49 49.05
N GLN C 143 -4.42 -0.67 48.54
CA GLN C 143 -4.07 -1.04 47.18
C GLN C 143 -4.90 -2.24 46.77
N ALA C 144 -5.21 -2.32 45.48
CA ALA C 144 -6.00 -3.41 44.95
C ALA C 144 -5.15 -4.31 44.07
N PHE C 145 -5.60 -5.56 43.95
CA PHE C 145 -5.03 -6.53 43.02
C PHE C 145 -6.13 -6.93 42.05
N SER C 146 -5.81 -6.91 40.76
CA SER C 146 -6.77 -7.23 39.71
C SER C 146 -6.09 -8.19 38.73
N GLY C 147 -6.17 -9.48 39.01
CA GLY C 147 -5.58 -10.45 38.12
C GLY C 147 -4.08 -10.29 38.05
N SER C 148 -3.54 -10.44 36.84
CA SER C 148 -2.10 -10.41 36.63
C SER C 148 -1.57 -9.04 36.22
N GLU C 149 -2.44 -8.08 35.96
CA GLU C 149 -2.00 -6.74 35.57
C GLU C 149 -1.71 -5.84 36.77
N ARG C 150 -2.14 -6.22 37.96
CA ARG C 150 -1.88 -5.45 39.18
C ARG C 150 -1.64 -6.42 40.31
N THR C 151 -0.38 -6.62 40.67
CA THR C 151 0.00 -7.55 41.74
C THR C 151 0.81 -6.90 42.84
N ASP C 152 1.75 -6.03 42.51
CA ASP C 152 2.65 -5.48 43.52
C ASP C 152 1.90 -4.57 44.48
N PHE C 153 2.18 -4.72 45.76
CA PHE C 153 1.69 -3.81 46.80
C PHE C 153 2.90 -3.42 47.63
N ILE C 154 3.28 -2.14 47.57
CA ILE C 154 4.46 -1.69 48.28
C ILE C 154 4.15 -1.63 49.77
N LEU C 155 4.98 -2.28 50.57
CA LEU C 155 4.86 -2.15 52.01
C LEU C 155 5.28 -0.74 52.41
N PRO C 156 4.43 0.00 53.12
CA PRO C 156 4.58 1.46 53.17
C PRO C 156 5.66 1.97 54.12
N ASP C 157 6.85 1.38 54.08
CA ASP C 157 8.01 1.88 54.83
C ASP C 157 7.72 2.03 56.32
N SER C 158 6.64 1.44 56.80
CA SER C 158 6.26 1.58 58.20
C SER C 158 6.15 0.26 58.92
N TRP C 159 5.64 -0.79 58.26
CA TRP C 159 5.56 -2.09 58.88
C TRP C 159 6.50 -3.11 58.25
N LYS C 160 7.59 -2.64 57.65
CA LYS C 160 8.71 -3.52 57.33
C LYS C 160 9.61 -3.71 58.55
N THR C 161 9.73 -2.68 59.38
CA THR C 161 10.57 -2.77 60.57
C THR C 161 9.98 -3.73 61.60
N THR C 162 8.68 -3.63 61.84
CA THR C 162 7.99 -4.53 62.75
C THR C 162 7.05 -5.42 61.95
N GLU C 163 7.02 -6.70 62.30
CA GLU C 163 6.20 -7.68 61.59
C GLU C 163 4.73 -7.39 61.85
N ASP C 164 4.02 -6.97 60.82
CA ASP C 164 2.62 -6.59 60.94
C ASP C 164 1.74 -7.54 60.14
N THR C 165 0.45 -7.23 60.12
CA THR C 165 -0.52 -8.01 59.37
C THR C 165 -1.47 -7.05 58.66
N PHE C 166 -1.95 -7.48 57.50
CA PHE C 166 -3.00 -6.76 56.80
C PHE C 166 -4.06 -7.75 56.37
N TYR C 167 -5.06 -7.26 55.64
CA TYR C 167 -6.16 -8.10 55.22
C TYR C 167 -6.41 -7.91 53.74
N ILE C 168 -6.91 -8.95 53.10
CA ILE C 168 -7.19 -8.96 51.68
C ILE C 168 -8.63 -9.44 51.49
N GLU C 169 -9.49 -8.56 50.99
CA GLU C 169 -10.88 -8.88 50.74
C GLU C 169 -11.00 -9.35 49.29
N MET C 170 -10.69 -10.61 49.09
CA MET C 170 -10.65 -11.18 47.75
C MET C 170 -12.06 -11.53 47.29
N ALA C 171 -12.49 -10.95 46.17
CA ALA C 171 -13.80 -11.23 45.60
C ALA C 171 -13.62 -12.18 44.42
N CYS C 172 -14.29 -13.34 44.49
CA CYS C 172 -14.12 -14.37 43.47
C CYS C 172 -14.90 -13.96 42.22
N ASN C 173 -14.26 -13.12 41.40
CA ASN C 173 -14.77 -12.76 40.08
C ASN C 173 -13.66 -12.01 39.35
N GLY C 174 -13.70 -12.08 38.03
CA GLY C 174 -12.74 -11.34 37.23
C GLY C 174 -13.02 -9.85 37.30
N MET C 175 -12.29 -9.10 36.49
CA MET C 175 -12.55 -7.67 36.38
C MET C 175 -13.89 -7.41 35.71
N PHE C 176 -14.36 -8.34 34.88
CA PHE C 176 -15.61 -8.21 34.15
C PHE C 176 -16.55 -9.36 34.51
N GLY C 177 -16.63 -9.67 35.81
CA GLY C 177 -17.49 -10.74 36.24
C GLY C 177 -16.87 -12.11 36.07
N THR C 178 -17.67 -13.08 35.67
CA THR C 178 -17.24 -14.46 35.55
C THR C 178 -17.25 -14.98 34.12
N GLY C 179 -18.26 -14.60 33.33
CA GLY C 179 -18.24 -14.86 31.91
C GLY C 179 -18.83 -16.18 31.47
N ALA C 180 -18.20 -17.29 31.85
CA ALA C 180 -18.56 -18.62 31.38
C ALA C 180 -18.43 -18.73 29.86
N GLY C 181 -17.21 -18.56 29.38
CA GLY C 181 -16.91 -18.74 27.97
C GLY C 181 -16.43 -17.48 27.29
N SER C 182 -17.06 -16.34 27.59
CA SER C 182 -16.67 -15.06 27.03
C SER C 182 -17.17 -13.97 27.96
N GLN C 183 -16.74 -12.74 27.69
CA GLN C 183 -17.05 -11.64 28.58
C GLN C 183 -18.55 -11.35 28.61
N ILE C 184 -19.22 -11.44 27.46
CA ILE C 184 -20.64 -11.09 27.38
C ILE C 184 -21.50 -12.33 27.48
N ALA C 185 -20.90 -13.46 27.82
CA ALA C 185 -21.66 -14.69 28.05
C ALA C 185 -22.26 -14.66 29.45
N PRO C 186 -23.34 -15.42 29.68
CA PRO C 186 -24.00 -15.38 30.99
C PRO C 186 -23.07 -15.89 32.07
N PRO C 187 -23.08 -15.27 33.25
CA PRO C 187 -22.07 -15.57 34.27
C PRO C 187 -22.04 -17.05 34.63
N ASP C 188 -20.86 -17.51 35.04
CA ASP C 188 -20.67 -18.88 35.47
C ASP C 188 -21.05 -19.01 36.93
N PRO C 189 -22.05 -19.82 37.29
CA PRO C 189 -22.38 -20.00 38.70
C PRO C 189 -21.29 -20.70 39.48
N ASN C 190 -20.41 -21.44 38.81
CA ASN C 190 -19.32 -22.18 39.46
C ASN C 190 -18.04 -21.92 38.69
N ARG C 191 -17.22 -21.00 39.20
CA ARG C 191 -15.93 -20.68 38.60
C ARG C 191 -14.91 -20.59 39.73
N TYR C 192 -14.06 -21.61 39.84
CA TYR C 192 -13.15 -21.75 40.97
C TYR C 192 -11.81 -21.15 40.63
N PHE C 193 -11.35 -20.21 41.46
CA PHE C 193 -10.11 -19.51 41.24
C PHE C 193 -8.99 -20.12 42.08
N THR C 194 -7.76 -19.98 41.59
CA THR C 194 -6.59 -20.58 42.20
C THR C 194 -5.64 -19.48 42.65
N LEU C 195 -5.15 -19.59 43.88
CA LEU C 195 -4.12 -18.67 44.37
C LEU C 195 -2.77 -19.14 43.85
N THR C 196 -2.07 -18.26 43.12
CA THR C 196 -0.82 -18.61 42.50
C THR C 196 0.39 -17.87 43.04
N LYS C 197 0.21 -16.71 43.67
CA LYS C 197 1.32 -15.96 44.22
C LYS C 197 0.92 -15.32 45.53
N ALA C 198 1.75 -15.48 46.56
CA ALA C 198 1.60 -14.79 47.82
C ALA C 198 2.95 -14.34 48.34
N ASP C 199 3.89 -14.08 47.43
CA ASP C 199 5.29 -13.92 47.79
C ASP C 199 5.55 -12.57 48.44
N LEU C 200 6.82 -12.34 48.77
CA LEU C 200 7.28 -11.11 49.42
C LEU C 200 8.58 -10.72 48.74
N VAL C 201 8.46 -9.94 47.68
CA VAL C 201 9.60 -9.64 46.82
C VAL C 201 10.24 -8.33 47.29
N ALA C 202 11.51 -8.16 46.92
CA ALA C 202 12.25 -6.92 47.16
C ALA C 202 12.87 -6.53 45.82
N PRO C 203 12.07 -5.96 44.91
CA PRO C 203 12.48 -5.91 43.51
C PRO C 203 13.71 -5.05 43.29
N ASN C 204 14.46 -5.42 42.26
CA ASN C 204 15.63 -4.66 41.84
C ASN C 204 15.18 -3.41 41.11
N LEU C 205 15.30 -2.25 41.77
CA LEU C 205 14.79 -1.02 41.18
C LEU C 205 15.50 -0.64 39.89
N PRO C 206 16.84 -0.65 39.79
CA PRO C 206 17.46 -0.36 38.50
C PRO C 206 17.10 -1.36 37.43
N ALA C 207 16.90 -2.64 37.79
CA ALA C 207 16.47 -3.61 36.79
C ALA C 207 15.09 -3.27 36.27
N MET C 208 14.18 -2.82 37.13
CA MET C 208 12.85 -2.43 36.66
C MET C 208 12.91 -1.18 35.81
N ALA C 209 13.76 -0.22 36.18
CA ALA C 209 13.93 0.98 35.36
C ALA C 209 14.45 0.61 33.97
N LEU C 210 15.46 -0.24 33.91
CA LEU C 210 15.96 -0.70 32.62
C LEU C 210 14.90 -1.48 31.86
N ALA C 211 14.04 -2.21 32.57
CA ALA C 211 12.96 -2.93 31.91
C ALA C 211 12.00 -1.97 31.22
N TYR C 212 11.61 -0.91 31.92
CA TYR C 212 10.71 0.06 31.31
C TYR C 212 11.38 0.77 30.14
N ASP C 213 12.65 1.16 30.30
CA ASP C 213 13.39 1.78 29.20
C ASP C 213 13.42 0.89 27.97
N PHE C 214 13.83 -0.36 28.15
CA PHE C 214 13.91 -1.29 27.04
C PHE C 214 12.55 -1.57 26.44
N LEU C 215 11.50 -1.59 27.26
CA LEU C 215 10.16 -1.83 26.73
C LEU C 215 9.73 -0.68 25.82
N LEU C 216 9.95 0.55 26.27
CA LEU C 216 9.62 1.70 25.43
C LEU C 216 10.40 1.67 24.13
N MET C 217 11.71 1.38 24.20
CA MET C 217 12.52 1.40 23.00
C MET C 217 12.13 0.27 22.04
N GLN C 218 11.81 -0.90 22.58
CA GLN C 218 11.36 -2.00 21.73
C GLN C 218 10.03 -1.67 21.07
N GLN C 219 9.15 -0.94 21.78
CA GLN C 219 7.93 -0.47 21.13
C GLN C 219 8.25 0.50 20.00
N CYS C 220 9.18 1.43 20.24
CA CYS C 220 9.60 2.35 19.19
C CYS C 220 10.14 1.59 17.98
N VAL C 221 10.84 0.49 18.22
CA VAL C 221 11.37 -0.31 17.13
C VAL C 221 10.23 -0.99 16.37
N LYS C 222 9.25 -1.53 17.09
CA LYS C 222 8.19 -2.28 16.44
C LYS C 222 7.17 -1.39 15.73
N GLN C 223 7.02 -0.14 16.16
CA GLN C 223 5.93 0.70 15.68
C GLN C 223 6.33 1.75 14.67
N LEU C 224 7.46 2.43 14.87
CA LEU C 224 7.81 3.54 14.01
C LEU C 224 8.00 3.06 12.57
N PRO C 225 7.70 3.91 11.58
CA PRO C 225 7.77 3.48 10.18
C PRO C 225 9.19 3.05 9.79
N SER C 226 9.26 2.30 8.70
CA SER C 226 10.52 1.71 8.26
C SER C 226 11.51 2.72 7.72
N ASN C 227 11.19 4.01 7.73
CA ASN C 227 12.09 5.02 7.17
C ASN C 227 12.45 6.10 8.18
N CYS C 228 12.07 5.95 9.44
CA CYS C 228 12.36 6.92 10.47
C CYS C 228 13.62 6.50 11.21
N TRP C 229 14.59 7.42 11.30
CA TRP C 229 15.86 7.09 11.93
C TRP C 229 15.73 6.85 13.43
N GLN C 230 14.65 7.30 14.05
CA GLN C 230 14.47 7.03 15.47
C GLN C 230 14.26 5.55 15.71
N LYS C 231 13.57 4.87 14.81
CA LYS C 231 13.39 3.43 14.91
C LYS C 231 14.73 2.72 14.96
N TYR C 232 15.64 3.10 14.06
CA TYR C 232 16.93 2.42 13.98
C TYR C 232 17.87 2.83 15.11
N LYS C 233 17.79 4.09 15.57
CA LYS C 233 18.56 4.46 16.76
C LYS C 233 18.09 3.66 17.97
N ALA C 234 16.78 3.52 18.14
CA ALA C 234 16.27 2.71 19.23
C ALA C 234 16.72 1.27 19.09
N ARG C 235 16.72 0.74 17.86
CA ARG C 235 17.15 -0.65 17.67
C ARG C 235 18.62 -0.82 18.01
N GLN C 236 19.46 0.13 17.60
CA GLN C 236 20.88 0.05 17.93
C GLN C 236 21.10 0.13 19.43
N ILE C 237 20.35 0.99 20.12
CA ILE C 237 20.52 1.10 21.56
C ILE C 237 20.04 -0.16 22.27
N CYS C 238 18.92 -0.73 21.81
CA CYS C 238 18.46 -2.00 22.38
C CYS C 238 19.48 -3.10 22.17
N ASN C 239 20.07 -3.16 20.97
CA ASN C 239 21.08 -4.16 20.69
C ASN C 239 22.27 -4.00 21.62
N ASP C 240 22.76 -2.76 21.79
CA ASP C 240 23.88 -2.53 22.69
C ASP C 240 23.53 -2.89 24.12
N ILE C 241 22.28 -2.65 24.52
CA ILE C 241 21.86 -3.01 25.87
C ILE C 241 21.87 -4.52 26.05
N MET C 242 21.38 -5.26 25.05
CA MET C 242 21.38 -6.72 25.15
C MET C 242 22.79 -7.27 25.11
N ASN C 243 23.69 -6.63 24.36
CA ASN C 243 25.08 -7.04 24.34
C ASN C 243 25.82 -6.69 25.62
N THR C 244 25.33 -5.69 26.35
CA THR C 244 25.98 -5.20 27.55
C THR C 244 25.53 -5.94 28.81
N PHE C 245 24.28 -6.38 28.85
CA PHE C 245 23.71 -6.94 30.07
C PHE C 245 24.21 -8.36 30.29
N HIS C 246 24.80 -8.59 31.47
CA HIS C 246 25.13 -9.92 31.95
C HIS C 246 24.36 -10.14 33.26
N PRO C 247 23.53 -11.17 33.36
CA PRO C 247 22.76 -11.36 34.60
C PRO C 247 23.61 -11.67 35.81
N ASN C 248 24.90 -11.97 35.63
CA ASN C 248 25.79 -12.28 36.73
C ASN C 248 26.54 -11.05 37.24
N ASP C 249 26.23 -9.86 36.73
CA ASP C 249 26.88 -8.64 37.16
C ASP C 249 25.88 -7.51 37.07
N LEU C 250 25.69 -6.79 38.18
CA LEU C 250 24.62 -5.80 38.29
C LEU C 250 25.09 -4.38 38.06
N SER C 251 26.36 -4.17 37.74
CA SER C 251 26.79 -2.85 37.27
C SER C 251 26.46 -2.68 35.79
N THR C 252 26.45 -3.78 35.05
CA THR C 252 25.98 -3.74 33.67
C THR C 252 24.58 -3.15 33.58
N ILE C 253 23.74 -3.38 34.60
CA ILE C 253 22.40 -2.80 34.58
C ILE C 253 22.48 -1.28 34.53
N ASN C 254 23.32 -0.68 35.36
CA ASN C 254 23.41 0.77 35.39
C ASN C 254 24.06 1.32 34.12
N GLU C 255 25.06 0.63 33.59
CA GLU C 255 25.62 1.15 32.35
C GLU C 255 24.72 0.89 31.15
N CYS C 256 23.85 -0.12 31.21
CA CYS C 256 22.78 -0.25 30.21
C CYS C 256 21.80 0.90 30.32
N ARG C 257 21.45 1.29 31.54
CA ARG C 257 20.60 2.48 31.72
C ARG C 257 21.26 3.71 31.14
N ASN C 258 22.57 3.84 31.30
CA ASN C 258 23.27 4.98 30.72
C ASN C 258 23.27 4.91 29.20
N LEU C 259 23.46 3.72 28.63
CA LEU C 259 23.31 3.56 27.18
C LEU C 259 21.91 3.94 26.71
N ALA C 260 20.91 3.65 27.54
CA ALA C 260 19.54 4.01 27.19
C ALA C 260 19.32 5.51 27.26
N LYS C 261 20.01 6.19 28.18
CA LYS C 261 19.84 7.63 28.34
C LYS C 261 20.22 8.42 27.09
N ALA C 262 20.77 7.77 26.07
CA ALA C 262 21.02 8.42 24.78
C ALA C 262 19.76 8.51 23.93
N PHE C 263 18.68 7.89 24.36
CA PHE C 263 17.42 7.86 23.62
C PHE C 263 16.26 8.45 24.40
N LEU C 264 16.24 8.27 25.72
CA LEU C 264 15.16 8.77 26.56
C LEU C 264 15.51 10.06 27.29
N GLY C 265 16.79 10.38 27.42
CA GLY C 265 17.20 11.55 28.18
C GLY C 265 17.47 11.23 29.63
N ASN C 266 17.89 12.25 30.37
CA ASN C 266 18.37 12.06 31.74
C ASN C 266 17.30 12.26 32.79
N ASP C 267 16.13 12.80 32.43
CA ASP C 267 15.14 13.20 33.42
C ASP C 267 13.98 12.22 33.56
N ILE C 268 14.06 11.06 32.91
CA ILE C 268 12.94 10.12 32.95
C ILE C 268 12.72 9.55 34.35
N ASP C 269 13.74 9.59 35.21
CA ASP C 269 13.59 9.02 36.54
C ASP C 269 12.72 9.88 37.45
N SER C 270 12.55 11.15 37.14
CA SER C 270 11.79 12.08 37.96
C SER C 270 10.65 12.67 37.14
N GLU C 271 9.92 13.59 37.77
CA GLU C 271 8.79 14.27 37.14
C GLU C 271 9.23 15.52 36.38
N ALA C 272 10.51 15.64 36.06
CA ALA C 272 11.02 16.79 35.33
C ALA C 272 10.97 16.60 33.82
N VAL C 273 10.60 15.41 33.33
CA VAL C 273 10.42 15.24 31.89
C VAL C 273 9.29 16.12 31.38
N PHE C 274 8.26 16.32 32.19
CA PHE C 274 7.10 17.08 31.76
C PHE C 274 7.30 18.58 31.89
N GLU C 275 8.42 19.03 32.44
CA GLU C 275 8.71 20.44 32.53
C GLU C 275 9.53 20.95 31.37
N LYS C 276 10.08 20.06 30.55
CA LYS C 276 10.76 20.43 29.33
C LYS C 276 9.79 20.35 28.16
N ASN C 277 9.77 21.39 27.33
CA ASN C 277 8.95 21.43 26.12
C ASN C 277 7.46 21.29 26.44
N ASN C 278 7.02 21.96 27.51
CA ASN C 278 5.63 21.92 27.94
C ASN C 278 4.80 23.05 27.36
N ASP C 279 5.26 23.67 26.27
CA ASP C 279 4.55 24.78 25.65
C ASP C 279 3.76 24.33 24.42
N LYS C 280 4.41 23.62 23.49
CA LYS C 280 3.73 23.09 22.32
C LYS C 280 3.42 21.62 22.56
N ALA C 281 2.31 21.39 23.24
CA ALA C 281 1.86 20.04 23.59
C ALA C 281 0.72 19.63 22.67
N ASN C 282 0.83 18.43 22.11
CA ASN C 282 -0.17 17.90 21.20
C ASN C 282 -1.05 16.84 21.87
N VAL C 283 -0.45 15.89 22.57
CA VAL C 283 -1.19 14.88 23.30
C VAL C 283 -1.28 15.30 24.75
N PHE C 284 -2.50 15.36 25.27
CA PHE C 284 -2.74 15.65 26.68
C PHE C 284 -3.20 14.37 27.35
N ALA C 285 -2.44 13.92 28.33
CA ALA C 285 -2.71 12.66 29.01
C ALA C 285 -3.46 12.93 30.31
N ILE C 286 -4.49 12.12 30.57
CA ILE C 286 -5.25 12.20 31.81
C ILE C 286 -5.64 10.79 32.20
N GLY C 287 -5.64 10.51 33.51
CA GLY C 287 -5.95 9.18 34.01
C GLY C 287 -7.44 9.04 34.26
N HIS C 288 -7.98 7.90 33.85
CA HIS C 288 -9.41 7.66 33.92
C HIS C 288 -9.68 6.23 34.34
N CYS C 289 -10.73 6.04 35.14
CA CYS C 289 -11.10 4.73 35.68
C CYS C 289 -12.61 4.57 35.50
N HIS C 290 -13.01 4.03 34.36
CA HIS C 290 -14.42 3.88 34.02
C HIS C 290 -14.95 2.62 34.69
N ILE C 291 -15.85 2.77 35.65
CA ILE C 291 -16.45 1.66 36.36
C ILE C 291 -17.92 1.62 35.98
N ASP C 292 -18.29 0.67 35.12
CA ASP C 292 -19.69 0.48 34.79
C ASP C 292 -20.46 0.10 36.04
N THR C 293 -21.46 0.92 36.39
CA THR C 293 -22.15 0.74 37.67
C THR C 293 -22.76 -0.64 37.78
N ALA C 294 -23.35 -1.16 36.71
CA ALA C 294 -23.85 -2.52 36.70
C ALA C 294 -23.86 -3.00 35.25
N TRP C 295 -22.82 -3.74 34.86
CA TRP C 295 -22.72 -4.28 33.52
C TRP C 295 -22.68 -5.79 33.50
N LEU C 296 -21.74 -6.39 34.24
CA LEU C 296 -21.67 -7.84 34.37
C LEU C 296 -21.56 -8.25 35.84
N TRP C 297 -21.94 -7.35 36.75
CA TRP C 297 -21.85 -7.56 38.18
C TRP C 297 -22.93 -6.71 38.83
N PRO C 298 -23.42 -7.10 40.00
CA PRO C 298 -24.48 -6.32 40.64
C PRO C 298 -23.98 -4.98 41.15
N PHE C 299 -24.88 -4.16 41.70
CA PHE C 299 -24.48 -2.90 42.30
C PHE C 299 -23.64 -3.13 43.55
N ALA C 300 -23.89 -4.22 44.28
CA ALA C 300 -23.13 -4.50 45.48
C ALA C 300 -21.67 -4.77 45.17
N GLU C 301 -21.37 -5.23 43.95
CA GLU C 301 -19.97 -5.40 43.56
C GLU C 301 -19.30 -4.10 43.12
N THR C 302 -20.02 -3.21 42.46
CA THR C 302 -19.46 -1.91 42.14
C THR C 302 -19.19 -1.07 43.37
N ARG C 303 -19.98 -1.27 44.43
CA ARG C 303 -19.77 -0.53 45.67
C ARG C 303 -18.36 -0.83 46.17
N ARG C 304 -17.82 -2.01 45.83
CA ARG C 304 -16.46 -2.38 46.20
C ARG C 304 -15.44 -2.05 45.13
N LYS C 305 -15.84 -2.17 43.86
CA LYS C 305 -14.94 -1.79 42.77
C LYS C 305 -14.57 -0.32 42.87
N ILE C 306 -15.53 0.52 43.27
CA ILE C 306 -15.25 1.95 43.39
C ILE C 306 -14.11 2.19 44.37
N VAL C 307 -14.20 1.63 45.57
CA VAL C 307 -13.19 1.90 46.57
C VAL C 307 -11.88 1.23 46.20
N ARG C 308 -11.94 0.01 45.67
CA ARG C 308 -10.70 -0.68 45.36
C ARG C 308 -9.96 -0.05 44.20
N SER C 309 -10.64 0.68 43.32
CA SER C 309 -9.93 1.42 42.29
C SER C 309 -9.49 2.80 42.77
N TRP C 310 -10.35 3.51 43.50
CA TRP C 310 -10.00 4.86 43.88
C TRP C 310 -8.91 4.90 44.95
N ALA C 311 -8.86 3.92 45.85
CA ALA C 311 -7.78 3.89 46.83
C ALA C 311 -6.44 3.65 46.15
N THR C 312 -6.41 2.74 45.18
CA THR C 312 -5.23 2.57 44.35
C THR C 312 -4.81 3.88 43.72
N GLN C 313 -5.79 4.62 43.19
CA GLN C 313 -5.46 5.90 42.56
C GLN C 313 -4.94 6.90 43.58
N MET C 314 -5.46 6.89 44.81
CA MET C 314 -4.93 7.78 45.83
C MET C 314 -3.47 7.48 46.10
N ASN C 315 -3.13 6.20 46.28
CA ASN C 315 -1.74 5.87 46.55
C ASN C 315 -0.84 6.23 45.39
N ILE C 316 -1.31 6.01 44.15
CA ILE C 316 -0.50 6.32 42.99
C ILE C 316 -0.27 7.83 42.88
N MET C 317 -1.34 8.61 43.02
CA MET C 317 -1.20 10.06 43.04
C MET C 317 -0.33 10.54 44.19
N ASP C 318 -0.20 9.74 45.24
CA ASP C 318 0.75 10.05 46.29
C ASP C 318 2.18 9.80 45.82
N ARG C 319 2.39 8.74 45.04
CA ARG C 319 3.73 8.42 44.58
C ARG C 319 4.18 9.31 43.42
N TYR C 320 3.34 9.46 42.40
CA TYR C 320 3.70 10.25 41.23
C TYR C 320 3.06 11.62 41.33
N PRO C 321 3.83 12.70 41.49
CA PRO C 321 3.20 13.99 41.77
C PRO C 321 2.52 14.63 40.56
N GLU C 322 2.95 14.31 39.35
CA GLU C 322 2.39 14.94 38.15
C GLU C 322 1.14 14.26 37.64
N TYR C 323 0.72 13.16 38.27
CA TYR C 323 -0.38 12.36 37.75
C TYR C 323 -1.72 12.95 38.20
N GLN C 324 -2.65 13.05 37.25
CA GLN C 324 -3.98 13.57 37.52
C GLN C 324 -5.02 12.56 37.06
N PHE C 325 -6.15 12.54 37.75
CA PHE C 325 -7.14 11.48 37.66
C PHE C 325 -8.53 12.06 37.54
N VAL C 326 -9.39 11.42 36.75
CA VAL C 326 -10.76 11.88 36.55
C VAL C 326 -11.72 10.71 36.72
N CYS C 327 -12.88 10.98 37.30
CA CYS C 327 -13.96 9.99 37.42
C CYS C 327 -15.27 10.73 37.35
N SER C 328 -16.26 10.11 36.70
CA SER C 328 -17.43 10.85 36.23
C SER C 328 -18.60 10.82 37.22
N GLN C 329 -19.12 9.64 37.52
CA GLN C 329 -20.40 9.54 38.20
C GLN C 329 -20.31 10.09 39.63
N ALA C 330 -21.31 10.90 39.99
CA ALA C 330 -21.42 11.36 41.37
C ALA C 330 -22.06 10.33 42.27
N LEU C 331 -22.86 9.42 41.71
CA LEU C 331 -23.40 8.33 42.49
C LEU C 331 -22.29 7.48 43.09
N GLN C 332 -21.18 7.32 42.35
CA GLN C 332 -20.07 6.56 42.88
C GLN C 332 -19.41 7.29 44.05
N TYR C 333 -19.34 8.61 43.98
CA TYR C 333 -18.86 9.37 45.13
C TYR C 333 -19.78 9.19 46.33
N LEU C 334 -21.09 9.18 46.08
CA LEU C 334 -22.03 8.96 47.17
C LEU C 334 -21.84 7.58 47.78
N TRP C 335 -21.65 6.56 46.95
CA TRP C 335 -21.45 5.21 47.46
C TRP C 335 -20.15 5.12 48.25
N LEU C 336 -19.09 5.77 47.77
CA LEU C 336 -17.83 5.75 48.49
C LEU C 336 -17.93 6.44 49.83
N LYS C 337 -18.70 7.53 49.90
CA LYS C 337 -18.90 8.21 51.17
C LYS C 337 -19.84 7.44 52.09
N GLU C 338 -20.72 6.62 51.54
CA GLU C 338 -21.56 5.77 52.38
C GLU C 338 -20.77 4.61 52.95
N ASP C 339 -19.87 4.03 52.16
CA ASP C 339 -19.08 2.89 52.63
C ASP C 339 -17.91 3.33 53.48
N HIS C 340 -17.00 4.11 52.90
CA HIS C 340 -15.76 4.52 53.56
C HIS C 340 -15.72 6.03 53.70
N PRO C 341 -16.19 6.58 54.82
CA PRO C 341 -16.18 8.04 54.97
C PRO C 341 -14.78 8.63 55.08
N ASP C 342 -13.85 7.93 55.72
CA ASP C 342 -12.49 8.46 55.84
C ASP C 342 -11.79 8.47 54.49
N VAL C 343 -12.01 7.42 53.69
CA VAL C 343 -11.47 7.41 52.33
C VAL C 343 -12.05 8.58 51.54
N PHE C 344 -13.31 8.90 51.76
CA PHE C 344 -13.90 10.04 51.06
C PHE C 344 -13.33 11.36 51.56
N GLU C 345 -12.99 11.45 52.85
CA GLU C 345 -12.34 12.67 53.33
C GLU C 345 -10.99 12.87 52.68
N LYS C 346 -10.19 11.80 52.64
CA LYS C 346 -8.91 11.88 51.92
C LYS C 346 -9.11 12.15 50.43
N LEU C 347 -10.19 11.64 49.86
CA LEU C 347 -10.49 11.89 48.46
C LEU C 347 -10.77 13.35 48.22
N LYS C 348 -11.58 13.97 49.07
CA LYS C 348 -11.85 15.39 48.90
C LYS C 348 -10.61 16.23 49.18
N GLU C 349 -9.71 15.73 50.02
CA GLU C 349 -8.41 16.38 50.19
C GLU C 349 -7.64 16.37 48.88
N TYR C 350 -7.58 15.20 48.22
CA TYR C 350 -6.91 15.12 46.92
C TYR C 350 -7.59 16.04 45.91
N VAL C 351 -8.93 16.05 45.89
CA VAL C 351 -9.68 16.91 44.97
C VAL C 351 -9.29 18.36 45.17
N ASN C 352 -9.16 18.79 46.42
CA ASN C 352 -8.75 20.17 46.67
C ASN C 352 -7.31 20.42 46.25
N GLN C 353 -6.48 19.37 46.22
CA GLN C 353 -5.09 19.49 45.83
C GLN C 353 -4.88 19.44 44.32
N ASN C 354 -5.93 19.66 43.54
CA ASN C 354 -5.94 19.73 42.09
C ASN C 354 -5.69 18.39 41.41
N LYS C 355 -5.40 17.33 42.17
CA LYS C 355 -5.41 15.99 41.62
C LYS C 355 -6.77 15.37 41.82
N PHE C 356 -7.00 14.24 41.17
CA PHE C 356 -8.27 13.53 41.28
C PHE C 356 -9.44 14.44 40.91
N ILE C 357 -9.45 14.87 39.66
CA ILE C 357 -10.44 15.81 39.16
C ILE C 357 -11.81 15.15 39.07
N PRO C 358 -12.81 15.63 39.80
CA PRO C 358 -14.18 15.13 39.59
C PRO C 358 -14.80 15.79 38.37
N ILE C 359 -15.14 14.99 37.38
CA ILE C 359 -15.63 15.47 36.10
C ILE C 359 -16.99 14.84 35.82
N GLY C 360 -17.56 15.20 34.69
CA GLY C 360 -18.86 14.66 34.28
C GLY C 360 -20.04 15.51 34.67
N GLY C 361 -20.10 15.91 35.93
CA GLY C 361 -21.15 16.78 36.40
C GLY C 361 -22.54 16.17 36.37
N SER C 362 -22.62 14.85 36.24
CA SER C 362 -23.89 14.15 36.21
C SER C 362 -23.95 13.13 37.33
N TRP C 363 -25.15 12.59 37.54
CA TRP C 363 -25.33 11.57 38.57
C TRP C 363 -24.67 10.27 38.15
N VAL C 364 -25.08 9.72 37.00
CA VAL C 364 -24.47 8.54 36.43
C VAL C 364 -24.14 8.83 34.97
N GLU C 365 -23.34 7.96 34.37
CA GLU C 365 -23.07 8.02 32.94
C GLU C 365 -24.25 7.37 32.23
N HIS C 366 -25.32 8.13 32.10
CA HIS C 366 -26.60 7.64 31.63
C HIS C 366 -26.58 7.44 30.12
N ASP C 367 -27.58 6.70 29.64
CA ASP C 367 -27.89 6.69 28.23
C ASP C 367 -28.66 7.96 27.88
N THR C 368 -28.37 8.53 26.72
CA THR C 368 -28.97 9.79 26.34
C THR C 368 -30.07 9.64 25.31
N ASN C 369 -30.44 8.40 24.96
CA ASN C 369 -31.49 8.16 23.98
C ASN C 369 -32.83 7.85 24.61
N ILE C 370 -32.86 6.93 25.57
CA ILE C 370 -34.11 6.39 26.10
C ILE C 370 -34.76 7.30 27.15
N PRO C 371 -34.06 7.80 28.17
CA PRO C 371 -34.75 8.57 29.20
C PRO C 371 -35.29 9.88 28.66
N ASN C 372 -36.41 10.31 29.24
CA ASN C 372 -37.05 11.55 28.81
C ASN C 372 -36.18 12.74 29.20
N GLY C 373 -36.52 13.90 28.64
CA GLY C 373 -35.68 15.07 28.82
C GLY C 373 -35.54 15.48 30.27
N GLU C 374 -36.64 15.39 31.03
CA GLU C 374 -36.56 15.74 32.44
C GLU C 374 -35.61 14.82 33.19
N SER C 375 -35.48 13.57 32.75
CA SER C 375 -34.52 12.68 33.37
C SER C 375 -33.09 13.18 33.16
N LEU C 376 -32.77 13.65 31.96
CA LEU C 376 -31.43 14.19 31.71
C LEU C 376 -31.20 15.45 32.54
N ILE C 377 -32.19 16.32 32.61
CA ILE C 377 -32.03 17.53 33.42
C ILE C 377 -31.86 17.16 34.89
N ARG C 378 -32.54 16.11 35.35
CA ARG C 378 -32.36 15.66 36.73
C ARG C 378 -30.98 15.08 36.95
N GLN C 379 -30.47 14.33 35.98
CA GLN C 379 -29.10 13.84 36.06
C GLN C 379 -28.15 14.99 36.33
N PHE C 380 -28.21 16.01 35.49
CA PHE C 380 -27.27 17.13 35.67
C PHE C 380 -27.54 17.88 36.96
N LEU C 381 -28.81 18.07 37.33
CA LEU C 381 -29.15 18.76 38.55
C LEU C 381 -28.55 18.06 39.76
N LEU C 382 -28.81 16.75 39.88
CA LEU C 382 -28.33 15.98 41.02
C LEU C 382 -26.80 15.93 41.05
N GLY C 383 -26.19 15.64 39.91
CA GLY C 383 -24.73 15.55 39.88
C GLY C 383 -24.06 16.87 40.26
N GLN C 384 -24.51 17.97 39.65
CA GLN C 384 -23.89 19.25 39.93
C GLN C 384 -24.16 19.70 41.35
N HIS C 385 -25.34 19.40 41.91
CA HIS C 385 -25.59 19.79 43.29
C HIS C 385 -24.74 18.97 44.25
N PHE C 386 -24.57 17.68 43.98
CA PHE C 386 -23.69 16.86 44.80
C PHE C 386 -22.27 17.37 44.75
N PHE C 387 -21.80 17.77 43.56
CA PHE C 387 -20.42 18.23 43.43
C PHE C 387 -20.23 19.59 44.09
N GLU C 388 -21.21 20.48 43.97
CA GLU C 388 -21.12 21.77 44.64
C GLU C 388 -21.25 21.64 46.15
N LYS C 389 -21.92 20.59 46.64
CA LYS C 389 -22.07 20.40 48.07
C LYS C 389 -20.82 19.77 48.67
N GLU C 390 -20.43 18.59 48.18
CA GLU C 390 -19.31 17.87 48.77
C GLU C 390 -18.00 18.61 48.53
N PHE C 391 -17.60 18.73 47.27
CA PHE C 391 -16.44 19.53 46.91
C PHE C 391 -16.91 20.96 46.63
N GLY C 392 -16.05 21.78 46.06
CA GLY C 392 -16.44 23.12 45.73
C GLY C 392 -16.47 23.36 44.23
N VAL C 393 -16.43 22.27 43.47
CA VAL C 393 -16.29 22.34 42.02
C VAL C 393 -17.66 22.20 41.37
N ARG C 394 -17.85 22.90 40.26
CA ARG C 394 -18.97 22.68 39.36
C ARG C 394 -18.38 22.28 38.01
N CYS C 395 -18.60 21.03 37.62
CA CYS C 395 -17.95 20.51 36.43
C CYS C 395 -18.41 21.26 35.18
N ARG C 396 -17.44 21.69 34.38
CA ARG C 396 -17.72 22.36 33.13
C ARG C 396 -17.62 21.44 31.93
N THR C 397 -17.35 20.15 32.15
CA THR C 397 -17.12 19.21 31.05
C THR C 397 -18.07 18.03 31.22
N PHE C 398 -19.00 17.89 30.30
CA PHE C 398 -19.87 16.71 30.27
C PHE C 398 -19.05 15.53 29.80
N TRP C 399 -18.79 14.59 30.71
CA TRP C 399 -18.00 13.40 30.42
C TRP C 399 -18.95 12.24 30.13
N LEU C 400 -18.89 11.72 28.92
CA LEU C 400 -19.81 10.66 28.48
C LEU C 400 -19.15 9.84 27.38
N PRO C 401 -18.18 9.01 27.74
CA PRO C 401 -17.42 8.26 26.73
C PRO C 401 -17.98 6.90 26.36
N ASP C 402 -19.04 6.44 27.03
CA ASP C 402 -19.49 5.07 26.85
C ASP C 402 -20.96 4.96 26.48
N THR C 403 -21.61 6.08 26.14
CA THR C 403 -23.04 6.07 25.85
C THR C 403 -23.30 5.56 24.43
N PHE C 404 -24.36 4.78 24.28
CA PHE C 404 -24.68 4.13 23.01
C PHE C 404 -25.56 5.01 22.12
N GLY C 405 -25.14 6.25 21.91
CA GLY C 405 -25.90 7.15 21.06
C GLY C 405 -26.37 8.41 21.75
N TYR C 406 -26.17 9.56 21.10
CA TYR C 406 -26.50 10.85 21.69
C TYR C 406 -27.70 11.54 21.07
N SER C 407 -28.59 12.05 21.91
CA SER C 407 -29.80 12.72 21.44
C SER C 407 -29.40 14.07 20.85
N SER C 408 -30.35 14.66 20.13
CA SER C 408 -30.09 15.90 19.41
C SER C 408 -30.22 17.14 20.30
N GLN C 409 -30.66 16.99 21.55
CA GLN C 409 -30.87 18.12 22.43
C GLN C 409 -29.89 18.13 23.60
N ILE C 410 -28.91 17.23 23.60
CA ILE C 410 -27.95 17.20 24.71
C ILE C 410 -27.17 18.50 24.83
N PRO C 411 -26.66 19.11 23.75
CA PRO C 411 -25.90 20.37 23.95
C PRO C 411 -26.68 21.45 24.66
N GLN C 412 -27.97 21.58 24.40
CA GLN C 412 -28.74 22.62 25.08
C GLN C 412 -28.88 22.30 26.55
N ILE C 413 -29.15 21.04 26.89
CA ILE C 413 -29.27 20.65 28.29
C ILE C 413 -27.93 20.86 29.01
N CYS C 414 -26.82 20.63 28.31
CA CYS C 414 -25.53 20.91 28.91
C CYS C 414 -25.33 22.40 29.13
N ARG C 415 -25.71 23.22 28.15
CA ARG C 415 -25.56 24.67 28.30
C ARG C 415 -26.43 25.21 29.42
N LEU C 416 -27.58 24.59 29.66
CA LEU C 416 -28.43 25.02 30.78
C LEU C 416 -27.75 24.77 32.10
N CYS C 417 -27.16 23.59 32.27
CA CYS C 417 -26.59 23.16 33.54
C CYS C 417 -25.14 23.57 33.71
N GLY C 418 -24.70 24.61 33.01
CA GLY C 418 -23.39 25.18 33.21
C GLY C 418 -22.24 24.47 32.54
N MET C 419 -22.49 23.42 31.79
CA MET C 419 -21.43 22.61 31.17
C MET C 419 -21.40 22.91 29.68
N ASP C 420 -20.39 23.65 29.24
CA ASP C 420 -20.24 24.03 27.85
C ASP C 420 -19.16 23.23 27.13
N ARG C 421 -18.73 22.11 27.70
CA ARG C 421 -17.79 21.21 27.07
C ARG C 421 -18.41 19.82 26.99
N PHE C 422 -17.81 18.97 26.18
CA PHE C 422 -18.31 17.62 26.01
C PHE C 422 -17.16 16.73 25.56
N LEU C 423 -17.07 15.55 26.17
CA LEU C 423 -16.06 14.58 25.84
C LEU C 423 -16.73 13.21 25.70
N THR C 424 -16.46 12.52 24.60
CA THR C 424 -17.03 11.20 24.38
C THR C 424 -16.10 10.37 23.51
N GLN C 425 -16.18 9.06 23.62
CA GLN C 425 -15.35 8.20 22.80
C GLN C 425 -16.11 7.18 21.97
N LYS C 426 -17.35 6.86 22.34
CA LYS C 426 -18.08 5.76 21.72
C LYS C 426 -18.28 5.95 20.22
N LEU C 427 -18.32 7.17 19.73
CA LEU C 427 -18.63 7.40 18.32
C LEU C 427 -17.47 7.03 17.40
N SER C 428 -16.42 6.42 17.92
CA SER C 428 -15.36 5.84 17.09
C SER C 428 -15.63 4.39 16.75
N TRP C 429 -16.72 3.81 17.24
CA TRP C 429 -17.08 2.44 16.97
C TRP C 429 -18.04 2.30 15.80
N ASN C 430 -18.18 3.35 14.99
CA ASN C 430 -19.07 3.29 13.83
C ASN C 430 -18.49 2.35 12.80
N ASN C 431 -19.15 1.20 12.60
CA ASN C 431 -18.70 0.20 11.65
C ASN C 431 -19.15 0.49 10.22
N ILE C 432 -19.84 1.62 9.99
CA ILE C 432 -20.33 1.99 8.67
C ILE C 432 -19.74 3.31 8.20
N ASN C 433 -19.70 4.31 9.09
CA ASN C 433 -19.29 5.66 8.70
C ASN C 433 -18.35 6.22 9.75
N SER C 434 -17.07 6.36 9.41
CA SER C 434 -16.16 7.07 10.28
C SER C 434 -16.63 8.50 10.45
N PHE C 435 -16.75 8.93 11.71
CA PHE C 435 -17.21 10.26 12.00
C PHE C 435 -16.29 11.29 11.34
N PRO C 436 -16.83 12.41 10.84
CA PRO C 436 -15.98 13.32 10.07
C PRO C 436 -14.93 14.05 10.89
N THR C 437 -15.21 14.37 12.15
CA THR C 437 -14.33 15.24 12.92
C THR C 437 -13.97 14.60 14.25
N SER C 438 -13.09 15.28 14.99
CA SER C 438 -12.67 14.82 16.30
C SER C 438 -12.83 15.93 17.34
N THR C 439 -12.70 17.18 16.90
CA THR C 439 -12.98 18.34 17.73
C THR C 439 -13.91 19.24 16.94
N PHE C 440 -15.17 19.33 17.36
CA PHE C 440 -16.16 20.07 16.61
C PHE C 440 -17.07 20.81 17.57
N ASN C 441 -18.00 21.56 17.01
CA ASN C 441 -19.01 22.27 17.76
C ASN C 441 -20.32 21.53 17.60
N TRP C 442 -20.72 20.80 18.64
CA TRP C 442 -21.97 20.07 18.59
C TRP C 442 -23.11 21.03 18.90
N VAL C 443 -23.94 21.31 17.90
CA VAL C 443 -25.01 22.28 18.01
C VAL C 443 -26.33 21.54 18.18
N ALA C 444 -27.11 21.95 19.17
CA ALA C 444 -28.33 21.25 19.52
C ALA C 444 -29.41 21.51 18.47
N LEU C 445 -30.62 21.05 18.76
CA LEU C 445 -31.73 21.28 17.83
C LEU C 445 -32.02 22.76 17.65
N ASP C 446 -31.85 23.55 18.71
CA ASP C 446 -32.24 24.95 18.69
C ASP C 446 -31.11 25.89 18.36
N GLY C 447 -29.86 25.48 18.56
CA GLY C 447 -28.76 26.36 18.27
C GLY C 447 -27.69 26.38 19.33
N SER C 448 -28.05 25.95 20.54
CA SER C 448 -27.08 25.87 21.62
C SER C 448 -25.98 24.88 21.24
N GLN C 449 -24.74 25.23 21.59
CA GLN C 449 -23.59 24.48 21.15
C GLN C 449 -22.67 24.16 22.32
N VAL C 450 -22.02 23.01 22.23
CA VAL C 450 -20.96 22.61 23.16
C VAL C 450 -19.74 22.23 22.35
N ILE C 451 -18.56 22.60 22.85
CA ILE C 451 -17.33 22.22 22.19
C ILE C 451 -17.07 20.75 22.49
N CYS C 452 -17.35 19.88 21.52
CA CYS C 452 -17.21 18.45 21.70
C CYS C 452 -15.85 18.01 21.18
N HIS C 453 -15.24 17.07 21.89
CA HIS C 453 -13.98 16.48 21.47
C HIS C 453 -14.03 14.98 21.72
N MET C 454 -13.47 14.22 20.79
CA MET C 454 -13.38 12.77 20.94
C MET C 454 -11.92 12.37 21.00
N PRO C 455 -11.46 11.68 22.04
CA PRO C 455 -10.09 11.18 22.06
C PRO C 455 -9.78 10.39 20.80
N PRO C 456 -8.81 10.86 20.02
CA PRO C 456 -8.56 10.21 18.71
C PRO C 456 -8.26 8.73 18.83
N ALA C 457 -7.43 8.33 19.78
CA ALA C 457 -7.33 6.91 20.12
C ALA C 457 -8.71 6.43 20.56
N ASN C 458 -9.20 5.38 19.91
CA ASN C 458 -10.60 5.00 20.02
C ASN C 458 -10.95 4.35 21.35
N THR C 459 -10.09 4.45 22.35
CA THR C 459 -10.35 3.87 23.66
C THR C 459 -10.06 4.89 24.75
N TYR C 460 -10.94 4.94 25.74
CA TYR C 460 -10.67 5.64 26.99
C TYR C 460 -9.89 4.76 27.96
N THR C 461 -9.42 3.60 27.51
CA THR C 461 -8.63 2.69 28.32
C THR C 461 -7.28 2.46 27.65
N ALA C 462 -6.63 3.53 27.22
CA ALA C 462 -5.34 3.41 26.58
C ALA C 462 -4.29 2.91 27.58
N ASP C 463 -3.09 2.62 27.05
CA ASP C 463 -2.04 1.99 27.84
C ASP C 463 -0.77 2.83 27.87
N THR C 464 -0.82 4.09 27.45
CA THR C 464 0.36 4.95 27.39
C THR C 464 1.51 4.29 26.65
N ASN C 465 1.20 3.41 25.70
CA ASN C 465 2.22 2.82 24.87
C ASN C 465 2.76 3.87 23.90
N VAL C 466 3.67 3.46 23.03
CA VAL C 466 4.13 4.36 21.99
C VAL C 466 3.03 4.56 20.95
N ASN C 467 2.32 3.48 20.59
CA ASN C 467 1.30 3.61 19.56
C ASN C 467 0.08 4.34 20.10
N ASP C 468 -0.21 4.26 21.39
CA ASP C 468 -1.29 5.06 21.98
C ASP C 468 -0.96 6.54 21.92
N VAL C 469 0.23 6.91 22.41
CA VAL C 469 0.67 8.30 22.37
C VAL C 469 0.71 8.82 20.94
N LEU C 470 1.05 7.96 19.98
CA LEU C 470 1.05 8.37 18.58
C LEU C 470 -0.35 8.59 18.06
N HIS C 471 -1.22 7.59 18.20
CA HIS C 471 -2.58 7.67 17.68
C HIS C 471 -3.36 8.80 18.32
N SER C 472 -3.00 9.22 19.54
CA SER C 472 -3.75 10.29 20.18
C SER C 472 -3.68 11.61 19.42
N ILE C 473 -2.68 11.79 18.55
CA ILE C 473 -2.59 12.96 17.69
C ILE C 473 -2.69 12.61 16.22
N ASP C 474 -2.15 11.46 15.82
CA ASP C 474 -2.08 11.10 14.41
C ASP C 474 -3.41 10.57 13.87
N GLN C 475 -4.31 10.12 14.74
CA GLN C 475 -5.63 9.67 14.32
C GLN C 475 -6.68 10.77 14.42
N HIS C 476 -6.28 11.98 14.80
CA HIS C 476 -7.18 13.12 14.82
C HIS C 476 -7.81 13.33 13.46
N LYS C 477 -9.14 13.25 13.40
CA LYS C 477 -9.83 13.21 12.12
C LYS C 477 -9.91 14.58 11.44
N ASN C 478 -9.76 15.67 12.19
CA ASN C 478 -9.69 17.01 11.61
C ASN C 478 -8.52 17.73 12.27
N LEU C 479 -7.32 17.57 11.70
CA LEU C 479 -6.14 18.21 12.25
C LEU C 479 -5.94 19.63 11.75
N VAL C 480 -6.64 20.02 10.69
CA VAL C 480 -6.48 21.37 10.18
C VAL C 480 -7.07 22.39 11.14
N ASN C 481 -8.08 21.99 11.91
CA ASN C 481 -8.74 22.93 12.82
C ASN C 481 -7.98 23.08 14.13
N ASP C 482 -7.57 21.97 14.74
CA ASP C 482 -6.80 22.04 15.97
C ASP C 482 -5.93 20.80 16.09
N GLN C 483 -4.65 21.02 16.38
CA GLN C 483 -3.69 19.93 16.52
C GLN C 483 -3.45 19.63 18.00
N ALA C 484 -4.44 18.96 18.59
CA ALA C 484 -4.36 18.57 19.99
C ALA C 484 -5.35 17.45 20.24
N GLY C 485 -4.84 16.31 20.71
CA GLY C 485 -5.68 15.18 21.04
C GLY C 485 -5.48 14.77 22.49
N LEU C 486 -6.55 14.28 23.11
CA LEU C 486 -6.50 13.87 24.50
C LEU C 486 -6.20 12.38 24.58
N LEU C 487 -5.27 12.03 25.46
CA LEU C 487 -4.96 10.63 25.76
C LEU C 487 -5.60 10.29 27.10
N VAL C 488 -6.54 9.37 27.08
CA VAL C 488 -7.25 8.94 28.28
C VAL C 488 -6.79 7.51 28.56
N PHE C 489 -5.91 7.35 29.53
CA PHE C 489 -5.30 6.06 29.81
C PHE C 489 -5.82 5.49 31.11
N GLY C 490 -5.96 4.17 31.13
CA GLY C 490 -6.49 3.46 32.28
C GLY C 490 -6.95 2.08 31.86
N ILE C 491 -7.64 1.42 32.79
CA ILE C 491 -8.29 0.15 32.53
C ILE C 491 -9.73 0.27 33.02
N GLY C 492 -10.66 0.46 32.10
CA GLY C 492 -12.02 0.79 32.42
C GLY C 492 -12.98 -0.37 32.26
N ASP C 493 -14.26 -0.02 32.08
CA ASP C 493 -15.33 -1.00 31.94
C ASP C 493 -15.46 -1.88 33.18
N GLY C 494 -15.23 -1.29 34.35
CA GLY C 494 -15.38 -2.01 35.60
C GLY C 494 -14.08 -2.53 36.16
N GLY C 495 -13.06 -1.68 36.20
CA GLY C 495 -11.78 -2.10 36.74
C GLY C 495 -10.97 -0.91 37.20
N GLY C 496 -9.89 -1.21 37.93
CA GLY C 496 -9.05 -0.17 38.48
C GLY C 496 -8.42 0.70 37.41
N GLY C 497 -7.98 1.88 37.82
CA GLY C 497 -7.46 2.86 36.91
C GLY C 497 -6.11 2.48 36.32
N PRO C 498 -5.32 3.48 35.94
CA PRO C 498 -4.02 3.19 35.33
C PRO C 498 -3.02 2.69 36.36
N THR C 499 -2.34 1.60 36.02
CA THR C 499 -1.26 1.08 36.83
C THR C 499 -0.10 2.08 36.83
N PRO C 500 0.79 1.99 37.83
CA PRO C 500 1.92 2.93 37.87
C PRO C 500 2.91 2.74 36.74
N GLU C 501 3.05 1.51 36.22
CA GLU C 501 3.94 1.32 35.09
C GLU C 501 3.46 2.07 33.86
N MET C 502 2.16 2.37 33.77
CA MET C 502 1.70 3.25 32.71
C MET C 502 2.23 4.67 32.89
N LEU C 503 2.33 5.13 34.14
CA LEU C 503 2.94 6.43 34.38
C LEU C 503 4.43 6.41 34.07
N GLU C 504 5.12 5.30 34.34
CA GLU C 504 6.53 5.21 33.97
C GLU C 504 6.69 5.21 32.46
N LYS C 505 5.84 4.49 31.74
CA LYS C 505 5.88 4.51 30.29
C LYS C 505 5.55 5.89 29.74
N LEU C 506 4.69 6.64 30.43
CA LEU C 506 4.40 8.01 30.00
C LEU C 506 5.61 8.92 30.21
N ARG C 507 6.28 8.77 31.35
CA ARG C 507 7.52 9.51 31.57
C ARG C 507 8.54 9.22 30.48
N ARG C 508 8.70 7.96 30.10
CA ARG C 508 9.67 7.61 29.08
C ARG C 508 9.22 8.06 27.69
N CYS C 509 7.92 8.08 27.42
CA CYS C 509 7.43 8.63 26.16
C CYS C 509 7.73 10.11 26.05
N LYS C 510 7.50 10.85 27.14
CA LYS C 510 7.86 12.27 27.14
C LYS C 510 9.36 12.45 26.99
N GLY C 511 10.15 11.57 27.60
CA GLY C 511 11.59 11.64 27.42
C GLY C 511 12.01 11.41 25.99
N ILE C 512 11.39 10.44 25.32
CA ILE C 512 11.68 10.19 23.91
C ILE C 512 11.31 11.42 23.08
N ALA C 513 10.13 11.98 23.33
CA ALA C 513 9.73 13.18 22.59
C ALA C 513 10.70 14.33 22.83
N ASN C 514 11.29 14.40 24.03
CA ASN C 514 12.24 15.46 24.31
C ASN C 514 13.57 15.22 23.59
N THR C 515 14.04 13.97 23.56
CA THR C 515 15.37 13.67 23.06
C THR C 515 15.37 13.40 21.55
N VAL C 516 14.60 12.42 21.09
CA VAL C 516 14.47 12.12 19.67
C VAL C 516 13.03 12.43 19.28
N GLY C 517 12.82 13.59 18.69
CA GLY C 517 11.49 14.13 18.56
C GLY C 517 10.59 13.52 17.50
N TYR C 518 10.19 12.27 17.70
CA TYR C 518 9.16 11.69 16.86
C TYR C 518 7.82 11.57 17.57
N LEU C 519 7.81 11.09 18.81
CA LEU C 519 6.58 11.01 19.56
C LEU C 519 6.09 12.42 19.87
N PRO C 520 4.77 12.62 19.92
CA PRO C 520 4.24 13.95 20.22
C PRO C 520 4.49 14.33 21.67
N ASN C 521 4.49 15.64 21.92
CA ASN C 521 4.82 16.20 23.22
C ASN C 521 3.67 15.95 24.19
N VAL C 522 3.76 14.89 24.97
CA VAL C 522 2.74 14.60 25.96
C VAL C 522 2.83 15.60 27.10
N LYS C 523 1.68 16.02 27.60
CA LYS C 523 1.60 16.94 28.74
C LYS C 523 0.68 16.32 29.78
N LEU C 524 1.25 15.94 30.92
CA LEU C 524 0.50 15.21 31.93
C LEU C 524 -0.10 16.09 33.01
N GLY C 525 0.53 17.20 33.35
CA GLY C 525 0.04 18.03 34.45
C GLY C 525 -1.06 18.99 34.06
N ASN C 526 -1.96 18.56 33.17
CA ASN C 526 -3.05 19.39 32.70
C ASN C 526 -4.36 18.62 32.80
N THR C 527 -5.40 19.30 33.27
CA THR C 527 -6.70 18.68 33.44
C THR C 527 -7.42 18.61 32.10
N VAL C 528 -8.70 18.29 32.12
CA VAL C 528 -9.51 18.34 30.91
C VAL C 528 -10.04 19.75 30.66
N ASP C 529 -10.31 20.51 31.72
CA ASP C 529 -10.78 21.87 31.53
C ASP C 529 -9.69 22.75 30.92
N GLU C 530 -8.45 22.59 31.36
CA GLU C 530 -7.35 23.33 30.75
C GLU C 530 -7.16 22.91 29.31
N PHE C 531 -7.37 21.64 29.01
CA PHE C 531 -7.26 21.15 27.63
C PHE C 531 -8.31 21.80 26.73
N PHE C 532 -9.56 21.84 27.20
CA PHE C 532 -10.60 22.47 26.40
C PHE C 532 -10.42 23.98 26.33
N ASP C 533 -9.86 24.59 27.38
CA ASP C 533 -9.56 26.01 27.31
C ASP C 533 -8.49 26.30 26.27
N GLY C 534 -7.48 25.45 26.18
CA GLY C 534 -6.51 25.59 25.11
C GLY C 534 -7.13 25.42 23.74
N ILE C 535 -8.02 24.44 23.59
CA ILE C 535 -8.68 24.22 22.31
C ILE C 535 -9.49 25.47 21.92
N LEU C 536 -10.21 26.04 22.88
CA LEU C 536 -11.01 27.23 22.60
C LEU C 536 -10.14 28.45 22.33
N LYS C 537 -8.96 28.51 22.94
CA LYS C 537 -8.09 29.65 22.73
C LYS C 537 -7.45 29.60 21.34
N ARG C 538 -7.00 28.42 20.92
CA ARG C 538 -6.30 28.30 19.65
C ARG C 538 -7.24 28.38 18.44
N THR C 539 -8.56 28.32 18.64
CA THR C 539 -9.51 28.37 17.54
C THR C 539 -10.45 29.57 17.64
N ASN C 540 -10.06 30.60 18.38
CA ASN C 540 -10.86 31.81 18.57
C ASN C 540 -12.26 31.46 19.08
N ALA C 541 -12.29 30.91 20.30
CA ALA C 541 -13.52 30.56 20.98
C ALA C 541 -14.35 29.58 20.17
N GLY C 542 -13.67 28.64 19.52
CA GLY C 542 -14.34 27.60 18.76
C GLY C 542 -15.11 28.08 17.55
N GLN C 543 -14.92 29.34 17.13
CA GLN C 543 -15.64 29.86 15.98
C GLN C 543 -15.17 29.24 14.67
N THR C 544 -14.06 28.50 14.68
CA THR C 544 -13.52 27.94 13.45
C THR C 544 -13.71 26.44 13.31
N LEU C 545 -14.00 25.74 14.40
CA LEU C 545 -14.13 24.30 14.35
C LEU C 545 -15.37 23.89 13.57
N PRO C 546 -15.37 22.71 12.96
CA PRO C 546 -16.55 22.24 12.25
C PRO C 546 -17.74 22.12 13.19
N SER C 547 -18.93 22.18 12.61
CA SER C 547 -20.16 22.09 13.37
C SER C 547 -20.86 20.79 13.03
N TRP C 548 -21.56 20.24 14.02
CA TRP C 548 -22.46 19.12 13.80
C TRP C 548 -23.82 19.51 14.37
N ASN C 549 -24.78 19.76 13.48
CA ASN C 549 -26.10 20.21 13.88
C ASN C 549 -27.02 19.01 14.01
N GLY C 550 -27.49 18.75 15.23
CA GLY C 550 -28.51 17.76 15.48
C GLY C 550 -27.97 16.57 16.24
N GLU C 551 -28.40 15.38 15.83
CA GLU C 551 -28.19 14.16 16.58
C GLU C 551 -26.90 13.48 16.18
N LEU C 552 -26.09 13.10 17.16
CA LEU C 552 -24.91 12.28 16.93
C LEU C 552 -25.36 10.83 16.87
N TYR C 553 -25.64 10.33 15.67
CA TYR C 553 -26.15 8.98 15.54
C TYR C 553 -25.01 7.97 15.71
N PHE C 554 -25.17 7.08 16.68
CA PHE C 554 -24.20 6.01 16.91
C PHE C 554 -24.63 4.79 16.11
N GLU C 555 -23.90 4.51 15.03
CA GLU C 555 -24.26 3.46 14.09
C GLU C 555 -23.83 2.09 14.62
N PHE C 556 -24.33 1.77 15.81
CA PHE C 556 -23.98 0.54 16.51
C PHE C 556 -24.89 0.41 17.72
N HIS C 557 -25.09 -0.82 18.18
CA HIS C 557 -25.92 -1.11 19.34
C HIS C 557 -27.36 -0.62 19.14
N ARG C 558 -27.97 -1.10 18.06
CA ARG C 558 -29.31 -0.65 17.69
C ARG C 558 -30.41 -1.51 18.28
N GLY C 559 -30.14 -2.76 18.63
CA GLY C 559 -31.10 -3.51 19.39
C GLY C 559 -31.24 -3.06 20.82
N THR C 560 -30.44 -2.08 21.23
CA THR C 560 -30.51 -1.56 22.60
C THR C 560 -31.82 -0.83 22.86
N TYR C 561 -32.53 -0.40 21.81
CA TYR C 561 -33.81 0.25 22.00
C TYR C 561 -34.91 -0.74 22.39
N THR C 562 -34.79 -2.00 21.95
CA THR C 562 -35.87 -2.96 22.11
C THR C 562 -35.61 -4.01 23.19
N THR C 563 -34.36 -4.28 23.54
CA THR C 563 -34.08 -5.32 24.50
C THR C 563 -34.40 -4.85 25.92
N GLN C 564 -34.70 -5.82 26.78
CA GLN C 564 -35.16 -5.57 28.14
C GLN C 564 -36.38 -4.64 28.12
N ALA C 565 -37.43 -5.13 27.49
CA ALA C 565 -38.60 -4.29 27.24
C ALA C 565 -39.28 -3.86 28.53
N GLU C 566 -39.39 -4.78 29.50
CA GLU C 566 -40.10 -4.46 30.73
C GLU C 566 -39.39 -3.38 31.52
N LEU C 567 -38.06 -3.35 31.48
CA LEU C 567 -37.34 -2.30 32.19
C LEU C 567 -37.62 -0.93 31.57
N LYS C 568 -37.72 -0.88 30.24
CA LYS C 568 -38.02 0.41 29.59
C LYS C 568 -39.45 0.84 29.86
N LYS C 569 -40.39 -0.10 29.81
CA LYS C 569 -41.76 0.21 30.19
C LYS C 569 -41.82 0.77 31.60
N LEU C 570 -41.13 0.11 32.53
CA LEU C 570 -41.12 0.58 33.91
C LEU C 570 -40.45 1.94 34.03
N MET C 571 -39.40 2.17 33.25
CA MET C 571 -38.72 3.46 33.32
C MET C 571 -39.61 4.59 32.84
N ARG C 572 -40.35 4.38 31.75
CA ARG C 572 -41.24 5.45 31.30
C ARG C 572 -42.40 5.65 32.26
N LYS C 573 -42.98 4.57 32.75
CA LYS C 573 -44.05 4.70 33.75
C LYS C 573 -43.54 5.44 34.98
N VAL C 574 -42.31 5.17 35.39
CA VAL C 574 -41.76 5.80 36.58
C VAL C 574 -41.49 7.27 36.33
N GLU C 575 -41.00 7.62 35.15
CA GLU C 575 -40.77 9.03 34.83
C GLU C 575 -42.07 9.80 34.85
N ILE C 576 -43.12 9.25 34.23
CA ILE C 576 -44.41 9.93 34.21
C ILE C 576 -45.00 10.01 35.62
N ALA C 577 -44.85 8.94 36.39
CA ALA C 577 -45.36 8.95 37.76
C ALA C 577 -44.61 9.94 38.62
N LEU C 578 -43.32 10.12 38.40
CA LEU C 578 -42.56 11.12 39.14
C LEU C 578 -43.01 12.52 38.76
N HIS C 579 -43.24 12.76 37.47
CA HIS C 579 -43.80 14.02 37.04
C HIS C 579 -45.10 14.32 37.78
N ASP C 580 -46.04 13.38 37.74
CA ASP C 580 -47.32 13.57 38.42
C ASP C 580 -47.13 13.75 39.92
N ALA C 581 -46.21 12.99 40.51
CA ALA C 581 -45.99 13.03 41.95
C ALA C 581 -45.56 14.41 42.39
N GLU C 582 -44.49 14.95 41.79
CA GLU C 582 -44.08 16.27 42.24
C GLU C 582 -45.00 17.37 41.74
N TYR C 583 -45.79 17.13 40.69
CA TYR C 583 -46.80 18.12 40.33
C TYR C 583 -47.85 18.27 41.43
N VAL C 584 -48.50 17.17 41.79
CA VAL C 584 -49.52 17.25 42.83
C VAL C 584 -48.90 17.60 44.18
N SER C 585 -47.63 17.24 44.40
CA SER C 585 -46.97 17.61 45.65
C SER C 585 -46.68 19.10 45.69
N THR C 586 -46.30 19.69 44.56
CA THR C 586 -46.14 21.13 44.50
C THR C 586 -47.46 21.82 44.77
N LEU C 587 -48.54 21.32 44.19
CA LEU C 587 -49.84 21.92 44.43
C LEU C 587 -50.23 21.82 45.90
N ALA C 588 -50.01 20.65 46.52
CA ALA C 588 -50.38 20.48 47.91
C ALA C 588 -49.53 21.36 48.82
N SER C 589 -48.24 21.49 48.54
CA SER C 589 -47.39 22.33 49.37
C SER C 589 -47.71 23.80 49.16
N ILE C 590 -48.17 24.17 47.98
CA ILE C 590 -48.56 25.55 47.73
C ILE C 590 -49.82 25.89 48.49
N PHE C 591 -50.86 25.07 48.36
CA PHE C 591 -52.18 25.43 48.84
C PHE C 591 -52.41 25.03 50.30
N SER C 592 -52.18 23.77 50.64
CA SER C 592 -52.39 23.32 52.00
C SER C 592 -51.45 24.06 52.96
N LYS C 593 -51.77 23.99 54.25
CA LYS C 593 -51.07 24.77 55.25
C LYS C 593 -50.06 23.98 56.06
N ASP C 594 -50.32 22.70 56.33
CA ASP C 594 -49.45 21.89 57.16
C ASP C 594 -48.85 20.72 56.38
N TYR C 595 -48.52 20.96 55.11
CA TYR C 595 -47.96 19.93 54.25
C TYR C 595 -46.61 20.42 53.73
N SER C 596 -45.55 19.71 54.09
CA SER C 596 -44.21 20.03 53.64
C SER C 596 -43.90 19.25 52.38
N TYR C 597 -43.36 19.94 51.39
CA TYR C 597 -43.02 19.29 50.12
C TYR C 597 -42.01 18.17 50.36
N PRO C 598 -42.29 16.95 49.90
CA PRO C 598 -41.40 15.84 50.21
C PRO C 598 -40.09 15.91 49.45
N LYS C 599 -39.15 16.72 49.96
CA LYS C 599 -37.87 16.87 49.27
C LYS C 599 -37.03 15.61 49.41
N GLU C 600 -36.99 15.01 50.60
CA GLU C 600 -36.14 13.84 50.80
C GLU C 600 -36.69 12.62 50.07
N SER C 601 -38.01 12.41 50.13
CA SER C 601 -38.60 11.25 49.47
C SER C 601 -38.45 11.36 47.96
N LEU C 602 -38.76 12.53 47.40
CA LEU C 602 -38.64 12.71 45.96
C LEU C 602 -37.19 12.67 45.52
N GLN C 603 -36.28 13.18 46.35
CA GLN C 603 -34.86 13.12 46.00
C GLN C 603 -34.38 11.68 45.95
N ASP C 604 -34.76 10.87 46.94
CA ASP C 604 -34.35 9.47 46.91
C ASP C 604 -35.00 8.72 45.77
N LEU C 605 -36.24 9.05 45.45
CA LEU C 605 -36.91 8.41 44.31
C LEU C 605 -36.22 8.76 43.01
N TRP C 606 -35.83 10.01 42.84
CA TRP C 606 -35.12 10.41 41.64
C TRP C 606 -33.74 9.76 41.58
N ARG C 607 -33.07 9.62 42.72
CA ARG C 607 -31.77 8.96 42.73
C ARG C 607 -31.89 7.51 42.30
N ASP C 608 -32.88 6.79 42.85
CA ASP C 608 -33.06 5.40 42.48
C ASP C 608 -33.60 5.22 41.08
N THR C 609 -34.23 6.26 40.51
CA THR C 609 -34.61 6.18 39.10
C THR C 609 -33.43 6.43 38.19
N LEU C 610 -32.62 7.45 38.50
CA LEU C 610 -31.49 7.77 37.65
C LEU C 610 -30.40 6.71 37.72
N LEU C 611 -30.31 6.00 38.85
CA LEU C 611 -29.35 4.90 38.94
C LEU C 611 -29.65 3.83 37.90
N CYS C 612 -30.92 3.53 37.68
CA CYS C 612 -31.32 2.54 36.70
C CYS C 612 -31.45 3.12 35.29
N GLN C 613 -30.84 4.28 35.05
CA GLN C 613 -30.72 4.83 33.71
C GLN C 613 -29.29 4.78 33.21
N PHE C 614 -28.46 3.95 33.84
CA PHE C 614 -27.06 3.82 33.44
C PHE C 614 -26.98 3.38 31.98
N HIS C 615 -25.86 3.70 31.35
CA HIS C 615 -25.73 3.43 29.92
C HIS C 615 -25.59 1.98 29.61
N ASP C 616 -25.75 1.12 30.59
CA ASP C 616 -25.80 -0.32 30.38
C ASP C 616 -27.04 -0.94 30.98
N VAL C 617 -27.51 -0.45 32.13
CA VAL C 617 -28.69 -1.02 32.76
C VAL C 617 -29.94 -0.73 31.94
N LEU C 618 -30.17 0.54 31.63
CA LEU C 618 -31.39 0.91 30.91
C LEU C 618 -31.42 0.34 29.49
N PRO C 619 -30.38 0.51 28.66
CA PRO C 619 -30.45 -0.03 27.29
C PRO C 619 -30.47 -1.55 27.22
N GLY C 620 -30.51 -2.25 28.34
CA GLY C 620 -30.67 -3.69 28.32
C GLY C 620 -29.42 -4.44 27.90
N SER C 621 -28.32 -4.25 28.62
CA SER C 621 -27.05 -4.84 28.24
C SER C 621 -26.31 -5.38 29.46
N CYS C 622 -27.03 -6.07 30.35
CA CYS C 622 -26.44 -6.59 31.57
C CYS C 622 -26.82 -8.05 31.75
N ILE C 623 -26.31 -8.64 32.83
CA ILE C 623 -26.55 -10.03 33.16
C ILE C 623 -27.89 -10.17 33.87
N GLU C 624 -28.36 -11.40 34.07
CA GLU C 624 -29.66 -11.62 34.68
C GLU C 624 -29.74 -11.05 36.08
N MET C 625 -28.64 -11.10 36.84
CA MET C 625 -28.67 -10.62 38.21
C MET C 625 -28.87 -9.11 38.28
N VAL C 626 -28.28 -8.37 37.34
CA VAL C 626 -28.45 -6.93 37.32
C VAL C 626 -29.91 -6.56 37.13
N TYR C 627 -30.64 -7.35 36.33
CA TYR C 627 -32.05 -7.03 36.11
C TYR C 627 -32.94 -7.57 37.21
N LYS C 628 -32.59 -8.71 37.80
CA LYS C 628 -33.27 -9.13 39.01
C LYS C 628 -33.02 -8.18 40.17
N ASP C 629 -32.05 -7.27 40.04
CA ASP C 629 -31.86 -6.18 40.99
C ASP C 629 -32.53 -4.88 40.55
N ALA C 630 -32.58 -4.61 39.25
CA ALA C 630 -33.09 -3.35 38.73
C ALA C 630 -34.60 -3.31 38.58
N ILE C 631 -35.23 -4.41 38.15
CA ILE C 631 -36.69 -4.45 38.07
C ILE C 631 -37.32 -4.29 39.45
N PRO C 632 -36.84 -4.92 40.52
CA PRO C 632 -37.46 -4.67 41.83
C PRO C 632 -37.27 -3.25 42.34
N ILE C 633 -36.07 -2.67 42.19
CA ILE C 633 -35.90 -1.30 42.67
C ILE C 633 -36.72 -0.34 41.83
N MET C 634 -36.88 -0.61 40.54
CA MET C 634 -37.70 0.26 39.70
C MET C 634 -39.18 0.14 40.06
N SER C 635 -39.66 -1.08 40.30
CA SER C 635 -41.04 -1.24 40.72
C SER C 635 -41.29 -0.61 42.08
N LYS C 636 -40.30 -0.68 42.97
CA LYS C 636 -40.42 -0.03 44.27
C LYS C 636 -40.47 1.48 44.11
N VAL C 637 -39.68 2.03 43.19
CA VAL C 637 -39.74 3.46 42.92
C VAL C 637 -41.11 3.85 42.40
N LEU C 638 -41.66 3.04 41.49
CA LEU C 638 -42.99 3.33 40.98
C LEU C 638 -44.03 3.31 42.09
N LYS C 639 -43.98 2.30 42.96
CA LYS C 639 -44.95 2.19 44.03
C LYS C 639 -44.83 3.35 45.01
N ASN C 640 -43.60 3.73 45.35
CA ASN C 640 -43.41 4.84 46.29
C ASN C 640 -43.83 6.16 45.66
N THR C 641 -43.64 6.33 44.35
CA THR C 641 -44.12 7.54 43.70
C THR C 641 -45.63 7.61 43.71
N GLU C 642 -46.29 6.47 43.46
CA GLU C 642 -47.75 6.44 43.59
C GLU C 642 -48.19 6.78 45.00
N ALA C 643 -47.50 6.24 46.01
CA ALA C 643 -47.87 6.54 47.39
C ALA C 643 -47.67 8.01 47.72
N LEU C 644 -46.60 8.61 47.22
CA LEU C 644 -46.37 10.04 47.44
C LEU C 644 -47.44 10.88 46.77
N LEU C 645 -47.77 10.54 45.53
CA LEU C 645 -48.86 11.20 44.82
C LEU C 645 -50.14 11.12 45.63
N TRP C 646 -50.45 9.95 46.20
CA TRP C 646 -51.70 9.79 46.90
C TRP C 646 -51.71 10.57 48.22
N GLN C 647 -50.57 10.61 48.91
CA GLN C 647 -50.49 11.43 50.11
C GLN C 647 -50.74 12.90 49.78
N ALA C 648 -50.12 13.41 48.71
CA ALA C 648 -50.34 14.79 48.31
C ALA C 648 -51.78 15.04 47.90
N ILE C 649 -52.36 14.12 47.12
CA ILE C 649 -53.74 14.28 46.65
C ILE C 649 -54.70 14.31 47.83
N GLU C 650 -54.53 13.37 48.76
CA GLU C 650 -55.38 13.35 49.95
C GLU C 650 -55.21 14.60 50.78
N GLN C 651 -54.01 15.18 50.79
CA GLN C 651 -53.85 16.49 51.41
C GLN C 651 -54.59 17.57 50.63
N LEU C 652 -54.79 17.38 49.33
CA LEU C 652 -55.55 18.36 48.55
C LEU C 652 -57.05 18.24 48.77
N GLY C 653 -57.55 17.05 49.11
CA GLY C 653 -58.96 16.88 49.38
C GLY C 653 -59.64 15.82 48.54
N PHE C 654 -58.89 14.85 48.05
CA PHE C 654 -59.43 13.76 47.26
C PHE C 654 -58.95 12.43 47.84
N LYS C 655 -59.43 11.33 47.27
CA LYS C 655 -58.99 10.01 47.67
C LYS C 655 -59.15 9.06 46.49
N LYS C 656 -58.68 7.82 46.68
CA LYS C 656 -58.70 6.85 45.61
C LYS C 656 -60.15 6.46 45.27
N ALA C 657 -60.29 5.75 44.14
CA ALA C 657 -61.62 5.41 43.66
C ALA C 657 -62.28 4.36 44.54
N SER C 658 -61.50 3.40 45.03
CA SER C 658 -61.91 2.34 45.96
C SER C 658 -62.91 1.37 45.36
N SER C 659 -63.33 1.56 44.11
CA SER C 659 -64.27 0.70 43.39
C SER C 659 -65.61 0.54 44.11
N SER C 660 -65.88 1.36 45.13
CA SER C 660 -67.15 1.32 45.84
C SER C 660 -67.94 2.60 45.71
N ASP C 661 -67.31 3.73 45.40
CA ASP C 661 -68.04 4.96 45.16
C ASP C 661 -68.88 4.83 43.90
N ASN C 662 -70.02 5.54 43.90
CA ASN C 662 -70.91 5.52 42.76
C ASN C 662 -70.22 6.14 41.55
N LYS C 663 -70.69 5.75 40.36
CA LYS C 663 -70.12 6.29 39.13
C LYS C 663 -70.32 7.79 39.01
N GLU C 664 -71.32 8.35 39.68
CA GLU C 664 -71.53 9.80 39.66
C GLU C 664 -70.46 10.54 40.45
N GLN C 665 -69.85 9.89 41.44
CA GLN C 665 -68.85 10.54 42.29
C GLN C 665 -67.43 10.21 41.88
N LEU C 666 -67.24 9.66 40.69
CA LEU C 666 -65.90 9.37 40.18
C LEU C 666 -65.36 10.57 39.43
N CYS C 667 -64.11 10.90 39.69
CA CYS C 667 -63.40 11.95 38.98
C CYS C 667 -62.12 11.37 38.38
N LEU C 668 -61.39 12.19 37.63
CA LEU C 668 -60.18 11.73 36.97
C LEU C 668 -59.12 12.80 37.08
N LEU C 669 -57.95 12.43 37.57
CA LEU C 669 -56.84 13.36 37.68
C LEU C 669 -56.10 13.44 36.35
N ASN C 670 -55.91 14.66 35.86
CA ASN C 670 -55.36 14.88 34.53
C ASN C 670 -53.85 15.08 34.53
N THR C 671 -53.37 16.11 35.23
CA THR C 671 -51.96 16.47 35.33
C THR C 671 -51.30 16.75 33.98
N LEU C 672 -52.07 16.83 32.91
CA LEU C 672 -51.47 17.32 31.69
C LEU C 672 -51.72 18.81 31.55
N PRO C 673 -50.77 19.59 31.07
CA PRO C 673 -50.94 21.05 31.08
C PRO C 673 -51.86 21.55 29.99
N TRP C 674 -52.99 20.88 29.78
CA TRP C 674 -54.01 21.34 28.86
C TRP C 674 -55.27 20.52 29.11
N ASN C 675 -56.36 20.93 28.49
CA ASN C 675 -57.66 20.34 28.74
C ASN C 675 -57.84 19.12 27.84
N VAL C 676 -57.66 17.94 28.41
CA VAL C 676 -58.00 16.70 27.72
C VAL C 676 -59.52 16.63 27.64
N ARG C 677 -60.08 16.77 26.44
CA ARG C 677 -61.53 16.87 26.32
C ARG C 677 -62.28 15.69 26.89
N GLY C 678 -61.81 14.48 26.59
CA GLY C 678 -62.47 13.33 27.15
C GLY C 678 -61.52 12.16 27.31
N VAL C 679 -61.75 11.35 28.34
CA VAL C 679 -60.94 10.15 28.52
C VAL C 679 -61.87 8.97 28.79
N ILE C 680 -61.66 7.88 28.07
CA ILE C 680 -62.43 6.65 28.28
C ILE C 680 -61.55 5.68 29.06
N THR C 681 -62.06 5.18 30.18
CA THR C 681 -61.23 4.32 31.02
C THR C 681 -62.08 3.25 31.70
N GLU C 682 -61.43 2.18 32.09
CA GLU C 682 -62.06 1.13 32.88
C GLU C 682 -61.92 1.44 34.36
N THR C 683 -62.95 1.06 35.13
CA THR C 683 -62.99 1.41 36.54
C THR C 683 -62.88 0.20 37.46
N GLU C 684 -63.80 -0.76 37.36
CA GLU C 684 -63.73 -1.93 38.23
C GLU C 684 -64.02 -3.26 37.54
N GLU C 685 -64.75 -3.28 36.43
CA GLU C 685 -65.15 -4.53 35.80
C GLU C 685 -64.99 -4.43 34.29
N ASN C 686 -63.88 -3.85 33.84
CA ASN C 686 -63.68 -3.43 32.45
C ASN C 686 -64.80 -2.51 31.98
N LYS C 687 -65.48 -1.84 32.92
CA LYS C 687 -66.60 -0.97 32.61
C LYS C 687 -66.06 0.33 32.02
N LEU C 688 -66.35 0.57 30.75
CA LEU C 688 -65.87 1.77 30.10
C LEU C 688 -66.68 2.97 30.58
N VAL C 689 -66.00 3.96 31.13
CA VAL C 689 -66.62 5.20 31.59
C VAL C 689 -65.89 6.31 30.88
N TYR C 690 -66.66 7.32 30.47
CA TYR C 690 -66.13 8.49 29.77
C TYR C 690 -66.11 9.67 30.73
N PHE C 691 -64.97 10.35 30.77
CA PHE C 691 -64.77 11.48 31.68
C PHE C 691 -64.53 12.72 30.85
N GLU C 692 -65.45 13.67 30.92
CA GLU C 692 -65.32 14.94 30.21
C GLU C 692 -65.16 16.08 31.20
N SER C 693 -64.40 17.09 30.79
CA SER C 693 -64.24 18.30 31.58
C SER C 693 -64.32 19.50 30.65
N CYS C 694 -65.42 20.22 30.73
CA CYS C 694 -65.62 21.40 29.89
C CYS C 694 -65.03 22.66 30.49
N ASP C 695 -64.76 22.67 31.80
CA ASP C 695 -64.33 23.87 32.51
C ASP C 695 -62.87 23.81 32.95
N GLY C 696 -62.51 22.80 33.71
CA GLY C 696 -61.18 22.71 34.28
C GLY C 696 -60.30 21.69 33.56
N LYS C 697 -59.00 21.97 33.54
CA LYS C 697 -58.05 21.07 32.93
C LYS C 697 -57.48 20.07 33.92
N GLY C 698 -57.79 20.19 35.20
CA GLY C 698 -57.21 19.33 36.21
C GLY C 698 -58.03 18.10 36.54
N ILE C 699 -59.30 18.30 36.88
CA ILE C 699 -60.18 17.21 37.30
C ILE C 699 -61.26 17.03 36.24
N LEU C 700 -61.35 15.83 35.68
CA LEU C 700 -62.38 15.49 34.72
C LEU C 700 -63.49 14.75 35.45
N THR C 701 -64.71 15.26 35.35
CA THR C 701 -65.82 14.56 35.95
C THR C 701 -66.34 13.49 35.00
N ALA C 702 -67.10 12.55 35.54
CA ALA C 702 -67.71 11.53 34.72
C ALA C 702 -68.80 12.15 33.85
N ALA C 703 -69.15 11.46 32.77
CA ALA C 703 -70.16 11.93 31.83
C ALA C 703 -71.35 10.99 31.85
N HIS C 704 -72.50 11.51 32.28
CA HIS C 704 -73.71 10.71 32.27
C HIS C 704 -74.33 10.68 30.88
N THR C 705 -74.27 11.79 30.16
CA THR C 705 -74.81 11.84 28.81
C THR C 705 -73.99 10.96 27.86
N SER C 706 -74.62 10.56 26.77
CA SER C 706 -73.97 9.70 25.80
C SER C 706 -72.97 10.51 24.98
N LEU C 707 -72.35 9.85 24.02
CA LEU C 707 -71.34 10.46 23.17
C LEU C 707 -71.96 11.03 21.90
N LYS C 708 -71.40 12.13 21.42
CA LYS C 708 -71.87 12.71 20.18
C LYS C 708 -71.46 11.86 18.98
N HIS C 709 -70.29 11.23 19.05
CA HIS C 709 -69.75 10.46 17.94
C HIS C 709 -69.28 9.11 18.47
N PRO C 710 -70.15 8.11 18.50
CA PRO C 710 -69.78 6.82 19.07
C PRO C 710 -69.14 5.89 18.05
N ALA C 711 -68.40 4.92 18.56
CA ALA C 711 -67.80 3.89 17.74
C ALA C 711 -68.78 2.75 17.51
N ALA C 712 -68.45 1.88 16.55
CA ALA C 712 -69.34 0.76 16.24
C ALA C 712 -68.54 -0.32 15.54
N ALA C 713 -68.44 -1.49 16.14
CA ALA C 713 -67.77 -2.63 15.53
C ALA C 713 -68.84 -3.57 14.98
N TYR C 714 -68.95 -3.63 13.67
CA TYR C 714 -69.86 -4.60 13.06
C TYR C 714 -69.07 -5.45 12.07
N GLN C 715 -69.77 -6.27 11.31
CA GLN C 715 -69.12 -7.22 10.40
C GLN C 715 -69.76 -7.12 9.03
N LYS C 716 -69.00 -6.60 8.07
CA LYS C 716 -69.37 -6.74 6.67
C LYS C 716 -68.94 -8.13 6.21
N ASP C 717 -69.16 -8.42 4.92
CA ASP C 717 -68.89 -9.75 4.42
C ASP C 717 -67.47 -10.18 4.78
N ASP C 718 -67.38 -11.21 5.62
CA ASP C 718 -66.14 -11.77 6.17
C ASP C 718 -65.09 -10.71 6.48
N ASN C 719 -65.53 -9.56 6.98
CA ASN C 719 -64.61 -8.49 7.35
C ASN C 719 -65.17 -7.76 8.55
N PHE C 720 -64.29 -7.27 9.41
CA PHE C 720 -64.71 -6.62 10.65
C PHE C 720 -64.46 -5.13 10.54
N ILE C 721 -65.51 -4.35 10.67
CA ILE C 721 -65.43 -2.89 10.47
C ILE C 721 -65.55 -2.23 11.83
N LEU C 722 -64.47 -1.59 12.26
CA LEU C 722 -64.53 -0.65 13.39
C LEU C 722 -64.80 0.71 12.78
N VAL C 723 -66.04 1.09 12.74
CA VAL C 723 -66.40 2.38 12.17
C VAL C 723 -66.50 3.39 13.30
N ASN C 724 -66.27 4.64 12.95
CA ASN C 724 -66.24 5.75 13.90
C ASN C 724 -66.78 6.94 13.12
N ASP C 725 -66.78 8.10 13.77
CA ASP C 725 -67.11 9.32 13.03
C ASP C 725 -65.95 9.75 12.14
N HIS C 726 -64.72 9.56 12.61
CA HIS C 726 -63.54 10.02 11.90
C HIS C 726 -62.96 8.92 11.03
N LEU C 727 -62.72 7.73 11.58
CA LEU C 727 -62.04 6.66 10.89
C LEU C 727 -62.98 5.49 10.62
N ARG C 728 -62.56 4.64 9.69
CA ARG C 728 -63.21 3.37 9.44
C ARG C 728 -62.12 2.33 9.21
N VAL C 729 -62.03 1.35 10.09
CA VAL C 729 -60.98 0.34 10.05
C VAL C 729 -61.60 -0.96 9.55
N THR C 730 -61.30 -1.31 8.30
CA THR C 730 -61.72 -2.57 7.72
C THR C 730 -60.63 -3.60 7.96
N ILE C 731 -60.96 -4.65 8.70
CA ILE C 731 -60.00 -5.66 9.16
C ILE C 731 -60.34 -6.98 8.49
N ALA C 732 -59.31 -7.59 7.89
CA ALA C 732 -59.46 -8.88 7.24
C ALA C 732 -59.82 -9.95 8.27
N PRO C 733 -60.31 -11.11 7.82
CA PRO C 733 -60.57 -12.20 8.77
C PRO C 733 -59.31 -12.80 9.37
N ASN C 734 -58.12 -12.37 8.96
CA ASN C 734 -56.89 -12.91 9.47
C ASN C 734 -56.09 -11.92 10.31
N GLY C 735 -56.62 -10.72 10.56
CA GLY C 735 -56.05 -9.77 11.49
C GLY C 735 -55.46 -8.54 10.85
N LEU C 736 -54.96 -8.66 9.63
CA LEU C 736 -54.35 -7.52 8.96
C LEU C 736 -55.41 -6.50 8.57
N ILE C 737 -55.18 -5.24 8.95
CA ILE C 737 -56.11 -4.16 8.63
C ILE C 737 -56.12 -3.98 7.12
N LEU C 738 -57.21 -4.36 6.46
CA LEU C 738 -57.28 -4.21 5.02
C LEU C 738 -57.41 -2.75 4.60
N SER C 739 -58.00 -1.92 5.45
CA SER C 739 -58.22 -0.54 5.06
C SER C 739 -58.33 0.33 6.30
N LEU C 740 -57.77 1.54 6.21
CA LEU C 740 -57.86 2.54 7.27
C LEU C 740 -58.33 3.82 6.60
N PHE C 741 -59.64 3.98 6.48
CA PHE C 741 -60.26 5.06 5.73
C PHE C 741 -60.52 6.25 6.64
N ASP C 742 -60.26 7.45 6.12
CA ASP C 742 -60.61 8.68 6.83
C ASP C 742 -61.93 9.20 6.29
N LEU C 743 -62.89 9.41 7.18
CA LEU C 743 -64.24 9.76 6.76
C LEU C 743 -64.43 11.25 6.51
N HIS C 744 -63.65 12.11 7.15
CA HIS C 744 -63.74 13.54 6.86
C HIS C 744 -63.07 13.89 5.54
N LYS C 745 -61.76 13.67 5.47
CA LYS C 745 -61.03 13.75 4.21
C LYS C 745 -61.14 12.38 3.55
N GLU C 746 -61.95 12.28 2.51
CA GLU C 746 -62.30 10.97 1.96
C GLU C 746 -61.10 10.38 1.23
N ARG C 747 -60.25 9.66 1.98
CA ARG C 747 -59.03 9.13 1.39
C ARG C 747 -58.57 7.91 2.19
N GLU C 748 -57.97 6.96 1.48
CA GLU C 748 -57.37 5.80 2.10
C GLU C 748 -55.97 6.14 2.59
N ILE C 749 -55.58 5.52 3.71
CA ILE C 749 -54.30 5.84 4.34
C ILE C 749 -53.42 4.60 4.44
N LEU C 750 -53.51 3.69 3.49
CA LEU C 750 -52.75 2.46 3.58
C LEU C 750 -51.76 2.25 2.43
N ASP C 751 -52.20 2.35 1.17
CA ASP C 751 -51.37 2.04 0.02
C ASP C 751 -50.82 0.62 0.11
N LEU C 752 -51.74 -0.34 0.02
CA LEU C 752 -51.37 -1.74 -0.01
C LEU C 752 -50.92 -2.20 -1.38
N LYS C 753 -51.20 -1.44 -2.44
CA LYS C 753 -50.87 -1.88 -3.78
C LYS C 753 -49.37 -1.78 -4.05
N SER C 754 -48.80 -0.59 -3.92
CA SER C 754 -47.38 -0.41 -4.15
C SER C 754 -46.58 -0.94 -2.96
N GLY C 755 -45.26 -0.81 -3.05
CA GLY C 755 -44.39 -1.29 -2.00
C GLY C 755 -44.38 -2.81 -1.90
N LYS C 756 -43.54 -3.30 -0.99
CA LYS C 756 -43.44 -4.74 -0.79
C LYS C 756 -44.60 -5.27 0.05
N ASN C 757 -45.01 -4.54 1.07
CA ASN C 757 -46.12 -4.95 1.92
C ASN C 757 -47.41 -4.89 1.11
N HIS C 758 -47.95 -6.07 0.77
CA HIS C 758 -49.11 -6.15 -0.10
C HIS C 758 -50.36 -6.66 0.61
N ALA C 759 -50.28 -7.01 1.88
CA ALA C 759 -51.40 -7.59 2.62
C ALA C 759 -51.59 -6.86 3.94
N GLY C 760 -52.34 -5.76 3.90
CA GLY C 760 -52.81 -5.12 5.12
C GLY C 760 -51.77 -4.43 5.97
N ALA C 761 -52.21 -3.47 6.78
CA ALA C 761 -51.37 -2.83 7.76
C ALA C 761 -51.44 -3.59 9.07
N ASN C 762 -50.77 -3.08 10.10
CA ASN C 762 -50.67 -3.75 11.39
C ASN C 762 -50.23 -5.19 11.22
N GLN C 763 -49.24 -5.38 10.35
CA GLN C 763 -48.76 -6.72 10.03
C GLN C 763 -47.63 -7.08 10.98
N TYR C 764 -47.77 -8.21 11.66
CA TYR C 764 -46.75 -8.67 12.59
C TYR C 764 -45.75 -9.54 11.85
N VAL C 765 -44.47 -9.23 12.01
CA VAL C 765 -43.39 -9.92 11.32
C VAL C 765 -42.37 -10.39 12.34
N LEU C 766 -41.86 -11.61 12.15
CA LEU C 766 -40.81 -12.19 12.98
C LEU C 766 -39.53 -12.21 12.15
N PHE C 767 -38.56 -11.37 12.51
CA PHE C 767 -37.28 -11.33 11.83
C PHE C 767 -36.27 -12.18 12.59
N GLU C 768 -35.52 -13.01 11.87
CA GLU C 768 -34.43 -13.73 12.51
C GLU C 768 -33.37 -12.72 12.92
N ASP C 769 -33.19 -12.54 14.22
CA ASP C 769 -32.33 -11.46 14.70
C ASP C 769 -30.86 -11.75 14.44
N THR C 770 -30.33 -12.79 15.09
CA THR C 770 -28.97 -13.30 14.92
C THR C 770 -27.94 -12.21 14.62
N PRO C 771 -27.69 -11.29 15.54
CA PRO C 771 -26.71 -10.23 15.28
C PRO C 771 -25.32 -10.80 15.13
N LEU C 772 -24.39 -9.92 14.77
CA LEU C 772 -23.05 -10.37 14.43
C LEU C 772 -22.24 -10.75 15.66
N SER C 773 -21.98 -9.78 16.55
CA SER C 773 -21.06 -10.00 17.65
C SER C 773 -21.74 -9.93 19.01
N TRP C 774 -22.38 -8.81 19.35
CA TRP C 774 -22.96 -8.62 20.67
C TRP C 774 -24.46 -8.83 20.56
N GLN C 775 -24.97 -9.86 21.25
CA GLN C 775 -26.32 -10.32 20.96
C GLN C 775 -27.38 -9.41 21.54
N ALA C 776 -27.25 -9.00 22.81
CA ALA C 776 -28.25 -8.12 23.39
C ALA C 776 -28.07 -6.66 23.01
N TRP C 777 -26.91 -6.30 22.48
CA TRP C 777 -26.69 -4.93 22.03
C TRP C 777 -27.18 -4.73 20.60
N ASP C 778 -26.61 -5.49 19.67
CA ASP C 778 -26.71 -5.18 18.26
C ASP C 778 -27.91 -5.84 17.61
N THR C 779 -28.53 -5.12 16.69
CA THR C 779 -29.34 -5.71 15.64
C THR C 779 -28.78 -5.19 14.32
N GLU C 780 -28.70 -6.06 13.33
CA GLU C 780 -27.96 -5.76 12.11
C GLU C 780 -28.91 -5.56 10.94
N VAL C 781 -28.42 -4.80 9.96
CA VAL C 781 -29.24 -4.43 8.82
C VAL C 781 -29.61 -5.65 7.99
N PHE C 782 -28.86 -6.74 8.09
CA PHE C 782 -29.18 -7.93 7.32
C PHE C 782 -30.24 -8.80 7.98
N SER C 783 -30.81 -8.37 9.10
CA SER C 783 -31.82 -9.17 9.78
C SER C 783 -33.18 -9.10 9.11
N LEU C 784 -33.39 -8.16 8.19
CA LEU C 784 -34.69 -8.00 7.55
C LEU C 784 -34.90 -8.95 6.38
N GLU C 785 -33.85 -9.62 5.90
CA GLU C 785 -34.00 -10.47 4.73
C GLU C 785 -34.63 -11.80 5.08
N LYS C 786 -34.37 -12.30 6.28
CA LYS C 786 -35.02 -13.49 6.80
C LYS C 786 -36.16 -13.07 7.71
N TYR C 787 -37.38 -13.44 7.35
CA TYR C 787 -38.54 -13.04 8.12
C TYR C 787 -39.68 -14.01 7.88
N GLU C 788 -40.67 -13.94 8.77
CA GLU C 788 -41.88 -14.74 8.66
C GLU C 788 -43.06 -13.85 9.03
N VAL C 789 -44.03 -13.74 8.13
CA VAL C 789 -45.23 -12.96 8.39
C VAL C 789 -46.24 -13.84 9.11
N LEU C 790 -46.85 -13.31 10.16
CA LEU C 790 -47.83 -14.04 10.94
C LEU C 790 -49.21 -13.72 10.38
N ASP C 791 -49.71 -14.60 9.50
CA ASP C 791 -51.01 -14.39 8.88
C ASP C 791 -52.00 -15.50 9.21
N LYS C 792 -51.76 -16.24 10.29
CA LYS C 792 -52.64 -17.32 10.70
C LYS C 792 -53.54 -16.94 11.87
N GLY C 793 -53.85 -15.65 12.00
CA GLY C 793 -54.70 -15.20 13.07
C GLY C 793 -56.16 -15.49 12.80
N LYS C 794 -56.99 -15.16 13.79
CA LYS C 794 -58.43 -15.25 13.65
C LYS C 794 -59.05 -14.10 14.44
N VAL C 795 -59.92 -13.34 13.79
CA VAL C 795 -60.47 -12.13 14.36
C VAL C 795 -61.82 -12.42 14.99
N SER C 796 -62.09 -11.77 16.11
CA SER C 796 -63.36 -11.87 16.81
C SER C 796 -63.73 -10.51 17.34
N ILE C 797 -65.01 -10.16 17.30
CA ILE C 797 -65.48 -8.88 17.79
C ILE C 797 -65.51 -8.93 19.31
N LYS C 798 -64.59 -8.22 19.95
CA LYS C 798 -64.55 -8.21 21.41
C LYS C 798 -65.66 -7.35 21.99
N GLU C 799 -65.74 -6.09 21.58
CA GLU C 799 -66.77 -5.19 22.07
C GLU C 799 -67.24 -4.30 20.93
N SER C 800 -68.53 -3.95 20.96
CA SER C 800 -69.10 -3.07 19.96
C SER C 800 -69.78 -1.85 20.58
N GLY C 801 -69.54 -1.61 21.87
CA GLY C 801 -70.22 -0.55 22.58
C GLY C 801 -69.97 0.82 22.00
N PRO C 802 -70.73 1.81 22.44
CA PRO C 802 -70.58 3.16 21.87
C PRO C 802 -69.27 3.82 22.25
N LEU C 803 -68.70 3.46 23.40
CA LEU C 803 -67.48 4.14 23.86
C LEU C 803 -66.24 3.63 23.14
N ARG C 804 -66.12 2.32 22.95
CA ARG C 804 -64.90 1.76 22.37
C ARG C 804 -65.25 0.48 21.64
N ALA C 805 -65.25 0.53 20.32
CA ALA C 805 -65.35 -0.67 19.52
C ALA C 805 -63.99 -1.35 19.47
N SER C 806 -63.99 -2.67 19.33
CA SER C 806 -62.71 -3.37 19.38
C SER C 806 -62.90 -4.82 18.96
N VAL C 807 -61.98 -5.29 18.13
CA VAL C 807 -61.87 -6.70 17.79
C VAL C 807 -60.63 -7.26 18.45
N VAL C 808 -60.55 -8.59 18.49
CA VAL C 808 -59.46 -9.32 19.10
C VAL C 808 -58.96 -10.36 18.11
N VAL C 809 -57.64 -10.40 17.91
CA VAL C 809 -57.02 -11.33 16.98
C VAL C 809 -56.08 -12.22 17.78
N ASP C 810 -56.25 -13.54 17.66
CA ASP C 810 -55.38 -14.50 18.30
C ASP C 810 -54.38 -14.99 17.26
N ILE C 811 -53.16 -14.48 17.32
CA ILE C 811 -52.13 -14.72 16.32
C ILE C 811 -51.14 -15.73 16.89
N PRO C 812 -51.00 -16.91 16.28
CA PRO C 812 -49.99 -17.87 16.73
C PRO C 812 -48.62 -17.47 16.18
N ILE C 813 -47.77 -16.95 17.07
CA ILE C 813 -46.41 -16.60 16.66
C ILE C 813 -45.66 -17.85 16.21
N SER C 814 -45.55 -18.82 17.10
CA SER C 814 -44.95 -20.12 16.80
C SER C 814 -45.37 -21.07 17.91
N GLU C 815 -44.71 -22.22 17.98
CA GLU C 815 -44.82 -23.03 19.18
C GLU C 815 -44.16 -22.29 20.34
N LEU C 816 -44.77 -22.41 21.53
CA LEU C 816 -44.29 -21.82 22.77
C LEU C 816 -44.50 -20.31 22.82
N SER C 817 -44.93 -19.70 21.73
CA SER C 817 -45.14 -18.25 21.69
C SER C 817 -46.49 -17.96 21.07
N HIS C 818 -47.17 -16.94 21.60
CA HIS C 818 -48.52 -16.63 21.18
C HIS C 818 -48.74 -15.14 21.33
N MET C 819 -49.76 -14.60 20.66
CA MET C 819 -50.09 -13.21 20.93
C MET C 819 -51.55 -12.96 20.65
N LYS C 820 -52.06 -11.91 21.29
CA LYS C 820 -53.45 -11.51 21.20
C LYS C 820 -53.49 -10.00 20.99
N ALA C 821 -53.82 -9.57 19.79
CA ALA C 821 -53.83 -8.16 19.44
C ALA C 821 -55.26 -7.64 19.49
N THR C 822 -55.50 -6.68 20.36
CA THR C 822 -56.78 -5.99 20.46
C THR C 822 -56.70 -4.71 19.64
N ILE C 823 -57.55 -4.60 18.62
CA ILE C 823 -57.61 -3.43 17.76
C ILE C 823 -58.88 -2.66 18.13
N SER C 824 -58.72 -1.43 18.59
CA SER C 824 -59.83 -0.69 19.16
C SER C 824 -59.91 0.71 18.57
N LEU C 825 -61.13 1.23 18.53
CA LEU C 825 -61.44 2.57 18.09
C LEU C 825 -62.42 3.18 19.08
N GLU C 826 -62.06 4.31 19.66
CA GLU C 826 -62.89 4.90 20.70
C GLU C 826 -63.84 5.94 20.11
N GLY C 827 -64.94 6.16 20.81
CA GLY C 827 -65.81 7.27 20.50
C GLY C 827 -65.35 8.54 21.19
N TYR C 828 -65.99 9.65 20.83
CA TYR C 828 -65.49 10.93 21.30
C TYR C 828 -66.54 12.00 21.06
N ASN C 829 -66.38 13.13 21.76
CA ASN C 829 -67.17 14.34 21.53
C ASN C 829 -66.46 15.31 20.61
N ASP C 830 -65.22 15.67 20.94
CA ASP C 830 -64.42 16.58 20.15
C ASP C 830 -63.31 15.83 19.43
N CYS C 831 -62.97 16.29 18.22
CA CYS C 831 -61.90 15.67 17.47
C CYS C 831 -60.57 15.67 18.22
N SER C 832 -60.41 16.61 19.15
CA SER C 832 -59.21 16.72 19.97
C SER C 832 -59.02 15.48 20.83
N GLU C 833 -60.13 14.95 21.32
CA GLU C 833 -60.08 13.78 22.20
C GLU C 833 -59.50 12.55 21.51
N PHE C 834 -59.82 12.38 20.23
CA PHE C 834 -59.37 11.21 19.50
C PHE C 834 -57.86 10.98 19.54
N THR C 835 -57.49 9.71 19.70
CA THR C 835 -56.12 9.24 19.76
C THR C 835 -55.77 8.25 18.67
N GLY C 836 -56.70 7.91 17.79
CA GLY C 836 -56.43 7.02 16.68
C GLY C 836 -56.84 5.59 16.98
N VAL C 837 -56.40 4.70 16.09
CA VAL C 837 -56.67 3.28 16.25
C VAL C 837 -55.67 2.72 17.25
N ASN C 838 -56.17 2.27 18.40
CA ASN C 838 -55.30 1.70 19.41
C ASN C 838 -55.10 0.20 19.15
N PHE C 839 -53.91 -0.29 19.48
CA PHE C 839 -53.59 -1.69 19.40
C PHE C 839 -52.92 -2.10 20.70
N THR C 840 -53.30 -3.25 21.22
CA THR C 840 -52.75 -3.78 22.46
C THR C 840 -52.41 -5.24 22.26
N CYS C 841 -51.12 -5.56 22.28
CA CYS C 841 -50.64 -6.92 22.09
C CYS C 841 -50.35 -7.55 23.44
N GLU C 842 -51.05 -8.64 23.74
CA GLU C 842 -50.70 -9.54 24.83
C GLU C 842 -49.82 -10.63 24.23
N VAL C 843 -48.52 -10.55 24.46
CA VAL C 843 -47.57 -11.46 23.83
C VAL C 843 -47.02 -12.40 24.88
N ASP C 844 -47.30 -13.69 24.71
CA ASP C 844 -46.56 -14.74 25.42
C ASP C 844 -45.31 -15.00 24.60
N TRP C 845 -44.20 -14.41 25.03
CA TRP C 845 -42.97 -14.33 24.24
C TRP C 845 -42.00 -15.38 24.76
N HIS C 846 -41.68 -16.36 23.91
CA HIS C 846 -40.70 -17.38 24.25
C HIS C 846 -39.78 -17.72 23.08
N GLU C 847 -39.83 -16.98 21.98
CA GLU C 847 -38.98 -17.27 20.84
C GLU C 847 -37.51 -17.01 21.19
N SER C 848 -36.63 -17.59 20.38
CA SER C 848 -35.19 -17.48 20.59
C SER C 848 -34.57 -16.81 19.38
N CYS C 849 -33.91 -15.68 19.62
CA CYS C 849 -33.27 -14.88 18.57
C CYS C 849 -34.28 -14.52 17.48
N LYS C 850 -35.38 -13.93 17.90
CA LYS C 850 -36.40 -13.42 16.98
C LYS C 850 -36.71 -11.98 17.35
N PHE C 851 -37.17 -11.24 16.35
CA PHE C 851 -37.47 -9.81 16.47
C PHE C 851 -38.90 -9.64 15.98
N LEU C 852 -39.85 -9.48 16.89
CA LEU C 852 -41.23 -9.23 16.53
C LEU C 852 -41.41 -7.74 16.31
N LYS C 853 -41.80 -7.38 15.09
CA LYS C 853 -42.08 -6.00 14.71
C LYS C 853 -43.46 -5.93 14.09
N VAL C 854 -43.98 -4.71 13.97
CA VAL C 854 -45.29 -4.48 13.37
C VAL C 854 -45.16 -3.38 12.32
N GLU C 855 -45.73 -3.62 11.15
CA GLU C 855 -45.57 -2.73 10.01
C GLU C 855 -46.91 -2.14 9.59
N PHE C 856 -46.88 -0.88 9.18
CA PHE C 856 -48.04 -0.21 8.58
C PHE C 856 -47.58 0.56 7.34
N PRO C 857 -47.98 0.14 6.14
CA PRO C 857 -47.85 1.04 4.99
C PRO C 857 -48.88 2.15 5.08
N VAL C 858 -48.47 3.38 4.80
CA VAL C 858 -49.24 4.54 5.23
C VAL C 858 -49.61 5.50 4.10
N ASP C 859 -49.25 5.19 2.85
CA ASP C 859 -49.65 6.04 1.72
C ASP C 859 -49.18 7.48 1.87
N ILE C 860 -48.11 7.69 2.63
CA ILE C 860 -47.50 9.00 2.78
C ILE C 860 -46.16 8.97 2.05
N HIS C 861 -45.93 9.94 1.18
CA HIS C 861 -44.69 10.01 0.42
C HIS C 861 -43.98 11.30 0.80
N SER C 862 -43.17 11.23 1.84
CA SER C 862 -42.28 12.31 2.24
C SER C 862 -40.86 11.79 2.23
N GLU C 863 -39.91 12.72 2.26
CA GLU C 863 -38.51 12.36 2.24
C GLU C 863 -37.91 12.20 3.64
N PHE C 864 -38.67 12.51 4.68
CA PHE C 864 -38.16 12.41 6.04
C PHE C 864 -39.31 12.08 6.98
N ALA C 865 -38.96 11.58 8.15
CA ALA C 865 -39.92 11.26 9.19
C ALA C 865 -39.50 11.95 10.48
N SER C 866 -40.48 12.53 11.17
CA SER C 866 -40.24 13.27 12.41
C SER C 866 -40.50 12.35 13.59
N TYR C 867 -39.45 11.98 14.29
CA TYR C 867 -39.56 11.25 15.55
C TYR C 867 -39.43 12.23 16.69
N GLU C 868 -39.96 11.86 17.85
CA GLU C 868 -39.87 12.72 19.02
C GLU C 868 -38.71 12.28 19.89
N THR C 869 -37.88 13.24 20.27
CA THR C 869 -36.78 13.01 21.20
C THR C 869 -36.92 13.98 22.35
N GLN C 870 -35.98 13.89 23.30
CA GLN C 870 -36.03 14.70 24.49
C GLN C 870 -36.18 16.17 24.13
N PHE C 871 -37.34 16.74 24.47
CA PHE C 871 -37.60 18.16 24.29
C PHE C 871 -37.57 18.59 22.83
N GLY C 872 -37.95 17.74 21.90
CA GLY C 872 -38.01 18.21 20.52
C GLY C 872 -38.30 17.11 19.52
N ILE C 873 -38.04 17.45 18.26
CA ILE C 873 -38.38 16.62 17.12
C ILE C 873 -37.14 16.46 16.25
N THR C 874 -36.78 15.22 15.95
CA THR C 874 -35.65 14.90 15.11
C THR C 874 -36.15 14.31 13.79
N LYS C 875 -35.68 14.85 12.68
CA LYS C 875 -36.15 14.45 11.36
C LYS C 875 -35.11 13.54 10.73
N ARG C 876 -35.44 12.27 10.62
CA ARG C 876 -34.55 11.30 10.01
C ARG C 876 -34.92 11.09 8.55
N PRO C 877 -33.99 10.63 7.72
CA PRO C 877 -34.32 10.32 6.33
C PRO C 877 -35.18 9.08 6.23
N THR C 878 -35.66 8.83 5.02
CA THR C 878 -36.46 7.64 4.74
C THR C 878 -36.09 7.01 3.41
N HIS C 879 -34.83 7.15 2.98
CA HIS C 879 -34.53 6.84 1.60
C HIS C 879 -33.26 6.03 1.35
N TYR C 880 -32.42 5.78 2.36
CA TYR C 880 -31.23 4.93 2.18
C TYR C 880 -30.30 5.46 1.10
N ASN C 881 -30.23 6.78 0.93
CA ASN C 881 -29.46 7.35 -0.16
C ASN C 881 -27.97 7.13 0.04
N THR C 882 -27.42 7.67 1.12
CA THR C 882 -26.00 7.61 1.42
C THR C 882 -25.76 6.63 2.55
N SER C 883 -24.49 6.39 2.86
CA SER C 883 -24.14 5.50 3.96
C SER C 883 -24.60 6.04 5.30
N TRP C 884 -24.78 7.36 5.41
CA TRP C 884 -25.29 7.94 6.65
C TRP C 884 -26.77 7.64 6.83
N ASP C 885 -27.46 7.21 5.78
CA ASP C 885 -28.86 6.83 5.87
C ASP C 885 -29.06 5.33 5.97
N VAL C 886 -28.15 4.54 5.41
CA VAL C 886 -28.21 3.09 5.61
C VAL C 886 -27.93 2.73 7.06
N ALA C 887 -27.21 3.59 7.78
CA ALA C 887 -26.97 3.34 9.19
C ALA C 887 -28.21 3.59 10.03
N LYS C 888 -29.10 4.45 9.57
CA LYS C 888 -30.32 4.77 10.31
C LYS C 888 -31.48 3.88 9.88
N PHE C 889 -31.29 2.57 9.88
CA PHE C 889 -32.37 1.66 9.55
C PHE C 889 -33.27 1.36 10.75
N GLU C 890 -32.92 1.87 11.93
CA GLU C 890 -33.76 1.78 13.10
C GLU C 890 -33.32 2.86 14.07
N VAL C 891 -34.26 3.72 14.46
CA VAL C 891 -33.94 4.93 15.20
C VAL C 891 -34.69 4.93 16.52
N CYS C 892 -34.26 5.83 17.41
CA CYS C 892 -34.85 5.97 18.73
C CYS C 892 -35.86 7.10 18.72
N HIS C 893 -36.99 6.89 19.37
CA HIS C 893 -38.03 7.91 19.46
C HIS C 893 -38.73 7.76 20.80
N GLN C 894 -39.11 8.89 21.40
CA GLN C 894 -39.65 8.85 22.76
C GLN C 894 -41.09 8.35 22.78
N LYS C 895 -42.01 9.10 22.20
CA LYS C 895 -43.42 8.81 22.34
C LYS C 895 -44.15 8.61 21.03
N PHE C 896 -43.75 9.29 19.96
CA PHE C 896 -44.45 9.15 18.70
C PHE C 896 -43.49 9.26 17.55
N ALA C 897 -43.75 8.50 16.50
CA ALA C 897 -43.03 8.59 15.24
C ALA C 897 -44.00 9.09 14.18
N ASP C 898 -43.72 10.28 13.65
CA ASP C 898 -44.61 10.90 12.67
C ASP C 898 -44.08 10.68 11.26
N TYR C 899 -45.01 10.66 10.30
CA TYR C 899 -44.65 10.53 8.89
C TYR C 899 -45.74 11.27 8.12
N SER C 900 -45.42 12.47 7.65
CA SER C 900 -46.44 13.33 7.07
C SER C 900 -45.91 13.99 5.81
N ASP C 901 -46.74 14.02 4.77
CA ASP C 901 -46.48 14.84 3.60
C ASP C 901 -47.14 16.20 3.82
N PHE C 902 -47.25 16.99 2.75
CA PHE C 902 -47.74 18.35 2.90
C PHE C 902 -49.20 18.39 3.33
N THR C 903 -50.00 17.40 2.96
CA THR C 903 -51.44 17.45 3.19
C THR C 903 -51.99 16.59 4.31
N TYR C 904 -51.44 15.37 4.43
CA TYR C 904 -51.87 14.36 5.40
C TYR C 904 -50.69 13.68 6.10
N GLY C 905 -50.94 13.01 7.22
CA GLY C 905 -49.86 12.39 7.96
C GLY C 905 -50.33 11.28 8.87
N VAL C 906 -49.44 10.37 9.23
CA VAL C 906 -49.74 9.29 10.15
C VAL C 906 -48.69 9.31 11.25
N SER C 907 -49.14 9.30 12.50
CA SER C 907 -48.24 9.16 13.63
C SER C 907 -48.46 7.79 14.26
N VAL C 908 -47.42 7.28 14.91
CA VAL C 908 -47.51 6.05 15.68
C VAL C 908 -47.03 6.39 17.08
N LEU C 909 -47.95 6.38 18.02
CA LEU C 909 -47.66 6.68 19.42
C LEU C 909 -47.54 5.38 20.20
N ASN C 910 -46.82 5.45 21.32
CA ASN C 910 -46.60 4.29 22.16
C ASN C 910 -46.26 4.76 23.56
N ASP C 911 -46.16 3.79 24.48
CA ASP C 911 -45.78 4.11 25.85
C ASP C 911 -44.74 3.17 26.44
N CYS C 912 -44.26 2.18 25.70
CA CYS C 912 -43.18 1.33 26.16
C CYS C 912 -42.09 1.12 25.14
N LYS C 913 -42.36 1.28 23.86
CA LYS C 913 -41.38 0.98 22.82
C LYS C 913 -40.59 2.23 22.46
N TYR C 914 -39.35 2.01 22.02
CA TYR C 914 -38.43 3.11 21.74
C TYR C 914 -37.78 3.04 20.36
N GLY C 915 -37.92 1.94 19.63
CA GLY C 915 -37.28 1.78 18.34
C GLY C 915 -38.31 1.80 17.22
N PHE C 916 -38.07 2.66 16.24
CA PHE C 916 -38.94 2.81 15.09
C PHE C 916 -38.11 2.80 13.82
N SER C 917 -38.77 2.54 12.70
CA SER C 917 -38.09 2.60 11.40
C SER C 917 -39.11 3.01 10.34
N THR C 918 -38.98 4.23 9.83
CA THR C 918 -39.78 4.69 8.70
C THR C 918 -38.88 4.73 7.47
N HIS C 919 -39.27 4.02 6.43
CA HIS C 919 -38.45 3.96 5.22
C HIS C 919 -39.36 3.71 4.03
N GLY C 920 -39.72 4.77 3.32
CA GLY C 920 -40.46 4.60 2.08
C GLY C 920 -41.83 4.00 2.30
N ASN C 921 -42.75 4.80 2.85
CA ASN C 921 -44.17 4.48 3.00
C ASN C 921 -44.46 3.36 3.98
N LEU C 922 -43.44 2.76 4.57
CA LEU C 922 -43.60 1.62 5.47
C LEU C 922 -43.06 1.98 6.84
N MET C 923 -43.96 2.21 7.80
CA MET C 923 -43.55 2.45 9.17
C MET C 923 -43.53 1.12 9.92
N ARG C 924 -42.47 0.88 10.68
CA ARG C 924 -42.25 -0.40 11.32
C ARG C 924 -41.80 -0.16 12.76
N LEU C 925 -42.64 -0.57 13.70
CA LEU C 925 -42.36 -0.41 15.12
C LEU C 925 -41.78 -1.70 15.68
N SER C 926 -40.62 -1.60 16.30
CA SER C 926 -39.93 -2.77 16.84
C SER C 926 -40.52 -3.11 18.21
N LEU C 927 -41.21 -4.24 18.30
CA LEU C 927 -41.89 -4.62 19.53
C LEU C 927 -40.97 -5.38 20.49
N LEU C 928 -40.48 -6.54 20.08
CA LEU C 928 -39.86 -7.45 21.04
C LEU C 928 -38.63 -8.11 20.46
N ARG C 929 -37.54 -8.07 21.22
CA ARG C 929 -36.33 -8.81 20.91
C ARG C 929 -36.18 -9.96 21.90
N SER C 930 -35.44 -10.98 21.50
CA SER C 930 -35.17 -12.14 22.35
C SER C 930 -33.70 -12.49 22.33
N PRO C 931 -32.84 -11.62 22.86
CA PRO C 931 -31.40 -11.92 22.90
C PRO C 931 -31.10 -12.98 23.95
N LYS C 932 -29.88 -13.51 23.88
CA LYS C 932 -29.50 -14.61 24.76
C LYS C 932 -28.13 -14.50 25.39
N GLN C 933 -27.24 -13.62 24.91
CA GLN C 933 -25.84 -13.75 25.30
C GLN C 933 -25.55 -13.22 26.71
N PRO C 934 -25.91 -11.99 27.07
CA PRO C 934 -25.71 -11.58 28.46
C PRO C 934 -26.86 -11.96 29.37
N ASP C 935 -28.04 -12.22 28.79
CA ASP C 935 -29.22 -12.62 29.54
C ASP C 935 -29.77 -13.88 28.90
N ALA C 936 -29.73 -14.99 29.63
CA ALA C 936 -30.23 -16.24 29.09
C ALA C 936 -31.73 -16.15 28.80
N HIS C 937 -32.47 -15.46 29.65
CA HIS C 937 -33.90 -15.23 29.45
C HIS C 937 -34.15 -13.74 29.52
N ALA C 938 -33.97 -13.06 28.38
CA ALA C 938 -34.03 -11.60 28.37
C ALA C 938 -35.46 -11.10 28.49
N ASP C 939 -36.30 -11.44 27.52
CA ASP C 939 -37.67 -10.94 27.47
C ASP C 939 -38.69 -12.07 27.43
N MET C 940 -38.33 -13.25 27.94
CA MET C 940 -39.28 -14.35 27.99
C MET C 940 -40.36 -14.03 29.03
N GLY C 941 -41.61 -14.27 28.66
CA GLY C 941 -42.69 -14.01 29.59
C GLY C 941 -43.94 -13.46 28.95
N LYS C 942 -44.61 -12.54 29.63
CA LYS C 942 -45.85 -11.94 29.14
C LYS C 942 -45.64 -10.44 29.00
N HIS C 943 -46.00 -9.90 27.84
CA HIS C 943 -45.77 -8.50 27.53
C HIS C 943 -47.05 -7.83 27.07
N THR C 944 -47.25 -6.61 27.53
CA THR C 944 -48.40 -5.76 27.21
C THR C 944 -47.89 -4.59 26.39
N ILE C 945 -48.06 -4.64 25.08
CA ILE C 945 -47.51 -3.63 24.18
C ILE C 945 -48.66 -2.79 23.64
N ARG C 946 -48.69 -1.52 23.98
CA ARG C 946 -49.72 -0.61 23.51
C ARG C 946 -49.13 0.36 22.48
N TYR C 947 -49.86 0.59 21.40
CA TYR C 947 -49.43 1.56 20.41
C TYR C 947 -50.62 1.97 19.55
N ALA C 948 -50.66 3.24 19.17
CA ALA C 948 -51.79 3.80 18.46
C ALA C 948 -51.34 4.36 17.11
N VAL C 949 -52.07 4.02 16.06
CA VAL C 949 -51.90 4.65 14.75
C VAL C 949 -52.86 5.82 14.70
N TYR C 950 -52.32 7.03 14.78
CA TYR C 950 -53.12 8.26 14.82
C TYR C 950 -52.97 9.00 13.50
N PRO C 951 -53.93 8.92 12.59
CA PRO C 951 -53.82 9.66 11.34
C PRO C 951 -54.40 11.06 11.45
N HIS C 952 -53.65 12.06 11.01
CA HIS C 952 -54.08 13.44 11.04
C HIS C 952 -53.95 14.03 9.65
N SER C 953 -54.64 15.16 9.45
CA SER C 953 -54.84 15.73 8.11
C SER C 953 -54.01 16.98 7.87
N LYS C 954 -52.77 16.99 8.36
CA LYS C 954 -51.86 18.10 8.14
C LYS C 954 -50.45 17.61 8.49
N PRO C 955 -49.43 18.40 8.17
CA PRO C 955 -48.09 18.08 8.69
C PRO C 955 -48.10 18.03 10.21
N LEU C 956 -46.99 17.54 10.77
CA LEU C 956 -46.91 17.33 12.20
C LEU C 956 -47.28 18.59 12.97
N ASP C 957 -48.39 18.54 13.70
CA ASP C 957 -48.93 19.66 14.42
C ASP C 957 -48.89 19.37 15.92
N SER C 958 -49.35 20.34 16.71
CA SER C 958 -49.38 20.15 18.15
C SER C 958 -50.43 19.11 18.56
N SER C 959 -51.42 18.86 17.71
CA SER C 959 -52.42 17.85 18.03
C SER C 959 -51.78 16.48 18.22
N THR C 960 -50.80 16.15 17.40
CA THR C 960 -50.12 14.86 17.54
C THR C 960 -49.31 14.80 18.83
N VAL C 961 -48.63 15.90 19.19
CA VAL C 961 -47.87 15.91 20.43
C VAL C 961 -48.80 15.74 21.62
N ARG C 962 -49.95 16.40 21.60
CA ARG C 962 -50.89 16.28 22.71
C ARG C 962 -51.50 14.90 22.76
N ALA C 963 -51.77 14.30 21.60
CA ALA C 963 -52.29 12.94 21.58
C ALA C 963 -51.27 11.93 22.08
N ALA C 964 -49.99 12.16 21.81
CA ALA C 964 -48.95 11.28 22.33
C ALA C 964 -48.85 11.41 23.85
N HIS C 965 -48.82 12.63 24.35
CA HIS C 965 -48.76 12.82 25.80
C HIS C 965 -49.99 12.25 26.49
N LYS C 966 -51.15 12.33 25.84
CA LYS C 966 -52.37 11.75 26.41
C LYS C 966 -52.32 10.23 26.37
N PHE C 967 -51.80 9.67 25.28
CA PHE C 967 -51.67 8.22 25.18
C PHE C 967 -50.74 7.67 26.25
N ASN C 968 -49.67 8.41 26.56
CA ASN C 968 -48.71 7.94 27.54
C ASN C 968 -49.11 8.24 28.98
N SER C 969 -49.96 9.24 29.21
CA SER C 969 -50.26 9.67 30.57
C SER C 969 -51.12 8.63 31.28
N ASN C 970 -51.06 8.68 32.61
CA ASN C 970 -51.85 7.81 33.48
C ASN C 970 -52.94 8.64 34.15
N PHE C 971 -54.19 8.23 33.97
CA PHE C 971 -55.33 8.95 34.49
C PHE C 971 -55.87 8.18 35.71
N ARG C 972 -55.62 8.72 36.89
CA ARG C 972 -56.00 8.07 38.14
C ARG C 972 -57.43 8.47 38.50
N LEU C 973 -58.23 7.48 38.88
CA LEU C 973 -59.62 7.72 39.26
C LEU C 973 -59.66 8.25 40.69
N LEU C 974 -60.18 9.46 40.85
CA LEU C 974 -60.29 10.12 42.14
C LEU C 974 -61.72 10.08 42.65
N THR C 975 -61.88 10.48 43.91
CA THR C 975 -63.18 10.66 44.51
C THR C 975 -63.07 11.78 45.53
N ARG C 976 -63.98 12.75 45.47
CA ARG C 976 -63.94 13.86 46.41
C ARG C 976 -64.13 13.35 47.84
N ALA C 977 -63.29 13.86 48.75
CA ALA C 977 -63.37 13.50 50.16
C ALA C 977 -64.15 14.51 50.98
N SER C 978 -63.96 15.80 50.73
CA SER C 978 -64.66 16.85 51.45
C SER C 978 -65.19 17.87 50.47
N ASP C 979 -66.45 18.27 50.66
CA ASP C 979 -67.08 19.24 49.77
C ASP C 979 -66.68 20.68 50.08
N THR C 980 -65.74 20.89 51.01
CA THR C 980 -65.23 22.22 51.29
C THR C 980 -63.82 22.46 50.78
N ALA C 981 -63.10 21.39 50.43
CA ALA C 981 -61.76 21.51 49.88
C ALA C 981 -61.62 20.79 48.54
N ASN C 982 -62.72 20.35 47.95
CA ASN C 982 -62.69 19.69 46.64
C ASN C 982 -62.54 20.69 45.50
N LEU C 983 -62.16 21.93 45.80
CA LEU C 983 -61.97 22.94 44.78
C LEU C 983 -60.93 22.49 43.76
N ASP C 984 -61.14 22.89 42.51
CA ASP C 984 -60.25 22.49 41.42
C ASP C 984 -59.17 23.55 41.28
N ILE C 985 -58.12 23.40 42.08
CA ILE C 985 -56.94 24.26 42.00
C ILE C 985 -55.91 23.74 41.02
N PHE C 986 -56.17 22.58 40.40
CA PHE C 986 -55.21 22.03 39.46
C PHE C 986 -55.04 22.89 38.22
N ASP C 987 -55.85 23.93 38.06
CA ASP C 987 -55.67 24.92 37.00
C ASP C 987 -54.87 26.12 37.47
N ALA C 988 -54.06 25.96 38.53
CA ALA C 988 -53.34 27.12 39.07
C ALA C 988 -52.22 27.56 38.13
N PHE C 989 -51.51 26.62 37.53
CA PHE C 989 -50.43 26.92 36.60
C PHE C 989 -50.84 26.45 35.22
N GLN C 990 -51.12 27.40 34.33
CA GLN C 990 -51.47 27.10 32.96
C GLN C 990 -50.50 27.80 32.03
N LEU C 991 -50.51 27.38 30.76
CA LEU C 991 -49.67 27.97 29.72
C LEU C 991 -50.58 28.26 28.54
N VAL C 992 -51.10 29.48 28.47
CA VAL C 992 -52.02 29.87 27.42
C VAL C 992 -51.23 30.55 26.31
N GLY C 993 -51.37 30.05 25.09
CA GLY C 993 -50.65 30.61 23.96
C GLY C 993 -50.65 29.67 22.79
N GLU C 994 -49.50 29.53 22.15
CA GLU C 994 -49.44 28.62 21.01
C GLU C 994 -49.37 27.17 21.52
N PRO C 995 -50.10 26.26 20.87
CA PRO C 995 -50.19 24.88 21.38
C PRO C 995 -48.90 24.09 21.28
N ASN C 996 -47.89 24.57 20.55
CA ASN C 996 -46.63 23.86 20.47
C ASN C 996 -45.74 24.09 21.67
N VAL C 997 -46.09 25.03 22.55
CA VAL C 997 -45.33 25.31 23.76
C VAL C 997 -45.91 24.45 24.88
N ILE C 998 -45.16 23.43 25.27
CA ILE C 998 -45.60 22.46 26.27
C ILE C 998 -45.07 22.88 27.64
N LEU C 999 -45.96 22.99 28.62
CA LEU C 999 -45.54 23.18 30.00
C LEU C 999 -45.14 21.81 30.53
N SER C 1000 -43.89 21.44 30.31
CA SER C 1000 -43.46 20.07 30.55
C SER C 1000 -43.55 19.71 32.02
N HIS C 1001 -42.89 20.47 32.88
CA HIS C 1001 -42.72 20.02 34.26
C HIS C 1001 -42.99 21.14 35.24
N ILE C 1002 -43.53 20.76 36.40
CA ILE C 1002 -43.67 21.66 37.54
C ILE C 1002 -43.01 20.99 38.73
N LYS C 1003 -42.25 21.77 39.49
CA LYS C 1003 -41.41 21.24 40.55
C LYS C 1003 -41.27 22.31 41.63
N MET C 1004 -40.81 21.92 42.80
CA MET C 1004 -40.40 22.87 43.81
C MET C 1004 -38.89 23.10 43.71
N ALA C 1005 -38.47 24.28 44.16
CA ALA C 1005 -37.07 24.64 44.04
C ALA C 1005 -36.20 23.66 44.82
N GLU C 1006 -34.98 23.45 44.33
CA GLU C 1006 -34.05 22.56 45.01
C GLU C 1006 -33.62 23.11 46.36
N LYS C 1007 -33.60 24.45 46.50
CA LYS C 1007 -33.17 25.09 47.73
C LYS C 1007 -34.27 25.92 48.38
N GLY C 1008 -34.94 26.77 47.61
CA GLY C 1008 -35.94 27.67 48.15
C GLY C 1008 -37.34 27.08 48.07
N LYS C 1009 -38.32 27.96 48.26
CA LYS C 1009 -39.73 27.59 48.21
C LYS C 1009 -40.42 28.21 47.00
N SER C 1010 -39.71 28.28 45.89
CA SER C 1010 -40.25 28.79 44.64
C SER C 1010 -40.57 27.63 43.71
N ILE C 1011 -41.44 27.90 42.75
CA ILE C 1011 -41.96 26.86 41.85
C ILE C 1011 -41.17 26.93 40.55
N ILE C 1012 -40.55 25.81 40.18
CA ILE C 1012 -39.78 25.72 38.95
C ILE C 1012 -40.67 25.14 37.86
N LEU C 1013 -40.82 25.88 36.77
CA LEU C 1013 -41.62 25.45 35.63
C LEU C 1013 -40.69 25.22 34.45
N ARG C 1014 -40.62 23.97 33.99
CA ARG C 1014 -39.86 23.62 32.80
C ARG C 1014 -40.81 23.67 31.61
N VAL C 1015 -40.65 24.70 30.78
CA VAL C 1015 -41.42 24.89 29.56
C VAL C 1015 -40.49 24.60 28.39
N TYR C 1016 -41.07 24.15 27.28
CA TYR C 1016 -40.26 23.95 26.10
C TYR C 1016 -41.24 23.90 24.95
N GLU C 1017 -40.88 24.59 23.87
CA GLU C 1017 -41.59 24.52 22.60
C GLU C 1017 -41.22 23.12 22.06
N SER C 1018 -42.16 22.44 21.42
CA SER C 1018 -41.85 21.08 21.02
C SER C 1018 -41.76 20.82 19.53
N LEU C 1019 -42.20 21.76 18.68
CA LEU C 1019 -42.29 21.48 17.25
C LEU C 1019 -41.26 22.21 16.41
N GLY C 1020 -40.76 23.36 16.85
CA GLY C 1020 -39.64 23.96 16.15
C GLY C 1020 -39.81 25.39 15.66
N GLY C 1021 -40.73 26.13 16.25
CA GLY C 1021 -40.96 27.50 15.85
C GLY C 1021 -40.88 28.45 17.02
N LYS C 1022 -40.21 29.58 16.81
CA LYS C 1022 -40.13 30.61 17.84
C LYS C 1022 -41.53 31.07 18.20
N SER C 1023 -41.97 30.78 19.41
CA SER C 1023 -43.33 31.01 19.81
C SER C 1023 -43.36 31.93 21.03
N ARG C 1024 -44.57 32.39 21.36
CA ARG C 1024 -44.80 33.18 22.55
C ARG C 1024 -46.00 32.64 23.28
N ALA C 1025 -46.00 32.77 24.60
CA ALA C 1025 -47.07 32.23 25.42
C ALA C 1025 -47.17 33.05 26.69
N ARG C 1026 -48.08 32.63 27.58
CA ARG C 1026 -48.31 33.33 28.83
C ARG C 1026 -48.52 32.29 29.93
N LEU C 1027 -47.66 32.32 30.93
CA LEU C 1027 -47.86 31.52 32.13
C LEU C 1027 -48.96 32.17 32.98
N VAL C 1028 -50.07 31.48 33.12
CA VAL C 1028 -51.20 31.95 33.91
C VAL C 1028 -51.10 31.32 35.28
N ILE C 1029 -50.98 32.16 36.31
CA ILE C 1029 -50.86 31.71 37.68
C ILE C 1029 -52.07 32.24 38.42
N LYS C 1030 -53.13 31.42 38.48
CA LYS C 1030 -54.44 31.95 38.87
C LYS C 1030 -54.58 32.14 40.38
N SER C 1031 -54.56 31.05 41.13
CA SER C 1031 -54.93 31.10 42.54
C SER C 1031 -53.72 31.31 43.43
N LEU C 1032 -52.95 32.35 43.15
CA LEU C 1032 -51.73 32.62 43.90
C LEU C 1032 -51.43 34.10 43.86
N THR C 1033 -50.58 34.53 44.78
CA THR C 1033 -50.01 35.87 44.74
C THR C 1033 -48.52 35.72 44.45
N VAL C 1034 -48.10 36.20 43.30
CA VAL C 1034 -46.76 35.96 42.78
C VAL C 1034 -45.88 37.16 43.12
N ALA C 1035 -44.83 36.92 43.91
CA ALA C 1035 -43.91 37.99 44.23
C ALA C 1035 -43.02 38.32 43.05
N SER C 1036 -42.56 37.31 42.31
CA SER C 1036 -41.74 37.55 41.14
C SER C 1036 -41.75 36.31 40.27
N VAL C 1037 -41.30 36.46 39.03
CA VAL C 1037 -41.12 35.35 38.10
C VAL C 1037 -39.82 35.63 37.35
N THR C 1038 -38.79 34.86 37.67
CA THR C 1038 -37.50 35.00 37.01
C THR C 1038 -37.31 33.85 36.02
N LYS C 1039 -36.39 34.03 35.10
CA LYS C 1039 -36.02 33.00 34.15
C LYS C 1039 -34.68 32.43 34.60
N CYS C 1040 -34.67 31.18 35.03
CA CYS C 1040 -33.47 30.53 35.51
C CYS C 1040 -32.99 29.49 34.51
N ASN C 1041 -31.79 28.97 34.75
CA ASN C 1041 -31.23 27.92 33.90
C ASN C 1041 -31.65 26.56 34.45
N GLY C 1042 -31.04 25.49 33.94
CA GLY C 1042 -31.44 24.16 34.33
C GLY C 1042 -31.21 23.87 35.80
N LEU C 1043 -30.18 24.47 36.39
CA LEU C 1043 -29.89 24.28 37.80
C LEU C 1043 -30.58 25.31 38.69
N GLU C 1044 -31.42 26.16 38.10
CA GLU C 1044 -32.31 27.07 38.84
C GLU C 1044 -31.56 28.25 39.46
N GLU C 1045 -30.55 28.78 38.76
CA GLU C 1045 -30.01 30.10 39.05
C GLU C 1045 -30.67 31.12 38.13
N ASP C 1046 -31.14 32.22 38.72
CA ASP C 1046 -31.80 33.25 37.92
C ASP C 1046 -30.82 33.92 36.97
N LEU C 1047 -31.29 34.21 35.76
CA LEU C 1047 -30.53 34.97 34.77
C LEU C 1047 -31.18 36.31 34.50
N GLU C 1048 -32.46 36.31 34.13
CA GLU C 1048 -33.21 37.53 33.88
C GLU C 1048 -34.51 37.48 34.66
N GLU C 1049 -35.01 38.66 35.04
CA GLU C 1049 -36.27 38.78 35.76
C GLU C 1049 -37.36 39.15 34.76
N LEU C 1050 -38.36 38.28 34.62
CA LEU C 1050 -39.45 38.53 33.69
C LEU C 1050 -40.41 39.56 34.26
N CYS C 1051 -41.05 40.29 33.36
CA CYS C 1051 -42.05 41.30 33.73
C CYS C 1051 -43.41 40.61 33.79
N THR C 1052 -43.89 40.35 34.99
CA THR C 1052 -45.15 39.64 35.18
C THR C 1052 -46.30 40.64 35.21
N LEU C 1053 -47.30 40.40 34.36
CA LEU C 1053 -48.49 41.24 34.35
C LEU C 1053 -49.32 40.97 35.60
N LYS C 1054 -50.43 41.69 35.74
CA LYS C 1054 -51.34 41.49 36.86
C LYS C 1054 -52.76 41.71 36.35
N SER C 1055 -53.45 40.61 36.05
CA SER C 1055 -54.84 40.66 35.61
C SER C 1055 -55.75 40.67 36.84
N ASN C 1056 -57.03 40.40 36.61
CA ASN C 1056 -58.02 40.38 37.69
C ASN C 1056 -57.55 39.53 38.86
N ASP C 1057 -57.35 38.24 38.62
CA ASP C 1057 -56.88 37.33 39.67
C ASP C 1057 -55.60 36.58 39.32
N TYR C 1058 -55.31 36.34 38.05
CA TYR C 1058 -54.08 35.66 37.66
C TYR C 1058 -53.01 36.69 37.33
N TYR C 1059 -51.90 36.22 36.75
CA TYR C 1059 -50.77 37.12 36.52
C TYR C 1059 -50.31 37.17 35.07
N GLU C 1060 -50.32 36.05 34.34
CA GLU C 1060 -50.04 36.03 32.90
C GLU C 1060 -48.65 36.60 32.60
N VAL C 1061 -47.64 35.89 33.07
CA VAL C 1061 -46.25 36.20 32.71
C VAL C 1061 -46.06 35.95 31.23
N PRO C 1062 -45.71 36.96 30.43
CA PRO C 1062 -45.50 36.73 29.01
C PRO C 1062 -44.10 36.20 28.70
N ILE C 1063 -44.02 35.04 28.05
CA ILE C 1063 -42.75 34.40 27.75
C ILE C 1063 -42.61 34.24 26.24
N GLU C 1064 -41.37 34.14 25.80
CA GLU C 1064 -41.05 33.99 24.38
C GLU C 1064 -39.95 32.94 24.25
N LEU C 1065 -40.27 31.84 23.57
CA LEU C 1065 -39.35 30.72 23.43
C LEU C 1065 -38.82 30.65 22.00
N ARG C 1066 -37.57 30.23 21.87
CA ARG C 1066 -36.90 30.12 20.58
C ARG C 1066 -37.30 28.83 19.87
N ALA C 1067 -36.54 28.46 18.84
CA ALA C 1067 -36.91 27.36 17.95
C ALA C 1067 -37.22 26.07 18.72
N PHE C 1068 -36.30 25.64 19.57
CA PHE C 1068 -36.49 24.42 20.35
C PHE C 1068 -36.03 24.64 21.78
N GLU C 1069 -36.24 25.84 22.30
CA GLU C 1069 -35.68 26.22 23.58
C GLU C 1069 -36.31 25.42 24.72
N ILE C 1070 -35.51 25.18 25.76
CA ILE C 1070 -35.98 24.59 27.00
C ILE C 1070 -35.84 25.64 28.09
N ALA C 1071 -36.90 26.40 28.33
CA ALA C 1071 -36.84 27.46 29.31
C ALA C 1071 -37.30 26.97 30.67
N THR C 1072 -36.85 27.66 31.71
CA THR C 1072 -37.13 27.29 33.08
C THR C 1072 -37.45 28.56 33.85
N PHE C 1073 -38.58 28.58 34.53
CA PHE C 1073 -39.07 29.79 35.20
C PHE C 1073 -39.23 29.53 36.69
N LYS C 1074 -38.62 30.40 37.49
CA LYS C 1074 -38.72 30.33 38.95
C LYS C 1074 -39.77 31.32 39.40
N VAL C 1075 -40.88 30.81 39.90
CA VAL C 1075 -42.00 31.61 40.38
C VAL C 1075 -41.84 31.76 41.89
N ASN C 1076 -41.47 32.94 42.34
CA ASN C 1076 -41.36 33.25 43.76
C ASN C 1076 -42.70 33.77 44.25
N LEU C 1077 -43.32 33.02 45.16
CA LEU C 1077 -44.62 33.40 45.70
C LEU C 1077 -44.46 34.33 46.90
N THR D 2 17.74 -38.93 -23.71
CA THR D 2 16.53 -38.12 -23.59
C THR D 2 16.73 -36.76 -24.23
N LEU D 3 15.74 -35.88 -24.07
CA LEU D 3 15.83 -34.52 -24.58
C LEU D 3 16.43 -33.56 -23.56
N PHE D 4 16.43 -33.93 -22.28
CA PHE D 4 17.01 -33.08 -21.25
C PHE D 4 18.51 -33.30 -21.19
N PRO D 5 19.33 -32.29 -21.48
CA PRO D 5 20.78 -32.51 -21.52
C PRO D 5 21.34 -32.73 -20.13
N VAL D 6 22.33 -33.62 -20.05
CA VAL D 6 22.94 -33.94 -18.76
C VAL D 6 23.78 -32.76 -18.27
N LEU D 7 24.56 -32.15 -19.16
CA LEU D 7 25.46 -31.08 -18.80
C LEU D 7 24.86 -29.74 -19.18
N ASN D 8 24.89 -28.79 -18.25
CA ASN D 8 24.41 -27.43 -18.47
C ASN D 8 25.61 -26.50 -18.27
N ASN D 9 26.35 -26.26 -19.36
CA ASN D 9 27.51 -25.40 -19.32
C ASN D 9 27.22 -23.98 -19.78
N THR D 10 25.96 -23.63 -19.99
CA THR D 10 25.58 -22.27 -20.35
C THR D 10 24.55 -21.75 -19.36
N PRO D 11 24.96 -20.93 -18.40
CA PRO D 11 24.01 -20.42 -17.42
C PRO D 11 23.01 -19.46 -18.03
N VAL D 12 21.79 -19.49 -17.51
CA VAL D 12 20.72 -18.60 -17.92
C VAL D 12 20.29 -17.79 -16.70
N GLY D 13 20.26 -16.48 -16.84
CA GLY D 13 19.86 -15.64 -15.75
C GLY D 13 18.37 -15.39 -15.71
N LYS D 14 17.89 -14.93 -14.57
CA LYS D 14 16.48 -14.58 -14.40
C LYS D 14 16.26 -13.17 -14.91
N GLN D 15 15.27 -13.02 -15.80
CA GLN D 15 15.02 -11.74 -16.44
C GLN D 15 14.62 -10.70 -15.42
N VAL D 16 15.34 -9.58 -15.40
CA VAL D 16 14.99 -8.47 -14.52
C VAL D 16 13.70 -7.84 -15.01
N ASP D 17 12.82 -7.49 -14.07
CA ASP D 17 11.48 -7.06 -14.42
C ASP D 17 11.49 -5.75 -15.21
N SER D 18 12.10 -4.71 -14.64
CA SER D 18 12.02 -3.38 -15.23
C SER D 18 12.69 -3.33 -16.60
N ILE D 19 13.84 -3.99 -16.74
CA ILE D 19 14.60 -3.93 -17.98
C ILE D 19 13.81 -4.57 -19.11
N TYR D 20 13.42 -5.84 -18.92
CA TYR D 20 12.69 -6.55 -19.97
C TYR D 20 11.28 -6.02 -20.14
N GLU D 21 10.75 -5.27 -19.17
CA GLU D 21 9.45 -4.64 -19.34
C GLU D 21 9.56 -3.41 -20.21
N SER D 22 10.54 -2.55 -19.94
CA SER D 22 10.75 -1.35 -20.74
C SER D 22 11.35 -1.66 -22.11
N ARG D 23 11.89 -2.85 -22.31
CA ARG D 23 12.38 -3.20 -23.64
C ARG D 23 11.24 -3.26 -24.65
N LEU D 24 10.06 -3.71 -24.22
CA LEU D 24 8.94 -3.82 -25.14
C LEU D 24 8.49 -2.46 -25.66
N ASP D 25 8.84 -1.38 -24.97
CA ASP D 25 8.43 -0.05 -25.41
C ASP D 25 9.04 0.35 -26.74
N GLN D 26 10.17 -0.26 -27.11
CA GLN D 26 10.91 0.16 -28.30
C GLN D 26 10.60 -0.68 -29.53
N PHE D 27 9.74 -1.69 -29.42
CA PHE D 27 9.38 -2.46 -30.61
C PHE D 27 8.37 -1.74 -31.48
N LEU D 28 7.48 -0.96 -30.89
CA LEU D 28 6.50 -0.18 -31.64
C LEU D 28 6.84 1.29 -31.67
N SER D 29 7.94 1.70 -31.06
CA SER D 29 8.31 3.11 -31.03
C SER D 29 8.94 3.51 -32.35
N GLU D 30 8.57 4.69 -32.84
CA GLU D 30 9.16 5.28 -34.04
C GLU D 30 10.29 6.24 -33.72
N GLY D 31 11.01 6.02 -32.62
CA GLY D 31 12.05 6.92 -32.20
C GLY D 31 13.42 6.60 -32.75
N GLN D 32 14.39 6.40 -31.86
CA GLN D 32 15.77 6.24 -32.29
C GLN D 32 16.03 4.91 -32.99
N TYR D 33 15.36 3.84 -32.56
CA TYR D 33 15.53 2.51 -33.14
C TYR D 33 14.37 2.16 -34.06
N ARG D 34 13.85 3.14 -34.79
CA ARG D 34 12.72 2.88 -35.68
C ARG D 34 13.09 1.89 -36.78
N ASP D 35 14.33 1.93 -37.26
CA ASP D 35 14.74 1.12 -38.39
C ASP D 35 14.98 -0.33 -38.04
N PHE D 36 15.11 -0.67 -36.76
CA PHE D 36 15.30 -2.06 -36.35
C PHE D 36 14.03 -2.71 -35.85
N ASN D 37 12.94 -1.96 -35.70
CA ASN D 37 11.73 -2.45 -35.06
C ASN D 37 10.57 -2.42 -36.06
N LEU D 38 9.37 -2.65 -35.53
CA LEU D 38 8.20 -2.76 -36.39
C LEU D 38 7.86 -1.49 -37.17
N PRO D 39 8.02 -0.27 -36.65
CA PRO D 39 7.60 0.89 -37.45
C PRO D 39 8.57 1.21 -38.57
N SER D 40 9.02 0.18 -39.27
CA SER D 40 9.82 0.33 -40.48
C SER D 40 9.33 -0.54 -41.62
N VAL D 41 8.61 -1.62 -41.33
CA VAL D 41 7.95 -2.42 -42.35
C VAL D 41 6.49 -2.06 -42.49
N TYR D 42 6.08 -0.93 -41.90
CA TYR D 42 4.70 -0.48 -42.05
C TYR D 42 4.39 -0.09 -43.50
N ASP D 43 5.28 0.68 -44.11
CA ASP D 43 4.90 1.54 -45.22
C ASP D 43 4.55 0.74 -46.47
N HIS D 44 5.50 -0.06 -46.97
CA HIS D 44 5.38 -0.71 -48.27
C HIS D 44 5.23 0.34 -49.38
N ALA D 45 6.31 1.10 -49.57
CA ALA D 45 6.45 2.05 -50.68
C ALA D 45 5.39 3.16 -50.60
N ARG D 46 5.53 3.99 -49.57
CA ARG D 46 4.76 5.23 -49.51
C ARG D 46 5.14 6.16 -50.65
N ILE D 47 4.16 6.91 -51.16
CA ILE D 47 4.34 7.78 -52.33
C ILE D 47 3.71 9.13 -52.02
N ASP D 48 4.47 10.21 -52.21
CA ASP D 48 3.93 11.54 -51.98
C ASP D 48 4.43 12.59 -52.97
N ASN D 49 5.04 12.18 -54.08
CA ASN D 49 5.63 13.15 -55.00
C ASN D 49 4.54 13.90 -55.76
N PRO D 50 4.72 15.20 -56.02
CA PRO D 50 3.76 15.90 -56.88
C PRO D 50 3.90 15.51 -58.34
N SER D 51 3.08 16.10 -59.21
CA SER D 51 3.26 15.88 -60.64
C SER D 51 4.37 16.75 -61.21
N GLY D 52 4.57 17.94 -60.64
CA GLY D 52 5.68 18.78 -61.03
C GLY D 52 7.06 18.22 -60.74
N ASP D 53 7.13 17.05 -60.11
CA ASP D 53 8.40 16.37 -59.89
C ASP D 53 8.72 15.42 -61.03
N VAL D 54 7.80 14.53 -61.38
CA VAL D 54 8.04 13.50 -62.39
C VAL D 54 7.19 13.82 -63.61
N ASN D 55 7.83 13.79 -64.78
CA ASN D 55 7.12 13.92 -66.05
C ASN D 55 7.71 13.02 -67.13
N ASN D 56 8.71 12.20 -66.80
CA ASN D 56 9.35 11.30 -67.75
C ASN D 56 8.86 9.87 -67.66
N ASP D 57 8.39 9.45 -66.50
CA ASP D 57 7.89 8.10 -66.29
C ASP D 57 6.39 8.15 -66.06
N LEU D 58 5.66 7.27 -66.75
CA LEU D 58 4.21 7.21 -66.66
C LEU D 58 3.75 6.14 -65.68
N SER D 59 4.63 5.67 -64.80
CA SER D 59 4.28 4.70 -63.78
C SER D 59 4.91 5.05 -62.44
N LYS D 60 4.97 6.34 -62.12
CA LYS D 60 5.52 6.78 -60.84
C LYS D 60 4.45 7.17 -59.84
N GLY D 61 3.28 7.58 -60.31
CA GLY D 61 2.21 7.99 -59.41
C GLY D 61 2.51 9.32 -58.75
N PHE D 62 1.48 10.04 -58.34
CA PHE D 62 1.70 11.35 -57.74
C PHE D 62 0.46 11.75 -56.96
N VAL D 63 0.59 12.87 -56.23
CA VAL D 63 -0.47 13.43 -55.41
C VAL D 63 -0.44 14.94 -55.58
N ASP D 64 -1.42 15.50 -56.27
CA ASP D 64 -1.50 16.92 -56.53
C ASP D 64 -2.60 17.54 -55.68
N LEU D 65 -2.29 18.65 -55.02
CA LEU D 65 -3.22 19.33 -54.13
C LEU D 65 -3.45 20.74 -54.65
N LYS D 66 -4.67 21.00 -55.12
CA LYS D 66 -5.07 22.34 -55.54
C LYS D 66 -6.02 22.91 -54.49
N VAL D 67 -5.58 23.97 -53.81
CA VAL D 67 -6.31 24.49 -52.66
C VAL D 67 -7.07 25.74 -53.08
N TYR D 68 -8.33 25.83 -52.65
CA TYR D 68 -9.15 27.02 -52.78
C TYR D 68 -9.37 27.59 -51.39
N ARG D 69 -9.05 28.86 -51.21
CA ARG D 69 -9.17 29.52 -49.91
C ARG D 69 -10.52 30.22 -49.85
N VAL D 70 -11.39 29.74 -48.96
CA VAL D 70 -12.65 30.44 -48.75
C VAL D 70 -12.36 31.84 -48.23
N PRO D 71 -12.93 32.89 -48.82
CA PRO D 71 -12.50 34.26 -48.49
C PRO D 71 -12.71 34.65 -47.03
N ASP D 72 -13.94 34.58 -46.56
CA ASP D 72 -14.25 34.92 -45.19
C ASP D 72 -14.20 33.66 -44.33
N LEU D 73 -14.71 33.75 -43.10
CA LEU D 73 -14.87 32.57 -42.28
C LEU D 73 -16.12 31.78 -42.63
N SER D 74 -16.76 32.09 -43.75
CA SER D 74 -17.95 31.38 -44.19
C SER D 74 -17.60 29.94 -44.53
N ARG D 75 -18.64 29.13 -44.72
CA ARG D 75 -18.47 27.69 -44.97
C ARG D 75 -19.40 27.26 -46.10
N PRO D 76 -18.96 27.41 -47.35
CA PRO D 76 -19.73 26.85 -48.47
C PRO D 76 -19.75 25.34 -48.38
N SER D 77 -20.89 24.75 -48.74
CA SER D 77 -21.07 23.35 -48.35
C SER D 77 -20.38 22.37 -49.27
N PHE D 78 -20.92 22.13 -50.46
CA PHE D 78 -20.15 21.42 -51.47
C PHE D 78 -20.44 21.95 -52.88
N ASN D 79 -21.66 22.40 -53.09
CA ASN D 79 -22.10 22.81 -54.42
C ASN D 79 -21.87 24.28 -54.67
N GLU D 80 -21.44 25.02 -53.65
CA GLU D 80 -20.94 26.37 -53.84
C GLU D 80 -19.44 26.39 -54.13
N VAL D 81 -18.79 25.23 -54.13
CA VAL D 81 -17.36 25.17 -54.38
C VAL D 81 -17.07 24.29 -55.59
N VAL D 82 -17.43 23.01 -55.51
CA VAL D 82 -17.11 22.09 -56.58
C VAL D 82 -18.03 22.36 -57.76
N GLY D 83 -17.44 22.62 -58.93
CA GLY D 83 -18.18 23.00 -60.10
C GLY D 83 -18.40 24.49 -60.25
N HIS D 84 -18.16 25.27 -59.19
CA HIS D 84 -18.35 26.71 -59.23
C HIS D 84 -17.05 27.47 -59.00
N LYS D 85 -16.33 27.17 -57.93
CA LYS D 85 -15.06 27.82 -57.67
C LYS D 85 -13.93 27.14 -58.42
N LYS D 86 -12.81 27.84 -58.53
CA LYS D 86 -11.65 27.37 -59.26
C LYS D 86 -10.49 27.17 -58.30
N PHE D 87 -9.88 25.99 -58.37
CA PHE D 87 -8.71 25.66 -57.55
C PHE D 87 -7.46 26.01 -58.36
N ASP D 88 -6.95 27.21 -58.15
CA ASP D 88 -5.76 27.68 -58.86
C ASP D 88 -4.51 27.68 -58.00
N GLU D 89 -4.62 28.09 -56.74
CA GLU D 89 -3.50 28.00 -55.83
C GLU D 89 -3.12 26.54 -55.60
N THR D 90 -1.83 26.27 -55.55
CA THR D 90 -1.33 24.91 -55.34
C THR D 90 -0.76 24.78 -53.94
N ALA D 91 -1.18 23.74 -53.23
CA ALA D 91 -0.70 23.46 -51.89
C ALA D 91 0.16 22.21 -51.91
N SER D 92 1.05 22.11 -50.92
CA SER D 92 1.96 20.98 -50.84
C SER D 92 2.22 20.69 -49.36
N LYS D 93 3.07 19.70 -49.11
CA LYS D 93 3.44 19.37 -47.75
C LYS D 93 4.33 20.46 -47.17
N GLY D 94 3.82 21.18 -46.18
CA GLY D 94 4.54 22.25 -45.52
C GLY D 94 3.86 23.61 -45.60
N ASP D 95 2.95 23.80 -46.54
CA ASP D 95 2.31 25.10 -46.69
C ASP D 95 1.45 25.43 -45.48
N THR D 96 1.67 26.61 -44.91
CA THR D 96 0.91 27.07 -43.76
C THR D 96 -0.38 27.72 -44.23
N PHE D 97 -1.49 27.36 -43.58
CA PHE D 97 -2.81 27.81 -44.01
C PHE D 97 -3.38 28.82 -43.03
N GLY D 98 -4.49 29.43 -43.44
CA GLY D 98 -4.97 30.66 -42.87
C GLY D 98 -5.43 30.59 -41.43
N PRO D 99 -6.10 31.65 -40.98
CA PRO D 99 -6.41 31.78 -39.55
C PRO D 99 -7.45 30.79 -39.06
N SER D 100 -7.86 30.95 -37.81
CA SER D 100 -8.79 30.01 -37.20
C SER D 100 -10.14 30.03 -37.90
N TRP D 101 -10.81 28.88 -37.88
CA TRP D 101 -12.16 28.71 -38.43
C TRP D 101 -12.19 28.92 -39.94
N ALA D 102 -11.05 29.17 -40.56
CA ALA D 102 -11.01 29.38 -42.00
C ALA D 102 -11.08 28.05 -42.72
N THR D 103 -11.87 28.00 -43.79
CA THR D 103 -12.09 26.78 -44.54
C THR D 103 -11.24 26.79 -45.80
N PHE D 104 -10.67 25.63 -46.12
CA PHE D 104 -9.91 25.42 -47.34
C PHE D 104 -10.47 24.21 -48.05
N TRP D 105 -10.39 24.21 -49.37
CA TRP D 105 -10.89 23.11 -50.17
C TRP D 105 -9.78 22.56 -51.03
N PHE D 106 -9.28 21.38 -50.68
CA PHE D 106 -8.19 20.74 -51.40
C PHE D 106 -8.76 19.75 -52.39
N GLU D 107 -8.71 20.07 -53.68
CA GLU D 107 -8.92 19.09 -54.71
C GLU D 107 -7.65 18.25 -54.81
N VAL D 108 -7.77 16.96 -54.47
CA VAL D 108 -6.64 16.05 -54.45
C VAL D 108 -6.78 15.11 -55.64
N HIS D 109 -5.78 15.15 -56.52
CA HIS D 109 -5.73 14.30 -57.71
C HIS D 109 -4.54 13.37 -57.56
N ILE D 110 -4.82 12.08 -57.44
CA ILE D 110 -3.78 11.09 -57.19
C ILE D 110 -3.69 10.15 -58.38
N ARG D 111 -2.51 9.58 -58.57
CA ARG D 111 -2.30 8.52 -59.54
C ARG D 111 -1.44 7.46 -58.88
N LEU D 112 -2.02 6.29 -58.64
CA LEU D 112 -1.26 5.18 -58.08
C LEU D 112 -0.33 4.61 -59.13
N PRO D 113 0.91 4.29 -58.77
CA PRO D 113 1.79 3.60 -59.72
C PRO D 113 1.19 2.27 -60.15
N LYS D 114 1.50 1.87 -61.38
CA LYS D 114 0.93 0.64 -61.91
C LYS D 114 1.40 -0.58 -61.12
N SER D 115 2.62 -0.54 -60.59
CA SER D 115 3.19 -1.65 -59.83
C SER D 115 2.31 -2.02 -58.65
N TRP D 116 1.35 -1.17 -58.30
CA TRP D 116 0.41 -1.41 -57.22
C TRP D 116 -0.81 -2.17 -57.67
N ALA D 117 -0.71 -2.96 -58.75
CA ALA D 117 -1.73 -3.98 -58.99
C ALA D 117 -1.80 -4.96 -57.83
N LYS D 118 -0.67 -5.16 -57.13
CA LYS D 118 -0.63 -5.80 -55.83
C LYS D 118 -1.05 -4.77 -54.79
N TYR D 119 -0.74 -5.01 -53.51
CA TYR D 119 -1.11 -4.09 -52.44
C TYR D 119 -2.62 -3.94 -52.36
N GLU D 120 -3.25 -5.04 -51.93
CA GLU D 120 -4.71 -5.12 -51.85
C GLU D 120 -5.35 -3.89 -51.22
N GLN D 121 -4.67 -3.23 -50.30
CA GLN D 121 -5.18 -2.03 -49.65
C GLN D 121 -4.24 -0.87 -49.88
N VAL D 122 -4.79 0.26 -50.31
CA VAL D 122 -4.03 1.49 -50.51
C VAL D 122 -4.66 2.59 -49.66
N ILE D 123 -3.83 3.43 -49.08
CA ILE D 123 -4.25 4.42 -48.10
C ILE D 123 -3.82 5.81 -48.56
N PHE D 124 -4.65 6.80 -48.26
CA PHE D 124 -4.27 8.19 -48.39
C PHE D 124 -4.15 8.80 -47.00
N GLN D 125 -3.01 9.40 -46.71
CA GLN D 125 -2.74 9.97 -45.40
C GLN D 125 -2.74 11.48 -45.47
N TRP D 126 -3.38 12.12 -44.51
CA TRP D 126 -3.51 13.57 -44.46
C TRP D 126 -3.44 14.00 -43.01
N ASN D 127 -2.40 14.77 -42.66
CA ASN D 127 -2.11 15.06 -41.27
C ASN D 127 -1.84 16.54 -41.06
N CYS D 128 -2.71 17.38 -41.60
CA CYS D 128 -2.73 18.77 -41.17
C CYS D 128 -3.43 18.86 -39.82
N ASP D 129 -2.88 19.64 -38.90
CA ASP D 129 -3.39 19.67 -37.53
C ASP D 129 -4.74 20.38 -37.50
N ASN D 130 -5.76 19.74 -38.06
CA ASN D 130 -7.12 20.28 -38.01
C ASN D 130 -8.07 19.21 -38.55
N GLU D 131 -9.32 19.61 -38.72
CA GLU D 131 -10.35 18.72 -39.24
C GLU D 131 -10.42 18.78 -40.75
N GLY D 132 -10.80 17.66 -41.34
CA GLY D 132 -10.99 17.59 -42.77
C GLY D 132 -11.98 16.49 -43.08
N LEU D 133 -12.66 16.62 -44.22
CA LEU D 133 -13.71 15.68 -44.60
C LEU D 133 -13.63 15.41 -46.08
N VAL D 134 -13.37 14.16 -46.45
CA VAL D 134 -13.23 13.79 -47.84
C VAL D 134 -14.59 13.74 -48.51
N TYR D 135 -14.75 14.47 -49.60
CA TYR D 135 -15.88 14.33 -50.50
C TYR D 135 -15.41 13.67 -51.78
N SER D 136 -16.25 12.84 -52.36
CA SER D 136 -15.94 12.25 -53.67
C SER D 136 -16.28 13.28 -54.74
N GLN D 137 -16.23 12.87 -56.00
CA GLN D 137 -16.60 13.76 -57.10
C GLN D 137 -18.08 14.13 -57.04
N ASP D 138 -18.92 13.31 -56.40
CA ASP D 138 -20.34 13.55 -56.34
C ASP D 138 -20.78 14.27 -55.07
N GLY D 139 -19.88 14.44 -54.10
CA GLY D 139 -20.21 15.13 -52.87
C GLY D 139 -20.55 14.23 -51.70
N VAL D 140 -20.45 12.92 -51.86
CA VAL D 140 -20.74 11.98 -50.78
C VAL D 140 -19.56 11.97 -49.82
N PRO D 141 -19.73 12.39 -48.57
CA PRO D 141 -18.63 12.30 -47.61
C PRO D 141 -18.25 10.85 -47.35
N LEU D 142 -16.96 10.62 -47.17
CA LEU D 142 -16.46 9.26 -47.05
C LEU D 142 -15.66 9.02 -45.78
N GLN D 143 -14.87 9.99 -45.33
CA GLN D 143 -14.02 9.78 -44.17
C GLN D 143 -13.48 11.11 -43.72
N ALA D 144 -13.26 11.24 -42.41
CA ALA D 144 -12.74 12.46 -41.84
C ALA D 144 -11.33 12.27 -41.33
N PHE D 145 -10.61 13.39 -41.26
CA PHE D 145 -9.29 13.44 -40.64
C PHE D 145 -9.36 14.41 -39.48
N SER D 146 -8.85 13.99 -38.32
CA SER D 146 -8.88 14.80 -37.10
C SER D 146 -7.50 14.75 -36.47
N GLY D 147 -6.63 15.66 -36.88
CA GLY D 147 -5.31 15.70 -36.32
C GLY D 147 -4.53 14.45 -36.62
N SER D 148 -3.78 13.97 -35.63
CA SER D 148 -2.91 12.82 -35.80
C SER D 148 -3.54 11.51 -35.37
N GLU D 149 -4.72 11.54 -34.77
CA GLU D 149 -5.38 10.30 -34.35
C GLU D 149 -6.22 9.67 -35.45
N ARG D 150 -6.49 10.40 -36.52
CA ARG D 150 -7.25 9.86 -37.66
C ARG D 150 -6.66 10.43 -38.93
N THR D 151 -5.87 9.64 -39.64
CA THR D 151 -5.22 10.07 -40.87
C THR D 151 -5.53 9.18 -42.06
N ASP D 152 -5.56 7.87 -41.88
CA ASP D 152 -5.71 6.96 -43.01
C ASP D 152 -7.10 7.08 -43.61
N PHE D 153 -7.16 7.13 -44.94
CA PHE D 153 -8.42 7.06 -45.68
C PHE D 153 -8.23 5.99 -46.74
N ILE D 154 -8.97 4.89 -46.62
CA ILE D 154 -8.81 3.79 -47.56
C ILE D 154 -9.43 4.18 -48.89
N LEU D 155 -8.65 4.06 -49.96
CA LEU D 155 -9.21 4.25 -51.30
C LEU D 155 -10.14 3.09 -51.61
N PRO D 156 -11.40 3.36 -51.97
CA PRO D 156 -12.44 2.34 -51.87
C PRO D 156 -12.45 1.31 -53.00
N ASP D 157 -11.29 0.77 -53.35
CA ASP D 157 -11.18 -0.35 -54.31
C ASP D 157 -11.87 -0.03 -55.64
N SER D 158 -12.17 1.24 -55.88
CA SER D 158 -12.87 1.61 -57.10
C SER D 158 -12.11 2.62 -57.93
N TRP D 159 -11.43 3.58 -57.29
CA TRP D 159 -10.65 4.55 -58.03
C TRP D 159 -9.15 4.39 -57.81
N LYS D 160 -8.71 3.18 -57.46
CA LYS D 160 -7.30 2.84 -57.57
C LYS D 160 -6.95 2.42 -58.99
N THR D 161 -7.88 1.79 -59.69
CA THR D 161 -7.63 1.35 -61.06
C THR D 161 -7.52 2.54 -62.00
N THR D 162 -8.42 3.50 -61.88
CA THR D 162 -8.38 4.72 -62.68
C THR D 162 -8.03 5.90 -61.78
N GLU D 163 -7.16 6.78 -62.27
CA GLU D 163 -6.70 7.92 -61.51
C GLU D 163 -7.86 8.90 -61.33
N ASP D 164 -8.33 9.05 -60.10
CA ASP D 164 -9.47 9.90 -59.80
C ASP D 164 -9.04 11.07 -58.93
N THR D 165 -10.03 11.86 -58.53
CA THR D 165 -9.81 13.00 -57.65
C THR D 165 -10.91 13.03 -56.61
N PHE D 166 -10.56 13.52 -55.42
CA PHE D 166 -11.55 13.78 -54.39
C PHE D 166 -11.29 15.16 -53.82
N TYR D 167 -12.06 15.53 -52.80
CA TYR D 167 -11.95 16.85 -52.21
C TYR D 167 -11.86 16.73 -50.70
N ILE D 168 -11.18 17.69 -50.10
CA ILE D 168 -10.96 17.73 -48.66
C ILE D 168 -11.39 19.11 -48.17
N GLU D 169 -12.44 19.14 -47.35
CA GLU D 169 -12.95 20.39 -46.79
C GLU D 169 -12.28 20.59 -45.42
N MET D 170 -11.07 21.12 -45.47
CA MET D 170 -10.26 21.27 -44.28
C MET D 170 -10.70 22.52 -43.51
N ALA D 171 -11.10 22.34 -42.26
CA ALA D 171 -11.50 23.45 -41.40
C ALA D 171 -10.36 23.76 -40.44
N CYS D 172 -9.88 25.01 -40.47
CA CYS D 172 -8.73 25.40 -39.67
C CYS D 172 -9.16 25.59 -38.21
N ASN D 173 -9.21 24.46 -37.50
CA ASN D 173 -9.44 24.45 -36.06
C ASN D 173 -9.17 23.04 -35.56
N GLY D 174 -8.80 22.95 -34.29
CA GLY D 174 -8.59 21.64 -33.69
C GLY D 174 -9.92 20.93 -33.49
N MET D 175 -9.85 19.79 -32.81
CA MET D 175 -11.07 19.07 -32.45
C MET D 175 -11.88 19.85 -31.43
N PHE D 176 -11.22 20.69 -30.63
CA PHE D 176 -11.86 21.48 -29.59
C PHE D 176 -11.63 22.96 -29.83
N GLY D 177 -11.77 23.40 -31.08
CA GLY D 177 -11.58 24.78 -31.42
C GLY D 177 -10.12 25.14 -31.59
N THR D 178 -9.74 26.32 -31.12
CA THR D 178 -8.39 26.84 -31.29
C THR D 178 -7.63 26.98 -29.98
N GLY D 179 -8.30 27.42 -28.91
CA GLY D 179 -7.72 27.39 -27.60
C GLY D 179 -6.94 28.62 -27.19
N ALA D 180 -5.82 28.88 -27.86
CA ALA D 180 -4.88 29.94 -27.49
C ALA D 180 -4.33 29.72 -26.08
N GLY D 181 -3.61 28.61 -25.92
CA GLY D 181 -2.93 28.32 -24.68
C GLY D 181 -3.43 27.07 -23.99
N SER D 182 -4.76 26.88 -23.97
CA SER D 182 -5.36 25.70 -23.36
C SER D 182 -6.73 25.52 -23.99
N GLN D 183 -7.35 24.37 -23.69
CA GLN D 183 -8.61 24.03 -24.32
C GLN D 183 -9.72 25.00 -23.92
N ILE D 184 -9.74 25.42 -22.65
CA ILE D 184 -10.82 26.28 -22.15
C ILE D 184 -10.40 27.74 -22.18
N ALA D 185 -9.27 28.03 -22.81
CA ALA D 185 -8.84 29.41 -22.98
C ALA D 185 -9.58 30.04 -24.16
N PRO D 186 -9.69 31.37 -24.20
CA PRO D 186 -10.45 32.01 -25.27
C PRO D 186 -9.81 31.77 -26.61
N PRO D 187 -10.60 31.53 -27.66
CA PRO D 187 -10.04 31.09 -28.93
C PRO D 187 -8.99 32.03 -29.48
N ASP D 188 -8.05 31.47 -30.24
CA ASP D 188 -7.01 32.24 -30.88
C ASP D 188 -7.51 32.80 -32.19
N PRO D 189 -7.57 34.13 -32.36
CA PRO D 189 -8.00 34.67 -33.65
C PRO D 189 -7.03 34.38 -34.78
N ASN D 190 -5.77 34.08 -34.46
CA ASN D 190 -4.74 33.80 -35.47
C ASN D 190 -3.98 32.55 -35.04
N ARG D 191 -4.34 31.41 -35.62
CA ARG D 191 -3.67 30.13 -35.35
C ARG D 191 -3.43 29.46 -36.68
N TYR D 192 -2.19 29.45 -37.14
CA TYR D 192 -1.85 28.99 -38.48
C TYR D 192 -1.43 27.54 -38.43
N PHE D 193 -2.09 26.71 -39.22
CA PHE D 193 -1.85 25.28 -39.26
C PHE D 193 -0.94 24.92 -40.43
N THR D 194 -0.20 23.82 -40.27
CA THR D 194 0.78 23.39 -41.24
C THR D 194 0.38 22.02 -41.77
N LEU D 195 0.43 21.87 -43.10
CA LEU D 195 0.20 20.56 -43.72
C LEU D 195 1.49 19.76 -43.63
N THR D 196 1.41 18.57 -43.01
CA THR D 196 2.58 17.76 -42.79
C THR D 196 2.58 16.43 -43.53
N LYS D 197 1.42 15.94 -43.94
CA LYS D 197 1.35 14.67 -44.67
C LYS D 197 0.28 14.75 -45.73
N ALA D 198 0.62 14.34 -46.95
CA ALA D 198 -0.34 14.17 -48.03
C ALA D 198 -0.03 12.92 -48.82
N ASP D 199 0.57 11.93 -48.17
CA ASP D 199 1.18 10.80 -48.86
C ASP D 199 0.13 9.83 -49.38
N LEU D 200 0.61 8.75 -50.00
CA LEU D 200 -0.24 7.72 -50.59
C LEU D 200 0.40 6.38 -50.23
N VAL D 201 0.02 5.85 -49.08
CA VAL D 201 0.68 4.68 -48.53
C VAL D 201 -0.07 3.43 -48.97
N ALA D 202 0.64 2.29 -48.93
CA ALA D 202 0.06 0.97 -49.19
C ALA D 202 0.47 0.08 -48.04
N PRO D 203 -0.19 0.22 -46.89
CA PRO D 203 0.38 -0.30 -45.64
C PRO D 203 0.51 -1.81 -45.65
N ASN D 204 1.50 -2.29 -44.91
CA ASN D 204 1.71 -3.72 -44.72
C ASN D 204 0.68 -4.25 -43.74
N LEU D 205 -0.31 -4.99 -44.25
CA LEU D 205 -1.39 -5.44 -43.41
C LEU D 205 -0.93 -6.40 -42.31
N PRO D 206 -0.11 -7.43 -42.57
CA PRO D 206 0.37 -8.25 -41.46
C PRO D 206 1.21 -7.48 -40.47
N ALA D 207 1.98 -6.48 -40.92
CA ALA D 207 2.73 -5.66 -39.98
C ALA D 207 1.80 -4.88 -39.07
N MET D 208 0.70 -4.36 -39.60
CA MET D 208 -0.26 -3.65 -38.75
C MET D 208 -0.96 -4.60 -37.79
N ALA D 209 -1.29 -5.80 -38.25
CA ALA D 209 -1.89 -6.79 -37.36
C ALA D 209 -0.95 -7.13 -36.21
N LEU D 210 0.32 -7.38 -36.53
CA LEU D 210 1.30 -7.63 -35.49
C LEU D 210 1.47 -6.43 -34.58
N ALA D 211 1.35 -5.22 -35.12
CA ALA D 211 1.44 -4.02 -34.30
C ALA D 211 0.32 -3.98 -33.27
N TYR D 212 -0.91 -4.26 -33.69
CA TYR D 212 -2.02 -4.27 -32.74
C TYR D 212 -1.86 -5.37 -31.72
N ASP D 213 -1.44 -6.56 -32.15
CA ASP D 213 -1.21 -7.66 -31.23
C ASP D 213 -0.18 -7.28 -30.17
N PHE D 214 0.97 -6.79 -30.61
CA PHE D 214 2.03 -6.41 -29.68
C PHE D 214 1.59 -5.26 -28.79
N LEU D 215 0.79 -4.34 -29.30
CA LEU D 215 0.31 -3.24 -28.47
C LEU D 215 -0.58 -3.74 -27.34
N LEU D 216 -1.51 -4.63 -27.68
CA LEU D 216 -2.36 -5.21 -26.64
C LEU D 216 -1.53 -5.95 -25.60
N MET D 217 -0.57 -6.76 -26.05
CA MET D 217 0.21 -7.55 -25.12
C MET D 217 1.10 -6.66 -24.24
N GLN D 218 1.67 -5.61 -24.82
CA GLN D 218 2.47 -4.67 -24.03
C GLN D 218 1.60 -3.95 -23.01
N GLN D 219 0.35 -3.64 -23.35
CA GLN D 219 -0.56 -3.09 -22.35
C GLN D 219 -0.82 -4.09 -21.23
N CYS D 220 -1.04 -5.36 -21.59
CA CYS D 220 -1.22 -6.39 -20.58
C CYS D 220 -0.01 -6.48 -19.66
N VAL D 221 1.18 -6.30 -20.22
CA VAL D 221 2.40 -6.33 -19.42
C VAL D 221 2.45 -5.13 -18.48
N LYS D 222 2.09 -3.95 -18.98
CA LYS D 222 2.22 -2.74 -18.17
C LYS D 222 1.13 -2.61 -17.10
N GLN D 223 -0.03 -3.23 -17.32
CA GLN D 223 -1.19 -2.98 -16.47
C GLN D 223 -1.49 -4.09 -15.47
N LEU D 224 -1.40 -5.35 -15.87
CA LEU D 224 -1.82 -6.43 -15.00
C LEU D 224 -0.97 -6.46 -13.73
N PRO D 225 -1.53 -6.89 -12.61
CA PRO D 225 -0.79 -6.85 -11.34
C PRO D 225 0.47 -7.72 -11.39
N SER D 226 1.37 -7.44 -10.47
CA SER D 226 2.68 -8.09 -10.45
C SER D 226 2.63 -9.55 -10.06
N ASN D 227 1.45 -10.13 -9.82
CA ASN D 227 1.35 -11.52 -9.40
C ASN D 227 0.48 -12.34 -10.33
N CYS D 228 0.03 -11.78 -11.44
CA CYS D 228 -0.82 -12.50 -12.39
C CYS D 228 0.06 -13.11 -13.49
N TRP D 229 -0.11 -14.41 -13.70
CA TRP D 229 0.72 -15.10 -14.68
C TRP D 229 0.44 -14.66 -16.11
N GLN D 230 -0.70 -14.03 -16.37
CA GLN D 230 -0.98 -13.55 -17.71
C GLN D 230 -0.03 -12.42 -18.08
N LYS D 231 0.33 -11.58 -17.11
CA LYS D 231 1.29 -10.52 -17.35
C LYS D 231 2.62 -11.09 -17.83
N TYR D 232 3.09 -12.15 -17.17
CA TYR D 232 4.39 -12.71 -17.52
C TYR D 232 4.32 -13.56 -18.79
N LYS D 233 3.20 -14.22 -19.05
CA LYS D 233 3.05 -14.89 -20.34
C LYS D 233 3.07 -13.88 -21.48
N ALA D 234 2.36 -12.77 -21.32
CA ALA D 234 2.40 -11.73 -22.33
C ALA D 234 3.80 -11.18 -22.50
N ARG D 235 4.53 -11.00 -21.39
CA ARG D 235 5.90 -10.48 -21.50
C ARG D 235 6.80 -11.45 -22.23
N GLN D 236 6.67 -12.74 -21.94
CA GLN D 236 7.48 -13.75 -22.64
C GLN D 236 7.15 -13.77 -24.12
N ILE D 237 5.87 -13.65 -24.47
CA ILE D 237 5.51 -13.67 -25.88
C ILE D 237 6.00 -12.42 -26.60
N CYS D 238 5.91 -11.26 -25.94
CA CYS D 238 6.46 -10.04 -26.52
C CYS D 238 7.96 -10.15 -26.72
N ASN D 239 8.66 -10.72 -25.74
CA ASN D 239 10.10 -10.89 -25.87
C ASN D 239 10.43 -11.79 -27.05
N ASP D 240 9.72 -12.92 -27.18
CA ASP D 240 9.96 -13.81 -28.31
C ASP D 240 9.66 -13.14 -29.63
N ILE D 241 8.64 -12.28 -29.66
CA ILE D 241 8.31 -11.56 -30.89
C ILE D 241 9.42 -10.59 -31.24
N MET D 242 9.97 -9.88 -30.25
CA MET D 242 11.06 -8.95 -30.53
C MET D 242 12.32 -9.68 -30.94
N ASN D 243 12.55 -10.87 -30.38
CA ASN D 243 13.69 -11.69 -30.78
C ASN D 243 13.51 -12.31 -32.15
N THR D 244 12.27 -12.46 -32.59
CA THR D 244 11.96 -13.12 -33.85
C THR D 244 11.93 -12.15 -35.03
N PHE D 245 11.52 -10.91 -34.80
CA PHE D 245 11.29 -9.96 -35.88
C PHE D 245 12.62 -9.43 -36.41
N HIS D 246 12.83 -9.59 -37.72
CA HIS D 246 13.91 -8.94 -38.44
C HIS D 246 13.29 -8.04 -39.51
N PRO D 247 13.57 -6.74 -39.52
CA PRO D 247 12.93 -5.88 -40.52
C PRO D 247 13.35 -6.18 -41.95
N ASN D 248 14.38 -7.00 -42.16
CA ASN D 248 14.85 -7.35 -43.48
C ASN D 248 14.22 -8.63 -44.01
N ASP D 249 13.26 -9.21 -43.29
CA ASP D 249 12.59 -10.43 -43.71
C ASP D 249 11.16 -10.37 -43.23
N LEU D 250 10.21 -10.53 -44.15
CA LEU D 250 8.79 -10.34 -43.84
C LEU D 250 8.04 -11.62 -43.56
N SER D 251 8.71 -12.77 -43.57
CA SER D 251 8.07 -13.98 -43.06
C SER D 251 8.13 -14.03 -41.53
N THR D 252 9.18 -13.41 -40.96
CA THR D 252 9.22 -13.26 -39.52
C THR D 252 7.98 -12.58 -38.99
N ILE D 253 7.39 -11.66 -39.77
CA ILE D 253 6.17 -11.00 -39.32
C ILE D 253 5.06 -12.02 -39.10
N ASN D 254 4.88 -12.93 -40.04
CA ASN D 254 3.81 -13.91 -39.91
C ASN D 254 4.10 -14.92 -38.80
N GLU D 255 5.36 -15.32 -38.65
CA GLU D 255 5.62 -16.24 -37.54
C GLU D 255 5.61 -15.53 -36.18
N CYS D 256 5.85 -14.22 -36.14
CA CYS D 256 5.59 -13.45 -34.92
C CYS D 256 4.10 -13.41 -34.62
N ARG D 257 3.27 -13.23 -35.65
CA ARG D 257 1.83 -13.30 -35.44
C ARG D 257 1.42 -14.66 -34.90
N ASN D 258 2.05 -15.72 -35.39
CA ASN D 258 1.74 -17.06 -34.87
C ASN D 258 2.20 -17.21 -33.42
N LEU D 259 3.36 -16.67 -33.08
CA LEU D 259 3.78 -16.65 -31.68
C LEU D 259 2.79 -15.87 -30.82
N ALA D 260 2.21 -14.82 -31.38
CA ALA D 260 1.23 -14.04 -30.64
C ALA D 260 -0.08 -14.80 -30.46
N LYS D 261 -0.43 -15.64 -31.43
CA LYS D 261 -1.67 -16.41 -31.34
C LYS D 261 -1.73 -17.35 -30.16
N ALA D 262 -0.64 -17.49 -29.41
CA ALA D 262 -0.66 -18.25 -28.17
C ALA D 262 -1.24 -17.46 -27.00
N PHE D 263 -1.51 -16.18 -27.21
CA PHE D 263 -2.03 -15.30 -26.18
C PHE D 263 -3.37 -14.68 -26.55
N LEU D 264 -3.59 -14.38 -27.82
CA LEU D 264 -4.83 -13.76 -28.28
C LEU D 264 -5.80 -14.75 -28.90
N GLY D 265 -5.34 -15.91 -29.33
CA GLY D 265 -6.19 -16.87 -30.01
C GLY D 265 -6.16 -16.69 -31.51
N ASN D 266 -6.90 -17.56 -32.19
CA ASN D 266 -6.82 -17.63 -33.65
C ASN D 266 -7.89 -16.80 -34.35
N ASP D 267 -8.90 -16.29 -33.64
CA ASP D 267 -10.04 -15.66 -34.27
C ASP D 267 -10.01 -14.14 -34.22
N ILE D 268 -8.90 -13.56 -33.77
CA ILE D 268 -8.84 -12.10 -33.63
C ILE D 268 -8.91 -11.39 -34.98
N ASP D 269 -8.57 -12.09 -36.07
CA ASP D 269 -8.57 -11.45 -37.37
C ASP D 269 -9.98 -11.20 -37.90
N SER D 270 -10.97 -11.92 -37.40
CA SER D 270 -12.34 -11.82 -37.87
C SER D 270 -13.25 -11.41 -36.71
N GLU D 271 -14.55 -11.36 -37.00
CA GLU D 271 -15.56 -11.01 -36.02
C GLU D 271 -16.07 -12.22 -35.25
N ALA D 272 -15.32 -13.32 -35.26
CA ALA D 272 -15.71 -14.53 -34.55
C ALA D 272 -15.19 -14.56 -33.12
N VAL D 273 -14.37 -13.59 -32.70
CA VAL D 273 -13.96 -13.53 -31.30
C VAL D 273 -15.17 -13.28 -30.41
N PHE D 274 -16.14 -12.52 -30.89
CA PHE D 274 -17.29 -12.16 -30.07
C PHE D 274 -18.36 -13.24 -30.06
N GLU D 275 -18.18 -14.31 -30.82
CA GLU D 275 -19.13 -15.41 -30.80
C GLU D 275 -18.72 -16.52 -29.84
N LYS D 276 -17.51 -16.48 -29.32
CA LYS D 276 -17.07 -17.39 -28.28
C LYS D 276 -17.27 -16.74 -26.92
N ASN D 277 -17.86 -17.49 -25.99
CA ASN D 277 -18.05 -17.03 -24.61
C ASN D 277 -18.90 -15.77 -24.55
N ASN D 278 -19.96 -15.72 -25.37
CA ASN D 278 -20.85 -14.57 -25.41
C ASN D 278 -22.05 -14.72 -24.50
N ASP D 279 -21.97 -15.61 -23.50
CA ASP D 279 -23.07 -15.83 -22.57
C ASP D 279 -22.87 -15.10 -21.25
N LYS D 280 -21.70 -15.27 -20.62
CA LYS D 280 -21.38 -14.57 -19.38
C LYS D 280 -20.50 -13.37 -19.72
N ALA D 281 -21.15 -12.29 -20.11
CA ALA D 281 -20.47 -11.05 -20.50
C ALA D 281 -20.58 -10.03 -19.38
N ASN D 282 -19.45 -9.44 -19.02
CA ASN D 282 -19.39 -8.45 -17.95
C ASN D 282 -19.28 -7.03 -18.49
N VAL D 283 -18.38 -6.80 -19.45
CA VAL D 283 -18.23 -5.50 -20.07
C VAL D 283 -18.99 -5.51 -21.38
N PHE D 284 -19.89 -4.55 -21.55
CA PHE D 284 -20.63 -4.37 -22.79
C PHE D 284 -20.08 -3.12 -23.48
N ALA D 285 -19.56 -3.30 -24.68
CA ALA D 285 -18.93 -2.21 -25.41
C ALA D 285 -19.91 -1.64 -26.43
N ILE D 286 -19.97 -0.31 -26.51
CA ILE D 286 -20.81 0.38 -27.48
C ILE D 286 -20.05 1.62 -27.94
N GLY D 287 -20.19 1.96 -29.22
CA GLY D 287 -19.48 3.10 -29.78
C GLY D 287 -20.31 4.37 -29.66
N HIS D 288 -19.65 5.44 -29.26
CA HIS D 288 -20.32 6.69 -28.98
C HIS D 288 -19.50 7.86 -29.50
N CYS D 289 -20.17 8.88 -30.01
CA CYS D 289 -19.54 10.06 -30.59
C CYS D 289 -20.25 11.30 -30.04
N HIS D 290 -19.77 11.79 -28.91
CA HIS D 290 -20.39 12.93 -28.24
C HIS D 290 -19.91 14.22 -28.90
N ILE D 291 -20.81 14.92 -29.55
CA ILE D 291 -20.49 16.18 -30.23
C ILE D 291 -21.23 17.29 -29.48
N ASP D 292 -20.49 18.05 -28.68
CA ASP D 292 -21.08 19.21 -28.02
C ASP D 292 -21.57 20.20 -29.06
N THR D 293 -22.88 20.49 -29.03
CA THR D 293 -23.48 21.30 -30.09
C THR D 293 -22.80 22.65 -30.21
N ALA D 294 -22.48 23.29 -29.10
CA ALA D 294 -21.72 24.53 -29.14
C ALA D 294 -20.98 24.65 -27.81
N TRP D 295 -19.70 24.27 -27.80
CA TRP D 295 -18.87 24.36 -26.61
C TRP D 295 -17.68 25.28 -26.80
N LEU D 296 -16.87 25.04 -27.83
CA LEU D 296 -15.75 25.91 -28.16
C LEU D 296 -15.76 26.27 -29.64
N TRP D 297 -16.91 26.11 -30.30
CA TRP D 297 -17.08 26.36 -31.71
C TRP D 297 -18.53 26.73 -31.94
N PRO D 298 -18.83 27.51 -32.98
CA PRO D 298 -20.23 27.90 -33.22
C PRO D 298 -21.09 26.74 -33.67
N PHE D 299 -22.39 26.99 -33.85
CA PHE D 299 -23.28 25.96 -34.37
C PHE D 299 -22.94 25.62 -35.82
N ALA D 300 -22.44 26.60 -36.58
CA ALA D 300 -22.09 26.34 -37.97
C ALA D 300 -20.95 25.35 -38.09
N GLU D 301 -20.10 25.25 -37.07
CA GLU D 301 -19.05 24.25 -37.08
C GLU D 301 -19.53 22.85 -36.68
N THR D 302 -20.47 22.76 -35.74
CA THR D 302 -21.05 21.47 -35.41
C THR D 302 -21.86 20.89 -36.55
N ARG D 303 -22.45 21.76 -37.39
CA ARG D 303 -23.21 21.29 -38.54
C ARG D 303 -22.29 20.46 -39.42
N ARG D 304 -20.98 20.74 -39.39
CA ARG D 304 -20.00 19.98 -40.15
C ARG D 304 -19.38 18.86 -39.35
N LYS D 305 -19.18 19.08 -38.04
CA LYS D 305 -18.65 18.02 -37.19
C LYS D 305 -19.59 16.82 -37.20
N ILE D 306 -20.90 17.07 -37.22
CA ILE D 306 -21.87 15.98 -37.22
C ILE D 306 -21.64 15.07 -38.43
N VAL D 307 -21.58 15.65 -39.63
CA VAL D 307 -21.46 14.82 -40.81
C VAL D 307 -20.08 14.20 -40.89
N ARG D 308 -19.04 14.95 -40.53
CA ARG D 308 -17.70 14.39 -40.65
C ARG D 308 -17.44 13.28 -39.65
N SER D 309 -18.18 13.23 -38.54
CA SER D 309 -18.05 12.09 -37.64
C SER D 309 -18.97 10.95 -38.04
N TRP D 310 -20.22 11.25 -38.43
CA TRP D 310 -21.15 10.18 -38.71
C TRP D 310 -20.81 9.46 -40.00
N ALA D 311 -20.28 10.15 -41.01
CA ALA D 311 -19.88 9.46 -42.24
C ALA D 311 -18.73 8.50 -41.97
N THR D 312 -17.76 8.93 -41.16
CA THR D 312 -16.71 8.04 -40.71
C THR D 312 -17.31 6.80 -40.04
N GLN D 313 -18.31 7.02 -39.19
CA GLN D 313 -18.93 5.88 -38.51
C GLN D 313 -19.66 4.98 -39.50
N MET D 314 -20.28 5.54 -40.54
CA MET D 314 -20.93 4.71 -41.54
C MET D 314 -19.91 3.81 -42.22
N ASN D 315 -18.78 4.38 -42.64
CA ASN D 315 -17.78 3.56 -43.31
C ASN D 315 -17.22 2.49 -42.39
N ILE D 316 -17.00 2.83 -41.11
CA ILE D 316 -16.46 1.87 -40.17
C ILE D 316 -17.45 0.73 -39.94
N MET D 317 -18.72 1.07 -39.69
CA MET D 317 -19.75 0.05 -39.56
C MET D 317 -19.91 -0.77 -40.83
N ASP D 318 -19.50 -0.23 -41.97
CA ASP D 318 -19.45 -1.02 -43.18
C ASP D 318 -18.30 -2.01 -43.14
N ARG D 319 -17.16 -1.62 -42.58
CA ARG D 319 -16.00 -2.49 -42.55
C ARG D 319 -16.12 -3.55 -41.45
N TYR D 320 -16.45 -3.13 -40.22
CA TYR D 320 -16.54 -4.05 -39.10
C TYR D 320 -18.00 -4.41 -38.84
N PRO D 321 -18.41 -5.65 -39.07
CA PRO D 321 -19.85 -5.95 -39.00
C PRO D 321 -20.42 -5.99 -37.59
N GLU D 322 -19.60 -6.27 -36.58
CA GLU D 322 -20.09 -6.39 -35.21
C GLU D 322 -20.16 -5.06 -34.49
N TYR D 323 -19.74 -3.98 -35.11
CA TYR D 323 -19.64 -2.69 -34.43
C TYR D 323 -20.99 -1.99 -34.43
N GLN D 324 -21.36 -1.46 -33.26
CA GLN D 324 -22.61 -0.73 -33.10
C GLN D 324 -22.33 0.64 -32.52
N PHE D 325 -23.16 1.61 -32.88
CA PHE D 325 -22.90 3.03 -32.67
C PHE D 325 -24.13 3.71 -32.11
N VAL D 326 -23.94 4.67 -31.21
CA VAL D 326 -25.04 5.41 -30.61
C VAL D 326 -24.75 6.90 -30.66
N CYS D 327 -25.79 7.70 -30.88
CA CYS D 327 -25.69 9.15 -30.83
C CYS D 327 -27.01 9.69 -30.32
N SER D 328 -26.95 10.76 -29.52
CA SER D 328 -28.08 11.13 -28.67
C SER D 328 -29.00 12.16 -29.31
N GLN D 329 -28.48 13.34 -29.61
CA GLN D 329 -29.33 14.48 -29.95
C GLN D 329 -30.08 14.24 -31.26
N ALA D 330 -31.38 14.54 -31.24
CA ALA D 330 -32.16 14.52 -32.47
C ALA D 330 -31.98 15.77 -33.30
N LEU D 331 -31.61 16.88 -32.66
CA LEU D 331 -31.30 18.09 -33.41
C LEU D 331 -30.15 17.84 -34.38
N GLN D 332 -29.19 17.00 -33.99
CA GLN D 332 -28.09 16.70 -34.88
C GLN D 332 -28.56 15.88 -36.08
N TYR D 333 -29.52 14.98 -35.86
CA TYR D 333 -30.13 14.28 -37.00
C TYR D 333 -30.84 15.26 -37.92
N LEU D 334 -31.54 16.23 -37.34
CA LEU D 334 -32.21 17.23 -38.16
C LEU D 334 -31.20 18.04 -38.97
N TRP D 335 -30.09 18.43 -38.35
CA TRP D 335 -29.07 19.18 -39.07
C TRP D 335 -28.44 18.35 -40.18
N LEU D 336 -28.20 17.06 -39.92
CA LEU D 336 -27.63 16.20 -40.94
C LEU D 336 -28.57 16.02 -42.11
N LYS D 337 -29.88 15.92 -41.83
CA LYS D 337 -30.85 15.81 -42.91
C LYS D 337 -31.05 17.14 -43.64
N GLU D 338 -30.80 18.26 -42.99
CA GLU D 338 -30.86 19.54 -43.67
C GLU D 338 -29.66 19.74 -44.57
N ASP D 339 -28.48 19.32 -44.13
CA ASP D 339 -27.26 19.49 -44.93
C ASP D 339 -27.14 18.42 -46.00
N HIS D 340 -27.05 17.16 -45.59
CA HIS D 340 -26.81 16.04 -46.50
C HIS D 340 -27.99 15.07 -46.44
N PRO D 341 -28.98 15.23 -47.32
CA PRO D 341 -30.13 14.32 -47.28
C PRO D 341 -29.79 12.89 -47.68
N ASP D 342 -28.88 12.70 -48.63
CA ASP D 342 -28.51 11.35 -49.04
C ASP D 342 -27.75 10.63 -47.93
N VAL D 343 -26.87 11.36 -47.24
CA VAL D 343 -26.19 10.77 -46.08
C VAL D 343 -27.21 10.38 -45.02
N PHE D 344 -28.26 11.18 -44.85
CA PHE D 344 -29.30 10.82 -43.89
C PHE D 344 -30.10 9.61 -44.35
N GLU D 345 -30.31 9.46 -45.66
CA GLU D 345 -31.00 8.25 -46.14
C GLU D 345 -30.18 7.01 -45.84
N LYS D 346 -28.88 7.06 -46.15
CA LYS D 346 -28.00 5.94 -45.79
C LYS D 346 -27.94 5.74 -44.28
N LEU D 347 -28.03 6.82 -43.52
CA LEU D 347 -28.02 6.71 -42.07
C LEU D 347 -29.25 5.97 -41.57
N LYS D 348 -30.42 6.30 -42.09
CA LYS D 348 -31.62 5.60 -41.68
C LYS D 348 -31.61 4.16 -42.17
N GLU D 349 -30.92 3.89 -43.28
CA GLU D 349 -30.70 2.51 -43.69
C GLU D 349 -29.89 1.75 -42.65
N TYR D 350 -28.79 2.36 -42.18
CA TYR D 350 -28.00 1.74 -41.12
C TYR D 350 -28.83 1.55 -39.86
N VAL D 351 -29.62 2.56 -39.49
CA VAL D 351 -30.47 2.48 -38.30
C VAL D 351 -31.41 1.29 -38.41
N ASN D 352 -32.00 1.08 -39.59
CA ASN D 352 -32.88 -0.07 -39.75
C ASN D 352 -32.11 -1.38 -39.70
N GLN D 353 -30.81 -1.36 -40.02
CA GLN D 353 -29.98 -2.55 -40.00
C GLN D 353 -29.43 -2.87 -38.62
N ASN D 354 -30.01 -2.31 -37.58
CA ASN D 354 -29.69 -2.53 -36.17
C ASN D 354 -28.33 -1.97 -35.76
N LYS D 355 -27.55 -1.42 -36.70
CA LYS D 355 -26.39 -0.64 -36.34
C LYS D 355 -26.77 0.82 -36.25
N PHE D 356 -25.86 1.63 -35.72
CA PHE D 356 -26.09 3.06 -35.58
C PHE D 356 -27.37 3.34 -34.80
N ILE D 357 -27.37 2.92 -33.55
CA ILE D 357 -28.55 3.02 -32.69
C ILE D 357 -28.82 4.47 -32.32
N PRO D 358 -29.97 5.03 -32.69
CA PRO D 358 -30.34 6.36 -32.21
C PRO D 358 -30.89 6.27 -30.79
N ILE D 359 -30.21 6.91 -29.85
CA ILE D 359 -30.52 6.81 -28.43
C ILE D 359 -30.77 8.22 -27.89
N GLY D 360 -31.08 8.30 -26.61
CA GLY D 360 -31.32 9.57 -25.95
C GLY D 360 -32.76 9.99 -25.90
N GLY D 361 -33.44 9.95 -27.04
CA GLY D 361 -34.85 10.26 -27.10
C GLY D 361 -35.19 11.70 -26.78
N SER D 362 -34.18 12.58 -26.80
CA SER D 362 -34.39 13.99 -26.53
C SER D 362 -33.94 14.82 -27.71
N TRP D 363 -34.28 16.11 -27.67
CA TRP D 363 -33.87 17.02 -28.74
C TRP D 363 -32.38 17.28 -28.68
N VAL D 364 -31.90 17.80 -27.54
CA VAL D 364 -30.48 17.99 -27.30
C VAL D 364 -30.13 17.38 -25.96
N GLU D 365 -28.83 17.24 -25.71
CA GLU D 365 -28.35 16.81 -24.40
C GLU D 365 -28.35 18.03 -23.50
N HIS D 366 -29.53 18.35 -23.00
CA HIS D 366 -29.78 19.58 -22.27
C HIS D 366 -29.22 19.51 -20.85
N ASP D 367 -29.11 20.68 -20.23
CA ASP D 367 -28.91 20.74 -18.79
C ASP D 367 -30.25 20.48 -18.10
N THR D 368 -30.21 19.76 -16.99
CA THR D 368 -31.43 19.37 -16.31
C THR D 368 -31.68 20.18 -15.05
N ASN D 369 -30.87 21.20 -14.78
CA ASN D 369 -31.03 22.03 -13.59
C ASN D 369 -31.75 23.33 -13.88
N ILE D 370 -31.32 24.06 -14.91
CA ILE D 370 -31.78 25.42 -15.16
C ILE D 370 -33.12 25.48 -15.87
N PRO D 371 -33.36 24.76 -16.97
CA PRO D 371 -34.64 24.92 -17.68
C PRO D 371 -35.81 24.46 -16.85
N ASN D 372 -36.95 25.12 -17.05
CA ASN D 372 -38.16 24.77 -16.32
C ASN D 372 -38.67 23.40 -16.77
N GLY D 373 -39.61 22.86 -16.00
CA GLY D 373 -40.06 21.50 -16.24
C GLY D 373 -40.67 21.32 -17.62
N GLU D 374 -41.45 22.32 -18.07
CA GLU D 374 -42.04 22.21 -19.38
C GLU D 374 -40.98 22.17 -20.47
N SER D 375 -39.83 22.79 -20.24
CA SER D 375 -38.75 22.69 -21.21
C SER D 375 -38.23 21.26 -21.32
N LEU D 376 -38.09 20.57 -20.19
CA LEU D 376 -37.66 19.17 -20.24
C LEU D 376 -38.70 18.30 -20.94
N ILE D 377 -39.97 18.52 -20.64
CA ILE D 377 -41.01 17.75 -21.29
C ILE D 377 -41.02 18.03 -22.79
N ARG D 378 -40.74 19.27 -23.18
CA ARG D 378 -40.65 19.59 -24.60
C ARG D 378 -39.45 18.93 -25.26
N GLN D 379 -38.32 18.89 -24.56
CA GLN D 379 -37.16 18.15 -25.06
C GLN D 379 -37.56 16.74 -25.42
N PHE D 380 -38.16 16.03 -24.47
CA PHE D 380 -38.51 14.64 -24.74
C PHE D 380 -39.58 14.53 -25.82
N LEU D 381 -40.57 15.44 -25.80
CA LEU D 381 -41.62 15.41 -26.80
C LEU D 381 -41.05 15.55 -28.21
N LEU D 382 -40.23 16.58 -28.42
CA LEU D 382 -39.66 16.85 -29.73
C LEU D 382 -38.73 15.71 -30.17
N GLY D 383 -37.85 15.28 -29.27
CA GLY D 383 -36.92 14.22 -29.64
C GLY D 383 -37.64 12.93 -30.01
N GLN D 384 -38.58 12.50 -29.17
CA GLN D 384 -39.27 11.25 -29.44
C GLN D 384 -40.16 11.35 -30.67
N HIS D 385 -40.76 12.52 -30.93
CA HIS D 385 -41.57 12.64 -32.14
C HIS D 385 -40.70 12.63 -33.38
N PHE D 386 -39.53 13.28 -33.33
CA PHE D 386 -38.61 13.22 -34.45
C PHE D 386 -38.15 11.80 -34.71
N PHE D 387 -37.87 11.04 -33.65
CA PHE D 387 -37.38 9.69 -33.84
C PHE D 387 -38.48 8.76 -34.34
N GLU D 388 -39.71 8.93 -33.85
CA GLU D 388 -40.82 8.13 -34.37
C GLU D 388 -41.20 8.51 -35.78
N LYS D 389 -40.92 9.75 -36.20
CA LYS D 389 -41.23 10.17 -37.56
C LYS D 389 -40.17 9.69 -38.55
N GLU D 390 -38.92 10.07 -38.33
CA GLU D 390 -37.86 9.74 -39.28
C GLU D 390 -37.59 8.24 -39.30
N PHE D 391 -37.12 7.69 -38.19
CA PHE D 391 -36.96 6.25 -38.04
C PHE D 391 -38.25 5.69 -37.46
N GLY D 392 -38.23 4.43 -37.05
CA GLY D 392 -39.40 3.84 -36.45
C GLY D 392 -39.21 3.53 -34.99
N VAL D 393 -38.15 4.08 -34.40
CA VAL D 393 -37.73 3.75 -33.04
C VAL D 393 -38.25 4.81 -32.08
N ARG D 394 -38.62 4.36 -30.88
CA ARG D 394 -38.87 5.25 -29.75
C ARG D 394 -37.86 4.87 -28.67
N CYS D 395 -36.92 5.78 -28.40
CA CYS D 395 -35.83 5.46 -27.50
C CYS D 395 -36.35 5.18 -26.09
N ARG D 396 -35.90 4.07 -25.53
CA ARG D 396 -36.25 3.70 -24.16
C ARG D 396 -35.16 4.05 -23.16
N THR D 397 -34.08 4.68 -23.61
CA THR D 397 -32.93 4.96 -22.74
C THR D 397 -32.63 6.45 -22.80
N PHE D 398 -32.83 7.14 -21.69
CA PHE D 398 -32.43 8.54 -21.58
C PHE D 398 -30.91 8.60 -21.51
N TRP D 399 -30.28 9.11 -22.56
CA TRP D 399 -28.83 9.21 -22.64
C TRP D 399 -28.43 10.63 -22.26
N LEU D 400 -27.67 10.77 -21.18
CA LEU D 400 -27.29 12.08 -20.66
C LEU D 400 -25.98 11.95 -19.88
N PRO D 401 -24.87 11.78 -20.59
CA PRO D 401 -23.58 11.54 -19.92
C PRO D 401 -22.77 12.78 -19.59
N ASP D 402 -23.21 13.96 -20.02
CA ASP D 402 -22.38 15.15 -19.90
C ASP D 402 -23.07 16.30 -19.17
N THR D 403 -24.22 16.05 -18.53
CA THR D 403 -24.97 17.11 -17.87
C THR D 403 -24.36 17.45 -16.52
N PHE D 404 -24.34 18.74 -16.19
CA PHE D 404 -23.70 19.23 -14.98
C PHE D 404 -24.65 19.24 -13.78
N GLY D 405 -25.30 18.11 -13.53
CA GLY D 405 -26.22 18.01 -12.40
C GLY D 405 -27.64 17.67 -12.78
N TYR D 406 -28.23 16.71 -12.07
CA TYR D 406 -29.57 16.23 -12.38
C TYR D 406 -30.63 16.63 -11.38
N SER D 407 -31.77 17.10 -11.89
CA SER D 407 -32.87 17.54 -11.04
C SER D 407 -33.51 16.31 -10.40
N SER D 408 -34.33 16.57 -9.39
CA SER D 408 -34.94 15.50 -8.61
C SER D 408 -36.20 14.93 -9.27
N GLN D 409 -36.67 15.52 -10.37
CA GLN D 409 -37.89 15.08 -11.02
C GLN D 409 -37.63 14.48 -12.39
N ILE D 410 -36.37 14.29 -12.76
CA ILE D 410 -36.07 13.71 -14.08
C ILE D 410 -36.64 12.31 -14.23
N PRO D 411 -36.53 11.40 -13.26
CA PRO D 411 -37.10 10.06 -13.48
C PRO D 411 -38.57 10.06 -13.82
N GLN D 412 -39.36 10.93 -13.21
CA GLN D 412 -40.78 10.95 -13.53
C GLN D 412 -41.01 11.45 -14.95
N ILE D 413 -40.29 12.50 -15.36
CA ILE D 413 -40.43 13.00 -16.72
C ILE D 413 -40.00 11.94 -17.73
N CYS D 414 -38.99 11.15 -17.38
CA CYS D 414 -38.60 10.06 -18.26
C CYS D 414 -39.69 8.99 -18.33
N ARG D 415 -40.28 8.65 -17.19
CA ARG D 415 -41.34 7.64 -17.19
C ARG D 415 -42.56 8.10 -17.96
N LEU D 416 -42.83 9.41 -17.97
CA LEU D 416 -43.94 9.92 -18.76
C LEU D 416 -43.70 9.73 -20.24
N CYS D 417 -42.50 10.05 -20.71
CA CYS D 417 -42.16 10.04 -22.12
C CYS D 417 -41.67 8.70 -22.61
N GLY D 418 -42.03 7.61 -21.92
CA GLY D 418 -41.75 6.27 -22.40
C GLY D 418 -40.36 5.75 -22.16
N MET D 419 -39.50 6.52 -21.49
CA MET D 419 -38.10 6.13 -21.28
C MET D 419 -37.91 5.74 -19.83
N ASP D 420 -37.77 4.44 -19.59
CA ASP D 420 -37.61 3.91 -18.24
C ASP D 420 -36.18 3.49 -17.94
N ARG D 421 -35.22 3.94 -18.74
CA ARG D 421 -33.81 3.71 -18.50
C ARG D 421 -33.09 5.04 -18.44
N PHE D 422 -31.87 5.02 -17.93
CA PHE D 422 -31.08 6.24 -17.81
C PHE D 422 -29.62 5.85 -17.80
N LEU D 423 -28.82 6.60 -18.55
CA LEU D 423 -27.38 6.41 -18.62
C LEU D 423 -26.70 7.76 -18.49
N THR D 424 -25.72 7.85 -17.59
CA THR D 424 -24.99 9.09 -17.40
C THR D 424 -23.58 8.79 -16.92
N GLN D 425 -22.65 9.69 -17.17
CA GLN D 425 -21.29 9.49 -16.72
C GLN D 425 -20.73 10.61 -15.85
N LYS D 426 -21.31 11.81 -15.92
CA LYS D 426 -20.73 12.98 -15.27
C LYS D 426 -20.60 12.84 -13.76
N LEU D 427 -21.44 12.02 -13.13
CA LEU D 427 -21.42 11.93 -11.67
C LEU D 427 -20.21 11.16 -11.14
N SER D 428 -19.26 10.81 -11.99
CA SER D 428 -17.98 10.26 -11.55
C SER D 428 -16.93 11.34 -11.34
N TRP D 429 -17.27 12.59 -11.61
CA TRP D 429 -16.35 13.71 -11.42
C TRP D 429 -16.50 14.37 -10.06
N ASN D 430 -17.18 13.72 -9.12
CA ASN D 430 -17.35 14.30 -7.78
C ASN D 430 -16.01 14.31 -7.07
N ASN D 431 -15.46 15.52 -6.86
CA ASN D 431 -14.18 15.68 -6.19
C ASN D 431 -14.30 15.66 -4.67
N ILE D 432 -15.50 15.45 -4.12
CA ILE D 432 -15.72 15.42 -2.69
C ILE D 432 -16.27 14.08 -2.22
N ASN D 433 -17.25 13.53 -2.95
CA ASN D 433 -17.94 12.31 -2.51
C ASN D 433 -18.10 11.37 -3.70
N SER D 434 -17.36 10.27 -3.69
CA SER D 434 -17.60 9.23 -4.67
C SER D 434 -19.02 8.71 -4.53
N PHE D 435 -19.74 8.70 -5.64
CA PHE D 435 -21.12 8.24 -5.64
C PHE D 435 -21.19 6.81 -5.12
N PRO D 436 -22.23 6.45 -4.35
CA PRO D 436 -22.23 5.13 -3.72
C PRO D 436 -22.38 3.97 -4.69
N THR D 437 -23.12 4.14 -5.78
CA THR D 437 -23.48 3.02 -6.64
C THR D 437 -23.13 3.32 -8.09
N SER D 438 -23.33 2.32 -8.94
CA SER D 438 -23.08 2.45 -10.38
C SER D 438 -24.29 2.00 -11.17
N THR D 439 -25.06 1.06 -10.63
CA THR D 439 -26.33 0.65 -11.20
C THR D 439 -27.36 0.69 -10.09
N PHE D 440 -28.27 1.65 -10.15
CA PHE D 440 -29.22 1.85 -9.07
C PHE D 440 -30.58 2.19 -9.66
N ASN D 441 -31.55 2.37 -8.78
CA ASN D 441 -32.89 2.79 -9.14
C ASN D 441 -33.04 4.24 -8.74
N TRP D 442 -33.00 5.14 -9.72
CA TRP D 442 -33.15 6.55 -9.43
C TRP D 442 -34.64 6.85 -9.31
N VAL D 443 -35.07 7.19 -8.10
CA VAL D 443 -36.48 7.41 -7.80
C VAL D 443 -36.73 8.91 -7.71
N ALA D 444 -37.76 9.37 -8.39
CA ALA D 444 -38.03 10.80 -8.50
C ALA D 444 -38.58 11.32 -7.18
N LEU D 445 -39.03 12.57 -7.20
CA LEU D 445 -39.60 13.17 -5.98
C LEU D 445 -40.86 12.43 -5.55
N ASP D 446 -41.64 11.94 -6.51
CA ASP D 446 -42.94 11.36 -6.20
C ASP D 446 -42.92 9.85 -6.07
N GLY D 447 -41.92 9.18 -6.64
CA GLY D 447 -41.87 7.74 -6.54
C GLY D 447 -41.54 7.05 -7.83
N SER D 448 -41.74 7.75 -8.95
CA SER D 448 -41.39 7.19 -10.25
C SER D 448 -39.89 6.92 -10.31
N GLN D 449 -39.52 5.80 -10.91
CA GLN D 449 -38.15 5.34 -10.90
C GLN D 449 -37.68 4.98 -12.30
N VAL D 450 -36.39 5.20 -12.53
CA VAL D 450 -35.72 4.76 -13.75
C VAL D 450 -34.50 3.96 -13.35
N ILE D 451 -34.22 2.88 -14.09
CA ILE D 451 -33.03 2.10 -13.82
C ILE D 451 -31.82 2.86 -14.37
N CYS D 452 -31.08 3.50 -13.48
CA CYS D 452 -29.94 4.31 -13.87
C CYS D 452 -28.67 3.48 -13.79
N HIS D 453 -27.78 3.70 -14.74
CA HIS D 453 -26.48 3.05 -14.75
C HIS D 453 -25.42 4.07 -15.17
N MET D 454 -24.27 4.01 -14.53
CA MET D 454 -23.15 4.87 -14.88
C MET D 454 -22.00 4.00 -15.37
N PRO D 455 -21.47 4.22 -16.57
CA PRO D 455 -20.29 3.50 -17.02
C PRO D 455 -19.18 3.59 -15.99
N PRO D 456 -18.76 2.46 -15.44
CA PRO D 456 -17.77 2.51 -14.34
C PRO D 456 -16.49 3.23 -14.71
N ALA D 457 -15.95 2.96 -15.90
CA ALA D 457 -14.90 3.82 -16.43
C ALA D 457 -15.44 5.24 -16.55
N ASN D 458 -14.76 6.19 -15.93
CA ASN D 458 -15.32 7.51 -15.71
C ASN D 458 -15.37 8.37 -16.98
N THR D 459 -15.21 7.77 -18.15
CA THR D 459 -15.26 8.50 -19.40
C THR D 459 -16.16 7.77 -20.39
N TYR D 460 -16.98 8.54 -21.10
CA TYR D 460 -17.69 8.06 -22.28
C TYR D 460 -16.81 8.14 -23.53
N THR D 461 -15.53 8.45 -23.36
CA THR D 461 -14.58 8.52 -24.47
C THR D 461 -13.44 7.55 -24.21
N ALA D 462 -13.76 6.32 -23.84
CA ALA D 462 -12.74 5.32 -23.58
C ALA D 462 -12.01 4.96 -24.87
N ASP D 463 -10.95 4.16 -24.72
CA ASP D 463 -10.06 3.85 -25.83
C ASP D 463 -9.96 2.35 -26.09
N THR D 464 -10.85 1.54 -25.51
CA THR D 464 -10.80 0.09 -25.65
C THR D 464 -9.42 -0.47 -25.33
N ASN D 465 -8.68 0.20 -24.46
CA ASN D 465 -7.41 -0.32 -24.01
C ASN D 465 -7.64 -1.52 -23.09
N VAL D 466 -6.56 -2.06 -22.55
CA VAL D 466 -6.71 -3.12 -21.56
C VAL D 466 -7.23 -2.53 -20.25
N ASN D 467 -6.72 -1.35 -19.86
CA ASN D 467 -7.16 -0.78 -18.59
C ASN D 467 -8.57 -0.23 -18.69
N ASP D 468 -9.02 0.20 -19.86
CA ASP D 468 -10.42 0.59 -20.04
C ASP D 468 -11.35 -0.60 -19.88
N VAL D 469 -11.06 -1.68 -20.61
CA VAL D 469 -11.86 -2.90 -20.51
C VAL D 469 -11.86 -3.43 -19.08
N LEU D 470 -10.74 -3.28 -18.37
CA LEU D 470 -10.69 -3.73 -16.98
C LEU D 470 -11.54 -2.84 -16.09
N HIS D 471 -11.32 -1.53 -16.12
CA HIS D 471 -12.05 -0.61 -15.26
C HIS D 471 -13.54 -0.64 -15.52
N SER D 472 -13.97 -1.03 -16.72
CA SER D 472 -15.40 -1.05 -17.00
C SER D 472 -16.17 -2.03 -16.12
N ILE D 473 -15.49 -3.01 -15.53
CA ILE D 473 -16.11 -3.93 -14.59
C ILE D 473 -15.51 -3.82 -13.20
N ASP D 474 -14.20 -3.56 -13.11
CA ASP D 474 -13.52 -3.57 -11.83
C ASP D 474 -13.75 -2.28 -11.03
N GLN D 475 -14.16 -1.20 -11.68
CA GLN D 475 -14.48 0.04 -10.98
C GLN D 475 -15.96 0.17 -10.66
N HIS D 476 -16.75 -0.85 -10.97
CA HIS D 476 -18.17 -0.88 -10.61
C HIS D 476 -18.33 -0.70 -9.11
N LYS D 477 -19.04 0.36 -8.72
CA LYS D 477 -19.08 0.75 -7.32
C LYS D 477 -19.99 -0.13 -6.47
N ASN D 478 -20.93 -0.85 -7.09
CA ASN D 478 -21.77 -1.82 -6.38
C ASN D 478 -21.81 -3.09 -7.23
N LEU D 479 -20.84 -3.97 -7.02
CA LEU D 479 -20.78 -5.21 -7.78
C LEU D 479 -21.62 -6.32 -7.18
N VAL D 480 -22.04 -6.17 -5.93
CA VAL D 480 -22.85 -7.21 -5.31
C VAL D 480 -24.23 -7.27 -5.95
N ASN D 481 -24.72 -6.14 -6.47
CA ASN D 481 -26.07 -6.12 -7.04
C ASN D 481 -26.08 -6.63 -8.47
N ASP D 482 -25.15 -6.17 -9.31
CA ASP D 482 -25.08 -6.64 -10.68
C ASP D 482 -23.65 -6.51 -11.19
N GLN D 483 -23.15 -7.60 -11.77
CA GLN D 483 -21.78 -7.63 -12.29
C GLN D 483 -21.81 -7.44 -13.81
N ALA D 484 -22.03 -6.18 -14.20
CA ALA D 484 -22.05 -5.82 -15.61
C ALA D 484 -21.83 -4.32 -15.73
N GLY D 485 -20.79 -3.93 -16.46
CA GLY D 485 -20.50 -2.53 -16.69
C GLY D 485 -20.45 -2.25 -18.18
N LEU D 486 -20.86 -1.04 -18.55
CA LEU D 486 -20.89 -0.64 -19.95
C LEU D 486 -19.59 0.07 -20.30
N LEU D 487 -19.01 -0.30 -21.43
CA LEU D 487 -17.84 0.38 -21.97
C LEU D 487 -18.30 1.25 -23.13
N VAL D 488 -18.15 2.55 -22.98
CA VAL D 488 -18.54 3.52 -23.99
C VAL D 488 -17.26 4.10 -24.55
N PHE D 489 -16.88 3.65 -25.76
CA PHE D 489 -15.60 4.03 -26.34
C PHE D 489 -15.81 4.96 -27.52
N GLY D 490 -14.88 5.90 -27.67
CA GLY D 490 -14.96 6.89 -28.72
C GLY D 490 -14.07 8.07 -28.37
N ILE D 491 -14.21 9.13 -29.16
CA ILE D 491 -13.55 10.40 -28.91
C ILE D 491 -14.61 11.48 -28.98
N GLY D 492 -15.06 11.96 -27.82
CA GLY D 492 -16.20 12.83 -27.74
C GLY D 492 -15.83 14.27 -27.48
N ASP D 493 -16.79 15.02 -26.93
CA ASP D 493 -16.64 16.44 -26.64
C ASP D 493 -16.37 17.25 -27.89
N GLY D 494 -16.99 16.85 -29.00
CA GLY D 494 -16.86 17.58 -30.25
C GLY D 494 -15.84 16.98 -31.19
N GLY D 495 -15.91 15.67 -31.39
CA GLY D 495 -14.98 15.02 -32.30
C GLY D 495 -15.54 13.71 -32.80
N GLY D 496 -14.87 13.16 -33.81
CA GLY D 496 -15.32 11.93 -34.44
C GLY D 496 -15.32 10.77 -33.46
N GLY D 497 -16.08 9.74 -33.83
CA GLY D 497 -16.29 8.60 -32.96
C GLY D 497 -15.05 7.74 -32.81
N PRO D 498 -15.25 6.46 -32.52
CA PRO D 498 -14.11 5.56 -32.32
C PRO D 498 -13.40 5.25 -33.64
N THR D 499 -12.09 5.37 -33.62
CA THR D 499 -11.27 4.96 -34.75
C THR D 499 -11.35 3.45 -34.93
N PRO D 500 -11.03 2.95 -36.14
CA PRO D 500 -11.10 1.50 -36.35
C PRO D 500 -10.07 0.72 -35.55
N GLU D 501 -8.91 1.32 -35.25
CA GLU D 501 -7.94 0.62 -34.42
C GLU D 501 -8.48 0.35 -33.03
N MET D 502 -9.44 1.15 -32.56
CA MET D 502 -10.11 0.81 -31.31
C MET D 502 -10.94 -0.46 -31.44
N LEU D 503 -11.56 -0.68 -32.61
CA LEU D 503 -12.26 -1.94 -32.83
C LEU D 503 -11.29 -3.10 -32.93
N GLU D 504 -10.10 -2.89 -33.51
CA GLU D 504 -9.11 -3.96 -33.54
C GLU D 504 -8.62 -4.28 -32.14
N LYS D 505 -8.38 -3.26 -31.32
CA LYS D 505 -7.99 -3.50 -29.94
C LYS D 505 -9.09 -4.18 -29.15
N LEU D 506 -10.36 -3.91 -29.49
CA LEU D 506 -11.46 -4.61 -28.83
C LEU D 506 -11.50 -6.07 -29.23
N ARG D 507 -11.29 -6.35 -30.52
CA ARG D 507 -11.19 -7.74 -30.96
C ARG D 507 -10.09 -8.48 -30.22
N ARG D 508 -8.93 -7.85 -30.07
CA ARG D 508 -7.82 -8.51 -29.39
C ARG D 508 -8.06 -8.62 -27.88
N CYS D 509 -8.77 -7.67 -27.28
CA CYS D 509 -9.14 -7.80 -25.88
C CYS D 509 -10.08 -8.97 -25.66
N LYS D 510 -11.06 -9.13 -26.55
CA LYS D 510 -11.94 -10.30 -26.46
C LYS D 510 -11.16 -11.59 -26.69
N GLY D 511 -10.18 -11.55 -27.59
CA GLY D 511 -9.35 -12.73 -27.80
C GLY D 511 -8.54 -13.09 -26.57
N ILE D 512 -7.99 -12.08 -25.88
CA ILE D 512 -7.26 -12.32 -24.64
C ILE D 512 -8.19 -12.92 -23.60
N ALA D 513 -9.39 -12.35 -23.45
CA ALA D 513 -10.34 -12.88 -22.49
C ALA D 513 -10.72 -14.32 -22.83
N ASN D 514 -10.74 -14.67 -24.12
CA ASN D 514 -11.07 -16.03 -24.50
C ASN D 514 -9.92 -16.98 -24.20
N THR D 515 -8.68 -16.56 -24.45
CA THR D 515 -7.53 -17.45 -24.36
C THR D 515 -6.93 -17.48 -22.96
N VAL D 516 -6.51 -16.33 -22.44
CA VAL D 516 -5.98 -16.22 -21.08
C VAL D 516 -6.96 -15.36 -20.29
N GLY D 517 -7.82 -16.01 -19.51
CA GLY D 517 -8.98 -15.34 -18.98
C GLY D 517 -8.76 -14.41 -17.81
N TYR D 518 -8.09 -13.29 -18.05
CA TYR D 518 -8.02 -12.24 -17.04
C TYR D 518 -8.91 -11.05 -17.39
N LEU D 519 -8.86 -10.57 -18.62
CA LEU D 519 -9.73 -9.48 -19.03
C LEU D 519 -11.18 -9.96 -19.02
N PRO D 520 -12.11 -9.07 -18.70
CA PRO D 520 -13.53 -9.47 -18.69
C PRO D 520 -14.06 -9.71 -20.08
N ASN D 521 -15.12 -10.51 -20.15
CA ASN D 521 -15.70 -10.94 -21.41
C ASN D 521 -16.44 -9.79 -22.07
N VAL D 522 -15.78 -9.08 -22.97
CA VAL D 522 -16.42 -7.99 -23.69
C VAL D 522 -17.43 -8.55 -24.68
N LYS D 523 -18.56 -7.87 -24.80
CA LYS D 523 -19.61 -8.25 -25.75
C LYS D 523 -19.95 -7.02 -26.58
N LEU D 524 -19.63 -7.07 -27.87
CA LEU D 524 -19.77 -5.90 -28.73
C LEU D 524 -21.08 -5.86 -29.50
N GLY D 525 -21.65 -7.00 -29.85
CA GLY D 525 -22.86 -7.01 -30.66
C GLY D 525 -24.14 -6.82 -29.88
N ASN D 526 -24.10 -5.98 -28.84
CA ASN D 526 -25.25 -5.72 -28.00
C ASN D 526 -25.46 -4.22 -27.85
N THR D 527 -26.72 -3.79 -27.94
CA THR D 527 -27.05 -2.38 -27.84
C THR D 527 -27.06 -1.96 -26.37
N VAL D 528 -27.58 -0.77 -26.10
CA VAL D 528 -27.77 -0.34 -24.72
C VAL D 528 -29.09 -0.85 -24.16
N ASP D 529 -30.11 -0.99 -25.01
CA ASP D 529 -31.38 -1.51 -24.53
C ASP D 529 -31.26 -2.97 -24.12
N GLU D 530 -30.52 -3.77 -24.89
CA GLU D 530 -30.28 -5.15 -24.50
C GLU D 530 -29.47 -5.22 -23.21
N PHE D 531 -28.54 -4.30 -23.04
CA PHE D 531 -27.74 -4.25 -21.82
C PHE D 531 -28.62 -3.98 -20.61
N PHE D 532 -29.50 -2.98 -20.71
CA PHE D 532 -30.38 -2.68 -19.60
C PHE D 532 -31.42 -3.77 -19.38
N ASP D 533 -31.83 -4.46 -20.45
CA ASP D 533 -32.73 -5.59 -20.29
C ASP D 533 -32.05 -6.73 -19.54
N GLY D 534 -30.78 -6.97 -19.83
CA GLY D 534 -30.04 -7.94 -19.05
C GLY D 534 -29.91 -7.54 -17.59
N ILE D 535 -29.64 -6.26 -17.34
CA ILE D 535 -29.52 -5.77 -15.96
C ILE D 535 -30.85 -5.98 -15.23
N LEU D 536 -31.97 -5.68 -15.88
CA LEU D 536 -33.27 -5.84 -15.24
C LEU D 536 -33.62 -7.31 -15.06
N LYS D 537 -33.14 -8.18 -15.95
CA LYS D 537 -33.45 -9.60 -15.83
C LYS D 537 -32.67 -10.23 -14.68
N ARG D 538 -31.38 -9.88 -14.54
CA ARG D 538 -30.55 -10.50 -13.52
C ARG D 538 -30.84 -9.99 -12.12
N THR D 539 -31.63 -8.92 -11.96
CA THR D 539 -31.93 -8.36 -10.66
C THR D 539 -33.43 -8.39 -10.35
N ASN D 540 -34.18 -9.24 -11.04
CA ASN D 540 -35.63 -9.36 -10.85
C ASN D 540 -36.31 -8.00 -11.02
N ALA D 541 -36.23 -7.48 -12.25
CA ALA D 541 -36.87 -6.23 -12.62
C ALA D 541 -36.38 -5.08 -11.74
N GLY D 542 -35.10 -5.09 -11.42
CA GLY D 542 -34.50 -4.02 -10.65
C GLY D 542 -34.99 -3.89 -9.23
N GLN D 543 -35.73 -4.87 -8.72
CA GLN D 543 -36.25 -4.80 -7.36
C GLN D 543 -35.16 -4.93 -6.31
N THR D 544 -33.94 -5.33 -6.70
CA THR D 544 -32.88 -5.54 -5.74
C THR D 544 -31.80 -4.47 -5.76
N LEU D 545 -31.72 -3.66 -6.81
CA LEU D 545 -30.67 -2.66 -6.91
C LEU D 545 -30.89 -1.55 -5.88
N PRO D 546 -29.82 -0.89 -5.45
CA PRO D 546 -29.97 0.22 -4.52
C PRO D 546 -30.82 1.32 -5.13
N SER D 547 -31.41 2.13 -4.25
CA SER D 547 -32.26 3.22 -4.66
C SER D 547 -31.59 4.54 -4.31
N TRP D 548 -31.84 5.54 -5.15
CA TRP D 548 -31.45 6.92 -4.85
C TRP D 548 -32.70 7.78 -4.98
N ASN D 549 -33.22 8.24 -3.84
CA ASN D 549 -34.44 9.03 -3.82
C ASN D 549 -34.09 10.50 -3.87
N GLY D 550 -34.50 11.18 -4.94
CA GLY D 550 -34.40 12.62 -5.03
C GLY D 550 -33.37 13.06 -6.05
N GLU D 551 -32.61 14.08 -5.70
CA GLU D 551 -31.75 14.78 -6.63
C GLU D 551 -30.36 14.17 -6.67
N LEU D 552 -29.85 13.92 -7.87
CA LEU D 552 -28.47 13.50 -8.07
C LEU D 552 -27.61 14.75 -8.07
N TYR D 553 -27.07 15.12 -6.92
CA TYR D 553 -26.30 16.35 -6.83
C TYR D 553 -24.91 16.14 -7.42
N PHE D 554 -24.57 16.95 -8.41
CA PHE D 554 -23.25 16.90 -9.03
C PHE D 554 -22.36 17.90 -8.31
N GLU D 555 -21.43 17.37 -7.50
CA GLU D 555 -20.59 18.20 -6.64
C GLU D 555 -19.42 18.80 -7.43
N PHE D 556 -19.79 19.54 -8.48
CA PHE D 556 -18.82 20.13 -9.40
C PHE D 556 -19.58 21.06 -10.34
N HIS D 557 -18.87 22.05 -10.88
CA HIS D 557 -19.44 23.02 -11.81
C HIS D 557 -20.61 23.79 -11.16
N ARG D 558 -20.32 24.42 -10.04
CA ARG D 558 -21.35 25.11 -9.28
C ARG D 558 -21.49 26.58 -9.66
N GLY D 559 -20.46 27.20 -10.22
CA GLY D 559 -20.66 28.50 -10.80
C GLY D 559 -21.46 28.51 -12.07
N THR D 560 -21.84 27.33 -12.55
CA THR D 560 -22.64 27.23 -13.77
C THR D 560 -24.04 27.80 -13.58
N TYR D 561 -24.51 27.94 -12.34
CA TYR D 561 -25.81 28.54 -12.10
C TYR D 561 -25.80 30.05 -12.31
N THR D 562 -24.65 30.70 -12.08
CA THR D 562 -24.59 32.15 -12.07
C THR D 562 -23.92 32.75 -13.30
N THR D 563 -23.07 32.01 -14.00
CA THR D 563 -22.36 32.58 -15.13
C THR D 563 -23.27 32.71 -16.34
N GLN D 564 -22.94 33.65 -17.21
CA GLN D 564 -23.76 34.02 -18.36
C GLN D 564 -25.18 34.37 -17.90
N ALA D 565 -25.26 35.40 -17.08
CA ALA D 565 -26.52 35.74 -16.42
C ALA D 565 -27.59 36.15 -17.43
N GLU D 566 -27.21 36.94 -18.45
CA GLU D 566 -28.19 37.44 -19.39
C GLU D 566 -28.81 36.31 -20.20
N LEU D 567 -28.04 35.28 -20.51
CA LEU D 567 -28.62 34.15 -21.24
C LEU D 567 -29.66 33.42 -20.40
N LYS D 568 -29.41 33.29 -19.08
CA LYS D 568 -30.40 32.63 -18.23
C LYS D 568 -31.64 33.49 -18.05
N LYS D 569 -31.46 34.80 -17.88
CA LYS D 569 -32.60 35.70 -17.84
C LYS D 569 -33.44 35.57 -19.10
N LEU D 570 -32.77 35.58 -20.26
CA LEU D 570 -33.49 35.45 -21.52
C LEU D 570 -34.17 34.09 -21.64
N MET D 571 -33.52 33.04 -21.14
CA MET D 571 -34.13 31.72 -21.22
C MET D 571 -35.39 31.63 -20.39
N ARG D 572 -35.38 32.19 -19.17
CA ARG D 572 -36.60 32.13 -18.37
C ARG D 572 -37.69 33.02 -18.96
N LYS D 573 -37.33 34.22 -19.42
CA LYS D 573 -38.32 35.07 -20.07
C LYS D 573 -38.91 34.38 -21.28
N VAL D 574 -38.09 33.66 -22.04
CA VAL D 574 -38.57 32.99 -23.24
C VAL D 574 -39.47 31.82 -22.89
N GLU D 575 -39.14 31.08 -21.84
CA GLU D 575 -39.99 29.97 -21.42
C GLU D 575 -41.36 30.48 -20.99
N ILE D 576 -41.38 31.55 -20.20
CA ILE D 576 -42.66 32.11 -19.75
C ILE D 576 -43.44 32.70 -20.93
N ALA D 577 -42.73 33.35 -21.85
CA ALA D 577 -43.40 33.91 -23.02
C ALA D 577 -43.95 32.83 -23.92
N LEU D 578 -43.26 31.69 -24.02
CA LEU D 578 -43.79 30.58 -24.80
C LEU D 578 -45.02 29.98 -24.14
N HIS D 579 -45.00 29.85 -22.81
CA HIS D 579 -46.19 29.42 -22.10
C HIS D 579 -47.37 30.32 -22.43
N ASP D 580 -47.19 31.64 -22.26
CA ASP D 580 -48.26 32.59 -22.55
C ASP D 580 -48.68 32.51 -24.01
N ALA D 581 -47.72 32.36 -24.91
CA ALA D 581 -48.00 32.36 -26.34
C ALA D 581 -48.92 31.21 -26.70
N GLU D 582 -48.54 29.98 -26.34
CA GLU D 582 -49.43 28.89 -26.71
C GLU D 582 -50.69 28.83 -25.85
N TYR D 583 -50.70 29.45 -24.67
CA TYR D 583 -51.95 29.57 -23.93
C TYR D 583 -52.97 30.41 -24.69
N VAL D 584 -52.60 31.65 -25.00
CA VAL D 584 -53.54 32.51 -25.71
C VAL D 584 -53.79 31.99 -27.13
N SER D 585 -52.83 31.27 -27.71
CA SER D 585 -53.06 30.70 -29.03
C SER D 585 -54.04 29.54 -28.96
N THR D 586 -53.97 28.73 -27.91
CA THR D 586 -54.96 27.69 -27.71
C THR D 586 -56.33 28.30 -27.53
N LEU D 587 -56.43 29.37 -26.75
CA LEU D 587 -57.72 30.02 -26.57
C LEU D 587 -58.26 30.57 -27.89
N ALA D 588 -57.40 31.21 -28.68
CA ALA D 588 -57.85 31.78 -29.94
C ALA D 588 -58.27 30.70 -30.92
N SER D 589 -57.53 29.59 -30.98
CA SER D 589 -57.90 28.51 -31.88
C SER D 589 -59.16 27.81 -31.42
N ILE D 590 -59.40 27.77 -30.11
CA ILE D 590 -60.62 27.17 -29.60
C ILE D 590 -61.82 28.02 -29.95
N PHE D 591 -61.77 29.31 -29.65
CA PHE D 591 -62.94 30.16 -29.72
C PHE D 591 -63.16 30.77 -31.11
N SER D 592 -62.14 31.43 -31.65
CA SER D 592 -62.29 32.05 -32.96
C SER D 592 -62.54 31.00 -34.03
N LYS D 593 -63.02 31.45 -35.18
CA LYS D 593 -63.48 30.54 -36.23
C LYS D 593 -62.49 30.37 -37.37
N ASP D 594 -61.74 31.41 -37.72
CA ASP D 594 -60.82 31.36 -38.85
C ASP D 594 -59.37 31.54 -38.41
N TYR D 595 -59.03 30.97 -37.25
CA TYR D 595 -57.68 31.08 -36.71
C TYR D 595 -57.12 29.68 -36.50
N SER D 596 -56.05 29.36 -37.22
CA SER D 596 -55.40 28.06 -37.10
C SER D 596 -54.28 28.16 -36.08
N TYR D 597 -54.23 27.19 -35.18
CA TYR D 597 -53.21 27.17 -34.14
C TYR D 597 -51.82 27.14 -34.78
N PRO D 598 -50.92 28.06 -34.42
CA PRO D 598 -49.63 28.12 -35.09
C PRO D 598 -48.72 26.98 -34.70
N LYS D 599 -48.93 25.81 -35.33
CA LYS D 599 -48.11 24.65 -34.99
C LYS D 599 -46.69 24.81 -35.50
N GLU D 600 -46.52 25.31 -36.73
CA GLU D 600 -45.17 25.42 -37.30
C GLU D 600 -44.37 26.53 -36.60
N SER D 601 -45.00 27.67 -36.35
CA SER D 601 -44.28 28.77 -35.71
C SER D 601 -43.88 28.39 -34.29
N LEU D 602 -44.81 27.83 -33.52
CA LEU D 602 -44.50 27.44 -32.16
C LEU D 602 -43.50 26.29 -32.12
N GLN D 603 -43.58 25.38 -33.09
CA GLN D 603 -42.61 24.29 -33.15
C GLN D 603 -41.21 24.82 -33.40
N ASP D 604 -41.07 25.75 -34.35
CA ASP D 604 -39.75 26.31 -34.61
C ASP D 604 -39.26 27.14 -33.44
N LEU D 605 -40.15 27.84 -32.76
CA LEU D 605 -39.75 28.61 -31.58
C LEU D 605 -39.27 27.70 -30.47
N TRP D 606 -39.96 26.58 -30.25
CA TRP D 606 -39.53 25.64 -29.24
C TRP D 606 -38.22 24.98 -29.63
N ARG D 607 -38.02 24.70 -30.91
CA ARG D 607 -36.75 24.13 -31.35
C ARG D 607 -35.60 25.08 -31.09
N ASP D 608 -35.77 26.35 -31.45
CA ASP D 608 -34.71 27.33 -31.23
C ASP D 608 -34.53 27.68 -29.77
N THR D 609 -35.54 27.43 -28.92
CA THR D 609 -35.33 27.59 -27.48
C THR D 609 -34.59 26.42 -26.89
N LEU D 610 -34.97 25.20 -27.27
CA LEU D 610 -34.33 24.01 -26.72
C LEU D 610 -32.90 23.86 -27.21
N LEU D 611 -32.60 24.38 -28.41
CA LEU D 611 -31.23 24.35 -28.88
C LEU D 611 -30.31 25.12 -27.94
N CYS D 612 -30.76 26.26 -27.43
CA CYS D 612 -29.97 27.06 -26.52
C CYS D 612 -30.13 26.61 -25.07
N GLN D 613 -30.60 25.38 -24.85
CA GLN D 613 -30.59 24.77 -23.53
C GLN D 613 -29.58 23.65 -23.43
N PHE D 614 -28.63 23.62 -24.36
CA PHE D 614 -27.60 22.58 -24.36
C PHE D 614 -26.83 22.60 -23.05
N HIS D 615 -26.26 21.46 -22.69
CA HIS D 615 -25.60 21.36 -21.39
C HIS D 615 -24.32 22.12 -21.32
N ASP D 616 -24.01 22.91 -22.32
CA ASP D 616 -22.88 23.83 -22.30
C ASP D 616 -23.29 25.25 -22.62
N VAL D 617 -24.25 25.45 -23.54
CA VAL D 617 -24.67 26.80 -23.91
C VAL D 617 -25.40 27.46 -22.75
N LEU D 618 -26.44 26.79 -22.23
CA LEU D 618 -27.24 27.41 -21.17
C LEU D 618 -26.46 27.60 -19.87
N PRO D 619 -25.75 26.59 -19.34
CA PRO D 619 -25.02 26.81 -18.08
C PRO D 619 -23.85 27.78 -18.19
N GLY D 620 -23.63 28.39 -19.35
CA GLY D 620 -22.62 29.41 -19.48
C GLY D 620 -21.20 28.88 -19.49
N SER D 621 -20.89 28.02 -20.45
CA SER D 621 -19.60 27.37 -20.50
C SER D 621 -19.07 27.29 -21.92
N CYS D 622 -19.19 28.39 -22.68
CA CYS D 622 -18.77 28.42 -24.06
C CYS D 622 -17.92 29.66 -24.32
N ILE D 623 -17.46 29.77 -25.56
CA ILE D 623 -16.62 30.88 -25.99
C ILE D 623 -17.49 32.08 -26.34
N GLU D 624 -16.87 33.24 -26.55
CA GLU D 624 -17.63 34.46 -26.83
C GLU D 624 -18.48 34.34 -28.08
N MET D 625 -17.99 33.62 -29.09
CA MET D 625 -18.74 33.52 -30.34
C MET D 625 -20.04 32.73 -30.16
N VAL D 626 -20.01 31.69 -29.32
CA VAL D 626 -21.21 30.91 -29.07
C VAL D 626 -22.29 31.77 -28.46
N TYR D 627 -21.91 32.73 -27.61
CA TYR D 627 -22.92 33.57 -26.98
C TYR D 627 -23.32 34.74 -27.86
N LYS D 628 -22.40 35.26 -28.67
CA LYS D 628 -22.79 36.21 -29.71
C LYS D 628 -23.68 35.55 -30.75
N ASP D 629 -23.77 34.23 -30.77
CA ASP D 629 -24.75 33.51 -31.59
C ASP D 629 -26.02 33.16 -30.82
N ALA D 630 -25.91 32.86 -29.53
CA ALA D 630 -27.04 32.39 -28.74
C ALA D 630 -27.92 33.50 -28.20
N ILE D 631 -27.33 34.62 -27.75
CA ILE D 631 -28.13 35.75 -27.31
C ILE D 631 -28.99 36.31 -28.44
N PRO D 632 -28.51 36.48 -29.67
CA PRO D 632 -29.41 36.96 -30.73
C PRO D 632 -30.52 35.98 -31.08
N ILE D 633 -30.22 34.68 -31.18
CA ILE D 633 -31.29 33.75 -31.51
C ILE D 633 -32.29 33.66 -30.37
N MET D 634 -31.84 33.80 -29.13
CA MET D 634 -32.77 33.76 -28.00
C MET D 634 -33.64 35.02 -27.96
N SER D 635 -33.05 36.19 -28.23
CA SER D 635 -33.84 37.40 -28.28
C SER D 635 -34.83 37.36 -29.44
N LYS D 636 -34.43 36.76 -30.56
CA LYS D 636 -35.34 36.61 -31.69
C LYS D 636 -36.48 35.67 -31.33
N VAL D 637 -36.20 34.61 -30.59
CA VAL D 637 -37.26 33.72 -30.13
C VAL D 637 -38.22 34.46 -29.22
N LEU D 638 -37.69 35.28 -28.32
CA LEU D 638 -38.55 36.05 -27.44
C LEU D 638 -39.44 36.99 -28.23
N LYS D 639 -38.86 37.71 -29.20
CA LYS D 639 -39.64 38.66 -29.98
C LYS D 639 -40.71 37.96 -30.81
N ASN D 640 -40.37 36.81 -31.41
CA ASN D 640 -41.36 36.09 -32.21
C ASN D 640 -42.45 35.50 -31.34
N THR D 641 -42.12 35.09 -30.10
CA THR D 641 -43.16 34.60 -29.20
C THR D 641 -44.10 35.72 -28.81
N GLU D 642 -43.55 36.92 -28.55
CA GLU D 642 -44.41 38.07 -28.28
C GLU D 642 -45.30 38.37 -29.48
N ALA D 643 -44.75 38.30 -30.69
CA ALA D 643 -45.56 38.57 -31.87
C ALA D 643 -46.66 37.55 -32.06
N LEU D 644 -46.36 36.28 -31.79
CA LEU D 644 -47.38 35.23 -31.88
C LEU D 644 -48.47 35.44 -30.84
N LEU D 645 -48.07 35.75 -29.60
CA LEU D 645 -49.04 36.07 -28.57
C LEU D 645 -49.94 37.21 -29.01
N TRP D 646 -49.37 38.25 -29.62
CA TRP D 646 -50.17 39.40 -29.98
C TRP D 646 -51.12 39.09 -31.14
N GLN D 647 -50.67 38.28 -32.10
CA GLN D 647 -51.56 37.84 -33.15
C GLN D 647 -52.75 37.07 -32.59
N ALA D 648 -52.49 36.14 -31.67
CA ALA D 648 -53.58 35.39 -31.06
C ALA D 648 -54.50 36.29 -30.25
N ILE D 649 -53.93 37.21 -29.47
CA ILE D 649 -54.74 38.10 -28.64
C ILE D 649 -55.63 38.97 -29.51
N GLU D 650 -55.06 39.55 -30.56
CA GLU D 650 -55.86 40.37 -31.48
C GLU D 650 -56.93 39.55 -32.15
N GLN D 651 -56.68 38.26 -32.41
CA GLN D 651 -57.75 37.40 -32.88
C GLN D 651 -58.80 37.19 -31.80
N LEU D 652 -58.44 37.30 -30.53
CA LEU D 652 -59.43 37.16 -29.46
C LEU D 652 -60.27 38.42 -29.28
N GLY D 653 -59.74 39.59 -29.64
CA GLY D 653 -60.51 40.81 -29.54
C GLY D 653 -59.88 41.89 -28.69
N PHE D 654 -58.56 41.86 -28.55
CA PHE D 654 -57.83 42.87 -27.78
C PHE D 654 -56.69 43.41 -28.64
N LYS D 655 -55.98 44.40 -28.10
CA LYS D 655 -54.81 44.94 -28.77
C LYS D 655 -53.87 45.51 -27.72
N LYS D 656 -52.70 45.96 -28.19
CA LYS D 656 -51.68 46.46 -27.27
C LYS D 656 -52.14 47.76 -26.62
N ALA D 657 -51.39 48.18 -25.59
CA ALA D 657 -51.78 49.34 -24.83
C ALA D 657 -51.59 50.63 -25.63
N SER D 658 -50.52 50.70 -26.43
CA SER D 658 -50.20 51.80 -27.34
C SER D 658 -49.89 53.10 -26.62
N SER D 659 -49.95 53.14 -25.29
CA SER D 659 -49.65 54.32 -24.47
C SER D 659 -50.51 55.53 -24.83
N SER D 660 -51.56 55.35 -25.63
CA SER D 660 -52.46 56.44 -25.98
C SER D 660 -53.87 56.22 -25.48
N ASP D 661 -54.28 54.98 -25.20
CA ASP D 661 -55.59 54.74 -24.63
C ASP D 661 -55.66 55.31 -23.22
N ASN D 662 -56.86 55.73 -22.83
CA ASN D 662 -57.07 56.28 -21.51
C ASN D 662 -56.83 55.21 -20.45
N LYS D 663 -56.49 55.66 -19.24
CA LYS D 663 -56.24 54.73 -18.14
C LYS D 663 -57.48 53.93 -17.78
N GLU D 664 -58.67 54.42 -18.09
CA GLU D 664 -59.89 53.66 -17.84
C GLU D 664 -60.04 52.48 -18.78
N GLN D 665 -59.45 52.55 -19.97
CA GLN D 665 -59.59 51.48 -20.96
C GLN D 665 -58.39 50.54 -20.98
N LEU D 666 -57.54 50.60 -19.97
CA LEU D 666 -56.40 49.69 -19.86
C LEU D 666 -56.81 48.42 -19.14
N CYS D 667 -56.39 47.29 -19.68
CA CYS D 667 -56.60 45.99 -19.05
C CYS D 667 -55.25 45.30 -18.89
N LEU D 668 -55.24 44.14 -18.27
CA LEU D 668 -54.01 43.42 -18.00
C LEU D 668 -54.24 41.93 -18.25
N LEU D 669 -53.39 41.34 -19.08
CA LEU D 669 -53.49 39.91 -19.36
C LEU D 669 -52.77 39.13 -18.27
N ASN D 670 -53.46 38.15 -17.70
CA ASN D 670 -52.96 37.42 -16.54
C ASN D 670 -52.22 36.14 -16.92
N THR D 671 -52.91 35.22 -17.58
CA THR D 671 -52.39 33.92 -18.00
C THR D 671 -51.86 33.07 -16.85
N LEU D 672 -52.09 33.47 -15.61
CA LEU D 672 -51.79 32.54 -14.54
C LEU D 672 -53.05 31.78 -14.15
N PRO D 673 -52.96 30.50 -13.84
CA PRO D 673 -54.18 29.71 -13.63
C PRO D 673 -54.82 29.96 -12.27
N TRP D 674 -54.91 31.22 -11.86
CA TRP D 674 -55.62 31.60 -10.65
C TRP D 674 -55.79 33.11 -10.67
N ASN D 675 -56.59 33.61 -9.73
CA ASN D 675 -56.96 35.01 -9.70
C ASN D 675 -55.89 35.79 -8.95
N VAL D 676 -55.03 36.49 -9.70
CA VAL D 676 -54.11 37.43 -9.10
C VAL D 676 -54.92 38.63 -8.63
N ARG D 677 -55.04 38.82 -7.32
CA ARG D 677 -55.94 39.85 -6.81
C ARG D 677 -55.62 41.24 -7.31
N GLY D 678 -54.34 41.61 -7.31
CA GLY D 678 -53.99 42.91 -7.82
C GLY D 678 -52.58 42.94 -8.36
N VAL D 679 -52.37 43.76 -9.39
CA VAL D 679 -51.02 43.92 -9.92
C VAL D 679 -50.74 45.40 -10.09
N ILE D 680 -49.59 45.84 -9.60
CA ILE D 680 -49.15 47.23 -9.75
C ILE D 680 -48.10 47.27 -10.85
N THR D 681 -48.31 48.11 -11.85
CA THR D 681 -47.39 48.13 -12.98
C THR D 681 -47.25 49.53 -13.53
N GLU D 682 -46.14 49.77 -14.23
CA GLU D 682 -45.91 51.02 -14.94
C GLU D 682 -46.46 50.90 -16.36
N THR D 683 -46.97 52.02 -16.88
CA THR D 683 -47.64 52.01 -18.17
C THR D 683 -46.89 52.81 -19.23
N GLU D 684 -46.67 54.10 -19.01
CA GLU D 684 -45.96 54.90 -20.02
C GLU D 684 -44.93 55.87 -19.45
N GLU D 685 -45.05 56.30 -18.20
CA GLU D 685 -44.16 57.32 -17.64
C GLU D 685 -43.75 56.94 -16.23
N ASN D 686 -43.42 55.66 -16.02
CA ASN D 686 -43.26 55.08 -14.69
C ASN D 686 -44.50 55.28 -13.83
N LYS D 687 -45.65 55.51 -14.46
CA LYS D 687 -46.90 55.78 -13.76
C LYS D 687 -47.42 54.47 -13.18
N LEU D 688 -47.44 54.38 -11.85
CA LEU D 688 -47.91 53.16 -11.19
C LEU D 688 -49.43 53.10 -11.30
N VAL D 689 -49.94 52.02 -11.88
CA VAL D 689 -51.37 51.78 -12.00
C VAL D 689 -51.60 50.42 -11.36
N TYR D 690 -52.72 50.32 -10.65
CA TYR D 690 -53.12 49.09 -9.96
C TYR D 690 -54.27 48.45 -10.74
N PHE D 691 -54.13 47.16 -10.99
CA PHE D 691 -55.12 46.42 -11.77
C PHE D 691 -55.70 45.34 -10.88
N GLU D 692 -56.99 45.45 -10.59
CA GLU D 692 -57.70 44.47 -9.78
C GLU D 692 -58.74 43.75 -10.63
N SER D 693 -58.96 42.48 -10.30
CA SER D 693 -60.00 41.69 -10.95
C SER D 693 -60.72 40.88 -9.88
N CYS D 694 -61.95 41.28 -9.58
CA CYS D 694 -62.75 40.59 -8.57
C CYS D 694 -63.52 39.41 -9.15
N ASP D 695 -63.72 39.37 -10.46
CA ASP D 695 -64.57 38.37 -11.10
C ASP D 695 -63.79 37.35 -11.92
N GLY D 696 -63.00 37.80 -12.87
CA GLY D 696 -62.30 36.92 -13.78
C GLY D 696 -60.82 36.80 -13.45
N LYS D 697 -60.27 35.62 -13.73
CA LYS D 697 -58.85 35.38 -13.52
C LYS D 697 -58.01 35.70 -14.74
N GLY D 698 -58.63 36.02 -15.87
CA GLY D 698 -57.89 36.25 -17.09
C GLY D 698 -57.52 37.69 -17.35
N ILE D 699 -58.51 38.59 -17.31
CA ILE D 699 -58.30 40.00 -17.62
C ILE D 699 -58.51 40.80 -16.35
N LEU D 700 -57.50 41.56 -15.95
CA LEU D 700 -57.59 42.44 -14.79
C LEU D 700 -57.87 43.85 -15.30
N THR D 701 -58.95 44.44 -14.82
CA THR D 701 -59.22 45.82 -15.19
C THR D 701 -58.45 46.78 -14.27
N ALA D 702 -58.32 48.01 -14.71
CA ALA D 702 -57.68 49.03 -13.89
C ALA D 702 -58.57 49.35 -12.70
N ALA D 703 -57.96 49.92 -11.67
CA ALA D 703 -58.66 50.27 -10.44
C ALA D 703 -58.65 51.78 -10.26
N HIS D 704 -59.83 52.39 -10.31
CA HIS D 704 -59.93 53.83 -10.08
C HIS D 704 -59.90 54.14 -8.59
N THR D 705 -60.52 53.30 -7.78
CA THR D 705 -60.52 53.52 -6.33
C THR D 705 -59.12 53.32 -5.75
N SER D 706 -58.90 53.92 -4.60
CA SER D 706 -57.60 53.83 -3.95
C SER D 706 -57.42 52.45 -3.33
N LEU D 707 -56.29 52.27 -2.65
CA LEU D 707 -55.95 51.00 -2.03
C LEU D 707 -56.41 50.96 -0.58
N LYS D 708 -56.81 49.78 -0.13
CA LYS D 708 -57.20 49.61 1.25
C LYS D 708 -55.99 49.67 2.19
N HIS D 709 -54.84 49.19 1.73
CA HIS D 709 -53.63 49.13 2.56
C HIS D 709 -52.47 49.68 1.75
N PRO D 710 -52.22 50.98 1.82
CA PRO D 710 -51.16 51.58 1.02
C PRO D 710 -49.81 51.55 1.70
N ALA D 711 -48.77 51.66 0.89
CA ALA D 711 -47.41 51.74 1.39
C ALA D 711 -47.05 53.19 1.73
N ALA D 712 -45.94 53.36 2.45
CA ALA D 712 -45.52 54.70 2.84
C ALA D 712 -44.04 54.68 3.16
N ALA D 713 -43.24 55.42 2.41
CA ALA D 713 -41.81 55.55 2.67
C ALA D 713 -41.58 56.89 3.36
N TYR D 714 -41.25 56.85 4.63
CA TYR D 714 -40.88 58.07 5.33
C TYR D 714 -39.50 57.88 5.95
N GLN D 715 -39.08 58.84 6.76
CA GLN D 715 -37.74 58.82 7.35
C GLN D 715 -37.83 59.07 8.84
N LYS D 716 -37.53 58.04 9.63
CA LYS D 716 -37.27 58.24 11.04
C LYS D 716 -35.83 58.73 11.19
N ASP D 717 -35.40 58.91 12.44
CA ASP D 717 -34.08 59.48 12.68
C ASP D 717 -33.02 58.71 11.91
N ASP D 718 -32.40 59.40 10.95
CA ASP D 718 -31.40 58.87 10.03
C ASP D 718 -31.67 57.43 9.59
N ASN D 719 -32.94 57.10 9.38
CA ASN D 719 -33.32 55.78 8.92
C ASN D 719 -34.52 55.90 8.01
N PHE D 720 -34.61 55.02 7.01
CA PHE D 720 -35.68 55.10 6.02
C PHE D 720 -36.64 53.95 6.25
N ILE D 721 -37.89 54.28 6.50
CA ILE D 721 -38.91 53.28 6.86
C ILE D 721 -39.84 53.13 5.67
N LEU D 722 -39.82 51.95 5.06
CA LEU D 722 -40.86 51.55 4.12
C LEU D 722 -41.91 50.82 4.94
N VAL D 723 -42.92 51.52 5.36
CA VAL D 723 -43.97 50.91 6.16
C VAL D 723 -45.09 50.50 5.23
N ASN D 724 -45.82 49.49 5.66
CA ASN D 724 -46.90 48.89 4.89
C ASN D 724 -47.93 48.44 5.92
N ASP D 725 -48.99 47.80 5.46
CA ASP D 725 -49.92 47.19 6.40
C ASP D 725 -49.33 45.92 7.00
N HIS D 726 -48.60 45.16 6.21
CA HIS D 726 -48.07 43.87 6.63
C HIS D 726 -46.66 44.01 7.18
N LEU D 727 -45.75 44.65 6.43
CA LEU D 727 -44.35 44.71 6.78
C LEU D 727 -43.93 46.13 7.12
N ARG D 728 -42.79 46.23 7.81
CA ARG D 728 -42.13 47.50 8.05
C ARG D 728 -40.64 47.29 7.86
N VAL D 729 -40.07 47.95 6.86
CA VAL D 729 -38.66 47.78 6.50
C VAL D 729 -37.90 49.00 6.98
N THR D 730 -37.13 48.84 8.05
CA THR D 730 -36.26 49.89 8.55
C THR D 730 -34.89 49.72 7.90
N ILE D 731 -34.47 50.74 7.15
CA ILE D 731 -33.26 50.69 6.33
C ILE D 731 -32.27 51.70 6.89
N ALA D 732 -31.05 51.22 7.11
CA ALA D 732 -29.97 52.06 7.61
C ALA D 732 -29.63 53.14 6.58
N PRO D 733 -28.91 54.19 6.99
CA PRO D 733 -28.48 55.20 6.02
C PRO D 733 -27.44 54.69 5.03
N ASN D 734 -26.97 53.45 5.17
CA ASN D 734 -25.96 52.92 4.29
C ASN D 734 -26.47 51.79 3.40
N GLY D 735 -27.77 51.48 3.45
CA GLY D 735 -28.41 50.56 2.53
C GLY D 735 -28.84 49.25 3.15
N LEU D 736 -28.13 48.78 4.17
CA LEU D 736 -28.46 47.51 4.79
C LEU D 736 -29.77 47.63 5.57
N ILE D 737 -30.70 46.71 5.31
CA ILE D 737 -31.99 46.70 6.00
C ILE D 737 -31.73 46.40 7.47
N LEU D 738 -31.91 47.39 8.34
CA LEU D 738 -31.69 47.17 9.76
C LEU D 738 -32.77 46.30 10.38
N SER D 739 -33.97 46.33 9.83
CA SER D 739 -35.06 45.58 10.44
C SER D 739 -36.11 45.27 9.38
N LEU D 740 -36.69 44.07 9.47
CA LEU D 740 -37.79 43.65 8.62
C LEU D 740 -38.87 43.12 9.54
N PHE D 741 -39.73 44.01 10.02
CA PHE D 741 -40.72 43.70 11.04
C PHE D 741 -42.02 43.27 10.39
N ASP D 742 -42.65 42.25 10.97
CA ASP D 742 -43.98 41.83 10.54
C ASP D 742 -45.02 42.44 11.47
N LEU D 743 -45.98 43.16 10.89
CA LEU D 743 -46.93 43.92 11.70
C LEU D 743 -48.11 43.09 12.18
N HIS D 744 -48.48 42.03 11.48
CA HIS D 744 -49.56 41.17 11.95
C HIS D 744 -49.08 40.27 13.08
N LYS D 745 -48.13 39.39 12.78
CA LYS D 745 -47.43 38.62 13.80
C LYS D 745 -46.27 39.48 14.29
N GLU D 746 -46.40 40.04 15.48
CA GLU D 746 -45.45 41.06 15.93
C GLU D 746 -44.10 40.42 16.24
N ARG D 747 -43.25 40.32 15.21
CA ARG D 747 -41.97 39.64 15.38
C ARG D 747 -40.98 40.16 14.34
N GLU D 748 -39.71 40.21 14.75
CA GLU D 748 -38.64 40.56 13.84
C GLU D 748 -38.20 39.33 13.05
N ILE D 749 -37.79 39.56 11.80
CA ILE D 749 -37.45 38.47 10.90
C ILE D 749 -36.02 38.58 10.41
N LEU D 750 -35.12 39.11 11.23
CA LEU D 750 -33.75 39.31 10.79
C LEU D 750 -32.72 38.54 11.60
N ASP D 751 -32.71 38.66 12.93
CA ASP D 751 -31.69 38.07 13.78
C ASP D 751 -30.30 38.55 13.36
N LEU D 752 -30.08 39.86 13.56
CA LEU D 752 -28.79 40.44 13.32
C LEU D 752 -27.81 40.22 14.45
N LYS D 753 -28.27 39.82 15.64
CA LYS D 753 -27.40 39.66 16.79
C LYS D 753 -26.51 38.42 16.65
N SER D 754 -27.13 37.25 16.53
CA SER D 754 -26.38 36.03 16.40
C SER D 754 -25.81 35.90 14.98
N GLY D 755 -25.12 34.79 14.74
CA GLY D 755 -24.51 34.56 13.44
C GLY D 755 -23.37 35.53 13.15
N LYS D 756 -22.74 35.31 12.00
CA LYS D 756 -21.63 36.16 11.60
C LYS D 756 -22.13 37.49 11.04
N ASN D 757 -23.20 37.47 10.25
CA ASN D 757 -23.76 38.69 9.68
C ASN D 757 -24.34 39.54 10.80
N HIS D 758 -23.67 40.65 11.12
CA HIS D 758 -24.06 41.48 12.25
C HIS D 758 -24.59 42.85 11.84
N ALA D 759 -24.60 43.17 10.55
CA ALA D 759 -25.01 44.49 10.07
C ALA D 759 -26.04 44.34 8.95
N GLY D 760 -27.30 44.21 9.33
CA GLY D 760 -28.39 44.33 8.37
C GLY D 760 -28.53 43.20 7.36
N ALA D 761 -29.74 43.04 6.83
CA ALA D 761 -29.99 42.12 5.75
C ALA D 761 -29.80 42.82 4.42
N ASN D 762 -30.08 42.12 3.33
CA ASN D 762 -29.84 42.62 1.98
C ASN D 762 -28.43 43.17 1.84
N GLN D 763 -27.48 42.42 2.39
CA GLN D 763 -26.09 42.86 2.39
C GLN D 763 -25.40 42.35 1.15
N TYR D 764 -24.79 43.25 0.39
CA TYR D 764 -24.09 42.88 -0.83
C TYR D 764 -22.63 42.56 -0.49
N VAL D 765 -22.17 41.40 -0.94
CA VAL D 765 -20.82 40.93 -0.66
C VAL D 765 -20.13 40.57 -1.96
N LEU D 766 -18.86 40.93 -2.06
CA LEU D 766 -18.01 40.59 -3.21
C LEU D 766 -17.03 39.52 -2.76
N PHE D 767 -17.19 38.30 -3.25
CA PHE D 767 -16.30 37.20 -2.93
C PHE D 767 -15.25 37.07 -4.04
N GLU D 768 -13.99 36.92 -3.65
CA GLU D 768 -12.97 36.62 -4.64
C GLU D 768 -13.22 35.22 -5.18
N ASP D 769 -13.60 35.13 -6.45
CA ASP D 769 -14.05 33.86 -7.00
C ASP D 769 -12.90 32.88 -7.17
N THR D 770 -11.96 33.21 -8.07
CA THR D 770 -10.73 32.47 -8.33
C THR D 770 -10.89 30.96 -8.17
N PRO D 771 -11.69 30.30 -9.00
CA PRO D 771 -11.85 28.85 -8.87
C PRO D 771 -10.56 28.12 -9.17
N LEU D 772 -10.59 26.81 -8.96
CA LEU D 772 -9.37 26.02 -9.04
C LEU D 772 -8.93 25.80 -10.49
N SER D 773 -9.76 25.11 -11.28
CA SER D 773 -9.34 24.68 -12.60
C SER D 773 -10.15 25.33 -13.72
N TRP D 774 -11.47 25.16 -13.73
CA TRP D 774 -12.31 25.65 -14.81
C TRP D 774 -12.99 26.92 -14.34
N GLN D 775 -12.69 28.04 -15.00
CA GLN D 775 -13.05 29.33 -14.42
C GLN D 775 -14.53 29.64 -14.58
N ALA D 776 -15.09 29.44 -15.77
CA ALA D 776 -16.51 29.74 -15.96
C ALA D 776 -17.42 28.63 -15.46
N TRP D 777 -16.88 27.44 -15.21
CA TRP D 777 -17.68 26.35 -14.66
C TRP D 777 -17.74 26.42 -13.14
N ASP D 778 -16.58 26.35 -12.50
CA ASP D 778 -16.50 26.04 -11.08
C ASP D 778 -16.53 27.30 -10.23
N THR D 779 -17.20 27.20 -9.10
CA THR D 779 -16.95 28.06 -7.95
C THR D 779 -16.67 27.14 -6.77
N GLU D 780 -15.69 27.50 -5.95
CA GLU D 780 -15.18 26.59 -4.95
C GLU D 780 -15.57 27.04 -3.55
N VAL D 781 -15.61 26.06 -2.65
CA VAL D 781 -16.07 26.32 -1.29
C VAL D 781 -15.14 27.25 -0.55
N PHE D 782 -13.89 27.38 -1.00
CA PHE D 782 -12.96 28.28 -0.32
C PHE D 782 -13.10 29.72 -0.78
N SER D 783 -14.06 30.03 -1.65
CA SER D 783 -14.21 31.40 -2.13
C SER D 783 -14.89 32.31 -1.12
N LEU D 784 -15.49 31.76 -0.07
CA LEU D 784 -16.20 32.58 0.90
C LEU D 784 -15.29 33.19 1.96
N GLU D 785 -14.03 32.74 2.05
CA GLU D 785 -13.17 33.24 3.11
C GLU D 785 -12.60 34.61 2.77
N LYS D 786 -12.39 34.87 1.47
CA LYS D 786 -11.99 36.19 1.01
C LYS D 786 -13.22 36.91 0.49
N TYR D 787 -13.56 38.04 1.11
CA TYR D 787 -14.75 38.77 0.73
C TYR D 787 -14.61 40.23 1.14
N GLU D 788 -15.48 41.05 0.56
CA GLU D 788 -15.55 42.47 0.88
C GLU D 788 -17.02 42.86 0.95
N VAL D 789 -17.44 43.42 2.08
CA VAL D 789 -18.80 43.88 2.24
C VAL D 789 -18.91 45.30 1.71
N LEU D 790 -19.95 45.56 0.93
CA LEU D 790 -20.18 46.88 0.35
C LEU D 790 -21.08 47.66 1.29
N ASP D 791 -20.47 48.49 2.15
CA ASP D 791 -21.22 49.27 3.12
C ASP D 791 -21.05 50.77 2.92
N LYS D 792 -20.62 51.20 1.73
CA LYS D 792 -20.41 52.60 1.42
C LYS D 792 -21.54 53.19 0.60
N GLY D 793 -22.74 52.64 0.72
CA GLY D 793 -23.87 53.14 -0.02
C GLY D 793 -24.44 54.41 0.58
N LYS D 794 -25.43 54.96 -0.10
CA LYS D 794 -26.18 56.10 0.40
C LYS D 794 -27.63 55.95 -0.04
N VAL D 795 -28.55 56.06 0.90
CA VAL D 795 -29.95 55.79 0.66
C VAL D 795 -30.68 57.09 0.37
N SER D 796 -31.63 57.03 -0.54
CA SER D 796 -32.48 58.16 -0.89
C SER D 796 -33.88 57.64 -1.13
N ILE D 797 -34.89 58.41 -0.71
CA ILE D 797 -36.28 58.02 -0.89
C ILE D 797 -36.66 58.27 -2.34
N LYS D 798 -36.83 57.19 -3.11
CA LYS D 798 -37.19 57.34 -4.51
C LYS D 798 -38.66 57.73 -4.66
N GLU D 799 -39.57 56.94 -4.09
CA GLU D 799 -40.99 57.23 -4.17
C GLU D 799 -41.65 56.87 -2.85
N SER D 800 -42.68 57.65 -2.49
CA SER D 800 -43.42 57.40 -1.27
C SER D 800 -44.92 57.24 -1.54
N GLY D 801 -45.31 57.06 -2.79
CA GLY D 801 -46.70 57.00 -3.17
C GLY D 801 -47.45 55.88 -2.50
N PRO D 802 -48.77 55.89 -2.60
CA PRO D 802 -49.56 54.86 -1.92
C PRO D 802 -49.41 53.49 -2.55
N LEU D 803 -49.10 53.42 -3.84
CA LEU D 803 -49.02 52.13 -4.50
C LEU D 803 -47.72 51.40 -4.22
N ARG D 804 -46.59 52.11 -4.24
CA ARG D 804 -45.30 51.46 -4.07
C ARG D 804 -44.33 52.44 -3.44
N ALA D 805 -44.02 52.24 -2.17
CA ALA D 805 -42.95 52.96 -1.53
C ALA D 805 -41.62 52.34 -1.92
N SER D 806 -40.57 53.16 -1.97
CA SER D 806 -39.30 52.63 -2.44
C SER D 806 -38.18 53.63 -2.17
N VAL D 807 -37.07 53.12 -1.68
CA VAL D 807 -35.83 53.88 -1.56
C VAL D 807 -34.85 53.36 -2.59
N VAL D 808 -33.80 54.14 -2.82
CA VAL D 808 -32.76 53.84 -3.79
C VAL D 808 -31.40 53.99 -3.10
N VAL D 809 -30.55 52.99 -3.26
CA VAL D 809 -29.23 52.98 -2.66
C VAL D 809 -28.21 52.92 -3.78
N ASP D 810 -27.27 53.87 -3.79
CA ASP D 810 -26.18 53.88 -4.76
C ASP D 810 -24.95 53.30 -4.08
N ILE D 811 -24.64 52.05 -4.40
CA ILE D 811 -23.59 51.29 -3.74
C ILE D 811 -22.39 51.24 -4.68
N PRO D 812 -21.24 51.79 -4.28
CA PRO D 812 -20.03 51.67 -5.09
C PRO D 812 -19.39 50.31 -4.89
N ILE D 813 -19.52 49.45 -5.89
CA ILE D 813 -18.89 48.13 -5.82
C ILE D 813 -17.37 48.29 -5.74
N SER D 814 -16.80 48.92 -6.74
CA SER D 814 -15.38 49.25 -6.78
C SER D 814 -15.18 50.30 -7.85
N GLU D 815 -13.93 50.53 -8.24
CA GLU D 815 -13.69 51.28 -9.46
C GLU D 815 -14.17 50.46 -10.65
N LEU D 816 -14.76 51.16 -11.64
CA LEU D 816 -15.26 50.57 -12.88
C LEU D 816 -16.55 49.78 -12.69
N SER D 817 -16.98 49.60 -11.45
CA SER D 817 -18.20 48.84 -11.17
C SER D 817 -19.05 49.62 -10.19
N HIS D 818 -20.37 49.56 -10.38
CA HIS D 818 -21.29 50.34 -9.57
C HIS D 818 -22.60 49.58 -9.48
N MET D 819 -23.43 49.94 -8.51
CA MET D 819 -24.76 49.35 -8.50
C MET D 819 -25.74 50.28 -7.82
N LYS D 820 -27.01 50.09 -8.16
CA LYS D 820 -28.11 50.90 -7.65
C LYS D 820 -29.23 49.95 -7.26
N ALA D 821 -29.44 49.78 -5.97
CA ALA D 821 -30.43 48.86 -5.45
C ALA D 821 -31.68 49.62 -5.05
N THR D 822 -32.79 49.31 -5.70
CA THR D 822 -34.10 49.87 -5.37
C THR D 822 -34.82 48.90 -4.44
N ILE D 823 -35.13 49.35 -3.23
CA ILE D 823 -35.83 48.55 -2.24
C ILE D 823 -37.26 49.08 -2.16
N SER D 824 -38.23 48.24 -2.49
CA SER D 824 -39.60 48.70 -2.65
C SER D 824 -40.57 47.81 -1.89
N LEU D 825 -41.67 48.41 -1.46
CA LEU D 825 -42.76 47.74 -0.78
C LEU D 825 -44.06 48.23 -1.40
N GLU D 826 -44.87 47.32 -1.90
CA GLU D 826 -46.08 47.72 -2.60
C GLU D 826 -47.28 47.71 -1.66
N GLY D 827 -48.28 48.51 -2.01
CA GLY D 827 -49.56 48.44 -1.34
C GLY D 827 -50.44 47.37 -1.96
N TYR D 828 -51.57 47.12 -1.31
CA TYR D 828 -52.39 45.99 -1.73
C TYR D 828 -53.76 46.09 -1.08
N ASN D 829 -54.71 45.35 -1.65
CA ASN D 829 -56.04 45.16 -1.07
C ASN D 829 -56.13 43.88 -0.26
N ASP D 830 -55.76 42.75 -0.85
CA ASP D 830 -55.78 41.46 -0.19
C ASP D 830 -54.36 40.99 0.11
N CYS D 831 -54.20 40.28 1.23
CA CYS D 831 -52.90 39.77 1.59
C CYS D 831 -52.32 38.85 0.53
N SER D 832 -53.19 38.25 -0.28
CA SER D 832 -52.79 37.36 -1.37
C SER D 832 -51.95 38.11 -2.40
N GLU D 833 -52.32 39.35 -2.65
CA GLU D 833 -51.64 40.16 -3.65
C GLU D 833 -50.17 40.40 -3.30
N PHE D 834 -49.89 40.59 -2.02
CA PHE D 834 -48.54 40.90 -1.58
C PHE D 834 -47.48 39.88 -2.05
N THR D 835 -46.34 40.42 -2.46
CA THR D 835 -45.19 39.69 -2.94
C THR D 835 -43.94 39.90 -2.11
N GLY D 836 -43.99 40.71 -1.06
CA GLY D 836 -42.86 40.92 -0.19
C GLY D 836 -42.09 42.18 -0.55
N VAL D 837 -40.91 42.29 0.07
CA VAL D 837 -40.02 43.41 -0.19
C VAL D 837 -39.27 43.12 -1.48
N ASN D 838 -39.52 43.93 -2.51
CA ASN D 838 -38.84 43.76 -3.78
C ASN D 838 -37.51 44.52 -3.77
N PHE D 839 -36.52 43.95 -4.46
CA PHE D 839 -35.24 44.58 -4.65
C PHE D 839 -34.88 44.49 -6.12
N THR D 840 -34.35 45.58 -6.66
CA THR D 840 -33.95 45.65 -8.06
C THR D 840 -32.57 46.28 -8.14
N CYS D 841 -31.58 45.50 -8.55
CA CYS D 841 -30.21 45.96 -8.66
C CYS D 841 -29.91 46.31 -10.11
N GLU D 842 -29.57 47.57 -10.35
CA GLU D 842 -28.95 48.01 -11.60
C GLU D 842 -27.45 47.94 -11.39
N VAL D 843 -26.81 46.92 -11.95
CA VAL D 843 -25.39 46.69 -11.71
C VAL D 843 -24.62 47.00 -12.98
N ASP D 844 -23.76 48.00 -12.92
CA ASP D 844 -22.71 48.19 -13.91
C ASP D 844 -21.56 47.29 -13.49
N TRP D 845 -21.47 46.12 -14.12
CA TRP D 845 -20.60 45.03 -13.68
C TRP D 845 -19.36 45.01 -14.57
N HIS D 846 -18.21 45.28 -13.97
CA HIS D 846 -16.94 45.22 -14.67
C HIS D 846 -15.83 44.57 -13.85
N GLU D 847 -16.14 44.00 -12.69
CA GLU D 847 -15.12 43.39 -11.86
C GLU D 847 -14.55 42.15 -12.54
N SER D 848 -13.37 41.73 -12.08
CA SER D 848 -12.67 40.59 -12.64
C SER D 848 -12.49 39.54 -11.56
N CYS D 849 -13.05 38.35 -11.83
CA CYS D 849 -13.00 37.23 -10.89
C CYS D 849 -13.58 37.63 -9.53
N LYS D 850 -14.79 38.16 -9.57
CA LYS D 850 -15.54 38.50 -8.36
C LYS D 850 -16.92 37.88 -8.44
N PHE D 851 -17.50 37.63 -7.27
CA PHE D 851 -18.80 36.98 -7.13
C PHE D 851 -19.63 37.90 -6.26
N LEU D 852 -20.55 38.65 -6.86
CA LEU D 852 -21.45 39.50 -6.12
C LEU D 852 -22.65 38.67 -5.67
N LYS D 853 -22.84 38.59 -4.36
CA LYS D 853 -23.95 37.88 -3.75
C LYS D 853 -24.65 38.82 -2.78
N VAL D 854 -25.86 38.44 -2.37
CA VAL D 854 -26.65 39.22 -1.43
C VAL D 854 -27.14 38.29 -0.32
N GLU D 855 -26.98 38.73 0.92
CA GLU D 855 -27.26 37.90 2.08
C GLU D 855 -28.39 38.50 2.91
N PHE D 856 -29.23 37.64 3.46
CA PHE D 856 -30.27 38.01 4.42
C PHE D 856 -30.26 37.03 5.59
N PRO D 857 -29.86 37.45 6.78
CA PRO D 857 -30.16 36.64 7.97
C PRO D 857 -31.65 36.73 8.29
N VAL D 858 -32.28 35.61 8.61
CA VAL D 858 -33.73 35.52 8.55
C VAL D 858 -34.38 35.06 9.85
N ASP D 859 -33.61 34.82 10.91
CA ASP D 859 -34.19 34.45 12.21
C ASP D 859 -35.06 33.20 12.12
N ILE D 860 -34.79 32.34 11.13
CA ILE D 860 -35.47 31.07 11.00
C ILE D 860 -34.47 29.97 11.34
N HIS D 861 -34.86 29.07 12.24
CA HIS D 861 -33.99 27.98 12.64
C HIS D 861 -34.66 26.67 12.26
N SER D 862 -34.40 26.23 11.04
CA SER D 862 -34.81 24.92 10.56
C SER D 862 -33.58 24.16 10.13
N GLU D 863 -33.74 22.85 9.97
CA GLU D 863 -32.63 22.00 9.57
C GLU D 863 -32.53 21.82 8.06
N PHE D 864 -33.49 22.33 7.30
CA PHE D 864 -33.48 22.18 5.85
C PHE D 864 -34.14 23.39 5.22
N ALA D 865 -33.86 23.59 3.94
CA ALA D 865 -34.45 24.65 3.16
C ALA D 865 -35.08 24.07 1.90
N SER D 866 -36.27 24.54 1.57
CA SER D 866 -37.03 24.04 0.42
C SER D 866 -36.78 24.97 -0.75
N TYR D 867 -36.07 24.49 -1.75
CA TYR D 867 -35.91 25.19 -3.01
C TYR D 867 -36.89 24.62 -4.02
N GLU D 868 -37.22 25.41 -5.04
CA GLU D 868 -38.13 24.95 -6.07
C GLU D 868 -37.35 24.44 -7.26
N THR D 869 -37.69 23.26 -7.73
CA THR D 869 -37.12 22.68 -8.92
C THR D 869 -38.25 22.31 -9.87
N GLN D 870 -37.87 21.77 -11.03
CA GLN D 870 -38.84 21.45 -12.06
C GLN D 870 -39.97 20.59 -11.50
N PHE D 871 -41.16 21.17 -11.43
CA PHE D 871 -42.36 20.45 -11.01
C PHE D 871 -42.28 19.97 -9.57
N GLY D 872 -41.60 20.68 -8.68
CA GLY D 872 -41.64 20.26 -7.30
C GLY D 872 -40.70 21.04 -6.40
N ILE D 873 -40.48 20.47 -5.22
CA ILE D 873 -39.74 21.11 -4.14
C ILE D 873 -38.67 20.14 -3.66
N THR D 874 -37.43 20.62 -3.63
CA THR D 874 -36.30 19.83 -3.15
C THR D 874 -35.79 20.43 -1.85
N LYS D 875 -35.64 19.59 -0.84
CA LYS D 875 -35.26 20.03 0.50
C LYS D 875 -33.79 19.73 0.71
N ARG D 876 -32.98 20.76 0.74
CA ARG D 876 -31.55 20.62 0.97
C ARG D 876 -31.22 20.85 2.43
N PRO D 877 -30.10 20.32 2.92
CA PRO D 877 -29.70 20.59 4.31
C PRO D 877 -29.23 22.02 4.46
N THR D 878 -29.00 22.39 5.72
CA THR D 878 -28.48 23.72 6.04
C THR D 878 -27.43 23.66 7.14
N HIS D 879 -26.69 22.55 7.24
CA HIS D 879 -25.91 22.34 8.44
C HIS D 879 -24.48 21.85 8.24
N TYR D 880 -24.06 21.50 7.02
CA TYR D 880 -22.67 21.09 6.76
C TYR D 880 -22.24 19.91 7.62
N ASN D 881 -23.17 19.01 7.93
CA ASN D 881 -22.86 17.91 8.85
C ASN D 881 -21.87 16.94 8.23
N THR D 882 -22.25 16.32 7.13
CA THR D 882 -21.45 15.31 6.46
C THR D 882 -20.85 15.89 5.18
N SER D 883 -20.01 15.10 4.53
CA SER D 883 -19.41 15.53 3.28
C SER D 883 -20.45 15.70 2.18
N TRP D 884 -21.59 15.03 2.29
CA TRP D 884 -22.66 15.23 1.32
C TRP D 884 -23.35 16.56 1.49
N ASP D 885 -23.15 17.22 2.62
CA ASP D 885 -23.70 18.55 2.86
C ASP D 885 -22.70 19.66 2.63
N VAL D 886 -21.41 19.39 2.82
CA VAL D 886 -20.38 20.37 2.46
C VAL D 886 -20.32 20.57 0.96
N ALA D 887 -20.76 19.57 0.19
CA ALA D 887 -20.79 19.73 -1.27
C ALA D 887 -21.93 20.62 -1.70
N LYS D 888 -23.00 20.71 -0.92
CA LYS D 888 -24.15 21.53 -1.26
C LYS D 888 -24.04 22.93 -0.66
N PHE D 889 -22.92 23.60 -0.88
CA PHE D 889 -22.77 24.97 -0.39
C PHE D 889 -23.38 25.99 -1.34
N GLU D 890 -23.88 25.55 -2.49
CA GLU D 890 -24.61 26.41 -3.41
C GLU D 890 -25.44 25.52 -4.32
N VAL D 891 -26.75 25.74 -4.34
CA VAL D 891 -27.68 24.82 -4.97
C VAL D 891 -28.47 25.56 -6.04
N CYS D 892 -29.13 24.79 -6.88
CA CYS D 892 -29.94 25.33 -7.96
C CYS D 892 -31.40 25.38 -7.55
N HIS D 893 -32.07 26.46 -7.91
CA HIS D 893 -33.48 26.63 -7.59
C HIS D 893 -34.14 27.43 -8.70
N GLN D 894 -35.38 27.08 -9.03
CA GLN D 894 -36.02 27.69 -10.19
C GLN D 894 -36.49 29.11 -9.90
N LYS D 895 -37.45 29.27 -9.00
CA LYS D 895 -38.09 30.55 -8.80
C LYS D 895 -38.02 31.07 -7.39
N PHE D 896 -38.03 30.20 -6.38
CA PHE D 896 -38.00 30.67 -5.01
C PHE D 896 -37.22 29.71 -4.15
N ALA D 897 -36.51 30.25 -3.17
CA ALA D 897 -35.83 29.49 -2.14
C ALA D 897 -36.50 29.78 -0.81
N ASP D 898 -37.11 28.75 -0.22
CA ASP D 898 -37.85 28.91 1.02
C ASP D 898 -37.00 28.47 2.21
N TYR D 899 -37.27 29.07 3.36
CA TYR D 899 -36.59 28.70 4.60
C TYR D 899 -37.59 28.97 5.72
N SER D 900 -38.21 27.91 6.23
CA SER D 900 -39.30 28.08 7.17
C SER D 900 -39.16 27.09 8.32
N ASP D 901 -39.40 27.58 9.53
CA ASP D 901 -39.57 26.71 10.69
C ASP D 901 -41.05 26.39 10.83
N PHE D 902 -41.44 25.84 11.98
CA PHE D 902 -42.82 25.38 12.14
C PHE D 902 -43.81 26.52 12.12
N THR D 903 -43.43 27.71 12.56
CA THR D 903 -44.37 28.81 12.72
C THR D 903 -44.32 29.92 11.68
N TYR D 904 -43.10 30.28 11.27
CA TYR D 904 -42.84 31.37 10.33
C TYR D 904 -41.81 30.99 9.27
N GLY D 905 -41.73 31.75 8.17
CA GLY D 905 -40.82 31.40 7.10
C GLY D 905 -40.49 32.57 6.21
N VAL D 906 -39.36 32.51 5.52
CA VAL D 906 -38.95 33.54 4.58
C VAL D 906 -38.65 32.86 3.25
N SER D 907 -39.23 33.37 2.17
CA SER D 907 -38.89 32.92 0.84
C SER D 907 -38.14 34.03 0.12
N VAL D 908 -37.31 33.63 -0.84
CA VAL D 908 -36.62 34.57 -1.70
C VAL D 908 -36.97 34.18 -3.13
N LEU D 909 -37.76 35.00 -3.79
CA LEU D 909 -38.18 34.77 -5.16
C LEU D 909 -37.32 35.59 -6.11
N ASN D 910 -37.25 35.14 -7.36
CA ASN D 910 -36.44 35.81 -8.37
C ASN D 910 -36.97 35.44 -9.74
N ASP D 911 -36.42 36.08 -10.76
CA ASP D 911 -36.80 35.77 -12.14
C ASP D 911 -35.62 35.64 -13.09
N CYS D 912 -34.39 35.80 -12.63
CA CYS D 912 -33.23 35.57 -13.47
C CYS D 912 -32.16 34.73 -12.82
N LYS D 913 -32.10 34.68 -11.49
CA LYS D 913 -31.03 33.98 -10.80
C LYS D 913 -31.43 32.54 -10.51
N TYR D 914 -30.42 31.68 -10.43
CA TYR D 914 -30.64 30.25 -10.27
C TYR D 914 -29.84 29.61 -9.13
N GLY D 915 -28.89 30.33 -8.54
CA GLY D 915 -28.05 29.77 -7.49
C GLY D 915 -28.38 30.40 -6.15
N PHE D 916 -28.64 29.55 -5.16
CA PHE D 916 -28.96 29.98 -3.82
C PHE D 916 -28.13 29.18 -2.81
N SER D 917 -28.03 29.71 -1.60
CA SER D 917 -27.33 28.99 -0.53
C SER D 917 -27.96 29.38 0.80
N THR D 918 -28.68 28.45 1.41
CA THR D 918 -29.21 28.62 2.75
C THR D 918 -28.39 27.76 3.70
N HIS D 919 -27.79 28.37 4.71
CA HIS D 919 -26.95 27.63 5.64
C HIS D 919 -26.98 28.33 7.00
N GLY D 920 -27.82 27.84 7.90
CA GLY D 920 -27.80 28.36 9.25
C GLY D 920 -28.20 29.82 9.33
N ASN D 921 -29.49 30.10 9.15
CA ASN D 921 -30.12 31.39 9.34
C ASN D 921 -29.69 32.45 8.34
N LEU D 922 -28.79 32.12 7.42
CA LEU D 922 -28.25 33.08 6.47
C LEU D 922 -28.57 32.60 5.05
N MET D 923 -29.52 33.27 4.41
CA MET D 923 -29.83 32.99 3.01
C MET D 923 -29.00 33.90 2.12
N ARG D 924 -28.39 33.33 1.09
CA ARG D 924 -27.45 34.06 0.25
C ARG D 924 -27.75 33.75 -1.21
N LEU D 925 -28.18 34.77 -1.94
CA LEU D 925 -28.51 34.63 -3.35
C LEU D 925 -27.33 35.07 -4.20
N SER D 926 -26.89 34.20 -5.09
CA SER D 926 -25.73 34.48 -5.94
C SER D 926 -26.17 35.31 -7.13
N LEU D 927 -25.73 36.57 -7.18
CA LEU D 927 -26.17 37.49 -8.23
C LEU D 927 -25.30 37.38 -9.49
N LEU D 928 -24.02 37.69 -9.37
CA LEU D 928 -23.21 37.91 -10.57
C LEU D 928 -21.83 37.30 -10.42
N ARG D 929 -21.42 36.54 -11.43
CA ARG D 929 -20.06 36.05 -11.55
C ARG D 929 -19.36 36.77 -12.68
N SER D 930 -18.03 36.80 -12.62
CA SER D 930 -17.21 37.44 -13.65
C SER D 930 -16.07 36.52 -14.07
N PRO D 931 -16.38 35.38 -14.69
CA PRO D 931 -15.32 34.48 -15.14
C PRO D 931 -14.60 35.05 -16.36
N LYS D 932 -13.46 34.44 -16.67
CA LYS D 932 -12.63 34.95 -17.76
C LYS D 932 -12.08 33.91 -18.71
N GLN D 933 -12.10 32.62 -18.38
CA GLN D 933 -11.28 31.67 -19.14
C GLN D 933 -11.88 31.31 -20.49
N PRO D 934 -13.14 30.84 -20.58
CA PRO D 934 -13.71 30.61 -21.92
C PRO D 934 -14.32 31.85 -22.53
N ASP D 935 -14.66 32.84 -21.70
CA ASP D 935 -15.25 34.09 -22.15
C ASP D 935 -14.44 35.22 -21.56
N ALA D 936 -13.75 35.98 -22.41
CA ALA D 936 -12.95 37.09 -21.92
C ALA D 936 -13.82 38.15 -21.24
N HIS D 937 -15.01 38.39 -21.76
CA HIS D 937 -15.97 39.32 -21.17
C HIS D 937 -17.28 38.57 -20.98
N ALA D 938 -17.39 37.86 -19.85
CA ALA D 938 -18.54 36.98 -19.64
C ALA D 938 -19.79 37.78 -19.31
N ASP D 939 -19.77 38.51 -18.20
CA ASP D 939 -20.95 39.24 -17.74
C ASP D 939 -20.66 40.73 -17.58
N MET D 940 -19.68 41.27 -18.30
CA MET D 940 -19.41 42.69 -18.25
C MET D 940 -20.56 43.45 -18.91
N GLY D 941 -21.02 44.51 -18.26
CA GLY D 941 -22.09 45.29 -18.83
C GLY D 941 -23.08 45.82 -17.82
N LYS D 942 -24.36 45.85 -18.18
CA LYS D 942 -25.42 46.35 -17.31
C LYS D 942 -26.41 45.22 -17.03
N HIS D 943 -26.72 45.02 -15.76
CA HIS D 943 -27.58 43.92 -15.35
C HIS D 943 -28.72 44.43 -14.48
N THR D 944 -29.90 43.86 -14.72
CA THR D 944 -31.13 44.17 -14.00
C THR D 944 -31.52 42.93 -13.21
N ILE D 945 -31.23 42.94 -11.91
CA ILE D 945 -31.45 41.76 -11.07
C ILE D 945 -32.61 42.05 -10.13
N ARG D 946 -33.71 41.31 -10.30
CA ARG D 946 -34.88 41.46 -9.46
C ARG D 946 -35.01 40.27 -8.51
N TYR D 947 -35.33 40.55 -7.25
CA TYR D 947 -35.55 39.47 -6.29
C TYR D 947 -36.34 40.02 -5.11
N ALA D 948 -37.24 39.20 -4.58
CA ALA D 948 -38.14 39.63 -3.52
C ALA D 948 -37.95 38.75 -2.28
N VAL D 949 -37.84 39.40 -1.13
CA VAL D 949 -37.88 38.70 0.16
C VAL D 949 -39.33 38.70 0.61
N TYR D 950 -39.96 37.53 0.55
CA TYR D 950 -41.37 37.37 0.87
C TYR D 950 -41.51 36.62 2.19
N PRO D 951 -41.77 37.30 3.30
CA PRO D 951 -41.94 36.58 4.56
C PRO D 951 -43.38 36.16 4.79
N HIS D 952 -43.59 34.90 5.14
CA HIS D 952 -44.92 34.37 5.40
C HIS D 952 -44.93 33.71 6.77
N SER D 953 -46.14 33.50 7.29
CA SER D 953 -46.35 33.13 8.69
C SER D 953 -46.75 31.67 8.86
N LYS D 954 -46.16 30.78 8.07
CA LYS D 954 -46.41 29.36 8.18
C LYS D 954 -45.30 28.63 7.42
N PRO D 955 -45.23 27.31 7.54
CA PRO D 955 -44.34 26.55 6.65
C PRO D 955 -44.70 26.78 5.20
N LEU D 956 -43.83 26.31 4.31
CA LEU D 956 -44.00 26.57 2.89
C LEU D 956 -45.38 26.15 2.42
N ASP D 957 -46.17 27.13 2.01
CA ASP D 957 -47.55 26.93 1.60
C ASP D 957 -47.70 27.27 0.12
N SER D 958 -48.92 27.11 -0.40
CA SER D 958 -49.17 27.44 -1.78
C SER D 958 -49.10 28.95 -2.03
N SER D 959 -49.26 29.76 -0.99
CA SER D 959 -49.16 31.21 -1.16
C SER D 959 -47.79 31.60 -1.69
N THR D 960 -46.74 30.95 -1.20
CA THR D 960 -45.39 31.25 -1.68
C THR D 960 -45.21 30.85 -3.14
N VAL D 961 -45.75 29.68 -3.52
CA VAL D 961 -45.64 29.25 -4.91
C VAL D 961 -46.37 30.22 -5.82
N ARG D 962 -47.54 30.67 -5.41
CA ARG D 962 -48.29 31.61 -6.24
C ARG D 962 -47.61 32.96 -6.30
N ALA D 963 -47.00 33.40 -5.19
CA ALA D 963 -46.26 34.65 -5.21
C ALA D 963 -45.02 34.56 -6.09
N ALA D 964 -44.38 33.40 -6.14
CA ALA D 964 -43.23 33.23 -7.02
C ALA D 964 -43.66 33.27 -8.48
N HIS D 965 -44.72 32.53 -8.82
CA HIS D 965 -45.20 32.55 -10.19
C HIS D 965 -45.68 33.94 -10.60
N LYS D 966 -46.24 34.71 -9.66
CA LYS D 966 -46.67 36.07 -9.97
C LYS D 966 -45.47 36.99 -10.13
N PHE D 967 -44.44 36.80 -9.30
CA PHE D 967 -43.23 37.61 -9.42
C PHE D 967 -42.54 37.37 -10.76
N ASN D 968 -42.56 36.13 -11.24
CA ASN D 968 -41.90 35.81 -12.49
C ASN D 968 -42.75 36.11 -13.73
N SER D 969 -44.07 36.17 -13.59
CA SER D 969 -44.93 36.30 -14.76
C SER D 969 -44.83 37.70 -15.35
N ASN D 970 -45.17 37.81 -16.63
CA ASN D 970 -45.20 39.06 -17.36
C ASN D 970 -46.65 39.45 -17.61
N PHE D 971 -47.02 40.64 -17.16
CA PHE D 971 -48.39 41.13 -17.28
C PHE D 971 -48.44 42.18 -18.38
N ARG D 972 -49.01 41.80 -19.52
CA ARG D 972 -49.07 42.67 -20.69
C ARG D 972 -50.30 43.55 -20.61
N LEU D 973 -50.12 44.84 -20.88
CA LEU D 973 -51.21 45.79 -20.86
C LEU D 973 -52.02 45.68 -22.14
N LEU D 974 -53.30 45.33 -22.01
CA LEU D 974 -54.21 45.17 -23.12
C LEU D 974 -55.14 46.35 -23.24
N THR D 975 -55.88 46.39 -24.36
CA THR D 975 -56.94 47.34 -24.56
C THR D 975 -58.00 46.69 -25.43
N ARG D 976 -59.26 46.76 -25.01
CA ARG D 976 -60.33 46.15 -25.77
C ARG D 976 -60.43 46.80 -27.15
N ALA D 977 -60.57 45.95 -28.17
CA ALA D 977 -60.71 46.42 -29.55
C ALA D 977 -62.16 46.48 -30.01
N SER D 978 -62.97 45.49 -29.65
CA SER D 978 -64.38 45.45 -30.03
C SER D 978 -65.21 45.10 -28.81
N ASP D 979 -66.30 45.84 -28.61
CA ASP D 979 -67.18 45.60 -27.48
C ASP D 979 -68.13 44.42 -27.69
N THR D 980 -67.99 43.68 -28.80
CA THR D 980 -68.79 42.49 -29.04
C THR D 980 -68.00 41.20 -28.89
N ALA D 981 -66.67 41.28 -28.88
CA ALA D 981 -65.83 40.10 -28.69
C ALA D 981 -64.84 40.28 -27.54
N ASN D 982 -64.99 41.32 -26.74
CA ASN D 982 -64.13 41.55 -25.58
C ASN D 982 -64.50 40.66 -24.41
N LEU D 983 -65.31 39.62 -24.63
CA LEU D 983 -65.70 38.72 -23.57
C LEU D 983 -64.48 38.07 -22.94
N ASP D 984 -64.58 37.82 -21.63
CA ASP D 984 -63.47 37.26 -20.87
C ASP D 984 -63.61 35.74 -20.89
N ILE D 985 -63.09 35.13 -21.96
CA ILE D 985 -63.04 33.67 -22.07
C ILE D 985 -61.78 33.09 -21.48
N PHE D 986 -60.88 33.93 -20.97
CA PHE D 986 -59.64 33.43 -20.39
C PHE D 986 -59.88 32.61 -19.14
N ASP D 987 -61.11 32.54 -18.63
CA ASP D 987 -61.48 31.65 -17.56
C ASP D 987 -62.05 30.34 -18.06
N ALA D 988 -61.74 29.95 -19.30
CA ALA D 988 -62.34 28.74 -19.86
C ALA D 988 -61.78 27.49 -19.20
N PHE D 989 -60.48 27.46 -18.94
CA PHE D 989 -59.83 26.32 -18.29
C PHE D 989 -59.35 26.76 -16.92
N GLN D 990 -60.01 26.27 -15.87
CA GLN D 990 -59.62 26.55 -14.51
C GLN D 990 -59.35 25.24 -13.78
N LEU D 991 -58.70 25.35 -12.63
CA LEU D 991 -58.38 24.21 -11.78
C LEU D 991 -58.82 24.57 -10.37
N VAL D 992 -60.05 24.19 -10.01
CA VAL D 992 -60.61 24.52 -8.71
C VAL D 992 -60.38 23.34 -7.77
N GLY D 993 -59.76 23.61 -6.63
CA GLY D 993 -59.46 22.56 -5.68
C GLY D 993 -58.43 23.00 -4.68
N GLU D 994 -57.48 22.13 -4.38
CA GLU D 994 -56.45 22.52 -3.43
C GLU D 994 -55.43 23.44 -4.11
N PRO D 995 -54.99 24.49 -3.42
CA PRO D 995 -54.12 25.49 -4.06
C PRO D 995 -52.74 24.98 -4.41
N ASN D 996 -52.32 23.82 -3.91
CA ASN D 996 -51.01 23.30 -4.25
C ASN D 996 -50.98 22.62 -5.61
N VAL D 997 -52.14 22.41 -6.24
CA VAL D 997 -52.22 21.80 -7.56
C VAL D 997 -52.20 22.93 -8.58
N ILE D 998 -51.08 23.05 -9.29
CA ILE D 998 -50.87 24.12 -10.25
C ILE D 998 -51.24 23.62 -11.65
N LEU D 999 -52.10 24.36 -12.33
CA LEU D 999 -52.36 24.09 -13.75
C LEU D 999 -51.22 24.72 -14.53
N SER D 1000 -50.14 23.96 -14.68
CA SER D 1000 -48.90 24.53 -15.21
C SER D 1000 -49.07 25.01 -16.63
N HIS D 1001 -49.49 24.14 -17.54
CA HIS D 1001 -49.41 24.47 -18.96
C HIS D 1001 -50.68 24.09 -19.69
N ILE D 1002 -51.02 24.89 -20.70
CA ILE D 1002 -52.09 24.58 -21.64
C ILE D 1002 -51.50 24.65 -23.04
N LYS D 1003 -51.85 23.67 -23.86
CA LYS D 1003 -51.23 23.50 -25.17
C LYS D 1003 -52.25 22.86 -26.09
N MET D 1004 -51.99 22.90 -27.39
CA MET D 1004 -52.75 22.11 -28.34
C MET D 1004 -52.02 20.80 -28.62
N ALA D 1005 -52.78 19.79 -29.01
CA ALA D 1005 -52.21 18.47 -29.21
C ALA D 1005 -51.15 18.52 -30.31
N GLU D 1006 -50.15 17.66 -30.19
CA GLU D 1006 -49.10 17.59 -31.20
C GLU D 1006 -49.63 17.09 -32.53
N LYS D 1007 -50.67 16.25 -32.50
CA LYS D 1007 -51.24 15.67 -33.71
C LYS D 1007 -52.69 16.08 -33.94
N GLY D 1008 -53.54 15.95 -32.92
CA GLY D 1008 -54.95 16.23 -33.05
C GLY D 1008 -55.30 17.66 -32.69
N LYS D 1009 -56.60 17.88 -32.50
CA LYS D 1009 -57.13 19.18 -32.13
C LYS D 1009 -57.69 19.17 -30.71
N SER D 1010 -57.03 18.44 -29.83
CA SER D 1010 -57.41 18.37 -28.42
C SER D 1010 -56.47 19.23 -27.59
N ILE D 1011 -56.93 19.61 -26.40
CA ILE D 1011 -56.20 20.54 -25.55
C ILE D 1011 -55.45 19.73 -24.51
N ILE D 1012 -54.14 19.91 -24.45
CA ILE D 1012 -53.29 19.22 -23.50
C ILE D 1012 -53.08 20.13 -22.30
N LEU D 1013 -53.44 19.64 -21.12
CA LEU D 1013 -53.28 20.38 -19.87
C LEU D 1013 -52.25 19.66 -19.01
N ARG D 1014 -51.13 20.33 -18.76
CA ARG D 1014 -50.11 19.82 -17.86
C ARG D 1014 -50.39 20.37 -16.47
N VAL D 1015 -50.87 19.49 -15.59
CA VAL D 1015 -51.14 19.81 -14.19
C VAL D 1015 -50.06 19.13 -13.35
N TYR D 1016 -49.77 19.71 -12.20
CA TYR D 1016 -48.82 19.07 -11.30
C TYR D 1016 -49.06 19.71 -9.95
N GLU D 1017 -49.09 18.85 -8.92
CA GLU D 1017 -49.12 19.29 -7.53
C GLU D 1017 -47.69 19.82 -7.29
N SER D 1018 -47.56 20.88 -6.52
CA SER D 1018 -46.23 21.45 -6.40
C SER D 1018 -45.58 21.35 -5.02
N LEU D 1019 -46.33 20.99 -3.98
CA LEU D 1019 -45.79 21.06 -2.63
C LEU D 1019 -45.52 19.70 -1.99
N GLY D 1020 -46.23 18.65 -2.40
CA GLY D 1020 -45.85 17.32 -1.95
C GLY D 1020 -46.92 16.50 -1.27
N GLY D 1021 -48.18 16.80 -1.48
CA GLY D 1021 -49.26 16.06 -0.86
C GLY D 1021 -50.25 15.55 -1.89
N LYS D 1022 -50.67 14.30 -1.72
CA LYS D 1022 -51.68 13.72 -2.60
C LYS D 1022 -52.95 14.55 -2.51
N SER D 1023 -53.29 15.22 -3.59
CA SER D 1023 -54.38 16.17 -3.58
C SER D 1023 -55.43 15.77 -4.62
N ARG D 1024 -56.57 16.45 -4.56
CA ARG D 1024 -57.62 16.28 -5.54
C ARG D 1024 -58.10 17.64 -5.98
N ALA D 1025 -58.55 17.72 -7.23
CA ALA D 1025 -58.98 18.98 -7.80
C ALA D 1025 -60.00 18.71 -8.89
N ARG D 1026 -60.45 19.78 -9.56
CA ARG D 1026 -61.45 19.67 -10.60
C ARG D 1026 -61.07 20.63 -11.72
N LEU D 1027 -60.85 20.07 -12.92
CA LEU D 1027 -60.67 20.89 -14.11
C LEU D 1027 -62.03 21.43 -14.55
N VAL D 1028 -62.20 22.73 -14.47
CA VAL D 1028 -63.43 23.40 -14.87
C VAL D 1028 -63.25 23.90 -16.29
N ILE D 1029 -64.09 23.41 -17.20
CA ILE D 1029 -64.04 23.77 -18.61
C ILE D 1029 -65.35 24.46 -18.92
N LYS D 1030 -65.36 25.79 -18.80
CA LYS D 1030 -66.63 26.52 -18.77
C LYS D 1030 -67.26 26.69 -20.15
N SER D 1031 -66.61 27.47 -21.00
CA SER D 1031 -67.24 27.89 -22.25
C SER D 1031 -66.92 26.95 -23.40
N LEU D 1032 -67.19 25.66 -23.20
CA LEU D 1032 -66.88 24.66 -24.20
C LEU D 1032 -67.84 23.49 -24.06
N THR D 1033 -67.91 22.69 -25.11
CA THR D 1033 -68.59 21.40 -25.05
C THR D 1033 -67.52 20.32 -25.18
N VAL D 1034 -67.34 19.55 -24.12
CA VAL D 1034 -66.24 18.60 -24.02
C VAL D 1034 -66.72 17.23 -24.42
N ALA D 1035 -66.13 16.67 -25.48
CA ALA D 1035 -66.51 15.32 -25.90
C ALA D 1035 -65.92 14.28 -24.96
N SER D 1036 -64.68 14.48 -24.50
CA SER D 1036 -64.08 13.54 -23.56
C SER D 1036 -62.90 14.23 -22.89
N VAL D 1037 -62.43 13.63 -21.80
CA VAL D 1037 -61.23 14.07 -21.10
C VAL D 1037 -60.48 12.81 -20.70
N THR D 1038 -59.37 12.54 -21.37
CA THR D 1038 -58.54 11.38 -21.06
C THR D 1038 -57.29 11.83 -20.31
N LYS D 1039 -56.66 10.89 -19.64
CA LYS D 1039 -55.39 11.14 -18.97
C LYS D 1039 -54.29 10.53 -19.82
N CYS D 1040 -53.44 11.37 -20.39
CA CYS D 1040 -52.36 10.92 -21.25
C CYS D 1040 -51.02 11.09 -20.56
N ASN D 1041 -49.98 10.52 -21.17
CA ASN D 1041 -48.64 10.64 -20.64
C ASN D 1041 -47.99 11.89 -21.23
N GLY D 1042 -46.67 12.04 -21.03
CA GLY D 1042 -45.99 13.23 -21.47
C GLY D 1042 -46.02 13.42 -22.98
N LEU D 1043 -46.02 12.33 -23.73
CA LEU D 1043 -46.08 12.40 -25.19
C LEU D 1043 -47.51 12.40 -25.72
N GLU D 1044 -48.50 12.43 -24.83
CA GLU D 1044 -49.91 12.63 -25.18
C GLU D 1044 -50.54 11.39 -25.82
N GLU D 1045 -50.17 10.20 -25.35
CA GLU D 1045 -50.94 8.99 -25.61
C GLU D 1045 -51.87 8.74 -24.42
N ASP D 1046 -53.14 8.48 -24.72
CA ASP D 1046 -54.11 8.23 -23.66
C ASP D 1046 -53.79 6.94 -22.92
N LEU D 1047 -53.98 6.96 -21.60
CA LEU D 1047 -53.85 5.78 -20.76
C LEU D 1047 -55.19 5.40 -20.15
N GLU D 1048 -55.84 6.32 -19.47
CA GLU D 1048 -57.15 6.10 -18.88
C GLU D 1048 -58.08 7.23 -19.28
N GLU D 1049 -59.37 6.92 -19.37
CA GLU D 1049 -60.39 7.90 -19.70
C GLU D 1049 -61.05 8.37 -18.42
N LEU D 1050 -60.94 9.67 -18.13
CA LEU D 1050 -61.52 10.23 -16.92
C LEU D 1050 -63.02 10.39 -17.08
N CYS D 1051 -63.72 10.30 -15.96
CA CYS D 1051 -65.18 10.48 -15.93
C CYS D 1051 -65.46 11.96 -15.71
N THR D 1052 -65.86 12.65 -16.76
CA THR D 1052 -66.10 14.09 -16.71
C THR D 1052 -67.55 14.34 -16.30
N LEU D 1053 -67.74 15.14 -15.25
CA LEU D 1053 -69.07 15.53 -14.83
C LEU D 1053 -69.68 16.49 -15.84
N LYS D 1054 -70.92 16.91 -15.58
CA LYS D 1054 -71.60 17.88 -16.45
C LYS D 1054 -72.46 18.76 -15.56
N SER D 1055 -71.95 19.94 -15.23
CA SER D 1055 -72.68 20.92 -14.44
C SER D 1055 -73.55 21.76 -15.37
N ASN D 1056 -74.03 22.89 -14.84
CA ASN D 1056 -74.88 23.79 -15.62
C ASN D 1056 -74.26 24.12 -16.97
N ASP D 1057 -73.09 24.75 -16.96
CA ASP D 1057 -72.40 25.10 -18.20
C ASP D 1057 -70.98 24.54 -18.30
N TYR D 1058 -70.29 24.31 -17.19
CA TYR D 1058 -68.95 23.75 -17.23
C TYR D 1058 -69.02 22.23 -17.06
N TYR D 1059 -67.87 21.60 -16.87
CA TYR D 1059 -67.82 20.15 -16.82
C TYR D 1059 -67.21 19.58 -15.55
N GLU D 1060 -66.17 20.20 -15.00
CA GLU D 1060 -65.61 19.82 -13.70
C GLU D 1060 -65.15 18.36 -13.70
N VAL D 1061 -64.13 18.08 -14.51
CA VAL D 1061 -63.47 16.79 -14.49
C VAL D 1061 -62.77 16.60 -13.15
N PRO D 1062 -63.13 15.61 -12.37
CA PRO D 1062 -62.46 15.40 -11.08
C PRO D 1062 -61.15 14.63 -11.22
N ILE D 1063 -60.04 15.21 -10.77
CA ILE D 1063 -58.73 14.60 -10.90
C ILE D 1063 -58.13 14.40 -9.51
N GLU D 1064 -57.21 13.45 -9.43
CA GLU D 1064 -56.53 13.12 -8.18
C GLU D 1064 -55.04 12.93 -8.47
N LEU D 1065 -54.21 13.78 -7.88
CA LEU D 1065 -52.78 13.77 -8.13
C LEU D 1065 -52.04 13.23 -6.91
N ARG D 1066 -50.94 12.51 -7.17
CA ARG D 1066 -50.13 11.91 -6.13
C ARG D 1066 -49.19 12.94 -5.51
N ALA D 1067 -48.19 12.46 -4.77
CA ALA D 1067 -47.33 13.31 -3.97
C ALA D 1067 -46.73 14.46 -4.78
N PHE D 1068 -46.08 14.14 -5.89
CA PHE D 1068 -45.46 15.15 -6.74
C PHE D 1068 -45.74 14.85 -8.20
N GLU D 1069 -46.92 14.31 -8.48
CA GLU D 1069 -47.22 13.81 -9.81
C GLU D 1069 -47.28 14.94 -10.84
N ILE D 1070 -46.89 14.61 -12.07
CA ILE D 1070 -47.05 15.50 -13.21
C ILE D 1070 -48.05 14.87 -14.16
N ALA D 1071 -49.32 15.24 -14.01
CA ALA D 1071 -50.36 14.65 -14.83
C ALA D 1071 -50.61 15.48 -16.07
N THR D 1072 -51.15 14.83 -17.09
CA THR D 1072 -51.39 15.46 -18.38
C THR D 1072 -52.75 15.00 -18.87
N PHE D 1073 -53.62 15.94 -19.22
CA PHE D 1073 -55.00 15.63 -19.58
C PHE D 1073 -55.28 16.11 -21.00
N LYS D 1074 -55.81 15.20 -21.82
CA LYS D 1074 -56.20 15.51 -23.18
C LYS D 1074 -57.69 15.74 -23.21
N VAL D 1075 -58.08 16.97 -23.46
CA VAL D 1075 -59.48 17.39 -23.53
C VAL D 1075 -59.90 17.37 -24.99
N ASN D 1076 -60.70 16.39 -25.37
CA ASN D 1076 -61.25 16.30 -26.72
C ASN D 1076 -62.57 17.05 -26.77
N LEU D 1077 -62.59 18.12 -27.57
CA LEU D 1077 -63.79 18.95 -27.70
C LEU D 1077 -64.72 18.39 -28.76
#